data_2GRE
#
_entry.id   2GRE
#
_cell.length_a   240.918
_cell.length_b   240.918
_cell.length_c   294.824
_cell.angle_alpha   90.00
_cell.angle_beta   90.00
_cell.angle_gamma   120.00
#
_symmetry.space_group_name_H-M   'H 3'
#
loop_
_entity.id
_entity.type
_entity.pdbx_description
1 polymer 'Deblocking aminopeptidase'
2 non-polymer 'SULFATE ION'
3 water water
#
_entity_poly.entity_id   1
_entity_poly.type   'polypeptide(L)'
_entity_poly.pdbx_seq_one_letter_code
;(MSE)AHHTKET(MSE)ELIKELVSIPSPSGNTAKIINFIENYVSEWNVETKRNNKGALILTVKGKNDAQHRLLTAHVDT
LGA(MSE)VKEIKPDGRLSLS(MSE)IGGFRWNSVEGEYCEIETSSGKTYTGTIL(MSE)HQTSVHVYKDAGEAKRDEKN
IEVRIDERVFSADEVRELGIEVGDFVSFDPRVQITESGYIKSRHLDDKVSVAILLKLIKRLQDENVTLPYTTHFLISNNE
EIGYGGNSNIPEETVEYLAVD(MSE)GALGDGQASDEYTVSICAKDSSGPYHYALRKHLVELAKTNHIEYKVDIYPYYGS
DASAAIRAGFDVKHALIGAGIDSSHAFERTHESSIAHTEALVYAYV(MSE)SNLIEE
;
_entity_poly.pdbx_strand_id   A,B,C,D,E,F,G,H,I,J,K,L,M,N,O,P
#
loop_
_chem_comp.id
_chem_comp.type
_chem_comp.name
_chem_comp.formula
SO4 non-polymer 'SULFATE ION' 'O4 S -2'
#
# COMPACT_ATOMS: atom_id res chain seq x y z
N HIS A 3 -45.11 22.44 -24.44
CA HIS A 3 -46.23 21.69 -23.74
C HIS A 3 -45.84 20.24 -23.42
N HIS A 4 -45.33 19.55 -24.43
CA HIS A 4 -44.67 18.28 -24.37
C HIS A 4 -43.53 18.40 -23.37
N THR A 5 -42.69 19.41 -23.58
CA THR A 5 -41.48 19.60 -22.79
C THR A 5 -41.82 20.07 -21.39
N LYS A 6 -42.69 21.08 -21.33
CA LYS A 6 -43.29 21.56 -20.11
C LYS A 6 -43.77 20.38 -19.22
N GLU A 7 -44.43 19.40 -19.83
CA GLU A 7 -44.94 18.29 -19.05
C GLU A 7 -43.84 17.38 -18.51
N THR A 8 -42.85 17.13 -19.39
CA THR A 8 -41.64 16.42 -19.02
C THR A 8 -41.06 17.06 -17.76
N MSE A 9 -41.00 18.38 -17.75
CA MSE A 9 -40.52 19.06 -16.58
C MSE A 9 -41.38 18.88 -15.32
O MSE A 9 -40.82 18.63 -14.25
CB MSE A 9 -40.17 20.51 -16.90
CG MSE A 9 -39.01 20.56 -17.90
SE MSE A 9 -38.19 22.32 -18.15
CE MSE A 9 -36.92 22.40 -16.77
N GLU A 10 -42.72 18.94 -15.46
CA GLU A 10 -43.61 18.61 -14.35
C GLU A 10 -43.15 17.31 -13.69
N LEU A 11 -42.93 16.31 -14.54
CA LEU A 11 -42.63 14.98 -14.10
C LEU A 11 -41.29 14.90 -13.38
N ILE A 12 -40.29 15.61 -13.90
CA ILE A 12 -39.02 15.70 -13.23
C ILE A 12 -39.25 16.23 -11.83
N LYS A 13 -40.01 17.31 -11.74
CA LYS A 13 -40.27 17.96 -10.47
C LYS A 13 -40.90 16.97 -9.50
N GLU A 14 -41.83 16.17 -10.03
CA GLU A 14 -42.57 15.17 -9.26
C GLU A 14 -41.61 14.15 -8.74
N LEU A 15 -40.77 13.60 -9.64
CA LEU A 15 -39.76 12.61 -9.28
C LEU A 15 -38.74 13.16 -8.27
N VAL A 16 -38.20 14.33 -8.56
CA VAL A 16 -37.19 14.91 -7.72
C VAL A 16 -37.81 15.15 -6.30
N SER A 17 -39.14 15.33 -6.25
CA SER A 17 -39.77 15.59 -4.96
C SER A 17 -39.99 14.36 -4.13
N ILE A 18 -39.74 13.18 -4.67
CA ILE A 18 -39.78 11.95 -3.87
C ILE A 18 -38.35 11.57 -3.45
N PRO A 19 -38.04 11.60 -2.13
CA PRO A 19 -36.65 11.18 -1.79
C PRO A 19 -36.36 9.78 -2.27
N SER A 20 -35.16 9.52 -2.79
CA SER A 20 -34.76 8.17 -3.17
C SER A 20 -33.23 8.03 -3.18
N PRO A 21 -32.58 8.13 -1.99
CA PRO A 21 -31.13 8.03 -2.01
C PRO A 21 -30.80 6.55 -2.21
N SER A 22 -29.72 6.25 -2.94
CA SER A 22 -29.24 4.89 -3.07
C SER A 22 -29.46 4.05 -1.79
N GLY A 23 -30.16 2.92 -1.97
CA GLY A 23 -30.42 2.02 -0.87
C GLY A 23 -31.85 2.03 -0.39
N ASN A 24 -32.53 3.14 -0.65
CA ASN A 24 -33.88 3.41 -0.18
C ASN A 24 -34.75 3.93 -1.32
N THR A 25 -34.92 3.15 -2.38
CA THR A 25 -35.68 3.60 -3.52
C THR A 25 -37.03 2.93 -3.67
N ALA A 26 -37.45 2.17 -2.68
CA ALA A 26 -38.82 1.60 -2.82
C ALA A 26 -39.98 2.57 -3.12
N LYS A 27 -40.26 3.60 -2.30
CA LYS A 27 -41.31 4.60 -2.65
C LYS A 27 -41.19 4.99 -4.13
N ILE A 28 -40.00 5.41 -4.59
CA ILE A 28 -39.95 5.98 -5.96
C ILE A 28 -40.21 4.94 -7.06
N ILE A 29 -39.79 3.71 -6.82
CA ILE A 29 -39.98 2.66 -7.78
C ILE A 29 -41.47 2.31 -7.83
N ASN A 30 -42.06 2.27 -6.65
CA ASN A 30 -43.47 2.06 -6.55
C ASN A 30 -44.27 3.10 -7.31
N PHE A 31 -43.96 4.36 -7.06
CA PHE A 31 -44.58 5.48 -7.74
C PHE A 31 -44.44 5.36 -9.24
N ILE A 32 -43.30 4.86 -9.72
CA ILE A 32 -43.13 4.70 -11.17
C ILE A 32 -43.88 3.49 -11.70
N GLU A 33 -43.98 2.46 -10.87
CA GLU A 33 -44.67 1.24 -11.22
C GLU A 33 -46.09 1.63 -11.48
N ASN A 34 -46.63 2.46 -10.59
CA ASN A 34 -48.02 2.90 -10.67
C ASN A 34 -48.29 3.83 -11.83
N TYR A 35 -47.31 4.69 -12.13
CA TYR A 35 -47.46 5.74 -13.11
C TYR A 35 -47.69 5.17 -14.48
N VAL A 36 -47.16 3.97 -14.74
CA VAL A 36 -47.28 3.28 -16.03
C VAL A 36 -48.22 2.09 -15.96
N SER A 37 -48.81 1.84 -14.80
CA SER A 37 -49.62 0.64 -14.58
C SER A 37 -50.74 0.46 -15.57
N GLU A 38 -51.34 1.57 -16.04
CA GLU A 38 -52.38 1.47 -17.10
C GLU A 38 -51.80 1.30 -18.49
N TRP A 39 -50.52 1.57 -18.67
CA TRP A 39 -49.89 1.58 -19.99
C TRP A 39 -49.73 0.17 -20.64
N ASN A 40 -49.24 0.18 -21.86
CA ASN A 40 -48.96 -1.06 -22.56
C ASN A 40 -47.60 -1.71 -22.24
N VAL A 41 -46.55 -0.93 -21.96
CA VAL A 41 -45.28 -1.52 -21.51
C VAL A 41 -45.50 -2.65 -20.55
N GLU A 42 -44.85 -3.79 -20.84
CA GLU A 42 -44.62 -4.80 -19.83
C GLU A 42 -43.61 -4.26 -18.75
N THR A 43 -43.77 -4.72 -17.51
CA THR A 43 -43.11 -4.20 -16.33
C THR A 43 -42.57 -5.36 -15.52
N LYS A 44 -41.35 -5.21 -15.01
CA LYS A 44 -40.75 -6.28 -14.24
C LYS A 44 -39.87 -5.68 -13.12
N ARG A 45 -39.96 -6.19 -11.89
CA ARG A 45 -39.08 -5.81 -10.79
C ARG A 45 -37.94 -6.80 -10.66
N ASN A 46 -36.74 -6.28 -10.58
CA ASN A 46 -35.58 -7.02 -10.05
C ASN A 46 -35.72 -7.71 -8.67
N ASN A 47 -34.75 -8.57 -8.38
CA ASN A 47 -34.46 -8.94 -7.00
C ASN A 47 -33.92 -7.75 -6.20
N LYS A 48 -33.34 -6.79 -6.91
CA LYS A 48 -32.71 -5.59 -6.33
C LYS A 48 -33.71 -4.47 -6.11
N GLY A 49 -34.87 -4.57 -6.72
CA GLY A 49 -35.81 -3.47 -6.68
C GLY A 49 -35.73 -2.56 -7.88
N ALA A 50 -34.81 -2.81 -8.81
CA ALA A 50 -34.81 -2.05 -10.04
C ALA A 50 -36.03 -2.41 -10.92
N LEU A 51 -36.41 -1.50 -11.82
CA LEU A 51 -37.48 -1.78 -12.78
C LEU A 51 -36.94 -1.93 -14.18
N ILE A 52 -37.45 -2.94 -14.88
CA ILE A 52 -37.26 -3.12 -16.34
C ILE A 52 -38.61 -2.99 -17.02
N LEU A 53 -38.69 -1.96 -17.87
CA LEU A 53 -39.87 -1.67 -18.67
C LEU A 53 -39.63 -2.10 -20.11
N THR A 54 -40.42 -3.04 -20.61
CA THR A 54 -40.18 -3.52 -21.97
C THR A 54 -41.25 -3.13 -22.95
N VAL A 55 -40.79 -2.60 -24.09
CA VAL A 55 -41.62 -2.32 -25.22
C VAL A 55 -41.16 -3.25 -26.36
N LYS A 56 -42.03 -4.19 -26.74
CA LYS A 56 -41.69 -5.22 -27.73
C LYS A 56 -41.63 -4.56 -29.12
N GLY A 57 -40.72 -5.02 -29.98
CA GLY A 57 -40.55 -4.40 -31.27
C GLY A 57 -40.67 -5.41 -32.40
N LYS A 58 -40.56 -4.92 -33.62
CA LYS A 58 -40.67 -5.75 -34.81
C LYS A 58 -39.65 -6.89 -34.76
N ASN A 59 -38.39 -6.53 -34.54
CA ASN A 59 -37.35 -7.52 -34.37
C ASN A 59 -37.09 -7.87 -32.90
N ASP A 60 -37.61 -9.01 -32.47
CA ASP A 60 -37.49 -9.43 -31.07
C ASP A 60 -36.35 -10.43 -30.87
N ALA A 61 -35.48 -10.58 -31.85
CA ALA A 61 -34.32 -11.46 -31.78
C ALA A 61 -33.09 -10.64 -31.42
N GLN A 62 -33.17 -9.33 -31.60
CA GLN A 62 -32.09 -8.44 -31.22
C GLN A 62 -32.72 -7.23 -30.57
N HIS A 63 -32.14 -6.91 -29.41
CA HIS A 63 -32.65 -5.91 -28.46
C HIS A 63 -31.71 -4.73 -28.23
N ARG A 64 -32.25 -3.72 -27.62
CA ARG A 64 -31.55 -2.49 -27.44
C ARG A 64 -31.93 -2.24 -25.98
N LEU A 65 -31.00 -1.68 -25.19
CA LEU A 65 -31.25 -1.39 -23.79
C LEU A 65 -30.93 0.08 -23.53
N LEU A 66 -31.90 0.78 -22.94
CA LEU A 66 -31.73 2.15 -22.46
C LEU A 66 -31.82 2.18 -20.96
N THR A 67 -30.99 2.99 -20.35
CA THR A 67 -31.05 3.03 -18.91
C THR A 67 -30.95 4.40 -18.31
N ALA A 68 -31.51 4.57 -17.12
CA ALA A 68 -31.44 5.85 -16.41
C ALA A 68 -31.57 5.50 -14.94
N HIS A 69 -30.91 6.18 -14.01
CA HIS A 69 -31.01 5.74 -12.60
C HIS A 69 -31.89 6.65 -11.77
N VAL A 70 -32.70 6.11 -10.86
CA VAL A 70 -33.49 6.95 -9.90
C VAL A 70 -32.87 7.18 -8.52
N ASP A 71 -31.84 6.44 -8.19
CA ASP A 71 -31.26 6.64 -6.86
C ASP A 71 -30.50 7.96 -6.91
N THR A 72 -30.43 8.63 -5.78
CA THR A 72 -29.80 9.91 -5.71
C THR A 72 -28.72 9.86 -4.62
N LEU A 73 -27.96 10.92 -4.49
CA LEU A 73 -27.05 10.88 -3.40
C LEU A 73 -27.86 11.16 -2.14
N GLY A 74 -27.21 11.05 -0.99
CA GLY A 74 -27.88 11.25 0.28
C GLY A 74 -26.90 10.89 1.38
N ALA A 75 -27.43 10.54 2.54
CA ALA A 75 -26.62 10.22 3.67
C ALA A 75 -27.36 9.19 4.54
N MSE A 76 -26.65 8.60 5.49
CA MSE A 76 -27.23 7.70 6.48
C MSE A 76 -26.77 8.04 7.89
O MSE A 76 -25.61 8.44 8.09
CB MSE A 76 -26.81 6.30 6.14
CG MSE A 76 -27.37 5.20 7.02
SE MSE A 76 -26.68 3.48 6.30
CE MSE A 76 -26.22 2.57 7.94
N VAL A 77 -27.62 7.84 8.88
CA VAL A 77 -27.24 8.14 10.24
C VAL A 77 -26.22 7.11 10.73
N LYS A 78 -24.98 7.56 11.00
CA LYS A 78 -23.96 6.64 11.51
C LYS A 78 -23.75 6.71 12.99
N GLU A 79 -24.19 7.80 13.60
CA GLU A 79 -24.05 7.91 15.03
C GLU A 79 -24.94 9.00 15.53
N ILE A 80 -25.54 8.72 16.68
CA ILE A 80 -26.29 9.69 17.42
C ILE A 80 -25.34 10.19 18.48
N LYS A 81 -24.99 11.48 18.38
CA LYS A 81 -24.04 12.10 19.31
C LYS A 81 -24.72 12.34 20.67
N PRO A 82 -23.93 12.56 21.74
CA PRO A 82 -24.62 12.68 23.05
C PRO A 82 -25.40 13.98 23.21
N ASP A 83 -25.07 15.00 22.41
CA ASP A 83 -25.76 16.28 22.48
C ASP A 83 -27.16 16.19 21.84
N GLY A 84 -27.39 15.17 21.03
CA GLY A 84 -28.66 14.99 20.34
C GLY A 84 -28.56 15.15 18.83
N ARG A 85 -27.48 15.80 18.39
CA ARG A 85 -27.26 16.07 16.97
C ARG A 85 -26.74 14.75 16.33
N LEU A 86 -26.98 14.56 15.03
CA LEU A 86 -26.71 13.30 14.31
C LEU A 86 -25.47 13.34 13.45
N SER A 87 -24.76 12.22 13.37
CA SER A 87 -23.58 12.07 12.51
C SER A 87 -23.91 11.31 11.23
N LEU A 88 -23.28 11.66 10.11
CA LEU A 88 -23.68 11.09 8.82
C LEU A 88 -22.61 10.42 8.02
N SER A 89 -23.03 9.39 7.28
CA SER A 89 -22.19 8.71 6.35
C SER A 89 -22.77 9.09 5.03
N MSE A 90 -21.88 9.36 4.07
CA MSE A 90 -22.30 9.79 2.76
C MSE A 90 -22.84 8.60 1.96
O MSE A 90 -22.28 7.51 1.99
CB MSE A 90 -21.10 10.44 2.10
CG MSE A 90 -21.23 10.88 0.63
SE MSE A 90 -19.48 11.59 -0.12
CE MSE A 90 -19.27 13.18 1.10
N ILE A 91 -23.96 8.80 1.25
CA ILE A 91 -24.38 7.89 0.18
C ILE A 91 -24.17 8.58 -1.15
N GLY A 92 -23.29 8.09 -2.00
CA GLY A 92 -22.98 8.76 -3.28
C GLY A 92 -21.65 9.50 -3.25
N GLY A 93 -21.21 10.08 -4.38
CA GLY A 93 -19.96 10.85 -4.41
C GLY A 93 -20.07 12.35 -4.66
N PHE A 94 -20.24 13.14 -3.60
CA PHE A 94 -20.17 14.62 -3.66
C PHE A 94 -19.14 15.21 -2.64
N ARG A 95 -19.10 16.54 -2.49
CA ARG A 95 -18.33 17.13 -1.39
C ARG A 95 -19.31 17.66 -0.33
N TRP A 96 -19.02 17.43 0.95
CA TRP A 96 -19.95 17.87 2.04
C TRP A 96 -20.30 19.35 1.99
N ASN A 97 -19.32 20.20 1.64
CA ASN A 97 -19.49 21.65 1.52
C ASN A 97 -20.68 22.02 0.64
N SER A 98 -20.98 21.11 -0.27
CA SER A 98 -22.01 21.35 -1.22
C SER A 98 -23.37 21.09 -0.61
N VAL A 99 -23.39 20.61 0.64
CA VAL A 99 -24.62 20.40 1.44
C VAL A 99 -24.71 21.11 2.78
N GLU A 100 -23.69 21.85 3.17
CA GLU A 100 -23.77 22.70 4.36
C GLU A 100 -25.08 23.54 4.31
N GLY A 101 -25.86 23.49 5.39
CA GLY A 101 -27.14 24.22 5.49
C GLY A 101 -28.35 23.67 4.72
N GLU A 102 -28.16 22.61 3.94
CA GLU A 102 -29.30 22.08 3.21
C GLU A 102 -30.27 21.52 4.28
N TYR A 103 -31.57 21.63 4.03
CA TYR A 103 -32.53 21.02 4.94
C TYR A 103 -32.62 19.57 4.58
N CYS A 104 -32.98 18.73 5.52
CA CYS A 104 -32.96 17.30 5.24
C CYS A 104 -34.12 16.55 5.94
N GLU A 105 -34.39 15.31 5.53
CA GLU A 105 -35.32 14.44 6.26
C GLU A 105 -34.65 13.18 6.68
N ILE A 106 -34.91 12.74 7.90
CA ILE A 106 -34.51 11.42 8.38
C ILE A 106 -35.74 10.58 8.34
N GLU A 107 -35.65 9.45 7.64
CA GLU A 107 -36.70 8.49 7.67
C GLU A 107 -36.37 7.35 8.66
N THR A 108 -37.35 7.02 9.49
CA THR A 108 -37.19 5.98 10.47
C THR A 108 -37.52 4.59 9.92
N SER A 109 -37.07 3.54 10.59
CA SER A 109 -37.44 2.20 10.20
C SER A 109 -38.92 2.10 9.92
N SER A 110 -39.73 2.56 10.85
CA SER A 110 -41.15 2.36 10.76
C SER A 110 -41.75 3.31 9.76
N GLY A 111 -40.91 4.11 9.14
CA GLY A 111 -41.35 4.98 8.07
C GLY A 111 -41.79 6.35 8.51
N LYS A 112 -41.68 6.63 9.81
CA LYS A 112 -41.87 7.98 10.31
C LYS A 112 -40.73 8.89 9.82
N THR A 113 -41.03 10.19 9.72
CA THR A 113 -40.15 11.17 9.08
C THR A 113 -39.92 12.43 9.94
N TYR A 114 -38.67 12.89 10.02
CA TYR A 114 -38.37 14.14 10.71
C TYR A 114 -37.59 15.14 9.84
N THR A 115 -37.69 16.44 10.11
CA THR A 115 -36.85 17.35 9.35
C THR A 115 -35.61 17.78 10.13
N GLY A 116 -34.65 18.36 9.42
CA GLY A 116 -33.40 18.76 10.03
C GLY A 116 -32.65 19.67 9.11
N THR A 117 -31.51 20.17 9.60
CA THR A 117 -30.53 20.91 8.80
C THR A 117 -29.19 20.30 8.93
N ILE A 118 -28.46 20.30 7.85
CA ILE A 118 -27.11 19.77 7.85
C ILE A 118 -26.18 20.90 8.22
N LEU A 119 -25.36 20.65 9.22
CA LEU A 119 -24.41 21.66 9.69
C LEU A 119 -22.99 21.14 9.67
N MSE A 120 -22.06 22.02 9.31
CA MSE A 120 -20.65 21.69 9.35
C MSE A 120 -19.92 22.27 10.57
O MSE A 120 -20.46 23.13 11.30
CB MSE A 120 -19.94 22.05 8.04
CG MSE A 120 -19.92 20.92 6.99
SE MSE A 120 -18.73 21.24 5.40
CE MSE A 120 -17.03 21.86 6.23
N HIS A 121 -18.70 21.76 10.77
CA HIS A 121 -17.83 22.05 11.93
C HIS A 121 -17.02 23.34 11.76
N ILE A 141 -19.35 15.83 9.88
CA ILE A 141 -20.42 16.82 9.74
C ILE A 141 -21.73 16.23 10.29
N GLU A 142 -22.66 17.10 10.69
CA GLU A 142 -23.84 16.63 11.41
C GLU A 142 -25.22 17.19 11.01
N VAL A 143 -26.28 16.61 11.60
CA VAL A 143 -27.67 17.09 11.47
C VAL A 143 -28.22 17.67 12.79
N ARG A 144 -28.88 18.82 12.70
CA ARG A 144 -29.60 19.46 13.81
C ARG A 144 -31.08 19.12 13.59
N ILE A 145 -31.63 18.19 14.36
CA ILE A 145 -33.01 17.78 14.06
C ILE A 145 -34.09 18.77 14.59
N ASP A 146 -35.18 18.93 13.84
CA ASP A 146 -36.15 19.97 14.22
C ASP A 146 -37.14 19.42 15.18
N GLU A 147 -36.63 19.19 16.39
CA GLU A 147 -37.34 18.49 17.43
C GLU A 147 -36.62 18.84 18.73
N ARG A 148 -37.35 19.17 19.80
CA ARG A 148 -36.70 19.45 21.05
C ARG A 148 -36.14 18.20 21.65
N VAL A 149 -35.05 17.67 21.11
CA VAL A 149 -34.42 16.50 21.73
C VAL A 149 -32.94 16.73 22.05
N PHE A 150 -32.56 16.54 23.30
CA PHE A 150 -31.29 16.99 23.81
C PHE A 150 -30.32 15.89 24.15
N SER A 151 -30.62 14.68 23.75
CA SER A 151 -29.75 13.61 24.16
C SER A 151 -30.00 12.45 23.25
N ALA A 152 -29.06 11.53 23.27
CA ALA A 152 -29.10 10.39 22.38
C ALA A 152 -30.35 9.55 22.63
N ASP A 153 -30.71 9.45 23.92
CA ASP A 153 -31.83 8.61 24.31
C ASP A 153 -33.16 9.21 23.83
N GLU A 154 -33.29 10.52 24.01
CA GLU A 154 -34.44 11.27 23.50
C GLU A 154 -34.58 11.14 21.98
N VAL A 155 -33.45 11.20 21.27
CA VAL A 155 -33.49 11.00 19.81
C VAL A 155 -34.01 9.60 19.46
N ARG A 156 -33.52 8.59 20.18
CA ARG A 156 -33.92 7.20 19.92
C ARG A 156 -35.43 6.96 20.17
N GLU A 157 -35.93 7.59 21.24
CA GLU A 157 -37.37 7.68 21.56
C GLU A 157 -38.23 8.08 20.34
N LEU A 158 -37.64 8.82 19.42
CA LEU A 158 -38.26 9.28 18.19
C LEU A 158 -38.32 8.16 17.14
N GLY A 159 -37.53 7.12 17.36
CA GLY A 159 -37.46 6.02 16.43
C GLY A 159 -36.24 6.11 15.53
N ILE A 160 -35.49 7.20 15.64
CA ILE A 160 -34.28 7.40 14.85
C ILE A 160 -33.19 6.48 15.36
N GLU A 161 -32.44 5.87 14.47
CA GLU A 161 -31.48 4.84 14.86
C GLU A 161 -30.39 4.77 13.79
N VAL A 162 -29.18 4.34 14.19
CA VAL A 162 -28.05 4.17 13.23
C VAL A 162 -28.64 3.30 12.15
N GLY A 163 -28.36 3.62 10.90
CA GLY A 163 -28.99 2.90 9.80
C GLY A 163 -29.97 3.70 8.97
N ASP A 164 -30.57 4.73 9.56
CA ASP A 164 -31.66 5.47 8.90
C ASP A 164 -31.22 6.28 7.71
N PHE A 165 -32.09 6.42 6.73
CA PHE A 165 -31.72 7.15 5.54
C PHE A 165 -31.93 8.64 5.68
N VAL A 166 -30.99 9.44 5.16
CA VAL A 166 -31.16 10.89 5.14
C VAL A 166 -31.16 11.44 3.74
N SER A 167 -32.18 12.23 3.43
CA SER A 167 -32.25 12.85 2.12
C SER A 167 -32.17 14.37 2.21
N PHE A 168 -31.62 14.97 1.17
CA PHE A 168 -31.43 16.38 1.10
C PHE A 168 -32.56 16.96 0.29
N ASP A 169 -33.22 17.95 0.85
CA ASP A 169 -34.34 18.58 0.17
C ASP A 169 -33.85 19.19 -1.11
N PRO A 170 -34.55 18.91 -2.23
CA PRO A 170 -33.94 19.25 -3.53
C PRO A 170 -34.05 20.74 -3.93
N ARG A 171 -34.86 21.52 -3.22
CA ARG A 171 -35.17 22.91 -3.58
C ARG A 171 -35.42 23.03 -5.07
N VAL A 172 -36.39 22.28 -5.56
CA VAL A 172 -36.62 22.23 -6.99
C VAL A 172 -37.60 23.32 -7.45
N GLN A 173 -37.39 23.79 -8.67
CA GLN A 173 -38.01 25.04 -9.08
C GLN A 173 -37.85 25.15 -10.58
N ILE A 174 -38.96 25.47 -11.25
CA ILE A 174 -39.03 25.61 -12.70
C ILE A 174 -39.22 27.07 -13.04
N THR A 175 -38.31 27.67 -13.78
CA THR A 175 -38.43 29.12 -13.95
C THR A 175 -39.27 29.42 -15.19
N GLU A 176 -39.84 30.60 -15.28
CA GLU A 176 -40.67 30.92 -16.44
C GLU A 176 -39.82 31.06 -17.65
N SER A 177 -38.54 31.31 -17.42
CA SER A 177 -37.56 31.45 -18.50
C SER A 177 -37.15 30.11 -19.08
N GLY A 178 -37.73 29.03 -18.56
CA GLY A 178 -37.47 27.69 -19.03
C GLY A 178 -36.44 26.79 -18.29
N TYR A 179 -35.81 27.25 -17.21
CA TYR A 179 -34.80 26.39 -16.57
C TYR A 179 -35.46 25.54 -15.49
N ILE A 180 -34.86 24.38 -15.22
CA ILE A 180 -35.22 23.61 -14.04
C ILE A 180 -33.95 23.60 -13.18
N LYS A 181 -34.07 24.00 -11.94
CA LYS A 181 -32.90 23.98 -11.08
C LYS A 181 -33.23 23.34 -9.76
N SER A 182 -32.19 22.78 -9.14
CA SER A 182 -32.40 21.86 -8.06
C SER A 182 -31.18 21.54 -7.19
N ARG A 183 -31.34 20.48 -6.40
CA ARG A 183 -30.21 19.67 -5.95
C ARG A 183 -30.33 18.25 -6.57
N HIS A 184 -31.48 17.85 -7.06
CA HIS A 184 -31.38 16.57 -7.70
C HIS A 184 -30.93 16.59 -9.15
N LEU A 185 -31.81 16.45 -10.11
CA LEU A 185 -31.37 16.47 -11.48
C LEU A 185 -30.42 15.28 -11.78
N ASP A 186 -29.76 14.79 -10.71
CA ASP A 186 -28.77 13.77 -10.91
C ASP A 186 -29.54 12.55 -11.23
N ASP A 187 -29.81 12.46 -12.51
CA ASP A 187 -30.58 11.44 -13.13
C ASP A 187 -32.04 11.41 -13.32
N LYS A 188 -32.79 12.09 -12.45
CA LYS A 188 -34.25 12.14 -12.60
C LYS A 188 -34.74 12.82 -13.91
N VAL A 189 -33.95 13.76 -14.43
CA VAL A 189 -34.22 14.30 -15.77
C VAL A 189 -34.27 13.13 -16.77
N SER A 190 -33.25 12.29 -16.80
CA SER A 190 -33.26 11.19 -17.76
C SER A 190 -34.46 10.24 -17.51
N VAL A 191 -34.74 9.93 -16.25
CA VAL A 191 -35.83 9.01 -15.91
C VAL A 191 -37.13 9.53 -16.50
N ALA A 192 -37.28 10.83 -16.49
CA ALA A 192 -38.51 11.40 -17.01
C ALA A 192 -38.52 11.31 -18.52
N ILE A 193 -37.35 11.52 -19.16
CA ILE A 193 -37.26 11.44 -20.62
C ILE A 193 -37.75 10.05 -21.03
N LEU A 194 -37.14 9.03 -20.43
CA LEU A 194 -37.50 7.65 -20.77
C LEU A 194 -39.01 7.42 -20.61
N LEU A 195 -39.56 7.83 -19.47
CA LEU A 195 -40.98 7.59 -19.24
C LEU A 195 -41.86 8.24 -20.31
N LYS A 196 -41.55 9.49 -20.68
CA LYS A 196 -42.37 10.17 -21.65
C LYS A 196 -42.23 9.53 -22.99
N LEU A 197 -41.03 9.02 -23.25
CA LEU A 197 -40.77 8.39 -24.54
C LEU A 197 -41.64 7.16 -24.70
N ILE A 198 -41.67 6.34 -23.64
CA ILE A 198 -42.49 5.14 -23.63
C ILE A 198 -43.95 5.48 -23.90
N LYS A 199 -44.42 6.56 -23.29
CA LYS A 199 -45.82 6.99 -23.44
C LYS A 199 -46.06 7.47 -24.85
N ARG A 200 -45.09 8.16 -25.40
CA ARG A 200 -45.23 8.66 -26.76
C ARG A 200 -45.28 7.48 -27.75
N LEU A 201 -44.42 6.47 -27.59
CA LEU A 201 -44.55 5.26 -28.38
C LEU A 201 -45.99 4.79 -28.33
N GLN A 202 -46.65 4.92 -27.18
CA GLN A 202 -47.99 4.37 -27.08
C GLN A 202 -49.01 5.31 -27.72
N ASP A 203 -49.11 6.54 -27.22
CA ASP A 203 -49.98 7.53 -27.83
C ASP A 203 -49.94 7.58 -29.39
N GLU A 204 -48.74 7.60 -29.97
CA GLU A 204 -48.58 7.87 -31.39
C GLU A 204 -48.67 6.65 -32.30
N ASN A 205 -48.85 5.47 -31.71
CA ASN A 205 -48.86 4.23 -32.47
C ASN A 205 -47.62 3.96 -33.29
N VAL A 206 -46.49 4.17 -32.68
CA VAL A 206 -45.24 3.92 -33.32
C VAL A 206 -44.82 2.48 -33.04
N THR A 207 -44.28 1.80 -34.02
CA THR A 207 -43.66 0.52 -33.78
C THR A 207 -42.13 0.60 -33.76
N LEU A 208 -41.53 0.21 -32.64
CA LEU A 208 -40.07 0.09 -32.55
C LEU A 208 -39.49 -0.98 -33.50
N PRO A 209 -38.37 -0.68 -34.15
CA PRO A 209 -37.86 -1.70 -35.03
C PRO A 209 -37.32 -2.94 -34.22
N TYR A 210 -36.98 -2.71 -32.93
CA TYR A 210 -36.44 -3.74 -32.02
C TYR A 210 -37.03 -3.72 -30.62
N THR A 211 -37.16 -4.90 -30.02
CA THR A 211 -37.51 -4.94 -28.61
C THR A 211 -36.50 -4.06 -27.88
N THR A 212 -37.04 -3.14 -27.09
CA THR A 212 -36.23 -2.15 -26.33
C THR A 212 -36.58 -2.19 -24.86
N HIS A 213 -35.57 -2.35 -24.02
CA HIS A 213 -35.75 -2.41 -22.59
C HIS A 213 -35.35 -1.07 -22.00
N PHE A 214 -36.19 -0.60 -21.10
CA PHE A 214 -35.86 0.63 -20.44
C PHE A 214 -35.63 0.25 -19.01
N LEU A 215 -34.39 0.33 -18.56
CA LEU A 215 -34.06 -0.14 -17.23
C LEU A 215 -33.96 1.04 -16.32
N ILE A 216 -34.89 1.10 -15.36
CA ILE A 216 -34.83 2.11 -14.30
C ILE A 216 -34.10 1.50 -13.10
N SER A 217 -32.80 1.79 -13.00
CA SER A 217 -31.99 1.28 -11.94
C SER A 217 -31.97 2.12 -10.66
N ASN A 218 -31.59 1.47 -9.57
CA ASN A 218 -31.80 2.00 -8.22
C ASN A 218 -30.56 1.98 -7.38
N ASN A 219 -29.41 1.71 -8.02
CA ASN A 219 -28.15 1.76 -7.30
C ASN A 219 -26.98 2.10 -8.20
N GLU A 220 -27.23 2.83 -9.27
CA GLU A 220 -26.14 3.20 -10.19
C GLU A 220 -25.06 3.96 -9.43
N GLY A 225 -21.09 0.38 -9.25
CA GLY A 225 -22.02 0.56 -10.35
C GLY A 225 -23.34 -0.20 -10.22
N GLY A 226 -24.26 0.16 -11.10
CA GLY A 226 -25.54 -0.54 -11.23
C GLY A 226 -25.33 -1.85 -11.99
N ASN A 227 -25.41 -2.94 -11.24
CA ASN A 227 -25.21 -4.33 -11.73
C ASN A 227 -25.86 -4.66 -13.08
N SER A 228 -27.16 -4.31 -13.18
CA SER A 228 -28.07 -4.61 -14.33
C SER A 228 -28.15 -6.09 -14.76
N ASN A 229 -29.36 -6.65 -14.89
CA ASN A 229 -29.46 -7.92 -15.64
C ASN A 229 -30.40 -8.03 -16.87
N ILE A 230 -29.74 -8.10 -18.02
CA ILE A 230 -30.31 -7.83 -19.32
C ILE A 230 -30.28 -9.02 -20.28
N PRO A 231 -31.34 -9.18 -21.11
CA PRO A 231 -31.50 -10.33 -21.98
C PRO A 231 -30.32 -10.54 -22.87
N GLU A 232 -29.96 -11.80 -23.06
CA GLU A 232 -28.83 -12.15 -23.92
C GLU A 232 -28.87 -11.50 -25.33
N GLU A 233 -30.06 -11.23 -25.88
CA GLU A 233 -30.21 -10.63 -27.21
C GLU A 233 -29.89 -9.11 -27.32
N THR A 234 -29.61 -8.49 -26.20
CA THR A 234 -29.22 -7.09 -26.20
C THR A 234 -27.92 -6.81 -26.98
N VAL A 235 -28.01 -5.99 -28.01
CA VAL A 235 -26.84 -5.68 -28.83
C VAL A 235 -26.24 -4.28 -28.55
N GLU A 236 -27.03 -3.36 -28.02
CA GLU A 236 -26.67 -1.96 -27.88
C GLU A 236 -27.21 -1.42 -26.55
N TYR A 237 -26.41 -0.62 -25.86
CA TYR A 237 -26.72 -0.23 -24.53
C TYR A 237 -26.43 1.24 -24.48
N LEU A 238 -27.49 2.02 -24.30
CA LEU A 238 -27.37 3.47 -24.19
C LEU A 238 -27.68 3.95 -22.78
N ALA A 239 -26.72 4.49 -22.06
CA ALA A 239 -27.03 5.11 -20.76
C ALA A 239 -27.57 6.50 -21.00
N VAL A 240 -28.66 6.87 -20.36
CA VAL A 240 -29.07 8.26 -20.39
C VAL A 240 -28.74 8.88 -19.03
N ASP A 241 -27.73 9.74 -19.01
CA ASP A 241 -27.25 10.30 -17.76
C ASP A 241 -26.57 11.61 -18.10
N MSE A 242 -25.95 12.26 -17.11
CA MSE A 242 -25.44 13.63 -17.31
C MSE A 242 -24.16 13.82 -16.54
O MSE A 242 -24.06 13.36 -15.44
CB MSE A 242 -26.46 14.63 -16.79
CG MSE A 242 -27.83 14.62 -17.52
SE MSE A 242 -29.29 15.48 -16.40
CE MSE A 242 -30.00 13.79 -15.65
N GLY A 243 -23.20 14.54 -17.11
CA GLY A 243 -21.91 14.72 -16.41
C GLY A 243 -21.29 16.10 -16.39
N ALA A 244 -20.43 16.33 -15.40
CA ALA A 244 -19.63 17.55 -15.35
C ALA A 244 -18.50 17.44 -16.35
N LEU A 245 -18.17 18.56 -17.01
CA LEU A 245 -17.00 18.62 -17.88
C LEU A 245 -15.77 19.00 -17.04
N GLY A 246 -14.59 18.94 -17.65
CA GLY A 246 -13.35 19.35 -17.00
C GLY A 246 -13.20 20.86 -17.13
N ASP A 247 -12.21 21.29 -17.93
CA ASP A 247 -11.93 22.71 -18.34
C ASP A 247 -12.79 23.85 -17.70
N GLY A 248 -13.73 24.38 -18.50
CA GLY A 248 -14.78 25.28 -18.05
C GLY A 248 -16.14 24.60 -18.17
N SER A 251 -21.12 22.35 -18.95
CA SER A 251 -21.03 23.78 -19.36
C SER A 251 -22.13 24.24 -20.36
N ASP A 252 -22.92 23.30 -20.94
CA ASP A 252 -23.95 23.69 -21.93
C ASP A 252 -25.36 23.10 -21.76
N GLU A 253 -26.24 23.92 -21.21
CA GLU A 253 -27.53 23.45 -20.76
C GLU A 253 -28.61 23.63 -21.86
N TYR A 254 -28.21 23.81 -23.12
CA TYR A 254 -29.18 24.06 -24.21
C TYR A 254 -29.16 23.04 -25.36
N THR A 255 -28.28 22.06 -25.27
CA THR A 255 -28.07 21.10 -26.34
C THR A 255 -28.06 19.76 -25.68
N VAL A 256 -28.21 18.69 -26.45
CA VAL A 256 -28.01 17.35 -25.91
C VAL A 256 -26.52 17.00 -25.90
N SER A 257 -26.05 16.39 -24.81
CA SER A 257 -24.67 16.02 -24.69
C SER A 257 -24.47 14.57 -25.09
N ILE A 258 -23.52 14.29 -25.99
CA ILE A 258 -23.19 12.95 -26.45
C ILE A 258 -21.80 12.67 -25.97
N CYS A 259 -21.64 11.70 -25.06
CA CYS A 259 -20.33 11.40 -24.50
C CYS A 259 -19.39 10.63 -25.46
N ALA A 260 -18.12 11.04 -25.56
CA ALA A 260 -17.14 10.26 -26.32
C ALA A 260 -16.22 9.46 -25.41
N LYS A 261 -16.15 9.83 -24.13
CA LYS A 261 -15.27 9.17 -23.21
C LYS A 261 -15.60 9.63 -21.80
N ASP A 262 -15.51 8.71 -20.84
CA ASP A 262 -15.60 9.12 -19.46
C ASP A 262 -14.40 8.60 -18.71
N SER A 263 -14.45 8.59 -17.38
CA SER A 263 -13.29 8.11 -16.63
C SER A 263 -13.00 6.62 -16.80
N SER A 264 -13.96 5.83 -17.30
CA SER A 264 -13.65 4.46 -17.68
C SER A 264 -13.14 4.27 -19.16
N GLY A 265 -12.98 5.35 -19.93
CA GLY A 265 -12.49 5.16 -21.28
C GLY A 265 -13.47 5.62 -22.33
N PRO A 266 -13.03 5.64 -23.60
CA PRO A 266 -13.85 6.01 -24.74
C PRO A 266 -15.08 5.16 -24.84
N TYR A 267 -16.15 5.73 -25.36
CA TYR A 267 -17.35 4.97 -25.68
C TYR A 267 -17.30 4.51 -27.10
N HIS A 268 -18.09 3.50 -27.41
CA HIS A 268 -17.99 2.82 -28.70
C HIS A 268 -18.00 3.85 -29.83
N TYR A 269 -16.87 3.95 -30.51
CA TYR A 269 -16.70 4.95 -31.57
C TYR A 269 -17.86 4.94 -32.58
N ALA A 270 -18.04 3.81 -33.24
CA ALA A 270 -18.99 3.79 -34.34
C ALA A 270 -20.34 4.19 -33.80
N LEU A 271 -20.72 3.73 -32.62
CA LEU A 271 -22.09 3.96 -32.17
C LEU A 271 -22.25 5.41 -31.85
N ARG A 272 -21.17 6.03 -31.37
CA ARG A 272 -21.21 7.44 -31.05
C ARG A 272 -21.20 8.25 -32.34
N LYS A 273 -20.41 7.86 -33.32
CA LYS A 273 -20.55 8.52 -34.65
C LYS A 273 -21.97 8.38 -35.21
N HIS A 274 -22.66 7.27 -34.92
CA HIS A 274 -24.06 7.11 -35.33
C HIS A 274 -25.00 8.13 -34.69
N LEU A 275 -24.83 8.34 -33.37
CA LEU A 275 -25.66 9.30 -32.68
C LEU A 275 -25.41 10.69 -33.19
N VAL A 276 -24.16 11.03 -33.48
CA VAL A 276 -23.86 12.37 -33.93
C VAL A 276 -24.61 12.56 -35.26
N GLU A 277 -24.58 11.52 -36.10
CA GLU A 277 -25.25 11.60 -37.40
C GLU A 277 -26.77 11.73 -37.25
N LEU A 278 -27.33 11.15 -36.18
CA LEU A 278 -28.78 11.22 -35.95
C LEU A 278 -29.12 12.59 -35.61
N ALA A 279 -28.26 13.24 -34.84
CA ALA A 279 -28.52 14.60 -34.42
C ALA A 279 -28.55 15.52 -35.67
N LYS A 280 -27.57 15.35 -36.55
CA LYS A 280 -27.45 16.19 -37.73
C LYS A 280 -28.63 16.04 -38.65
N THR A 281 -28.96 14.80 -38.96
CA THR A 281 -30.09 14.46 -39.80
C THR A 281 -31.33 15.12 -39.23
N ASN A 282 -31.55 14.97 -37.93
CA ASN A 282 -32.76 15.56 -37.36
C ASN A 282 -32.70 17.06 -36.92
N HIS A 283 -31.56 17.74 -37.14
CA HIS A 283 -31.40 19.11 -36.66
C HIS A 283 -31.64 19.17 -35.16
N ILE A 284 -30.95 18.29 -34.46
CA ILE A 284 -30.97 18.33 -33.05
C ILE A 284 -29.68 19.00 -32.66
N GLU A 285 -29.75 19.99 -31.79
CA GLU A 285 -28.52 20.69 -31.36
C GLU A 285 -27.82 19.79 -30.40
N TYR A 286 -26.56 19.51 -30.65
CA TYR A 286 -25.82 18.61 -29.76
C TYR A 286 -24.46 19.12 -29.40
N LYS A 287 -23.79 18.40 -28.53
CA LYS A 287 -22.43 18.73 -28.20
C LYS A 287 -21.75 17.44 -27.94
N VAL A 288 -20.54 17.28 -28.43
CA VAL A 288 -19.79 16.07 -28.18
C VAL A 288 -18.86 16.36 -27.03
N ASP A 289 -19.02 15.59 -25.96
CA ASP A 289 -18.39 15.83 -24.68
C ASP A 289 -17.55 14.70 -24.16
N ILE A 290 -16.58 15.07 -23.32
CA ILE A 290 -15.84 14.15 -22.45
C ILE A 290 -16.17 14.38 -20.97
N TYR A 291 -16.69 13.36 -20.27
CA TYR A 291 -16.82 13.48 -18.80
C TYR A 291 -15.66 12.79 -18.05
N PRO A 292 -14.73 13.58 -17.47
CA PRO A 292 -13.79 12.97 -16.50
C PRO A 292 -14.36 12.18 -15.29
N TYR A 293 -15.67 11.83 -15.24
CA TYR A 293 -16.25 10.88 -14.19
C TYR A 293 -17.04 9.62 -14.67
N TYR A 294 -17.96 9.09 -13.85
CA TYR A 294 -18.55 7.70 -13.93
C TYR A 294 -17.87 6.68 -12.97
N ARG A 303 -18.83 -0.24 -16.87
CA ARG A 303 -19.69 -0.94 -17.83
C ARG A 303 -19.37 -2.44 -17.87
N ALA A 304 -18.18 -2.79 -17.34
CA ALA A 304 -17.60 -4.16 -17.33
C ALA A 304 -17.76 -4.89 -18.71
N GLY A 305 -17.76 -6.24 -18.68
CA GLY A 305 -18.00 -7.08 -19.86
C GLY A 305 -19.31 -7.88 -19.98
N PHE A 306 -20.37 -7.23 -20.46
CA PHE A 306 -21.46 -7.87 -21.21
C PHE A 306 -21.08 -7.55 -22.67
N ASP A 307 -21.23 -8.49 -23.62
CA ASP A 307 -20.84 -8.21 -25.01
C ASP A 307 -21.80 -7.30 -25.74
N VAL A 308 -21.63 -6.00 -25.57
CA VAL A 308 -22.65 -5.04 -25.94
C VAL A 308 -22.01 -3.70 -26.32
N LYS A 309 -22.52 -3.04 -27.35
CA LYS A 309 -21.99 -1.72 -27.74
C LYS A 309 -22.57 -0.66 -26.84
N HIS A 310 -21.72 0.15 -26.18
CA HIS A 310 -22.15 1.13 -25.18
C HIS A 310 -22.13 2.57 -25.66
N ALA A 311 -23.13 3.36 -25.32
CA ALA A 311 -23.07 4.79 -25.49
C ALA A 311 -23.63 5.46 -24.27
N LEU A 312 -23.36 6.78 -24.16
CA LEU A 312 -23.87 7.70 -23.14
C LEU A 312 -24.25 9.01 -23.75
N ILE A 313 -25.52 9.40 -23.55
CA ILE A 313 -25.98 10.77 -23.77
C ILE A 313 -26.80 11.31 -22.57
N GLY A 314 -27.13 12.59 -22.59
CA GLY A 314 -28.04 13.12 -21.61
C GLY A 314 -28.14 14.60 -21.84
N ALA A 315 -29.00 15.26 -21.08
CA ALA A 315 -29.13 16.68 -21.18
C ALA A 315 -27.87 17.35 -20.59
N GLY A 316 -27.49 18.51 -21.12
CA GLY A 316 -26.46 19.32 -20.44
C GLY A 316 -26.95 19.85 -19.10
N ILE A 317 -26.17 19.60 -18.05
CA ILE A 317 -26.46 20.02 -16.69
C ILE A 317 -25.28 20.80 -16.20
N ASP A 318 -25.54 21.99 -15.67
CA ASP A 318 -24.53 22.85 -15.09
C ASP A 318 -24.38 22.49 -13.65
N SER A 319 -23.15 22.66 -13.17
CA SER A 319 -22.77 22.42 -11.78
C SER A 319 -23.29 21.08 -11.22
N SER A 320 -23.11 20.02 -12.01
CA SER A 320 -23.26 18.60 -11.59
C SER A 320 -22.75 18.32 -10.14
N HIS A 321 -23.46 17.42 -9.42
CA HIS A 321 -23.13 17.02 -8.02
C HIS A 321 -23.03 18.20 -7.06
N ALA A 322 -23.69 19.32 -7.39
CA ALA A 322 -23.76 20.47 -6.44
C ALA A 322 -25.14 21.10 -6.52
N PHE A 323 -25.26 22.31 -7.08
CA PHE A 323 -26.56 22.94 -7.30
C PHE A 323 -26.78 22.94 -8.78
N GLU A 324 -27.79 22.21 -9.24
CA GLU A 324 -27.82 21.81 -10.65
C GLU A 324 -28.88 22.51 -11.46
N ARG A 325 -28.66 22.59 -12.76
CA ARG A 325 -29.58 23.31 -13.61
C ARG A 325 -29.47 22.84 -15.06
N THR A 326 -30.60 22.84 -15.75
CA THR A 326 -30.57 22.61 -17.18
C THR A 326 -31.74 23.41 -17.70
N HIS A 327 -31.87 23.46 -19.03
CA HIS A 327 -32.88 24.30 -19.69
C HIS A 327 -33.80 23.50 -20.59
N GLU A 328 -35.04 23.94 -20.78
CA GLU A 328 -36.01 23.08 -21.49
C GLU A 328 -35.52 22.70 -22.88
N SER A 329 -34.73 23.57 -23.49
CA SER A 329 -34.23 23.30 -24.80
C SER A 329 -33.26 22.10 -24.78
N SER A 330 -32.43 21.94 -23.77
CA SER A 330 -31.58 20.76 -23.68
C SER A 330 -32.45 19.51 -23.54
N ILE A 331 -33.43 19.60 -22.63
CA ILE A 331 -34.36 18.51 -22.48
C ILE A 331 -35.05 18.16 -23.81
N ALA A 332 -35.48 19.15 -24.55
CA ALA A 332 -36.11 18.83 -25.83
C ALA A 332 -35.13 18.12 -26.77
N HIS A 333 -33.93 18.65 -26.89
CA HIS A 333 -33.00 18.04 -27.77
C HIS A 333 -32.75 16.58 -27.37
N THR A 334 -32.75 16.29 -26.08
CA THR A 334 -32.45 14.92 -25.63
C THR A 334 -33.61 13.97 -25.97
N GLU A 335 -34.84 14.36 -25.56
CA GLU A 335 -36.05 13.64 -25.96
C GLU A 335 -36.01 13.28 -27.46
N ALA A 336 -35.61 14.23 -28.27
CA ALA A 336 -35.57 14.06 -29.69
C ALA A 336 -34.43 13.08 -30.07
N LEU A 337 -33.29 13.08 -29.37
CA LEU A 337 -32.24 12.19 -29.79
C LEU A 337 -32.63 10.76 -29.43
N VAL A 338 -33.15 10.59 -28.22
CA VAL A 338 -33.48 9.28 -27.73
C VAL A 338 -34.49 8.69 -28.69
N TYR A 339 -35.46 9.50 -29.11
CA TYR A 339 -36.42 9.02 -30.07
C TYR A 339 -35.81 8.61 -31.45
N ALA A 340 -34.98 9.47 -32.03
CA ALA A 340 -34.29 9.16 -33.27
C ALA A 340 -33.46 7.91 -33.09
N TYR A 341 -32.82 7.78 -31.93
CA TYR A 341 -32.04 6.59 -31.62
C TYR A 341 -32.83 5.26 -31.61
N VAL A 342 -33.83 5.22 -30.77
CA VAL A 342 -34.68 4.06 -30.63
C VAL A 342 -35.37 3.64 -31.94
N MSE A 343 -35.40 4.55 -32.92
CA MSE A 343 -36.07 4.30 -34.17
C MSE A 343 -35.08 3.90 -35.25
O MSE A 343 -35.49 3.47 -36.32
CB MSE A 343 -36.83 5.54 -34.62
CG MSE A 343 -38.06 5.91 -33.75
SE MSE A 343 -39.54 4.59 -33.97
CE MSE A 343 -39.49 3.81 -32.20
N SER A 344 -33.79 4.02 -35.00
CA SER A 344 -32.82 3.76 -36.10
C SER A 344 -32.47 2.26 -36.26
N ASN A 345 -31.74 1.90 -37.30
CA ASN A 345 -31.19 0.55 -37.35
C ASN A 345 -30.01 0.30 -36.40
N LEU A 346 -29.94 -0.89 -35.84
CA LEU A 346 -28.72 -1.36 -35.23
C LEU A 346 -27.54 -1.07 -36.15
N ILE A 347 -26.41 -0.73 -35.59
CA ILE A 347 -25.23 -0.28 -36.30
C ILE A 347 -24.48 -1.45 -37.05
N GLU A 348 -23.97 -1.15 -38.25
CA GLU A 348 -23.45 -2.19 -39.18
C GLU A 348 -22.10 -2.67 -38.73
N HIS B 3 -20.73 -24.81 26.10
CA HIS B 3 -19.85 -25.91 25.58
C HIS B 3 -19.74 -25.80 24.05
N HIS B 4 -20.89 -25.51 23.43
CA HIS B 4 -21.00 -25.27 22.00
C HIS B 4 -20.06 -24.15 21.55
N THR B 5 -20.10 -23.03 22.26
CA THR B 5 -19.42 -21.85 21.81
C THR B 5 -17.93 -21.98 21.99
N LYS B 6 -17.52 -22.51 23.16
CA LYS B 6 -16.14 -22.91 23.44
C LYS B 6 -15.56 -23.83 22.33
N GLU B 7 -16.36 -24.78 21.88
CA GLU B 7 -15.95 -25.61 20.76
C GLU B 7 -15.73 -24.82 19.48
N THR B 8 -16.69 -23.94 19.18
CA THR B 8 -16.58 -23.02 18.03
C THR B 8 -15.23 -22.33 18.08
N MSE B 9 -14.86 -21.88 19.26
CA MSE B 9 -13.60 -21.21 19.44
C MSE B 9 -12.40 -22.10 19.19
O MSE B 9 -11.45 -21.71 18.54
CB MSE B 9 -13.57 -20.49 20.78
CG MSE B 9 -14.33 -19.19 20.64
SE MSE B 9 -14.34 -17.87 22.10
CE MSE B 9 -12.55 -17.89 22.84
N GLU B 10 -12.48 -23.33 19.69
CA GLU B 10 -11.49 -24.33 19.38
C GLU B 10 -11.25 -24.38 17.88
N LEU B 11 -12.33 -24.41 17.10
CA LEU B 11 -12.23 -24.49 15.66
C LEU B 11 -11.52 -23.24 15.04
N ILE B 12 -11.84 -22.05 15.55
CA ILE B 12 -11.22 -20.85 15.08
C ILE B 12 -9.72 -20.98 15.28
N LYS B 13 -9.34 -21.32 16.50
CA LYS B 13 -7.96 -21.45 16.85
C LYS B 13 -7.27 -22.44 15.87
N GLU B 14 -7.89 -23.61 15.63
CA GLU B 14 -7.28 -24.61 14.72
C GLU B 14 -7.14 -23.94 13.37
N LEU B 15 -8.21 -23.25 12.93
CA LEU B 15 -8.17 -22.67 11.60
C LEU B 15 -7.11 -21.59 11.49
N VAL B 16 -7.11 -20.68 12.45
CA VAL B 16 -6.15 -19.61 12.41
C VAL B 16 -4.74 -20.22 12.42
N SER B 17 -4.60 -21.41 13.01
CA SER B 17 -3.27 -22.01 13.07
C SER B 17 -2.80 -22.62 11.77
N ILE B 18 -3.66 -22.72 10.74
CA ILE B 18 -3.14 -23.07 9.39
C ILE B 18 -2.89 -21.78 8.63
N PRO B 19 -1.64 -21.53 8.21
CA PRO B 19 -1.43 -20.38 7.28
C PRO B 19 -2.25 -20.53 6.03
N SER B 20 -2.87 -19.44 5.60
CA SER B 20 -3.56 -19.49 4.32
C SER B 20 -3.79 -18.08 3.76
N PRO B 21 -2.70 -17.36 3.41
CA PRO B 21 -2.83 -16.03 2.81
C PRO B 21 -3.40 -16.14 1.37
N SER B 22 -4.26 -15.21 0.95
CA SER B 22 -4.77 -15.29 -0.45
C SER B 22 -3.71 -15.74 -1.47
N GLY B 23 -4.08 -16.72 -2.26
CA GLY B 23 -3.18 -17.20 -3.28
C GLY B 23 -2.57 -18.54 -2.91
N ASN B 24 -2.52 -18.81 -1.60
CA ASN B 24 -1.96 -20.07 -1.11
C ASN B 24 -2.85 -20.75 -0.05
N THR B 25 -4.06 -21.10 -0.42
CA THR B 25 -5.04 -21.64 0.49
C THR B 25 -5.29 -23.15 0.35
N ALA B 26 -4.54 -23.85 -0.48
CA ALA B 26 -4.70 -25.32 -0.55
C ALA B 26 -4.74 -26.11 0.79
N LYS B 27 -3.69 -26.10 1.62
CA LYS B 27 -3.71 -26.84 2.91
C LYS B 27 -5.06 -26.59 3.55
N ILE B 28 -5.45 -25.34 3.75
CA ILE B 28 -6.59 -25.06 4.63
C ILE B 28 -7.90 -25.55 3.99
N ILE B 29 -7.97 -25.51 2.68
CA ILE B 29 -9.14 -25.95 2.04
C ILE B 29 -9.20 -27.50 2.10
N ASN B 30 -8.05 -28.17 2.04
CA ASN B 30 -8.07 -29.60 2.20
C ASN B 30 -8.49 -29.97 3.56
N PHE B 31 -7.93 -29.28 4.54
CA PHE B 31 -8.29 -29.47 5.93
C PHE B 31 -9.77 -29.32 6.14
N ILE B 32 -10.41 -28.34 5.49
CA ILE B 32 -11.81 -28.18 5.65
C ILE B 32 -12.52 -29.32 4.92
N GLU B 33 -12.04 -29.69 3.72
CA GLU B 33 -12.72 -30.73 2.94
C GLU B 33 -12.80 -31.92 3.83
N ASN B 34 -11.74 -32.22 4.57
CA ASN B 34 -11.70 -33.42 5.44
C ASN B 34 -12.62 -33.37 6.65
N TYR B 35 -12.55 -32.23 7.33
CA TYR B 35 -13.30 -31.99 8.51
C TYR B 35 -14.78 -32.30 8.33
N VAL B 36 -15.34 -32.09 7.13
CA VAL B 36 -16.76 -32.31 6.85
C VAL B 36 -17.02 -33.58 6.05
N SER B 37 -15.98 -34.37 5.80
CA SER B 37 -15.99 -35.42 4.76
C SER B 37 -16.92 -36.54 5.07
N GLU B 38 -17.18 -36.74 6.37
CA GLU B 38 -18.15 -37.77 6.82
C GLU B 38 -19.55 -37.21 6.86
N TRP B 39 -19.68 -35.88 6.91
CA TRP B 39 -20.96 -35.21 7.08
C TRP B 39 -21.87 -35.41 5.89
N ASN B 40 -23.13 -35.10 6.06
CA ASN B 40 -24.11 -35.24 4.98
C ASN B 40 -24.04 -34.19 3.86
N VAL B 41 -23.41 -33.08 4.17
CA VAL B 41 -23.35 -31.93 3.29
C VAL B 41 -22.61 -32.27 2.01
N GLU B 42 -23.26 -32.05 0.88
CA GLU B 42 -22.60 -32.14 -0.41
C GLU B 42 -21.51 -31.02 -0.55
N THR B 43 -20.32 -31.38 -1.03
CA THR B 43 -19.21 -30.43 -1.14
C THR B 43 -18.64 -30.42 -2.53
N LYS B 44 -18.03 -29.31 -2.92
CA LYS B 44 -17.67 -29.10 -4.31
C LYS B 44 -16.59 -28.04 -4.31
N ARG B 45 -15.50 -28.33 -5.02
CA ARG B 45 -14.37 -27.43 -5.19
C ARG B 45 -14.56 -26.80 -6.56
N ASN B 46 -14.50 -25.48 -6.71
CA ASN B 46 -14.46 -24.92 -8.08
C ASN B 46 -13.04 -24.94 -8.71
N ASN B 47 -12.90 -24.31 -9.88
CA ASN B 47 -11.64 -24.26 -10.62
C ASN B 47 -10.62 -23.43 -9.90
N LYS B 48 -11.14 -22.58 -9.02
CA LYS B 48 -10.38 -21.61 -8.28
C LYS B 48 -9.86 -22.22 -6.98
N GLY B 49 -10.37 -23.39 -6.62
CA GLY B 49 -10.12 -24.00 -5.32
C GLY B 49 -10.90 -23.44 -4.14
N ALA B 50 -11.88 -22.58 -4.39
CA ALA B 50 -12.88 -22.28 -3.38
C ALA B 50 -13.76 -23.51 -3.14
N LEU B 51 -14.37 -23.54 -1.97
CA LEU B 51 -15.20 -24.66 -1.59
C LEU B 51 -16.68 -24.24 -1.45
N ILE B 52 -17.57 -25.00 -2.09
CA ILE B 52 -19.03 -24.80 -1.95
C ILE B 52 -19.64 -25.99 -1.20
N LEU B 53 -20.20 -25.72 -0.04
CA LEU B 53 -20.90 -26.74 0.77
C LEU B 53 -22.40 -26.54 0.71
N THR B 54 -23.16 -27.57 0.30
CA THR B 54 -24.58 -27.41 0.00
C THR B 54 -25.41 -28.33 0.88
N VAL B 55 -26.40 -27.74 1.54
CA VAL B 55 -27.35 -28.45 2.34
C VAL B 55 -28.67 -28.22 1.64
N LYS B 56 -29.23 -29.30 1.07
CA LYS B 56 -30.56 -29.28 0.41
C LYS B 56 -31.67 -28.85 1.38
N GLY B 57 -32.69 -28.15 0.88
CA GLY B 57 -33.78 -27.64 1.73
C GLY B 57 -35.12 -28.07 1.15
N LYS B 58 -36.21 -27.87 1.88
CA LYS B 58 -37.54 -28.19 1.39
C LYS B 58 -37.76 -27.66 -0.04
N ASN B 59 -37.56 -26.34 -0.15
CA ASN B 59 -37.66 -25.62 -1.41
C ASN B 59 -36.33 -25.54 -2.10
N ASP B 60 -36.20 -26.33 -3.16
CA ASP B 60 -34.97 -26.40 -3.93
C ASP B 60 -35.06 -25.59 -5.22
N ALA B 61 -36.10 -24.77 -5.35
CA ALA B 61 -36.29 -23.89 -6.50
C ALA B 61 -35.79 -22.46 -6.25
N GLN B 62 -35.63 -22.11 -4.97
CA GLN B 62 -35.11 -20.79 -4.58
C GLN B 62 -34.12 -21.01 -3.48
N HIS B 63 -32.97 -20.37 -3.63
CA HIS B 63 -31.78 -20.65 -2.82
C HIS B 63 -31.25 -19.42 -2.04
N ARG B 64 -30.49 -19.74 -1.02
CA ARG B 64 -29.92 -18.76 -0.12
C ARG B 64 -28.41 -19.08 -0.22
N LEU B 65 -27.57 -18.05 -0.22
CA LEU B 65 -26.13 -18.22 -0.22
C LEU B 65 -25.50 -17.48 0.99
N LEU B 66 -24.73 -18.22 1.79
CA LEU B 66 -23.89 -17.67 2.84
C LEU B 66 -22.45 -17.84 2.43
N THR B 67 -21.67 -16.85 2.80
CA THR B 67 -20.31 -16.87 2.39
C THR B 67 -19.39 -16.46 3.56
N ALA B 68 -18.15 -16.94 3.55
CA ALA B 68 -17.14 -16.48 4.51
C ALA B 68 -15.81 -16.85 3.90
N HIS B 69 -14.75 -16.10 4.17
CA HIS B 69 -13.52 -16.30 3.38
C HIS B 69 -12.43 -16.87 4.24
N VAL B 70 -11.58 -17.74 3.69
CA VAL B 70 -10.48 -18.37 4.45
C VAL B 70 -9.12 -17.78 4.16
N ASP B 71 -9.01 -16.98 3.13
CA ASP B 71 -7.72 -16.46 2.83
C ASP B 71 -7.53 -15.34 3.81
N THR B 72 -6.26 -15.05 4.10
CA THR B 72 -5.83 -14.06 5.08
C THR B 72 -4.81 -13.10 4.43
N LEU B 73 -4.39 -12.07 5.14
CA LEU B 73 -3.28 -11.23 4.70
C LEU B 73 -2.03 -12.09 4.72
N GLY B 74 -0.96 -11.58 4.13
CA GLY B 74 0.31 -12.25 4.15
C GLY B 74 1.23 -11.40 3.28
N ALA B 75 2.31 -12.00 2.82
CA ALA B 75 3.16 -11.30 1.91
C ALA B 75 3.78 -12.35 1.02
N MSE B 76 4.56 -11.90 0.04
CA MSE B 76 5.28 -12.76 -0.87
C MSE B 76 6.67 -12.25 -1.08
O MSE B 76 6.90 -11.02 -1.11
CB MSE B 76 4.57 -12.76 -2.18
CG MSE B 76 5.15 -13.65 -3.19
SE MSE B 76 4.02 -13.55 -4.83
CE MSE B 76 2.68 -14.92 -4.20
N VAL B 77 7.63 -13.15 -1.26
CA VAL B 77 8.98 -12.73 -1.52
C VAL B 77 9.10 -12.04 -2.88
N LYS B 78 9.37 -10.73 -2.89
CA LYS B 78 9.56 -10.00 -4.15
C LYS B 78 11.00 -9.94 -4.56
N GLU B 79 11.90 -10.08 -3.59
CA GLU B 79 13.33 -10.00 -3.85
C GLU B 79 14.15 -10.53 -2.70
N ILE B 80 15.22 -11.23 -3.06
CA ILE B 80 16.22 -11.70 -2.10
C ILE B 80 17.39 -10.71 -2.13
N LYS B 81 17.61 -10.02 -1.02
CA LYS B 81 18.61 -8.98 -0.93
C LYS B 81 20.01 -9.59 -0.84
N PRO B 82 21.05 -8.85 -1.26
CA PRO B 82 22.39 -9.48 -1.23
C PRO B 82 22.92 -9.80 0.18
N ASP B 83 22.38 -9.18 1.22
CA ASP B 83 22.75 -9.49 2.61
C ASP B 83 22.17 -10.85 3.01
N GLY B 84 21.18 -11.34 2.27
CA GLY B 84 20.54 -12.59 2.61
C GLY B 84 19.16 -12.37 3.19
N ARG B 85 18.86 -11.11 3.53
CA ARG B 85 17.55 -10.76 4.07
C ARG B 85 16.54 -10.62 2.93
N LEU B 86 15.26 -10.85 3.20
CA LEU B 86 14.23 -10.94 2.16
C LEU B 86 13.35 -9.72 2.07
N SER B 87 12.94 -9.36 0.85
CA SER B 87 12.03 -8.24 0.68
C SER B 87 10.64 -8.71 0.33
N LEU B 88 9.61 -7.97 0.72
CA LEU B 88 8.25 -8.49 0.58
C LEU B 88 7.25 -7.62 -0.14
N SER B 89 6.41 -8.28 -0.94
CA SER B 89 5.22 -7.67 -1.48
C SER B 89 4.11 -8.05 -0.56
N MSE B 90 3.12 -7.19 -0.42
CA MSE B 90 2.05 -7.37 0.55
C MSE B 90 0.88 -8.19 -0.07
O MSE B 90 0.50 -7.92 -1.19
CB MSE B 90 1.60 -5.98 0.99
CG MSE B 90 0.33 -5.85 1.82
SE MSE B 90 -0.31 -3.93 2.07
CE MSE B 90 1.20 -3.24 3.24
N ILE B 91 0.33 -9.18 0.64
CA ILE B 91 -0.95 -9.80 0.19
C ILE B 91 -2.07 -9.28 1.09
N GLY B 92 -3.04 -8.57 0.53
CA GLY B 92 -4.12 -7.92 1.28
C GLY B 92 -3.95 -6.43 1.57
N GLY B 93 -5.00 -5.77 2.10
CA GLY B 93 -4.92 -4.36 2.51
C GLY B 93 -4.66 -4.10 3.99
N PHE B 94 -3.40 -4.16 4.44
CA PHE B 94 -3.04 -3.73 5.82
C PHE B 94 -1.97 -2.58 5.88
N ARG B 95 -1.59 -2.09 7.07
CA ARG B 95 -0.41 -1.22 7.19
C ARG B 95 0.81 -2.00 7.69
N TRP B 96 1.96 -1.82 7.03
CA TRP B 96 3.18 -2.55 7.40
C TRP B 96 3.50 -2.44 8.87
N ASN B 97 3.28 -1.24 9.42
CA ASN B 97 3.39 -0.92 10.86
C ASN B 97 2.85 -2.01 11.75
N SER B 98 1.70 -2.55 11.36
CA SER B 98 0.99 -3.47 12.20
C SER B 98 1.59 -4.86 12.10
N VAL B 99 2.76 -4.99 11.45
CA VAL B 99 3.49 -6.27 11.40
C VAL B 99 4.99 -6.18 11.66
N GLU B 100 5.48 -5.00 12.03
CA GLU B 100 6.86 -4.84 12.47
C GLU B 100 7.15 -5.81 13.63
N GLY B 101 8.24 -6.59 13.53
CA GLY B 101 8.57 -7.63 14.50
C GLY B 101 7.64 -8.86 14.61
N GLU B 102 6.73 -9.06 13.67
CA GLU B 102 5.99 -10.30 13.73
C GLU B 102 6.90 -11.44 13.29
N TYR B 103 6.73 -12.61 13.90
CA TYR B 103 7.40 -13.78 13.39
C TYR B 103 6.62 -14.26 12.17
N CYS B 104 7.30 -14.90 11.25
CA CYS B 104 6.60 -15.36 10.06
C CYS B 104 7.21 -16.67 9.58
N GLU B 105 6.57 -17.25 8.57
CA GLU B 105 6.95 -18.54 8.03
C GLU B 105 7.01 -18.38 6.54
N ILE B 106 8.12 -18.77 5.93
CA ILE B 106 8.35 -18.68 4.49
C ILE B 106 8.23 -20.10 4.02
N GLU B 107 7.36 -20.27 3.03
CA GLU B 107 7.13 -21.57 2.44
C GLU B 107 7.73 -21.62 1.06
N THR B 108 8.40 -22.73 0.79
CA THR B 108 9.10 -22.96 -0.45
C THR B 108 8.22 -23.66 -1.56
N SER B 109 8.60 -23.58 -2.83
CA SER B 109 7.90 -24.35 -3.87
C SER B 109 7.65 -25.80 -3.45
N SER B 110 8.75 -26.49 -3.16
CA SER B 110 8.73 -27.87 -2.78
C SER B 110 8.07 -28.08 -1.43
N GLY B 111 7.52 -27.00 -0.87
CA GLY B 111 6.70 -27.07 0.35
C GLY B 111 7.48 -27.12 1.64
N LYS B 112 8.80 -26.96 1.55
CA LYS B 112 9.65 -26.72 2.72
C LYS B 112 9.40 -25.38 3.37
N THR B 113 9.67 -25.31 4.68
CA THR B 113 9.31 -24.17 5.51
C THR B 113 10.44 -23.59 6.33
N TYR B 114 10.53 -22.27 6.40
CA TYR B 114 11.52 -21.67 7.27
C TYR B 114 10.88 -20.59 8.15
N THR B 115 11.51 -20.22 9.26
CA THR B 115 10.93 -19.14 10.06
C THR B 115 11.77 -17.86 9.95
N GLY B 116 11.15 -16.73 10.33
CA GLY B 116 11.77 -15.45 10.19
C GLY B 116 11.06 -14.46 11.06
N THR B 117 11.50 -13.19 10.96
CA THR B 117 10.90 -12.01 11.62
C THR B 117 10.83 -10.84 10.67
N ILE B 118 9.69 -10.17 10.65
CA ILE B 118 9.52 -8.97 9.86
C ILE B 118 10.15 -7.79 10.55
N LEU B 119 10.99 -7.06 9.83
CA LEU B 119 11.60 -5.84 10.38
C LEU B 119 11.48 -4.67 9.42
N MSE B 120 11.44 -3.47 9.99
CA MSE B 120 11.45 -2.20 9.24
C MSE B 120 12.75 -1.43 9.46
O MSE B 120 13.61 -1.84 10.25
CB MSE B 120 10.27 -1.33 9.64
CG MSE B 120 9.00 -1.55 8.81
SE MSE B 120 7.41 -0.48 9.46
CE MSE B 120 8.09 1.39 9.36
N ILE B 141 10.94 -2.92 4.05
CA ILE B 141 10.36 -3.92 4.96
C ILE B 141 10.81 -5.35 4.60
N GLU B 142 11.52 -5.97 5.52
CA GLU B 142 12.15 -7.23 5.16
C GLU B 142 11.99 -8.37 6.16
N VAL B 143 12.46 -9.57 5.76
CA VAL B 143 12.56 -10.73 6.64
C VAL B 143 14.01 -11.13 6.95
N ARG B 144 14.31 -11.23 8.25
CA ARG B 144 15.54 -11.80 8.78
C ARG B 144 15.22 -13.28 8.96
N ILE B 145 15.68 -14.11 8.02
CA ILE B 145 15.37 -15.56 8.05
C ILE B 145 16.15 -16.30 9.17
N ASP B 146 15.45 -17.07 10.01
CA ASP B 146 16.13 -17.69 11.17
C ASP B 146 17.05 -18.82 10.72
N GLU B 147 18.06 -18.45 9.96
CA GLU B 147 18.90 -19.42 9.30
C GLU B 147 20.25 -18.77 8.99
N ARG B 148 21.31 -19.54 9.08
CA ARG B 148 22.64 -19.03 9.01
C ARG B 148 23.01 -18.75 7.57
N VAL B 149 22.49 -17.69 6.98
CA VAL B 149 22.74 -17.45 5.53
C VAL B 149 23.11 -15.99 5.22
N PHE B 150 24.18 -15.74 4.49
CA PHE B 150 24.62 -14.36 4.37
C PHE B 150 24.62 -13.77 2.97
N SER B 151 23.90 -14.38 2.05
CA SER B 151 23.93 -13.93 0.67
C SER B 151 22.73 -14.41 -0.14
N ALA B 152 22.46 -13.71 -1.22
CA ALA B 152 21.41 -14.12 -2.10
C ALA B 152 21.53 -15.61 -2.40
N ASP B 153 22.75 -16.04 -2.68
CA ASP B 153 22.99 -17.41 -3.08
C ASP B 153 22.62 -18.47 -2.06
N GLU B 154 23.13 -18.33 -0.83
CA GLU B 154 22.84 -19.32 0.21
C GLU B 154 21.37 -19.29 0.65
N VAL B 155 20.67 -18.19 0.38
CA VAL B 155 19.22 -18.18 0.62
C VAL B 155 18.53 -19.12 -0.38
N ARG B 156 18.90 -18.99 -1.66
CA ARG B 156 18.34 -19.82 -2.73
C ARG B 156 18.64 -21.28 -2.55
N GLU B 157 19.84 -21.58 -2.01
CA GLU B 157 20.24 -22.92 -1.57
C GLU B 157 19.19 -23.59 -0.68
N LEU B 158 18.50 -22.79 0.13
CA LEU B 158 17.42 -23.18 1.03
C LEU B 158 16.12 -23.55 0.32
N GLY B 159 16.07 -23.26 -0.98
CA GLY B 159 14.87 -23.50 -1.75
C GLY B 159 14.02 -22.27 -1.89
N ILE B 160 14.38 -21.21 -1.15
CA ILE B 160 13.64 -19.95 -1.17
C ILE B 160 13.87 -19.18 -2.45
N GLU B 161 12.78 -18.70 -3.06
CA GLU B 161 12.81 -18.02 -4.35
C GLU B 161 11.76 -16.91 -4.41
N VAL B 162 11.99 -15.88 -5.25
CA VAL B 162 11.02 -14.79 -5.46
C VAL B 162 9.72 -15.50 -5.87
N GLY B 163 8.59 -15.07 -5.33
CA GLY B 163 7.35 -15.79 -5.59
C GLY B 163 6.77 -16.52 -4.37
N ASP B 164 7.65 -16.93 -3.45
CA ASP B 164 7.27 -17.67 -2.24
C ASP B 164 6.32 -17.00 -1.26
N PHE B 165 5.42 -17.77 -0.67
CA PHE B 165 4.44 -17.17 0.21
C PHE B 165 4.95 -16.96 1.63
N VAL B 166 4.61 -15.82 2.23
CA VAL B 166 5.01 -15.58 3.58
C VAL B 166 3.81 -15.36 4.47
N SER B 167 3.75 -16.08 5.57
CA SER B 167 2.60 -15.95 6.43
C SER B 167 3.05 -15.41 7.78
N PHE B 168 2.16 -14.64 8.39
CA PHE B 168 2.43 -13.98 9.63
C PHE B 168 1.91 -14.80 10.79
N ASP B 169 2.77 -15.06 11.76
CA ASP B 169 2.34 -15.93 12.83
C ASP B 169 1.28 -15.28 13.64
N PRO B 170 0.14 -15.95 13.80
CA PRO B 170 -1.06 -15.28 14.30
C PRO B 170 -1.13 -15.07 15.82
N ARG B 171 -0.22 -15.66 16.62
CA ARG B 171 -0.24 -15.45 18.08
C ARG B 171 -1.66 -15.59 18.67
N VAL B 172 -2.32 -16.67 18.26
CA VAL B 172 -3.67 -16.92 18.71
C VAL B 172 -3.78 -17.42 20.16
N GLN B 173 -4.75 -16.89 20.88
CA GLN B 173 -4.92 -17.28 22.25
C GLN B 173 -6.35 -17.15 22.68
N ILE B 174 -6.78 -18.10 23.49
CA ILE B 174 -8.12 -18.08 24.04
C ILE B 174 -8.04 -17.86 25.53
N THR B 175 -8.78 -16.87 25.99
CA THR B 175 -8.64 -16.31 27.29
C THR B 175 -9.67 -16.92 28.17
N GLU B 176 -9.33 -17.16 29.41
CA GLU B 176 -10.23 -17.75 30.37
C GLU B 176 -11.46 -16.90 30.51
N SER B 177 -11.35 -15.60 30.28
CA SER B 177 -12.51 -14.71 30.35
C SER B 177 -13.41 -14.70 29.14
N GLY B 178 -13.11 -15.56 28.15
CA GLY B 178 -13.95 -15.66 26.97
C GLY B 178 -13.57 -14.86 25.71
N TYR B 179 -12.43 -14.17 25.69
CA TYR B 179 -12.03 -13.50 24.46
C TYR B 179 -11.16 -14.44 23.64
N ILE B 180 -11.16 -14.23 22.33
CA ILE B 180 -10.18 -14.86 21.48
C ILE B 180 -9.34 -13.74 20.84
N LYS B 181 -8.04 -13.82 20.93
CA LYS B 181 -7.23 -12.84 20.24
C LYS B 181 -6.11 -13.41 19.41
N SER B 182 -5.96 -12.81 18.24
CA SER B 182 -4.74 -12.79 17.45
C SER B 182 -4.74 -11.54 16.62
N ARG B 183 -3.57 -10.92 16.55
CA ARG B 183 -3.16 -10.20 15.33
C ARG B 183 -3.51 -11.14 14.21
N HIS B 184 -4.51 -10.84 13.38
CA HIS B 184 -4.78 -11.75 12.27
C HIS B 184 -5.72 -12.89 12.76
N LEU B 185 -7.01 -12.61 12.61
CA LEU B 185 -8.15 -13.54 12.78
C LEU B 185 -8.78 -13.63 11.42
N ASP B 186 -8.66 -12.52 10.70
CA ASP B 186 -9.14 -12.31 9.32
C ASP B 186 -10.58 -12.61 9.34
N ASP B 187 -11.04 -13.59 8.55
CA ASP B 187 -12.43 -13.98 8.66
C ASP B 187 -12.67 -15.45 9.03
N LYS B 188 -11.65 -16.08 9.66
CA LYS B 188 -11.75 -17.48 10.06
C LYS B 188 -12.72 -17.57 11.22
N VAL B 189 -12.96 -16.48 11.95
CA VAL B 189 -14.11 -16.55 12.85
C VAL B 189 -15.40 -16.95 12.11
N SER B 190 -15.71 -16.32 10.99
CA SER B 190 -16.94 -16.64 10.33
C SER B 190 -16.94 -18.07 9.76
N VAL B 191 -15.78 -18.54 9.30
CA VAL B 191 -15.68 -19.87 8.68
C VAL B 191 -16.06 -20.94 9.69
N ALA B 192 -15.64 -20.74 10.93
CA ALA B 192 -15.93 -21.69 11.95
C ALA B 192 -17.42 -21.66 12.21
N ILE B 193 -17.99 -20.47 12.18
CA ILE B 193 -19.42 -20.33 12.46
C ILE B 193 -20.22 -21.08 11.39
N LEU B 194 -19.89 -20.89 10.11
CA LEU B 194 -20.63 -21.65 9.09
C LEU B 194 -20.51 -23.18 9.26
N LEU B 195 -19.30 -23.63 9.54
CA LEU B 195 -19.05 -25.04 9.71
C LEU B 195 -19.88 -25.66 10.85
N LYS B 196 -19.97 -24.96 11.98
CA LYS B 196 -20.67 -25.47 13.16
C LYS B 196 -22.13 -25.43 12.96
N LEU B 197 -22.55 -24.49 12.12
CA LEU B 197 -23.96 -24.39 11.80
C LEU B 197 -24.40 -25.60 10.95
N ILE B 198 -23.61 -25.88 9.92
CA ILE B 198 -23.86 -27.03 9.04
C ILE B 198 -23.92 -28.30 9.87
N LYS B 199 -22.97 -28.47 10.77
CA LYS B 199 -22.97 -29.65 11.67
C LYS B 199 -24.16 -29.63 12.60
N ARG B 200 -24.60 -28.44 13.03
CA ARG B 200 -25.79 -28.38 13.87
C ARG B 200 -27.07 -28.78 13.09
N LEU B 201 -27.16 -28.37 11.83
CA LEU B 201 -28.32 -28.77 11.03
C LEU B 201 -28.43 -30.29 10.98
N GLN B 202 -27.28 -30.94 10.87
CA GLN B 202 -27.27 -32.38 10.80
C GLN B 202 -27.48 -33.05 12.17
N ASP B 203 -26.66 -32.77 13.17
CA ASP B 203 -26.90 -33.35 14.50
C ASP B 203 -28.35 -33.26 15.02
N GLU B 204 -28.99 -32.11 14.85
CA GLU B 204 -30.30 -31.87 15.45
C GLU B 204 -31.43 -32.14 14.49
N ASN B 205 -31.11 -32.65 13.31
CA ASN B 205 -32.14 -33.07 12.37
C ASN B 205 -33.10 -31.97 11.97
N VAL B 206 -32.54 -30.86 11.55
CA VAL B 206 -33.31 -29.72 11.25
C VAL B 206 -33.45 -29.73 9.72
N THR B 207 -34.60 -29.32 9.22
CA THR B 207 -34.78 -29.13 7.81
C THR B 207 -34.79 -27.64 7.42
N LEU B 208 -33.75 -27.25 6.68
CA LEU B 208 -33.73 -25.95 6.01
C LEU B 208 -35.01 -25.68 5.13
N PRO B 209 -35.56 -24.45 5.18
CA PRO B 209 -36.69 -24.20 4.28
C PRO B 209 -36.23 -24.08 2.78
N TYR B 210 -35.02 -23.59 2.55
CA TYR B 210 -34.45 -23.48 1.19
C TYR B 210 -33.09 -24.14 1.10
N THR B 211 -32.82 -24.72 -0.06
CA THR B 211 -31.46 -25.12 -0.34
C THR B 211 -30.56 -23.90 -0.09
N THR B 212 -29.49 -24.14 0.64
CA THR B 212 -28.60 -23.09 1.13
C THR B 212 -27.17 -23.47 0.82
N HIS B 213 -26.44 -22.55 0.21
CA HIS B 213 -25.10 -22.82 -0.17
C HIS B 213 -24.18 -22.10 0.85
N PHE B 214 -23.17 -22.81 1.31
CA PHE B 214 -22.17 -22.18 2.11
C PHE B 214 -20.87 -22.12 1.33
N LEU B 215 -20.45 -20.93 0.95
CA LEU B 215 -19.33 -20.80 0.06
C LEU B 215 -18.13 -20.39 0.91
N ILE B 216 -17.13 -21.29 0.95
CA ILE B 216 -15.85 -20.99 1.64
C ILE B 216 -14.87 -20.51 0.58
N SER B 217 -14.80 -19.19 0.44
CA SER B 217 -14.05 -18.55 -0.62
C SER B 217 -12.59 -18.41 -0.24
N ASN B 218 -11.75 -18.20 -1.24
CA ASN B 218 -10.33 -18.18 -0.96
C ASN B 218 -9.65 -16.97 -1.56
N ASN B 219 -10.41 -15.92 -1.88
CA ASN B 219 -9.84 -14.83 -2.70
C ASN B 219 -10.22 -13.34 -2.58
N GLU B 220 -10.35 -12.81 -1.36
CA GLU B 220 -10.16 -11.33 -1.18
C GLU B 220 -8.69 -10.90 -1.33
N GLY B 225 -12.45 -7.61 -6.12
CA GLY B 225 -12.63 -8.09 -4.76
C GLY B 225 -12.41 -9.57 -4.73
N GLY B 226 -13.26 -10.29 -4.00
CA GLY B 226 -13.19 -11.74 -3.99
C GLY B 226 -13.47 -12.28 -5.39
N ASN B 227 -14.65 -12.90 -5.49
CA ASN B 227 -15.31 -13.39 -6.72
C ASN B 227 -16.28 -14.49 -6.30
N SER B 228 -17.10 -14.94 -7.27
CA SER B 228 -18.09 -16.03 -7.07
C SER B 228 -18.57 -16.63 -8.40
N ASN B 229 -19.08 -17.87 -8.32
CA ASN B 229 -20.07 -18.41 -9.30
C ASN B 229 -21.09 -19.31 -8.57
N ILE B 230 -22.37 -19.03 -8.77
CA ILE B 230 -23.45 -19.47 -7.87
C ILE B 230 -24.79 -19.82 -8.56
N PRO B 231 -25.45 -20.92 -8.12
CA PRO B 231 -26.63 -21.44 -8.82
C PRO B 231 -27.62 -20.33 -9.14
N GLU B 232 -28.10 -20.32 -10.38
CA GLU B 232 -28.93 -19.21 -10.87
C GLU B 232 -30.13 -18.94 -9.96
N GLU B 233 -30.50 -19.89 -9.10
CA GLU B 233 -31.72 -19.77 -8.29
C GLU B 233 -31.53 -19.20 -6.87
N THR B 234 -30.38 -18.63 -6.65
CA THR B 234 -30.06 -17.94 -5.42
C THR B 234 -30.80 -16.62 -5.37
N VAL B 235 -31.46 -16.36 -4.25
CA VAL B 235 -32.27 -15.15 -4.16
C VAL B 235 -31.71 -14.18 -3.12
N GLU B 236 -31.04 -14.72 -2.11
CA GLU B 236 -30.51 -13.94 -1.03
C GLU B 236 -29.02 -14.30 -0.85
N TYR B 237 -28.21 -13.36 -0.40
CA TYR B 237 -26.77 -13.57 -0.32
C TYR B 237 -26.36 -12.87 0.93
N LEU B 238 -25.87 -13.65 1.88
CA LEU B 238 -25.41 -13.10 3.15
C LEU B 238 -23.90 -13.27 3.32
N ALA B 239 -23.14 -12.19 3.35
CA ALA B 239 -21.70 -12.33 3.68
C ALA B 239 -21.57 -12.41 5.20
N VAL B 240 -20.84 -13.37 5.70
CA VAL B 240 -20.51 -13.41 7.11
C VAL B 240 -19.05 -13.00 7.27
N ASP B 241 -18.85 -11.85 7.89
CA ASP B 241 -17.56 -11.17 7.84
C ASP B 241 -17.64 -10.05 8.86
N MSE B 242 -16.50 -9.42 9.13
CA MSE B 242 -16.41 -8.46 10.22
C MSE B 242 -15.65 -7.24 9.73
O MSE B 242 -14.77 -7.38 8.91
CB MSE B 242 -15.68 -9.11 11.39
CG MSE B 242 -16.28 -10.50 11.84
SE MSE B 242 -14.94 -11.65 12.83
CE MSE B 242 -14.14 -12.47 11.24
N GLY B 243 -15.98 -6.05 10.24
CA GLY B 243 -15.25 -4.81 9.84
C GLY B 243 -14.81 -3.88 10.97
N ALA B 244 -14.19 -2.76 10.61
CA ALA B 244 -13.85 -1.70 11.56
C ALA B 244 -14.88 -0.59 11.44
N LEU B 245 -15.14 0.13 12.53
CA LEU B 245 -15.93 1.37 12.40
C LEU B 245 -14.95 2.54 12.19
N GLY B 246 -15.46 3.75 12.02
CA GLY B 246 -14.63 4.93 12.20
C GLY B 246 -14.96 5.56 13.55
N ASP B 247 -15.68 4.82 14.39
CA ASP B 247 -16.32 5.36 15.62
C ASP B 247 -15.67 4.85 16.90
N GLY B 248 -15.66 3.53 17.06
CA GLY B 248 -15.04 2.86 18.19
C GLY B 248 -15.95 1.83 18.85
N SER B 251 -14.63 -2.32 19.00
CA SER B 251 -15.88 -1.98 18.31
C SER B 251 -16.98 -2.25 19.33
N ASP B 252 -17.85 -3.22 19.06
CA ASP B 252 -18.55 -3.93 20.11
C ASP B 252 -18.37 -5.43 19.97
N GLU B 253 -17.60 -5.95 20.89
CA GLU B 253 -17.15 -7.30 20.81
C GLU B 253 -18.13 -8.27 21.51
N TYR B 254 -19.33 -7.82 21.88
CA TYR B 254 -20.25 -8.65 22.69
C TYR B 254 -21.57 -8.89 22.01
N THR B 255 -21.75 -8.35 20.83
CA THR B 255 -23.04 -8.42 20.16
C THR B 255 -22.75 -8.84 18.77
N VAL B 256 -23.78 -9.25 18.03
CA VAL B 256 -23.58 -9.48 16.59
C VAL B 256 -23.69 -8.16 15.85
N SER B 257 -22.84 -7.99 14.84
CA SER B 257 -22.84 -6.76 14.03
C SER B 257 -23.59 -6.95 12.71
N ILE B 258 -24.54 -6.07 12.39
CA ILE B 258 -25.41 -6.17 11.20
C ILE B 258 -25.12 -4.96 10.37
N CYS B 259 -24.57 -5.15 9.18
CA CYS B 259 -24.08 -4.02 8.39
C CYS B 259 -25.16 -3.28 7.59
N ALA B 260 -25.34 -1.99 7.85
CA ALA B 260 -26.28 -1.20 7.04
C ALA B 260 -25.60 -0.63 5.80
N LYS B 261 -24.30 -0.41 5.82
CA LYS B 261 -23.59 0.13 4.67
C LYS B 261 -22.07 -0.09 4.78
N ASP B 262 -21.39 -0.27 3.65
CA ASP B 262 -19.94 -0.27 3.65
C ASP B 262 -19.44 0.64 2.52
N SER B 263 -18.18 0.54 2.05
CA SER B 263 -17.76 1.33 0.83
C SER B 263 -18.58 1.07 -0.41
N SER B 264 -19.06 -0.16 -0.59
CA SER B 264 -19.77 -0.43 -1.81
C SER B 264 -21.10 0.32 -1.80
N GLY B 265 -21.57 0.73 -0.63
CA GLY B 265 -22.88 1.34 -0.55
C GLY B 265 -23.71 0.66 0.52
N PRO B 266 -24.96 1.12 0.69
CA PRO B 266 -25.88 0.49 1.64
C PRO B 266 -26.23 -0.91 1.22
N TYR B 267 -26.39 -1.78 2.21
CA TYR B 267 -26.91 -3.13 1.98
C TYR B 267 -28.39 -3.14 1.81
N HIS B 268 -28.91 -4.19 1.17
CA HIS B 268 -30.35 -4.23 0.86
C HIS B 268 -31.21 -3.91 2.11
N TYR B 269 -31.90 -2.78 2.05
CA TYR B 269 -32.60 -2.25 3.21
C TYR B 269 -33.57 -3.24 3.82
N ALA B 270 -34.49 -3.74 3.04
CA ALA B 270 -35.51 -4.60 3.58
C ALA B 270 -34.89 -5.81 4.23
N LEU B 271 -33.91 -6.43 3.58
CA LEU B 271 -33.37 -7.67 4.08
C LEU B 271 -32.67 -7.39 5.34
N ARG B 272 -32.04 -6.22 5.39
CA ARG B 272 -31.40 -5.75 6.63
C ARG B 272 -32.45 -5.49 7.75
N LYS B 273 -33.55 -4.86 7.43
CA LYS B 273 -34.63 -4.75 8.41
C LYS B 273 -35.08 -6.16 8.82
N HIS B 274 -35.07 -7.10 7.89
CA HIS B 274 -35.46 -8.45 8.26
C HIS B 274 -34.51 -8.97 9.34
N LEU B 275 -33.18 -8.78 9.16
CA LEU B 275 -32.23 -9.36 10.08
C LEU B 275 -32.33 -8.78 11.48
N VAL B 276 -32.61 -7.50 11.59
CA VAL B 276 -32.82 -6.87 12.89
C VAL B 276 -34.05 -7.49 13.57
N GLU B 277 -35.14 -7.70 12.84
CA GLU B 277 -36.34 -8.31 13.46
C GLU B 277 -36.06 -9.70 14.01
N LEU B 278 -35.26 -10.48 13.26
CA LEU B 278 -34.89 -11.82 13.75
C LEU B 278 -34.16 -11.68 15.04
N ALA B 279 -33.29 -10.70 15.10
CA ALA B 279 -32.47 -10.58 16.30
C ALA B 279 -33.39 -10.22 17.50
N LYS B 280 -34.38 -9.35 17.26
CA LYS B 280 -35.30 -8.93 18.32
C LYS B 280 -36.21 -10.07 18.72
N THR B 281 -36.73 -10.77 17.74
CA THR B 281 -37.58 -11.89 17.99
C THR B 281 -36.85 -12.85 18.88
N ASN B 282 -35.60 -13.14 18.54
CA ASN B 282 -34.87 -14.17 19.27
C ASN B 282 -34.09 -13.63 20.47
N HIS B 283 -34.23 -12.35 20.78
CA HIS B 283 -33.43 -11.75 21.85
C HIS B 283 -31.96 -11.97 21.61
N ILE B 284 -31.50 -11.68 20.42
CA ILE B 284 -30.09 -11.75 20.15
C ILE B 284 -29.57 -10.34 20.27
N GLU B 285 -28.48 -10.19 20.97
CA GLU B 285 -27.94 -8.87 21.20
C GLU B 285 -27.29 -8.48 19.89
N TYR B 286 -27.67 -7.32 19.33
CA TYR B 286 -27.08 -6.83 18.04
C TYR B 286 -26.62 -5.36 18.02
N LYS B 287 -25.90 -4.98 16.98
CA LYS B 287 -25.64 -3.57 16.73
C LYS B 287 -25.79 -3.34 15.25
N VAL B 288 -26.46 -2.24 14.87
CA VAL B 288 -26.49 -1.86 13.45
C VAL B 288 -25.29 -0.97 13.16
N ASP B 289 -24.44 -1.43 12.26
CA ASP B 289 -23.19 -0.76 11.89
C ASP B 289 -23.01 -0.29 10.44
N ILE B 290 -22.15 0.71 10.33
CA ILE B 290 -21.57 1.15 9.07
C ILE B 290 -20.11 0.81 9.03
N TYR B 291 -19.70 0.01 8.07
CA TYR B 291 -18.26 -0.23 7.90
C TYR B 291 -17.70 0.62 6.77
N PRO B 292 -16.99 1.70 7.08
CA PRO B 292 -16.33 2.48 6.03
C PRO B 292 -15.28 1.75 5.15
N TYR B 293 -15.16 0.42 5.20
CA TYR B 293 -14.28 -0.37 4.26
C TYR B 293 -14.96 -1.53 3.45
N TYR B 294 -14.18 -2.51 2.97
CA TYR B 294 -14.67 -3.50 1.95
C TYR B 294 -15.53 -2.87 0.86
N ARG B 303 -19.61 -6.80 -3.67
CA ARG B 303 -20.11 -6.02 -4.83
C ARG B 303 -21.13 -6.79 -5.71
N ALA B 304 -21.65 -6.14 -6.75
CA ALA B 304 -22.85 -6.65 -7.42
C ALA B 304 -22.81 -6.68 -8.96
N GLY B 305 -23.42 -7.74 -9.50
CA GLY B 305 -23.54 -8.07 -10.93
C GLY B 305 -24.50 -9.26 -11.03
N PHE B 306 -24.84 -9.84 -9.88
CA PHE B 306 -25.81 -10.94 -9.72
C PHE B 306 -27.11 -10.37 -9.14
N ASP B 307 -28.25 -10.70 -9.75
CA ASP B 307 -29.52 -10.22 -9.25
C ASP B 307 -29.88 -10.96 -7.99
N VAL B 308 -29.55 -10.37 -6.86
CA VAL B 308 -29.47 -11.06 -5.58
C VAL B 308 -29.54 -10.01 -4.50
N LYS B 309 -30.31 -10.29 -3.46
CA LYS B 309 -30.38 -9.39 -2.32
C LYS B 309 -29.22 -9.67 -1.38
N HIS B 310 -28.44 -8.64 -1.04
CA HIS B 310 -27.23 -8.76 -0.24
C HIS B 310 -27.35 -8.31 1.20
N ALA B 311 -26.66 -8.97 2.11
CA ALA B 311 -26.57 -8.57 3.50
C ALA B 311 -25.20 -8.94 3.98
N LEU B 312 -24.83 -8.44 5.16
CA LEU B 312 -23.54 -8.69 5.78
C LEU B 312 -23.69 -8.60 7.28
N ILE B 313 -23.31 -9.69 7.96
CA ILE B 313 -23.22 -9.62 9.39
C ILE B 313 -21.88 -10.27 9.85
N GLY B 314 -21.58 -10.18 11.14
CA GLY B 314 -20.50 -10.92 11.68
C GLY B 314 -20.33 -10.52 13.10
N ALA B 315 -19.42 -11.21 13.81
CA ALA B 315 -19.13 -10.87 15.17
C ALA B 315 -18.44 -9.53 15.17
N GLY B 316 -18.48 -8.83 16.30
CA GLY B 316 -17.70 -7.60 16.42
C GLY B 316 -16.25 -7.94 16.73
N ILE B 317 -15.33 -7.33 16.00
CA ILE B 317 -13.88 -7.51 16.13
C ILE B 317 -13.30 -6.18 16.56
N ASP B 318 -12.21 -6.18 17.32
CA ASP B 318 -11.68 -4.93 17.82
C ASP B 318 -10.43 -4.82 17.05
N SER B 319 -9.95 -3.58 16.88
CA SER B 319 -8.70 -3.26 16.17
C SER B 319 -8.50 -4.13 14.90
N SER B 320 -9.59 -4.49 14.24
CA SER B 320 -9.55 -5.25 12.97
C SER B 320 -8.41 -4.90 11.95
N HIS B 321 -7.84 -5.96 11.33
CA HIS B 321 -6.63 -5.88 10.46
C HIS B 321 -5.33 -5.61 11.22
N ALA B 322 -5.42 -5.23 12.50
CA ALA B 322 -4.24 -4.66 13.25
C ALA B 322 -3.72 -5.51 14.42
N PHE B 323 -4.54 -5.72 15.45
CA PHE B 323 -4.38 -6.84 16.39
C PHE B 323 -5.77 -7.15 16.85
N GLU B 324 -6.29 -8.32 16.50
CA GLU B 324 -7.75 -8.47 16.50
C GLU B 324 -8.30 -9.24 17.69
N ARG B 325 -9.49 -8.87 18.10
CA ARG B 325 -10.09 -9.54 19.27
C ARG B 325 -11.62 -9.53 19.23
N THR B 326 -12.24 -10.58 19.74
CA THR B 326 -13.70 -10.60 19.88
C THR B 326 -13.97 -11.47 21.09
N HIS B 327 -15.22 -11.50 21.55
CA HIS B 327 -15.55 -12.26 22.79
C HIS B 327 -16.56 -13.38 22.57
N GLU B 328 -16.50 -14.40 23.41
CA GLU B 328 -17.41 -15.55 23.39
C GLU B 328 -18.87 -15.13 23.04
N SER B 329 -19.31 -14.04 23.64
CA SER B 329 -20.69 -13.71 23.59
C SER B 329 -21.05 -13.16 22.23
N SER B 330 -20.14 -12.49 21.55
CA SER B 330 -20.41 -11.98 20.22
C SER B 330 -20.51 -13.14 19.24
N ILE B 331 -19.64 -14.13 19.43
CA ILE B 331 -19.70 -15.29 18.59
C ILE B 331 -21.03 -16.04 18.82
N ALA B 332 -21.45 -16.16 20.08
CA ALA B 332 -22.73 -16.81 20.36
C ALA B 332 -23.90 -16.06 19.70
N HIS B 333 -23.98 -14.75 19.85
CA HIS B 333 -25.03 -14.03 19.17
C HIS B 333 -24.94 -14.22 17.67
N THR B 334 -23.74 -14.20 17.10
CA THR B 334 -23.65 -14.35 15.65
C THR B 334 -24.18 -15.73 15.24
N GLU B 335 -23.77 -16.77 15.99
CA GLU B 335 -24.25 -18.12 15.67
C GLU B 335 -25.77 -18.13 15.69
N ALA B 336 -26.37 -17.52 16.71
CA ALA B 336 -27.78 -17.47 16.85
C ALA B 336 -28.40 -16.72 15.66
N LEU B 337 -27.80 -15.62 15.18
CA LEU B 337 -28.49 -14.88 14.11
C LEU B 337 -28.48 -15.62 12.76
N VAL B 338 -27.31 -16.17 12.42
CA VAL B 338 -27.17 -16.99 11.24
C VAL B 338 -28.19 -18.14 11.26
N TYR B 339 -28.35 -18.77 12.42
CA TYR B 339 -29.34 -19.82 12.46
C TYR B 339 -30.78 -19.33 12.21
N ALA B 340 -31.20 -18.34 13.00
CA ALA B 340 -32.51 -17.70 12.81
C ALA B 340 -32.71 -17.30 11.32
N TYR B 341 -31.69 -16.66 10.74
CA TYR B 341 -31.77 -16.25 9.35
C TYR B 341 -32.06 -17.42 8.38
N VAL B 342 -31.18 -18.38 8.37
CA VAL B 342 -31.34 -19.57 7.56
C VAL B 342 -32.69 -20.34 7.77
N MSE B 343 -33.30 -20.20 8.93
CA MSE B 343 -34.57 -20.81 9.16
C MSE B 343 -35.72 -19.92 8.78
O MSE B 343 -36.85 -20.37 8.78
CB MSE B 343 -34.69 -21.19 10.63
CG MSE B 343 -33.63 -22.18 11.07
SE MSE B 343 -34.13 -23.93 10.29
CE MSE B 343 -32.48 -24.37 9.40
N SER B 344 -35.46 -18.67 8.40
CA SER B 344 -36.57 -17.77 8.04
C SER B 344 -37.12 -17.93 6.57
N ASN B 345 -38.22 -17.27 6.22
CA ASN B 345 -38.62 -17.23 4.84
C ASN B 345 -37.89 -16.13 4.08
N LEU B 346 -37.76 -16.27 2.77
CA LEU B 346 -37.27 -15.21 1.92
C LEU B 346 -38.09 -13.95 2.15
N ILE B 347 -37.55 -12.73 1.97
CA ILE B 347 -38.33 -11.48 2.10
C ILE B 347 -39.37 -11.36 0.97
N GLU B 348 -40.58 -10.91 1.31
CA GLU B 348 -41.69 -10.79 0.31
C GLU B 348 -41.47 -9.53 -0.50
N HIS C 3 15.51 -16.28 -37.26
CA HIS C 3 14.76 -16.27 -38.56
C HIS C 3 13.25 -16.24 -38.28
N HIS C 4 12.80 -17.21 -37.48
CA HIS C 4 11.49 -17.22 -36.85
C HIS C 4 11.38 -15.95 -36.00
N THR C 5 12.34 -15.72 -35.11
CA THR C 5 12.23 -14.67 -34.11
C THR C 5 12.27 -13.32 -34.78
N LYS C 6 13.18 -13.17 -35.74
CA LYS C 6 13.21 -12.01 -36.59
C LYS C 6 11.88 -11.74 -37.33
N GLU C 7 11.30 -12.75 -37.96
CA GLU C 7 10.00 -12.59 -38.60
C GLU C 7 8.95 -12.14 -37.57
N THR C 8 8.99 -12.75 -36.38
CA THR C 8 8.14 -12.31 -35.27
C THR C 8 8.33 -10.82 -34.97
N MSE C 9 9.58 -10.39 -34.95
CA MSE C 9 9.91 -9.00 -34.66
C MSE C 9 9.43 -8.06 -35.80
O MSE C 9 8.97 -6.96 -35.53
CB MSE C 9 11.40 -8.86 -34.38
CG MSE C 9 11.87 -9.54 -33.10
SE MSE C 9 13.24 -8.52 -32.08
CE MSE C 9 14.60 -8.40 -33.47
N GLU C 10 9.49 -8.52 -37.04
CA GLU C 10 8.95 -7.75 -38.15
C GLU C 10 7.44 -7.45 -38.00
N LEU C 11 6.71 -8.43 -37.50
CA LEU C 11 5.28 -8.33 -37.30
C LEU C 11 4.97 -7.34 -36.14
N ILE C 12 5.80 -7.37 -35.10
CA ILE C 12 5.67 -6.39 -34.07
C ILE C 12 5.75 -5.02 -34.69
N LYS C 13 6.75 -4.81 -35.55
CA LYS C 13 6.98 -3.51 -36.10
C LYS C 13 5.75 -3.13 -36.94
N GLU C 14 5.26 -4.10 -37.72
CA GLU C 14 4.10 -3.87 -38.59
C GLU C 14 2.97 -3.41 -37.70
N LEU C 15 2.70 -4.16 -36.61
CA LEU C 15 1.56 -3.88 -35.76
C LEU C 15 1.68 -2.56 -34.99
N VAL C 16 2.84 -2.33 -34.39
CA VAL C 16 3.07 -1.10 -33.68
C VAL C 16 2.89 0.09 -34.67
N SER C 17 3.28 -0.10 -35.94
CA SER C 17 3.14 0.95 -36.93
C SER C 17 1.71 1.31 -37.31
N ILE C 18 0.72 0.55 -36.84
CA ILE C 18 -0.68 0.95 -37.05
C ILE C 18 -1.24 1.51 -35.75
N PRO C 19 -1.72 2.78 -35.75
CA PRO C 19 -2.34 3.34 -34.49
C PRO C 19 -3.55 2.55 -34.05
N SER C 20 -3.62 2.23 -32.76
CA SER C 20 -4.83 1.58 -32.22
C SER C 20 -5.00 1.94 -30.75
N PRO C 21 -5.23 3.24 -30.48
CA PRO C 21 -5.47 3.59 -29.07
C PRO C 21 -6.82 2.96 -28.61
N SER C 22 -6.95 2.61 -27.31
CA SER C 22 -8.25 2.09 -26.88
C SER C 22 -9.40 2.97 -27.38
N GLY C 23 -10.38 2.36 -27.99
CA GLY C 23 -11.54 3.07 -28.42
C GLY C 23 -11.58 3.19 -29.92
N ASN C 24 -10.41 3.04 -30.56
CA ASN C 24 -10.27 3.25 -31.99
C ASN C 24 -9.34 2.21 -32.55
N THR C 25 -9.73 0.96 -32.43
CA THR C 25 -8.92 -0.15 -32.88
C THR C 25 -9.43 -0.83 -34.15
N ALA C 26 -10.56 -0.41 -34.69
CA ALA C 26 -11.06 -1.05 -35.93
C ALA C 26 -10.03 -1.37 -37.02
N LYS C 27 -9.28 -0.36 -37.47
CA LYS C 27 -8.30 -0.59 -38.55
C LYS C 27 -7.31 -1.71 -38.21
N ILE C 28 -7.02 -1.98 -36.93
CA ILE C 28 -5.96 -2.94 -36.63
C ILE C 28 -6.52 -4.34 -36.50
N ILE C 29 -7.77 -4.43 -36.02
CA ILE C 29 -8.49 -5.68 -35.99
C ILE C 29 -8.71 -6.15 -37.44
N ASN C 30 -9.07 -5.23 -38.33
CA ASN C 30 -9.18 -5.62 -39.73
C ASN C 30 -7.92 -6.13 -40.32
N PHE C 31 -6.83 -5.39 -40.11
CA PHE C 31 -5.53 -5.80 -40.55
C PHE C 31 -5.25 -7.18 -40.02
N ILE C 32 -5.64 -7.44 -38.78
CA ILE C 32 -5.41 -8.76 -38.28
C ILE C 32 -6.38 -9.77 -38.90
N GLU C 33 -7.67 -9.41 -39.06
CA GLU C 33 -8.60 -10.38 -39.67
C GLU C 33 -8.00 -10.86 -40.97
N ASN C 34 -7.54 -9.96 -41.83
CA ASN C 34 -7.01 -10.32 -43.13
C ASN C 34 -5.74 -11.14 -43.01
N TYR C 35 -4.86 -10.77 -42.08
CA TYR C 35 -3.60 -11.44 -41.95
C TYR C 35 -3.74 -12.95 -41.75
N VAL C 36 -4.82 -13.39 -41.10
CA VAL C 36 -5.01 -14.80 -40.78
C VAL C 36 -6.09 -15.37 -41.65
N SER C 37 -6.58 -14.56 -42.60
CA SER C 37 -7.80 -14.90 -43.30
C SER C 37 -7.64 -16.14 -44.13
N GLU C 38 -6.44 -16.40 -44.64
CA GLU C 38 -6.25 -17.66 -45.43
C GLU C 38 -6.06 -18.83 -44.48
N TRP C 39 -5.57 -18.57 -43.28
CA TRP C 39 -5.19 -19.62 -42.33
C TRP C 39 -6.36 -20.56 -41.97
N ASN C 40 -6.05 -21.69 -41.37
CA ASN C 40 -7.07 -22.62 -40.92
C ASN C 40 -8.02 -22.06 -39.83
N VAL C 41 -7.48 -21.62 -38.69
CA VAL C 41 -8.20 -20.92 -37.59
C VAL C 41 -9.57 -20.38 -37.90
N GLU C 42 -10.54 -20.69 -37.03
CA GLU C 42 -11.83 -20.01 -37.10
C GLU C 42 -11.66 -18.65 -36.42
N THR C 43 -12.45 -17.67 -36.86
CA THR C 43 -12.31 -16.26 -36.53
C THR C 43 -13.68 -15.74 -36.16
N LYS C 44 -13.72 -14.81 -35.21
CA LYS C 44 -14.99 -14.32 -34.73
C LYS C 44 -14.79 -12.94 -34.12
N ARG C 45 -15.56 -11.95 -34.58
CA ARG C 45 -15.54 -10.58 -34.07
C ARG C 45 -16.65 -10.42 -33.09
N ASN C 46 -16.28 -10.08 -31.89
CA ASN C 46 -17.18 -9.57 -30.86
C ASN C 46 -18.23 -8.48 -31.26
N ASN C 47 -19.20 -8.24 -30.37
CA ASN C 47 -20.02 -7.04 -30.44
C ASN C 47 -19.23 -5.75 -30.16
N LYS C 48 -18.14 -5.90 -29.40
CA LYS C 48 -17.22 -4.82 -29.08
C LYS C 48 -16.15 -4.63 -30.16
N GLY C 49 -15.98 -5.63 -31.00
CA GLY C 49 -14.99 -5.57 -32.03
C GLY C 49 -13.69 -6.18 -31.60
N ALA C 50 -13.65 -6.85 -30.46
CA ALA C 50 -12.52 -7.72 -30.17
C ALA C 50 -12.52 -8.96 -31.12
N LEU C 51 -11.39 -9.64 -31.21
CA LEU C 51 -11.29 -10.77 -32.08
C LEU C 51 -10.98 -12.01 -31.26
N ILE C 52 -11.75 -13.08 -31.46
CA ILE C 52 -11.42 -14.42 -30.91
C ILE C 52 -10.99 -15.43 -32.02
N LEU C 53 -9.77 -15.94 -31.94
CA LEU C 53 -9.27 -16.95 -32.88
C LEU C 53 -9.18 -18.36 -32.26
N THR C 54 -9.95 -19.29 -32.82
CA THR C 54 -10.10 -20.57 -32.17
C THR C 54 -9.46 -21.65 -32.98
N VAL C 55 -8.61 -22.40 -32.30
CA VAL C 55 -8.01 -23.60 -32.84
C VAL C 55 -8.63 -24.76 -32.06
N LYS C 56 -9.49 -25.50 -32.74
CA LYS C 56 -9.95 -26.81 -32.24
C LYS C 56 -8.79 -27.72 -31.80
N GLY C 57 -9.01 -28.45 -30.72
CA GLY C 57 -8.05 -29.43 -30.18
C GLY C 57 -8.72 -30.80 -29.96
N LYS C 58 -7.90 -31.80 -29.65
CA LYS C 58 -8.36 -33.15 -29.42
C LYS C 58 -9.59 -33.17 -28.48
N ASN C 59 -9.41 -32.58 -27.29
CA ASN C 59 -10.46 -32.43 -26.30
C ASN C 59 -11.17 -31.09 -26.38
N ASP C 60 -12.39 -31.14 -26.91
CA ASP C 60 -13.22 -29.96 -27.09
C ASP C 60 -14.29 -29.80 -26.00
N ALA C 61 -14.21 -30.58 -24.93
CA ALA C 61 -15.11 -30.41 -23.78
C ALA C 61 -14.42 -29.53 -22.72
N GLN C 62 -13.09 -29.38 -22.83
CA GLN C 62 -12.35 -28.50 -21.92
C GLN C 62 -11.38 -27.65 -22.69
N HIS C 63 -11.39 -26.35 -22.42
CA HIS C 63 -10.71 -25.32 -23.28
C HIS C 63 -9.74 -24.46 -22.52
N ARG C 64 -8.85 -23.87 -23.27
CA ARG C 64 -7.77 -23.09 -22.66
C ARG C 64 -7.93 -21.73 -23.36
N LEU C 65 -7.67 -20.63 -22.67
CA LEU C 65 -7.82 -19.30 -23.24
C LEU C 65 -6.53 -18.50 -23.03
N LEU C 66 -6.02 -17.93 -24.11
CA LEU C 66 -4.87 -17.06 -24.12
C LEU C 66 -5.27 -15.71 -24.64
N THR C 67 -4.77 -14.66 -24.03
CA THR C 67 -5.13 -13.37 -24.53
C THR C 67 -3.96 -12.41 -24.67
N ALA C 68 -4.11 -11.39 -25.51
CA ALA C 68 -3.13 -10.33 -25.64
C ALA C 68 -3.92 -9.13 -26.17
N HIS C 69 -3.59 -7.90 -25.80
CA HIS C 69 -4.46 -6.77 -26.19
C HIS C 69 -3.84 -5.92 -27.28
N VAL C 70 -4.64 -5.40 -28.22
CA VAL C 70 -4.10 -4.56 -29.31
C VAL C 70 -4.27 -3.07 -29.11
N ASP C 71 -5.10 -2.68 -28.16
CA ASP C 71 -5.30 -1.27 -27.96
C ASP C 71 -4.08 -0.78 -27.23
N THR C 72 -3.81 0.51 -27.34
CA THR C 72 -2.62 1.12 -26.81
C THR C 72 -3.02 2.42 -26.10
N LEU C 73 -2.09 3.05 -25.41
CA LEU C 73 -2.35 4.36 -24.88
C LEU C 73 -2.56 5.26 -26.08
N GLY C 74 -3.06 6.44 -25.78
CA GLY C 74 -3.25 7.45 -26.75
C GLY C 74 -3.91 8.60 -26.02
N ALA C 75 -4.61 9.40 -26.82
CA ALA C 75 -5.22 10.58 -26.33
C ALA C 75 -6.43 10.95 -27.20
N MSE C 76 -7.30 11.83 -26.66
CA MSE C 76 -8.46 12.34 -27.38
C MSE C 76 -8.57 13.86 -27.33
O MSE C 76 -8.32 14.48 -26.30
CB MSE C 76 -9.72 11.74 -26.80
CG MSE C 76 -10.95 12.00 -27.60
SE MSE C 76 -12.56 11.12 -26.81
CE MSE C 76 -12.19 9.32 -27.59
N VAL C 77 -8.99 14.47 -28.42
CA VAL C 77 -9.19 15.90 -28.40
C VAL C 77 -10.34 16.28 -27.47
N LYS C 78 -10.05 16.95 -26.34
CA LYS C 78 -11.08 17.36 -25.38
C LYS C 78 -11.57 18.78 -25.55
N GLU C 79 -10.86 19.55 -26.36
CA GLU C 79 -11.13 20.96 -26.61
C GLU C 79 -10.15 21.54 -27.60
N ILE C 80 -10.70 22.34 -28.51
CA ILE C 80 -9.94 23.17 -29.44
C ILE C 80 -9.83 24.58 -28.88
N LYS C 81 -8.59 25.01 -28.65
CA LYS C 81 -8.31 26.29 -28.02
C LYS C 81 -8.38 27.39 -29.03
N PRO C 82 -8.67 28.62 -28.57
CA PRO C 82 -8.86 29.76 -29.49
C PRO C 82 -7.61 30.04 -30.32
N ASP C 83 -6.43 29.73 -29.80
CA ASP C 83 -5.24 29.85 -30.62
C ASP C 83 -5.13 28.73 -31.66
N GLY C 84 -5.92 27.68 -31.55
CA GLY C 84 -5.86 26.62 -32.55
C GLY C 84 -5.03 25.42 -32.14
N ARG C 85 -4.33 25.54 -31.02
CA ARG C 85 -3.65 24.35 -30.45
C ARG C 85 -4.76 23.48 -29.84
N LEU C 86 -4.51 22.18 -29.69
CA LEU C 86 -5.52 21.25 -29.15
C LEU C 86 -5.24 20.85 -27.71
N SER C 87 -6.29 20.57 -26.97
CA SER C 87 -6.15 20.12 -25.61
C SER C 87 -6.54 18.66 -25.56
N LEU C 88 -5.92 17.86 -24.69
CA LEU C 88 -6.15 16.42 -24.76
C LEU C 88 -6.55 15.76 -23.48
N SER C 89 -7.38 14.74 -23.60
CA SER C 89 -7.75 13.87 -22.53
C SER C 89 -6.97 12.62 -22.77
N MSE C 90 -6.41 12.02 -21.73
CA MSE C 90 -5.55 10.86 -21.89
C MSE C 90 -6.39 9.57 -22.11
O MSE C 90 -7.41 9.39 -21.50
CB MSE C 90 -4.68 10.78 -20.63
CG MSE C 90 -3.97 9.46 -20.34
SE MSE C 90 -3.18 9.36 -18.46
CE MSE C 90 -1.94 10.97 -18.54
N ILE C 91 -5.98 8.69 -23.04
CA ILE C 91 -6.55 7.34 -23.10
C ILE C 91 -5.54 6.32 -22.53
N GLY C 92 -5.83 5.71 -21.39
CA GLY C 92 -4.88 4.78 -20.74
C GLY C 92 -4.13 5.38 -19.54
N GLY C 93 -3.37 4.58 -18.79
CA GLY C 93 -2.60 5.08 -17.63
C GLY C 93 -1.09 5.37 -17.77
N PHE C 94 -0.72 6.52 -18.35
CA PHE C 94 0.70 6.98 -18.32
C PHE C 94 0.96 8.30 -17.54
N ARG C 95 2.20 8.80 -17.59
CA ARG C 95 2.49 10.18 -17.20
C ARG C 95 2.62 11.05 -18.46
N TRP C 96 2.01 12.23 -18.47
CA TRP C 96 2.12 13.11 -19.66
C TRP C 96 3.58 13.39 -19.95
N ASN C 97 4.34 13.58 -18.87
CA ASN C 97 5.77 13.75 -18.92
C ASN C 97 6.45 12.83 -19.97
N SER C 98 6.02 11.58 -20.05
CA SER C 98 6.68 10.67 -20.94
C SER C 98 6.27 10.79 -22.39
N VAL C 99 5.48 11.82 -22.74
CA VAL C 99 5.07 12.08 -24.13
C VAL C 99 5.23 13.53 -24.58
N GLU C 100 5.84 14.38 -23.76
CA GLU C 100 6.19 15.71 -24.21
C GLU C 100 7.09 15.62 -25.45
N GLY C 101 6.73 16.40 -26.47
CA GLY C 101 7.51 16.42 -27.69
C GLY C 101 7.30 15.24 -28.64
N GLU C 102 6.60 14.19 -28.21
CA GLU C 102 6.31 13.14 -29.17
C GLU C 102 5.52 13.73 -30.35
N TYR C 103 5.80 13.25 -31.55
CA TYR C 103 4.94 13.55 -32.67
C TYR C 103 3.68 12.67 -32.51
N CYS C 104 2.58 13.08 -33.12
CA CYS C 104 1.32 12.38 -32.91
C CYS C 104 0.48 12.57 -34.19
N GLU C 105 -0.64 11.87 -34.29
CA GLU C 105 -1.50 12.01 -35.46
C GLU C 105 -2.90 12.24 -35.00
N ILE C 106 -3.71 12.97 -35.76
CA ILE C 106 -5.08 13.25 -35.33
C ILE C 106 -5.96 12.72 -36.40
N GLU C 107 -6.89 11.84 -36.03
CA GLU C 107 -7.79 11.28 -37.01
C GLU C 107 -9.18 11.92 -36.87
N THR C 108 -9.72 12.40 -37.97
CA THR C 108 -11.05 12.99 -37.91
C THR C 108 -12.12 11.90 -38.10
N SER C 109 -13.37 12.26 -37.86
CA SER C 109 -14.51 11.41 -38.14
C SER C 109 -14.42 10.94 -39.57
N SER C 110 -14.28 11.90 -40.45
CA SER C 110 -14.18 11.67 -41.86
C SER C 110 -13.14 10.60 -42.19
N GLY C 111 -12.10 10.48 -41.36
CA GLY C 111 -11.02 9.53 -41.61
C GLY C 111 -9.73 10.21 -42.03
N LYS C 112 -9.78 11.52 -42.23
CA LYS C 112 -8.59 12.26 -42.58
C LYS C 112 -7.69 12.39 -41.36
N THR C 113 -6.37 12.30 -41.60
CA THR C 113 -5.42 12.49 -40.50
C THR C 113 -4.50 13.69 -40.67
N TYR C 114 -4.07 14.27 -39.55
CA TYR C 114 -3.07 15.34 -39.53
C TYR C 114 -1.92 15.02 -38.59
N THR C 115 -0.76 15.63 -38.75
CA THR C 115 0.30 15.39 -37.77
C THR C 115 0.40 16.54 -36.78
N GLY C 116 1.18 16.31 -35.72
CA GLY C 116 1.25 17.25 -34.63
C GLY C 116 2.43 16.90 -33.76
N THR C 117 2.65 17.75 -32.74
CA THR C 117 3.60 17.49 -31.68
C THR C 117 2.94 17.76 -30.36
N ILE C 118 3.19 16.89 -29.39
CA ILE C 118 2.69 17.10 -28.06
C ILE C 118 3.55 18.10 -27.33
N LEU C 119 2.90 19.06 -26.69
CA LEU C 119 3.63 20.09 -25.95
C LEU C 119 3.04 20.33 -24.58
N MSE C 120 3.93 20.61 -23.64
CA MSE C 120 3.54 21.25 -22.37
C MSE C 120 4.51 22.37 -21.98
O MSE C 120 4.80 23.26 -22.78
CB MSE C 120 3.37 20.24 -21.26
CG MSE C 120 4.45 19.17 -21.23
SE MSE C 120 3.85 17.57 -20.26
CE MSE C 120 4.50 18.01 -18.43
N ILE C 141 -1.19 20.59 -21.38
CA ILE C 141 -0.92 19.57 -22.40
C ILE C 141 -1.53 19.89 -23.78
N GLU C 142 -0.70 20.32 -24.74
CA GLU C 142 -1.19 20.81 -26.01
C GLU C 142 -0.75 19.97 -27.22
N VAL C 143 -1.49 20.11 -28.33
CA VAL C 143 -1.03 19.67 -29.65
C VAL C 143 -0.87 20.86 -30.60
N ARG C 144 0.37 21.09 -31.03
CA ARG C 144 0.74 22.04 -32.07
C ARG C 144 0.53 21.28 -33.37
N ILE C 145 -0.57 21.57 -34.06
CA ILE C 145 -0.81 20.86 -35.32
C ILE C 145 -0.02 21.40 -36.56
N ASP C 146 0.46 20.49 -37.41
CA ASP C 146 1.35 20.83 -38.51
C ASP C 146 0.61 21.34 -39.71
N GLU C 147 -0.06 22.45 -39.48
CA GLU C 147 -1.04 22.99 -40.37
C GLU C 147 -1.15 24.50 -40.06
N ARG C 148 -1.13 25.33 -41.08
CA ARG C 148 -1.21 26.75 -40.92
C ARG C 148 -2.58 27.07 -40.37
N VAL C 149 -2.85 26.84 -39.11
CA VAL C 149 -4.19 27.19 -38.60
C VAL C 149 -4.12 27.93 -37.29
N PHE C 150 -4.81 29.05 -37.19
CA PHE C 150 -4.58 29.97 -36.10
C PHE C 150 -5.76 30.19 -35.17
N SER C 151 -6.86 29.48 -35.38
CA SER C 151 -8.04 29.71 -34.57
C SER C 151 -8.90 28.47 -34.52
N ALA C 152 -9.84 28.45 -33.59
CA ALA C 152 -10.68 27.29 -33.44
C ALA C 152 -11.51 26.99 -34.69
N ASP C 153 -12.00 28.02 -35.38
CA ASP C 153 -12.81 27.78 -36.59
C ASP C 153 -11.92 27.19 -37.68
N GLU C 154 -10.72 27.74 -37.82
CA GLU C 154 -9.75 27.21 -38.78
C GLU C 154 -9.51 25.74 -38.52
N VAL C 155 -9.34 25.36 -37.26
CA VAL C 155 -9.10 23.97 -36.95
C VAL C 155 -10.28 23.10 -37.37
N ARG C 156 -11.51 23.58 -37.11
CA ARG C 156 -12.72 22.81 -37.41
C ARG C 156 -12.84 22.58 -38.92
N GLU C 157 -12.47 23.61 -39.68
CA GLU C 157 -12.54 23.58 -41.14
C GLU C 157 -11.82 22.35 -41.64
N LEU C 158 -10.70 22.05 -40.98
CA LEU C 158 -9.88 20.88 -41.21
C LEU C 158 -10.56 19.52 -41.02
N GLY C 159 -11.71 19.49 -40.37
CA GLY C 159 -12.37 18.25 -40.06
C GLY C 159 -12.28 17.84 -38.59
N ILE C 160 -11.35 18.46 -37.88
CA ILE C 160 -11.06 18.08 -36.50
C ILE C 160 -12.13 18.54 -35.54
N GLU C 161 -12.47 17.67 -34.60
CA GLU C 161 -13.52 17.97 -33.63
C GLU C 161 -13.18 17.36 -32.23
N VAL C 162 -13.76 17.92 -31.18
CA VAL C 162 -13.70 17.31 -29.84
C VAL C 162 -14.19 15.89 -30.08
N GLY C 163 -13.54 14.89 -29.47
CA GLY C 163 -13.93 13.50 -29.69
C GLY C 163 -12.94 12.70 -30.53
N ASP C 164 -12.12 13.40 -31.32
CA ASP C 164 -11.16 12.75 -32.23
C ASP C 164 -10.03 12.02 -31.53
N PHE C 165 -9.53 10.99 -32.18
CA PHE C 165 -8.52 10.19 -31.54
C PHE C 165 -7.14 10.71 -31.90
N VAL C 166 -6.25 10.71 -30.92
CA VAL C 166 -4.87 11.07 -31.17
C VAL C 166 -3.93 9.94 -30.78
N SER C 167 -3.10 9.52 -31.71
CA SER C 167 -2.13 8.47 -31.44
C SER C 167 -0.74 9.08 -31.38
N PHE C 168 0.16 8.54 -30.56
CA PHE C 168 1.56 8.99 -30.49
C PHE C 168 2.51 8.19 -31.37
N ASP C 169 3.29 8.88 -32.18
CA ASP C 169 4.10 8.16 -33.14
C ASP C 169 5.09 7.31 -32.38
N PRO C 170 5.14 6.00 -32.66
CA PRO C 170 5.80 5.02 -31.77
C PRO C 170 7.33 4.93 -31.90
N ARG C 171 7.95 5.61 -32.86
CA ARG C 171 9.44 5.60 -32.99
C ARG C 171 10.04 4.19 -32.90
N VAL C 172 9.45 3.27 -33.65
CA VAL C 172 9.81 1.87 -33.57
C VAL C 172 11.07 1.58 -34.39
N GLN C 173 11.98 0.84 -33.78
CA GLN C 173 13.26 0.61 -34.44
C GLN C 173 13.78 -0.73 -33.97
N ILE C 174 14.27 -1.52 -34.92
CA ILE C 174 14.86 -2.82 -34.67
C ILE C 174 16.34 -2.78 -34.91
N THR C 175 17.07 -3.22 -33.91
CA THR C 175 18.49 -3.01 -33.83
C THR C 175 19.19 -4.27 -34.36
N GLU C 176 20.37 -4.08 -34.92
CA GLU C 176 21.16 -5.21 -35.37
C GLU C 176 21.58 -6.08 -34.20
N SER C 177 21.77 -5.48 -33.04
CA SER C 177 22.10 -6.25 -31.85
C SER C 177 20.88 -6.99 -31.30
N GLY C 178 19.73 -6.84 -31.97
CA GLY C 178 18.56 -7.64 -31.67
C GLY C 178 17.54 -7.08 -30.69
N TYR C 179 17.57 -5.79 -30.39
CA TYR C 179 16.56 -5.19 -29.52
C TYR C 179 15.47 -4.63 -30.39
N ILE C 180 14.25 -4.58 -29.86
CA ILE C 180 13.20 -3.84 -30.51
C ILE C 180 12.87 -2.69 -29.55
N LYS C 181 12.93 -1.47 -30.04
CA LYS C 181 12.77 -0.28 -29.24
C LYS C 181 11.59 0.50 -29.77
N SER C 182 10.77 1.00 -28.88
CA SER C 182 9.65 1.81 -29.30
C SER C 182 8.94 2.30 -28.10
N ARG C 183 8.25 3.44 -28.20
CA ARG C 183 7.20 3.72 -27.19
C ARG C 183 5.85 2.92 -27.29
N HIS C 184 5.81 1.82 -28.05
CA HIS C 184 4.69 0.91 -27.87
C HIS C 184 5.00 -0.45 -27.20
N LEU C 185 4.74 -1.59 -27.81
CA LEU C 185 4.98 -2.80 -27.04
C LEU C 185 3.87 -3.00 -25.94
N ASP C 186 3.00 -2.00 -25.85
CA ASP C 186 1.83 -2.13 -25.06
C ASP C 186 0.68 -2.66 -25.90
N ASP C 187 0.56 -3.95 -26.22
CA ASP C 187 1.19 -5.11 -25.71
C ASP C 187 1.29 -5.88 -27.03
N LYS C 188 1.78 -5.19 -28.08
CA LYS C 188 1.82 -5.71 -29.44
C LYS C 188 2.88 -6.77 -29.61
N VAL C 189 3.80 -6.84 -28.68
CA VAL C 189 4.74 -7.94 -28.70
C VAL C 189 3.94 -9.20 -28.49
N SER C 190 3.10 -9.23 -27.48
CA SER C 190 2.38 -10.46 -27.19
C SER C 190 1.44 -10.80 -28.34
N VAL C 191 0.85 -9.79 -28.97
CA VAL C 191 -0.13 -10.02 -30.05
C VAL C 191 0.54 -10.75 -31.24
N ALA C 192 1.78 -10.40 -31.50
CA ALA C 192 2.54 -11.03 -32.57
C ALA C 192 2.86 -12.46 -32.18
N ILE C 193 3.14 -12.65 -30.89
CA ILE C 193 3.54 -13.95 -30.41
C ILE C 193 2.36 -14.89 -30.63
N LEU C 194 1.17 -14.48 -30.19
CA LEU C 194 0.03 -15.36 -30.35
C LEU C 194 -0.18 -15.63 -31.84
N LEU C 195 -0.03 -14.62 -32.68
CA LEU C 195 -0.21 -14.87 -34.10
C LEU C 195 0.84 -15.87 -34.68
N LYS C 196 2.08 -15.82 -34.22
CA LYS C 196 3.09 -16.68 -34.85
C LYS C 196 2.88 -18.08 -34.38
N LEU C 197 2.41 -18.17 -33.14
CA LEU C 197 2.10 -19.45 -32.55
C LEU C 197 1.01 -20.16 -33.33
N ILE C 198 -0.05 -19.41 -33.65
CA ILE C 198 -1.19 -19.98 -34.39
C ILE C 198 -0.70 -20.50 -35.69
N LYS C 199 0.00 -19.66 -36.44
CA LYS C 199 0.59 -20.05 -37.74
C LYS C 199 1.41 -21.34 -37.62
N ARG C 200 2.26 -21.41 -36.59
CA ARG C 200 3.16 -22.57 -36.38
C ARG C 200 2.37 -23.89 -36.18
N LEU C 201 1.30 -23.83 -35.38
CA LEU C 201 0.45 -25.00 -35.25
C LEU C 201 0.08 -25.46 -36.64
N GLN C 202 -0.25 -24.52 -37.49
CA GLN C 202 -0.67 -24.94 -38.84
C GLN C 202 0.48 -25.48 -39.70
N ASP C 203 1.47 -24.66 -40.07
CA ASP C 203 2.61 -25.14 -40.87
C ASP C 203 3.07 -26.56 -40.47
N GLU C 204 3.19 -26.82 -39.16
CA GLU C 204 3.76 -28.06 -38.62
C GLU C 204 2.77 -29.20 -38.31
N ASN C 205 1.48 -29.01 -38.58
CA ASN C 205 0.47 -30.01 -38.19
C ASN C 205 0.55 -30.50 -36.78
N VAL C 206 0.76 -29.59 -35.86
CA VAL C 206 0.67 -29.93 -34.49
C VAL C 206 -0.83 -30.08 -34.14
N THR C 207 -1.16 -31.06 -33.33
CA THR C 207 -2.48 -31.08 -32.73
C THR C 207 -2.46 -30.63 -31.25
N LEU C 208 -3.15 -29.52 -30.95
CA LEU C 208 -3.46 -29.13 -29.57
C LEU C 208 -4.26 -30.19 -28.78
N PRO C 209 -3.90 -30.40 -27.51
CA PRO C 209 -4.66 -31.39 -26.76
C PRO C 209 -6.08 -30.90 -26.39
N TYR C 210 -6.24 -29.56 -26.33
CA TYR C 210 -7.49 -28.83 -26.03
C TYR C 210 -7.81 -27.68 -27.01
N THR C 211 -9.11 -27.53 -27.26
CA THR C 211 -9.58 -26.36 -27.97
C THR C 211 -9.04 -25.17 -27.18
N THR C 212 -8.36 -24.29 -27.91
CA THR C 212 -7.68 -23.11 -27.32
C THR C 212 -8.14 -21.89 -28.05
N HIS C 213 -8.55 -20.91 -27.28
CA HIS C 213 -8.99 -19.67 -27.84
C HIS C 213 -7.87 -18.61 -27.64
N PHE C 214 -7.63 -17.87 -28.70
CA PHE C 214 -6.73 -16.74 -28.63
C PHE C 214 -7.53 -15.44 -28.80
N LEU C 215 -7.62 -14.68 -27.73
CA LEU C 215 -8.49 -13.54 -27.71
C LEU C 215 -7.62 -12.32 -27.89
N ILE C 216 -7.90 -11.63 -28.97
CA ILE C 216 -7.21 -10.39 -29.26
C ILE C 216 -8.14 -9.28 -28.90
N SER C 217 -7.92 -8.77 -27.67
CA SER C 217 -8.80 -7.84 -27.04
C SER C 217 -8.49 -6.41 -27.45
N ASN C 218 -9.44 -5.52 -27.21
CA ASN C 218 -9.28 -4.14 -27.64
C ASN C 218 -9.60 -3.12 -26.56
N ASN C 219 -9.61 -3.59 -25.30
CA ASN C 219 -9.57 -2.77 -24.08
C ASN C 219 -8.56 -3.38 -23.09
N GLU C 220 -7.90 -2.54 -22.29
CA GLU C 220 -6.68 -2.92 -21.54
C GLU C 220 -6.61 -4.38 -21.09
N ASN C 229 -15.34 -11.99 -23.54
CA ASN C 229 -16.26 -13.14 -23.36
C ASN C 229 -15.74 -14.54 -23.82
N ILE C 230 -16.16 -15.58 -23.09
CA ILE C 230 -15.34 -16.75 -22.82
C ILE C 230 -16.23 -18.03 -22.78
N PRO C 231 -16.01 -18.97 -23.72
CA PRO C 231 -16.85 -20.18 -23.75
C PRO C 231 -16.90 -20.82 -22.39
N GLU C 232 -18.07 -21.34 -22.02
CA GLU C 232 -18.28 -21.84 -20.66
C GLU C 232 -17.32 -22.98 -20.29
N GLU C 233 -16.74 -23.65 -21.28
CA GLU C 233 -15.85 -24.78 -21.00
C GLU C 233 -14.35 -24.44 -20.83
N THR C 234 -14.07 -23.14 -20.78
CA THR C 234 -12.72 -22.66 -20.54
C THR C 234 -12.22 -23.00 -19.13
N VAL C 235 -11.04 -23.58 -19.02
CA VAL C 235 -10.60 -24.06 -17.72
C VAL C 235 -9.41 -23.23 -17.18
N GLU C 236 -8.57 -22.78 -18.08
CA GLU C 236 -7.35 -22.07 -17.76
C GLU C 236 -7.35 -20.79 -18.62
N TYR C 237 -6.75 -19.74 -18.10
CA TYR C 237 -6.75 -18.43 -18.72
C TYR C 237 -5.36 -17.92 -18.53
N LEU C 238 -4.66 -17.73 -19.65
CA LEU C 238 -3.32 -17.15 -19.61
C LEU C 238 -3.30 -15.77 -20.27
N ALA C 239 -2.95 -14.72 -19.55
CA ALA C 239 -2.78 -13.43 -20.22
C ALA C 239 -1.36 -13.40 -20.72
N VAL C 240 -1.17 -13.00 -21.95
CA VAL C 240 0.19 -12.68 -22.40
C VAL C 240 0.35 -11.14 -22.47
N ASP C 241 1.21 -10.62 -21.61
CA ASP C 241 1.30 -9.18 -21.38
C ASP C 241 2.56 -8.96 -20.59
N MSE C 242 2.87 -7.71 -20.27
CA MSE C 242 4.21 -7.32 -19.84
C MSE C 242 4.10 -6.13 -18.91
O MSE C 242 3.61 -5.10 -19.33
CB MSE C 242 5.05 -6.88 -21.04
CG MSE C 242 5.12 -7.84 -22.25
SE MSE C 242 6.00 -6.99 -23.87
CE MSE C 242 4.40 -6.18 -24.68
N GLY C 243 4.59 -6.25 -17.69
CA GLY C 243 4.53 -5.12 -16.73
C GLY C 243 5.86 -4.54 -16.28
N ALA C 244 5.78 -3.48 -15.49
CA ALA C 244 6.96 -2.87 -14.84
C ALA C 244 7.24 -3.59 -13.53
N LEU C 245 8.50 -3.64 -13.09
CA LEU C 245 8.82 -4.10 -11.72
C LEU C 245 8.90 -2.86 -10.78
N GLY C 246 9.56 -2.96 -9.62
CA GLY C 246 10.01 -1.78 -8.86
C GLY C 246 11.53 -1.75 -8.61
N ASP C 247 12.26 -2.58 -9.38
CA ASP C 247 13.71 -2.87 -9.18
C ASP C 247 14.41 -3.19 -10.53
N GLY C 248 15.65 -3.69 -10.44
CA GLY C 248 16.50 -4.01 -11.59
C GLY C 248 15.84 -4.05 -12.96
N SER C 251 14.79 -4.23 -16.09
CA SER C 251 14.05 -5.46 -15.93
C SER C 251 14.97 -6.53 -16.48
N ASP C 252 14.42 -7.68 -16.88
CA ASP C 252 15.20 -8.58 -17.66
C ASP C 252 14.58 -8.79 -19.05
N GLU C 253 15.23 -8.21 -20.03
CA GLU C 253 14.73 -8.18 -21.37
C GLU C 253 15.30 -9.36 -22.15
N TYR C 254 15.86 -10.35 -21.46
CA TYR C 254 16.47 -11.51 -22.11
C TYR C 254 15.76 -12.81 -21.77
N THR C 255 14.82 -12.80 -20.84
CA THR C 255 14.17 -14.03 -20.41
C THR C 255 12.68 -13.82 -20.48
N VAL C 256 11.88 -14.90 -20.35
CA VAL C 256 10.47 -14.71 -20.21
C VAL C 256 10.07 -14.48 -18.73
N SER C 257 9.18 -13.52 -18.54
CA SER C 257 8.68 -13.18 -17.22
C SER C 257 7.43 -13.98 -16.94
N ILE C 258 7.33 -14.60 -15.76
CA ILE C 258 6.18 -15.42 -15.37
C ILE C 258 5.72 -14.76 -14.12
N CYS C 259 4.52 -14.18 -14.12
CA CYS C 259 4.09 -13.31 -13.03
C CYS C 259 3.44 -14.09 -11.91
N ALA C 260 3.94 -13.92 -10.68
CA ALA C 260 3.36 -14.60 -9.53
C ALA C 260 2.33 -13.77 -8.80
N LYS C 261 2.26 -12.46 -9.08
CA LYS C 261 1.35 -11.55 -8.38
C LYS C 261 1.33 -10.18 -9.03
N ASP C 262 0.18 -9.51 -9.04
CA ASP C 262 0.13 -8.13 -9.52
C ASP C 262 -0.76 -7.30 -8.62
N SER C 263 -1.13 -6.08 -9.03
CA SER C 263 -1.88 -5.28 -8.02
C SER C 263 -3.24 -5.86 -7.68
N SER C 264 -3.79 -6.76 -8.47
CA SER C 264 -5.03 -7.39 -8.03
C SER C 264 -4.78 -8.63 -7.16
N GLY C 265 -3.55 -9.03 -6.94
CA GLY C 265 -3.31 -10.20 -6.11
C GLY C 265 -2.48 -11.28 -6.79
N PRO C 266 -2.11 -12.31 -6.01
CA PRO C 266 -1.36 -13.48 -6.46
C PRO C 266 -2.08 -14.12 -7.61
N TYR C 267 -1.31 -14.62 -8.58
CA TYR C 267 -1.83 -15.51 -9.63
C TYR C 267 -1.90 -16.97 -9.15
N HIS C 268 -2.72 -17.78 -9.80
CA HIS C 268 -2.95 -19.19 -9.37
C HIS C 268 -1.65 -19.93 -9.14
N TYR C 269 -1.42 -20.32 -7.89
CA TYR C 269 -0.17 -20.87 -7.48
C TYR C 269 0.19 -22.09 -8.32
N ALA C 270 -0.69 -23.07 -8.31
CA ALA C 270 -0.38 -24.31 -8.90
C ALA C 270 -0.08 -24.06 -10.37
N LEU C 271 -0.89 -23.24 -11.06
CA LEU C 271 -0.67 -23.11 -12.49
C LEU C 271 0.64 -22.38 -12.77
N ARG C 272 1.02 -21.48 -11.86
CA ARG C 272 2.27 -20.78 -12.00
C ARG C 272 3.44 -21.76 -11.77
N LYS C 273 3.33 -22.57 -10.71
CA LYS C 273 4.33 -23.63 -10.52
C LYS C 273 4.42 -24.49 -11.78
N HIS C 274 3.29 -24.73 -12.42
CA HIS C 274 3.32 -25.50 -13.65
C HIS C 274 4.17 -24.82 -14.73
N LEU C 275 4.02 -23.49 -14.88
CA LEU C 275 4.71 -22.80 -15.95
C LEU C 275 6.20 -22.78 -15.69
N VAL C 276 6.55 -22.59 -14.44
CA VAL C 276 7.97 -22.66 -14.09
C VAL C 276 8.53 -24.03 -14.50
N GLU C 277 7.80 -25.11 -14.23
CA GLU C 277 8.31 -26.44 -14.56
C GLU C 277 8.45 -26.58 -16.05
N LEU C 278 7.51 -26.00 -16.79
CA LEU C 278 7.58 -26.10 -18.25
C LEU C 278 8.83 -25.46 -18.70
N ALA C 279 9.16 -24.33 -18.08
CA ALA C 279 10.32 -23.58 -18.49
C ALA C 279 11.56 -24.41 -18.25
N LYS C 280 11.66 -25.02 -17.06
CA LYS C 280 12.86 -25.82 -16.71
C LYS C 280 12.95 -27.03 -17.59
N THR C 281 11.83 -27.70 -17.80
CA THR C 281 11.84 -28.92 -18.61
C THR C 281 12.41 -28.58 -19.98
N ASN C 282 11.95 -27.46 -20.54
CA ASN C 282 12.35 -27.11 -21.91
C ASN C 282 13.58 -26.21 -21.97
N HIS C 283 14.21 -25.94 -20.83
CA HIS C 283 15.37 -25.05 -20.77
C HIS C 283 15.05 -23.66 -21.33
N ILE C 284 13.97 -23.07 -20.90
CA ILE C 284 13.64 -21.77 -21.37
C ILE C 284 14.10 -20.88 -20.26
N GLU C 285 14.89 -19.86 -20.57
CA GLU C 285 15.27 -18.92 -19.51
C GLU C 285 14.05 -18.15 -19.06
N TYR C 286 13.80 -18.14 -17.76
CA TYR C 286 12.66 -17.39 -17.23
C TYR C 286 12.97 -16.55 -15.96
N LYS C 287 12.00 -15.75 -15.53
CA LYS C 287 12.12 -15.06 -14.29
C LYS C 287 10.74 -15.06 -13.69
N VAL C 288 10.67 -15.26 -12.38
CA VAL C 288 9.39 -15.19 -11.69
C VAL C 288 9.36 -13.83 -11.07
N ASP C 289 8.42 -12.98 -11.47
CA ASP C 289 8.34 -11.70 -10.78
C ASP C 289 6.94 -11.17 -10.44
N ILE C 290 6.94 -10.15 -9.57
CA ILE C 290 5.76 -9.42 -9.15
C ILE C 290 5.62 -8.11 -9.92
N TYR C 291 4.45 -7.90 -10.53
CA TYR C 291 4.17 -6.61 -11.17
C TYR C 291 3.26 -5.74 -10.29
N PRO C 292 3.85 -4.80 -9.52
CA PRO C 292 3.03 -4.01 -8.57
C PRO C 292 2.05 -3.02 -9.22
N TYR C 293 2.23 -2.65 -10.48
CA TYR C 293 1.32 -1.65 -11.07
C TYR C 293 0.34 -2.19 -12.12
N TYR C 294 -0.16 -3.41 -11.94
CA TYR C 294 -0.92 -4.05 -12.98
C TYR C 294 -2.31 -4.45 -12.56
N ARG C 303 -10.09 -11.06 -15.10
CA ARG C 303 -11.45 -11.39 -14.71
C ARG C 303 -11.55 -11.36 -13.17
N ALA C 304 -11.45 -12.54 -12.54
CA ALA C 304 -12.02 -12.80 -11.21
C ALA C 304 -13.54 -12.38 -11.19
N GLY C 305 -14.39 -13.40 -11.27
CA GLY C 305 -15.73 -13.31 -11.87
C GLY C 305 -16.02 -14.59 -12.68
N PHE C 306 -15.05 -15.08 -13.46
CA PHE C 306 -15.15 -16.38 -14.15
C PHE C 306 -14.40 -17.47 -13.39
N ASP C 307 -15.04 -18.62 -13.17
CA ASP C 307 -14.38 -19.75 -12.53
C ASP C 307 -13.38 -20.42 -13.46
N VAL C 308 -12.12 -20.02 -13.33
CA VAL C 308 -11.11 -20.24 -14.33
C VAL C 308 -9.79 -19.99 -13.59
N LYS C 309 -8.78 -20.82 -13.84
CA LYS C 309 -7.45 -20.55 -13.28
C LYS C 309 -6.67 -19.58 -14.16
N HIS C 310 -6.12 -18.55 -13.54
CA HIS C 310 -5.52 -17.44 -14.23
C HIS C 310 -4.01 -17.48 -14.06
N ALA C 311 -3.29 -17.16 -15.12
CA ALA C 311 -1.84 -16.98 -15.11
C ALA C 311 -1.53 -15.82 -16.03
N LEU C 312 -0.30 -15.31 -15.90
CA LEU C 312 0.20 -14.19 -16.71
C LEU C 312 1.67 -14.37 -16.97
N ILE C 313 2.04 -14.31 -18.24
CA ILE C 313 3.42 -14.27 -18.65
C ILE C 313 3.60 -13.25 -19.79
N GLY C 314 4.85 -12.92 -20.13
CA GLY C 314 5.08 -12.04 -21.23
C GLY C 314 6.55 -11.87 -21.35
N ALA C 315 6.99 -11.19 -22.43
CA ALA C 315 8.38 -10.88 -22.58
C ALA C 315 8.76 -9.85 -21.52
N GLY C 316 10.03 -9.76 -21.16
CA GLY C 316 10.46 -8.63 -20.35
C GLY C 316 10.63 -7.36 -21.17
N ILE C 317 9.86 -6.31 -20.86
CA ILE C 317 10.17 -5.00 -21.43
C ILE C 317 10.91 -4.21 -20.40
N ASP C 318 11.34 -3.00 -20.73
CA ASP C 318 12.11 -2.21 -19.83
C ASP C 318 11.46 -0.91 -20.03
N SER C 319 11.47 -0.12 -18.95
CA SER C 319 10.85 1.20 -18.87
C SER C 319 9.43 1.20 -19.51
N SER C 320 8.61 0.22 -19.16
CA SER C 320 7.19 0.16 -19.64
C SER C 320 6.31 1.45 -19.38
N HIS C 321 5.26 1.62 -20.19
CA HIS C 321 4.42 2.85 -20.22
C HIS C 321 5.31 4.08 -20.34
N ALA C 322 6.33 3.99 -21.19
CA ALA C 322 7.16 5.16 -21.59
C ALA C 322 7.90 4.83 -22.89
N PHE C 323 9.24 4.74 -22.77
CA PHE C 323 10.16 4.32 -23.84
C PHE C 323 10.61 2.90 -23.58
N GLU C 324 10.19 2.01 -24.46
CA GLU C 324 10.08 0.59 -24.11
C GLU C 324 10.97 -0.25 -24.96
N ARG C 325 11.46 -1.36 -24.41
CA ARG C 325 12.46 -2.13 -25.11
C ARG C 325 12.52 -3.57 -24.60
N THR C 326 12.85 -4.46 -25.52
CA THR C 326 13.00 -5.85 -25.19
C THR C 326 13.95 -6.39 -26.23
N HIS C 327 14.47 -7.59 -25.99
CA HIS C 327 15.51 -8.16 -26.88
C HIS C 327 15.01 -9.43 -27.54
N GLU C 328 15.52 -9.77 -28.72
CA GLU C 328 14.99 -10.99 -29.35
C GLU C 328 15.01 -12.22 -28.42
N SER C 329 16.02 -12.34 -27.56
CA SER C 329 16.07 -13.50 -26.72
C SER C 329 14.85 -13.66 -25.80
N SER C 330 14.39 -12.62 -25.14
CA SER C 330 13.14 -12.68 -24.36
C SER C 330 11.97 -13.12 -25.24
N ILE C 331 11.89 -12.57 -26.46
CA ILE C 331 10.79 -12.93 -27.31
C ILE C 331 10.88 -14.43 -27.66
N ALA C 332 12.08 -14.92 -27.93
CA ALA C 332 12.19 -16.34 -28.23
C ALA C 332 11.76 -17.16 -27.00
N HIS C 333 12.31 -16.83 -25.84
CA HIS C 333 11.93 -17.57 -24.68
C HIS C 333 10.45 -17.53 -24.47
N THR C 334 9.83 -16.38 -24.68
CA THR C 334 8.38 -16.28 -24.50
C THR C 334 7.63 -17.14 -25.51
N GLU C 335 8.04 -17.06 -26.78
CA GLU C 335 7.44 -17.92 -27.82
C GLU C 335 7.49 -19.39 -27.38
N ALA C 336 8.64 -19.81 -26.88
CA ALA C 336 8.82 -21.16 -26.48
C ALA C 336 7.94 -21.51 -25.29
N LEU C 337 7.75 -20.63 -24.31
CA LEU C 337 6.90 -21.00 -23.16
C LEU C 337 5.44 -21.23 -23.57
N VAL C 338 4.93 -20.30 -24.38
CA VAL C 338 3.56 -20.31 -24.78
C VAL C 338 3.31 -21.62 -25.52
N TYR C 339 4.29 -22.04 -26.30
CA TYR C 339 4.10 -23.27 -27.04
C TYR C 339 4.06 -24.51 -26.13
N ALA C 340 5.11 -24.65 -25.32
CA ALA C 340 5.17 -25.64 -24.23
C ALA C 340 3.87 -25.61 -23.44
N TYR C 341 3.39 -24.43 -23.10
CA TYR C 341 2.19 -24.35 -22.27
C TYR C 341 0.97 -24.92 -23.03
N VAL C 342 0.81 -24.44 -24.24
CA VAL C 342 -0.36 -24.78 -24.96
C VAL C 342 -0.43 -26.29 -25.29
N MSE C 343 0.72 -26.95 -25.18
CA MSE C 343 0.82 -28.36 -25.48
C MSE C 343 0.75 -29.23 -24.22
O MSE C 343 0.78 -30.44 -24.35
CB MSE C 343 2.14 -28.69 -26.20
CG MSE C 343 2.38 -28.08 -27.55
SE MSE C 343 1.03 -28.75 -28.80
CE MSE C 343 1.84 -30.50 -29.32
N SER C 344 0.68 -28.65 -23.03
CA SER C 344 0.74 -29.48 -21.80
C SER C 344 -0.65 -29.97 -21.36
N ASN C 345 -0.73 -30.84 -20.34
CA ASN C 345 -2.03 -31.16 -19.75
C ASN C 345 -2.55 -30.06 -18.83
N LEU C 346 -3.87 -29.93 -18.72
CA LEU C 346 -4.47 -29.11 -17.70
C LEU C 346 -3.93 -29.51 -16.31
N ILE C 347 -3.78 -28.56 -15.40
CA ILE C 347 -3.33 -28.85 -14.03
C ILE C 347 -4.31 -29.78 -13.22
N GLU C 348 -3.73 -30.70 -12.43
CA GLU C 348 -4.43 -31.72 -11.61
C GLU C 348 -5.39 -31.13 -10.58
N HIS D 4 34.89 75.41 -9.29
CA HIS D 4 34.91 74.45 -10.42
C HIS D 4 33.88 73.35 -10.17
N THR D 5 33.83 72.83 -8.93
CA THR D 5 32.82 71.86 -8.49
C THR D 5 31.36 72.30 -8.73
N LYS D 6 31.12 73.60 -8.63
CA LYS D 6 29.83 74.21 -8.97
C LYS D 6 29.57 73.96 -10.44
N GLU D 7 30.58 74.26 -11.26
CA GLU D 7 30.46 74.14 -12.70
C GLU D 7 30.62 72.72 -13.25
N THR D 8 31.26 71.85 -12.47
CA THR D 8 31.32 70.43 -12.81
C THR D 8 29.92 69.86 -12.69
N MSE D 9 29.21 70.29 -11.63
CA MSE D 9 27.86 69.75 -11.35
C MSE D 9 26.81 70.26 -12.31
O MSE D 9 25.93 69.50 -12.73
CB MSE D 9 27.47 70.03 -9.93
CG MSE D 9 28.04 69.04 -8.99
SE MSE D 9 27.39 69.25 -7.16
CE MSE D 9 27.71 71.22 -6.92
N GLU D 10 26.89 71.54 -12.65
CA GLU D 10 26.12 72.07 -13.77
C GLU D 10 26.31 71.22 -15.04
N LEU D 11 27.55 70.82 -15.33
CA LEU D 11 27.80 69.87 -16.40
C LEU D 11 27.19 68.48 -16.11
N ILE D 12 27.33 67.96 -14.90
CA ILE D 12 26.70 66.68 -14.60
C ILE D 12 25.20 66.78 -14.85
N LYS D 13 24.61 67.86 -14.35
CA LYS D 13 23.19 68.15 -14.52
C LYS D 13 22.80 68.15 -15.98
N GLU D 14 23.57 68.84 -16.82
CA GLU D 14 23.29 68.81 -18.26
C GLU D 14 23.19 67.36 -18.72
N LEU D 15 24.27 66.60 -18.53
CA LEU D 15 24.42 65.27 -19.09
C LEU D 15 23.34 64.29 -18.59
N VAL D 16 23.01 64.37 -17.32
CA VAL D 16 21.96 63.54 -16.75
C VAL D 16 20.60 63.88 -17.39
N SER D 17 20.48 65.08 -17.93
CA SER D 17 19.22 65.53 -18.48
C SER D 17 19.04 65.08 -19.90
N ILE D 18 20.06 64.41 -20.45
CA ILE D 18 19.96 63.84 -21.79
C ILE D 18 19.76 62.31 -21.72
N PRO D 19 18.57 61.81 -22.08
CA PRO D 19 18.45 60.35 -22.06
C PRO D 19 19.57 59.67 -22.86
N SER D 20 20.27 58.72 -22.26
CA SER D 20 21.19 57.89 -22.99
C SER D 20 21.20 56.46 -22.44
N PRO D 21 20.06 55.73 -22.49
CA PRO D 21 20.12 54.32 -22.01
C PRO D 21 21.06 53.51 -22.91
N SER D 22 21.69 52.45 -22.38
CA SER D 22 22.63 51.63 -23.23
C SER D 22 22.00 51.21 -24.52
N GLY D 23 22.71 51.45 -25.61
CA GLY D 23 22.23 51.06 -26.91
C GLY D 23 21.61 52.18 -27.70
N ASN D 24 21.39 53.31 -27.04
CA ASN D 24 20.84 54.50 -27.67
C ASN D 24 21.51 55.75 -27.07
N THR D 25 22.71 56.03 -27.56
CA THR D 25 23.59 57.06 -27.00
C THR D 25 24.11 58.12 -28.00
N ALA D 26 23.73 58.01 -29.29
CA ALA D 26 24.03 59.08 -30.27
C ALA D 26 23.85 60.52 -29.73
N LYS D 27 22.61 60.94 -29.45
CA LYS D 27 22.29 62.29 -28.92
C LYS D 27 23.33 62.81 -27.91
N ILE D 28 23.74 61.98 -26.95
CA ILE D 28 24.64 62.50 -25.94
C ILE D 28 26.12 62.58 -26.37
N ILE D 29 26.63 61.52 -27.02
CA ILE D 29 27.97 61.45 -27.58
C ILE D 29 28.22 62.65 -28.49
N ASN D 30 27.30 62.83 -29.44
CA ASN D 30 27.18 64.00 -30.27
C ASN D 30 27.35 65.27 -29.44
N PHE D 31 26.48 65.44 -28.45
CA PHE D 31 26.54 66.58 -27.56
C PHE D 31 27.92 66.77 -26.98
N ILE D 32 28.52 65.69 -26.52
CA ILE D 32 29.86 65.76 -25.95
C ILE D 32 30.83 66.24 -27.04
N GLU D 33 30.80 65.54 -28.17
CA GLU D 33 31.63 65.86 -29.32
C GLU D 33 31.63 67.37 -29.56
N ASN D 34 30.44 67.94 -29.78
CA ASN D 34 30.23 69.36 -29.81
C ASN D 34 30.94 70.14 -28.73
N TYR D 35 30.50 69.93 -27.50
CA TYR D 35 31.10 70.55 -26.31
C TYR D 35 32.65 70.75 -26.32
N VAL D 36 33.41 69.75 -26.77
CA VAL D 36 34.88 69.84 -26.76
C VAL D 36 35.49 70.32 -28.08
N SER D 37 34.63 70.61 -29.05
CA SER D 37 35.07 70.73 -30.43
C SER D 37 36.13 71.83 -30.65
N GLU D 38 36.06 72.93 -29.91
CA GLU D 38 37.02 74.05 -30.11
C GLU D 38 38.31 73.86 -29.34
N TRP D 39 38.26 72.97 -28.36
CA TRP D 39 39.42 72.56 -27.56
C TRP D 39 40.55 72.00 -28.45
N ASN D 40 41.76 72.02 -27.93
CA ASN D 40 42.89 71.54 -28.72
C ASN D 40 42.98 70.04 -28.73
N VAL D 41 42.09 69.41 -27.98
CA VAL D 41 42.05 67.96 -27.97
C VAL D 41 41.52 67.30 -29.27
N GLU D 42 42.27 66.28 -29.68
CA GLU D 42 41.98 65.50 -30.86
C GLU D 42 40.94 64.42 -30.48
N THR D 43 40.06 64.12 -31.42
CA THR D 43 38.76 63.53 -31.12
C THR D 43 38.43 62.49 -32.16
N LYS D 44 38.57 61.22 -31.81
CA LYS D 44 38.19 60.14 -32.73
C LYS D 44 36.70 59.76 -32.56
N ARG D 45 36.28 58.68 -33.21
CA ARG D 45 34.94 58.12 -33.04
C ARG D 45 34.99 56.61 -33.21
N ASN D 46 34.57 55.86 -32.19
CA ASN D 46 34.53 54.40 -32.26
C ASN D 46 33.57 53.92 -33.33
N ASN D 47 33.85 52.75 -33.89
CA ASN D 47 32.97 52.20 -34.89
C ASN D 47 31.55 52.01 -34.35
N LYS D 48 31.46 51.79 -33.05
CA LYS D 48 30.18 51.55 -32.44
C LYS D 48 29.71 52.76 -31.62
N GLY D 49 30.37 53.89 -31.80
CA GLY D 49 29.83 55.16 -31.28
C GLY D 49 30.49 55.83 -30.09
N ALA D 50 31.45 55.19 -29.46
CA ALA D 50 32.18 55.85 -28.37
C ALA D 50 33.23 56.89 -28.86
N LEU D 51 33.54 57.84 -27.98
CA LEU D 51 34.54 58.86 -28.24
C LEU D 51 35.83 58.53 -27.49
N ILE D 52 36.96 58.66 -28.19
CA ILE D 52 38.30 58.65 -27.59
C ILE D 52 38.92 60.03 -27.77
N LEU D 53 39.23 60.70 -26.66
CA LEU D 53 39.82 62.05 -26.66
C LEU D 53 41.22 61.97 -26.10
N THR D 54 42.16 62.53 -26.85
CA THR D 54 43.59 62.29 -26.63
C THR D 54 44.41 63.59 -26.57
N VAL D 55 45.23 63.72 -25.51
CA VAL D 55 46.11 64.88 -25.31
C VAL D 55 47.56 64.41 -25.26
N LYS D 56 48.34 64.74 -26.30
CA LYS D 56 49.70 64.23 -26.43
C LYS D 56 50.57 64.68 -25.24
N GLY D 57 51.41 63.76 -24.73
CA GLY D 57 52.28 64.03 -23.56
C GLY D 57 53.76 63.95 -23.89
N LYS D 58 54.63 64.28 -22.92
CA LYS D 58 56.10 64.39 -23.17
C LYS D 58 56.66 63.07 -23.67
N ASN D 59 56.35 62.02 -22.93
CA ASN D 59 56.62 60.66 -23.36
C ASN D 59 55.40 60.14 -24.12
N ASP D 60 55.59 59.87 -25.42
CA ASP D 60 54.53 59.37 -26.31
C ASP D 60 54.77 57.90 -26.72
N ALA D 61 55.61 57.22 -25.93
CA ALA D 61 55.96 55.83 -26.14
C ALA D 61 55.12 54.96 -25.21
N GLN D 62 54.85 55.49 -24.02
CA GLN D 62 54.08 54.79 -23.01
C GLN D 62 52.87 55.66 -22.68
N HIS D 63 51.68 55.09 -22.86
CA HIS D 63 50.42 55.81 -22.68
C HIS D 63 49.63 55.34 -21.46
N ARG D 64 48.70 56.19 -21.09
CA ARG D 64 47.94 56.08 -19.89
C ARG D 64 46.51 56.22 -20.45
N LEU D 65 45.57 55.42 -19.97
CA LEU D 65 44.21 55.57 -20.48
C LEU D 65 43.22 55.74 -19.34
N LEU D 66 42.49 56.85 -19.39
CA LEU D 66 41.34 57.07 -18.49
C LEU D 66 40.02 56.93 -19.23
N THR D 67 39.09 56.21 -18.61
CA THR D 67 37.76 55.92 -19.18
C THR D 67 36.55 56.30 -18.26
N ALA D 68 35.44 56.70 -18.86
CA ALA D 68 34.16 56.81 -18.12
C ALA D 68 32.99 56.53 -19.05
N HIS D 69 31.83 56.16 -18.53
CA HIS D 69 30.72 55.86 -19.44
C HIS D 69 29.53 56.82 -19.35
N VAL D 70 28.95 57.09 -20.54
CA VAL D 70 27.69 57.85 -20.66
C VAL D 70 26.42 57.01 -20.77
N ASP D 71 26.54 55.70 -20.96
CA ASP D 71 25.33 54.89 -20.97
C ASP D 71 24.73 54.68 -19.56
N THR D 72 23.39 54.65 -19.51
CA THR D 72 22.65 54.42 -18.31
C THR D 72 21.73 53.19 -18.35
N LEU D 73 21.17 52.90 -17.16
CA LEU D 73 20.03 52.02 -16.96
C LEU D 73 18.86 52.55 -17.76
N GLY D 74 17.93 51.68 -18.10
CA GLY D 74 16.76 52.08 -18.87
C GLY D 74 15.95 50.85 -19.22
N ALA D 75 15.15 50.97 -20.27
CA ALA D 75 14.29 49.88 -20.70
C ALA D 75 13.93 49.96 -22.18
N MSE D 76 13.29 48.90 -22.66
CA MSE D 76 12.83 48.83 -24.04
C MSE D 76 11.51 48.09 -24.11
O MSE D 76 11.27 47.17 -23.30
CB MSE D 76 13.87 48.10 -24.86
CG MSE D 76 13.48 47.84 -26.27
SE MSE D 76 14.98 46.83 -27.03
CE MSE D 76 16.36 48.25 -26.91
N VAL D 77 10.68 48.46 -25.07
CA VAL D 77 9.36 47.86 -25.18
C VAL D 77 9.46 46.44 -25.71
N LYS D 78 9.04 45.45 -24.92
CA LYS D 78 9.05 44.08 -25.43
C LYS D 78 7.76 43.60 -26.04
N GLU D 79 6.63 44.23 -25.72
CA GLU D 79 5.30 43.83 -26.18
C GLU D 79 4.32 44.97 -25.93
N ILE D 80 3.40 45.16 -26.85
CA ILE D 80 2.31 46.12 -26.69
C ILE D 80 1.09 45.33 -26.35
N LYS D 81 0.57 45.47 -25.14
CA LYS D 81 -0.55 44.64 -24.75
C LYS D 81 -1.82 45.14 -25.43
N PRO D 82 -2.87 44.28 -25.56
CA PRO D 82 -4.17 44.73 -26.08
C PRO D 82 -4.82 45.86 -25.29
N ASP D 83 -4.56 45.97 -24.00
CA ASP D 83 -5.22 47.02 -23.21
C ASP D 83 -4.64 48.43 -23.44
N GLY D 84 -3.60 48.51 -24.28
CA GLY D 84 -2.91 49.77 -24.49
C GLY D 84 -1.52 49.90 -23.84
N ARG D 85 -1.35 49.24 -22.69
CA ARG D 85 -0.15 49.48 -21.89
C ARG D 85 1.03 48.75 -22.49
N LEU D 86 2.24 49.10 -22.07
CA LEU D 86 3.46 48.52 -22.67
C LEU D 86 4.17 47.65 -21.68
N SER D 87 4.73 46.54 -22.19
CA SER D 87 5.66 45.69 -21.43
C SER D 87 7.07 46.10 -21.70
N LEU D 88 7.90 46.01 -20.66
CA LEU D 88 9.29 46.43 -20.76
C LEU D 88 10.32 45.33 -20.51
N SER D 89 11.43 45.46 -21.21
CA SER D 89 12.60 44.66 -20.96
C SER D 89 13.67 45.58 -20.42
N MSE D 90 14.34 45.11 -19.38
CA MSE D 90 15.27 45.92 -18.61
C MSE D 90 16.60 46.11 -19.34
O MSE D 90 17.20 45.11 -19.78
CB MSE D 90 15.48 45.18 -17.27
CG MSE D 90 16.76 45.53 -16.56
SE MSE D 90 17.05 44.68 -14.79
CE MSE D 90 15.51 45.47 -13.81
N ILE D 91 17.08 47.36 -19.46
CA ILE D 91 18.49 47.61 -19.91
C ILE D 91 19.39 47.89 -18.72
N GLY D 92 20.49 47.16 -18.56
CA GLY D 92 21.37 47.34 -17.40
C GLY D 92 20.97 46.41 -16.26
N GLY D 93 21.64 46.53 -15.12
CA GLY D 93 21.32 45.70 -13.95
C GLY D 93 20.90 46.53 -12.74
N PHE D 94 19.59 46.59 -12.49
CA PHE D 94 19.01 47.31 -11.36
C PHE D 94 17.79 46.54 -10.82
N ARG D 95 17.10 47.06 -9.79
CA ARG D 95 15.88 46.40 -9.29
C ARG D 95 14.62 47.10 -9.77
N TRP D 96 13.71 46.36 -10.39
CA TRP D 96 12.46 46.92 -10.93
C TRP D 96 11.65 47.70 -9.88
N ASN D 97 11.50 47.12 -8.68
CA ASN D 97 10.94 47.81 -7.53
C ASN D 97 11.24 49.28 -7.61
N SER D 98 12.55 49.56 -7.66
CA SER D 98 13.06 50.90 -7.61
C SER D 98 12.73 51.78 -8.82
N VAL D 99 11.69 51.46 -9.58
CA VAL D 99 11.23 52.36 -10.64
C VAL D 99 9.73 52.35 -10.73
N GLU D 100 9.08 51.64 -9.82
CA GLU D 100 7.64 51.76 -9.69
C GLU D 100 7.26 53.26 -9.62
N GLY D 101 6.44 53.70 -10.58
CA GLY D 101 5.91 55.05 -10.52
C GLY D 101 6.73 56.12 -11.20
N GLU D 102 7.92 55.79 -11.68
CA GLU D 102 8.75 56.79 -12.29
C GLU D 102 8.13 57.25 -13.58
N TYR D 103 8.35 58.53 -13.94
CA TYR D 103 8.02 58.93 -15.31
C TYR D 103 9.13 58.55 -16.32
N CYS D 104 8.70 58.29 -17.56
CA CYS D 104 9.60 57.87 -18.63
C CYS D 104 9.26 58.51 -19.96
N GLU D 105 10.19 58.52 -20.89
CA GLU D 105 9.86 58.83 -22.27
C GLU D 105 9.96 57.56 -23.06
N ILE D 106 9.24 57.49 -24.16
CA ILE D 106 9.45 56.45 -25.14
C ILE D 106 9.83 57.13 -26.45
N GLU D 107 10.94 56.69 -27.02
CA GLU D 107 11.35 57.18 -28.32
C GLU D 107 10.95 56.24 -29.45
N THR D 108 10.15 56.79 -30.35
CA THR D 108 9.77 56.16 -31.60
C THR D 108 10.96 56.06 -32.53
N SER D 109 10.93 55.06 -33.40
CA SER D 109 11.90 54.94 -34.51
C SER D 109 12.11 56.25 -35.25
N SER D 110 11.00 56.96 -35.48
CA SER D 110 10.99 58.24 -36.17
C SER D 110 11.51 59.39 -35.29
N GLY D 111 11.96 59.07 -34.08
CA GLY D 111 12.48 60.07 -33.15
C GLY D 111 11.38 60.77 -32.37
N LYS D 112 10.12 60.37 -32.58
CA LYS D 112 8.99 60.91 -31.82
C LYS D 112 9.07 60.44 -30.37
N THR D 113 8.72 61.34 -29.48
CA THR D 113 8.92 61.18 -28.06
C THR D 113 7.55 61.19 -27.38
N TYR D 114 7.38 60.34 -26.35
CA TYR D 114 6.13 60.30 -25.58
C TYR D 114 6.35 60.10 -24.11
N THR D 115 5.40 60.50 -23.30
CA THR D 115 5.58 60.39 -21.89
C THR D 115 4.75 59.26 -21.30
N GLY D 116 5.21 58.76 -20.17
CA GLY D 116 4.52 57.65 -19.54
C GLY D 116 4.91 57.53 -18.10
N THR D 117 4.24 56.64 -17.41
CA THR D 117 4.59 56.26 -16.06
C THR D 117 4.80 54.76 -16.04
N ILE D 118 5.80 54.32 -15.27
CA ILE D 118 6.07 52.90 -15.08
C ILE D 118 5.26 52.32 -13.92
N LEU D 119 4.56 51.22 -14.19
CA LEU D 119 3.70 50.66 -13.15
C LEU D 119 3.91 49.17 -12.93
N MSE D 120 3.39 48.69 -11.79
CA MSE D 120 3.36 47.25 -11.46
C MSE D 120 1.97 46.80 -11.03
O MSE D 120 1.57 47.06 -9.90
CB MSE D 120 4.33 46.93 -10.33
CG MSE D 120 5.76 47.19 -10.70
SE MSE D 120 7.05 46.29 -9.52
CE MSE D 120 6.49 44.39 -9.71
N ASN D 140 4.54 42.27 -12.29
CA ASN D 140 4.91 42.56 -13.67
C ASN D 140 5.00 44.08 -13.95
N ILE D 141 5.61 44.42 -15.09
CA ILE D 141 6.15 45.77 -15.28
C ILE D 141 5.69 46.50 -16.57
N GLU D 142 4.82 47.49 -16.40
CA GLU D 142 4.24 48.14 -17.60
C GLU D 142 4.41 49.68 -17.69
N VAL D 143 4.07 50.23 -18.86
CA VAL D 143 3.93 51.67 -19.06
C VAL D 143 2.49 52.12 -19.33
N ARG D 144 1.99 53.04 -18.51
CA ARG D 144 0.80 53.83 -18.82
C ARG D 144 1.30 54.94 -19.76
N ILE D 145 0.96 54.90 -21.04
CA ILE D 145 1.36 56.01 -21.92
C ILE D 145 0.45 57.21 -21.68
N ASP D 146 1.03 58.42 -21.60
CA ASP D 146 0.22 59.62 -21.36
C ASP D 146 -0.41 60.04 -22.65
N GLU D 147 -1.30 59.18 -23.15
CA GLU D 147 -1.89 59.38 -24.44
C GLU D 147 -3.22 58.65 -24.48
N ARG D 148 -4.20 59.19 -25.20
CA ARG D 148 -5.55 58.63 -25.22
C ARG D 148 -5.68 57.44 -26.16
N VAL D 149 -5.03 56.33 -25.82
CA VAL D 149 -5.05 55.08 -26.61
C VAL D 149 -5.46 53.86 -25.78
N PHE D 150 -6.28 52.99 -26.37
CA PHE D 150 -6.88 51.90 -25.61
C PHE D 150 -6.70 50.56 -26.28
N SER D 151 -5.82 50.51 -27.27
CA SER D 151 -5.49 49.25 -27.90
C SER D 151 -4.09 49.26 -28.46
N ALA D 152 -3.59 48.06 -28.75
CA ALA D 152 -2.31 47.85 -29.42
C ALA D 152 -2.23 48.59 -30.77
N ASP D 153 -3.29 48.52 -31.58
CA ASP D 153 -3.33 49.19 -32.88
C ASP D 153 -3.22 50.71 -32.76
N GLU D 154 -3.95 51.29 -31.79
CA GLU D 154 -3.88 52.74 -31.49
C GLU D 154 -2.48 53.23 -31.04
N VAL D 155 -1.75 52.37 -30.34
CA VAL D 155 -0.42 52.69 -29.84
C VAL D 155 0.55 52.61 -31.05
N ARG D 156 0.33 51.63 -31.92
CA ARG D 156 1.14 51.50 -33.14
C ARG D 156 0.91 52.71 -34.03
N GLU D 157 -0.32 53.25 -34.01
CA GLU D 157 -0.63 54.45 -34.77
C GLU D 157 0.18 55.67 -34.32
N LEU D 158 0.53 55.72 -33.04
CA LEU D 158 1.42 56.74 -32.49
C LEU D 158 2.86 56.66 -32.99
N GLY D 159 3.27 55.54 -33.60
CA GLY D 159 4.65 55.34 -34.03
C GLY D 159 5.41 54.40 -33.11
N ILE D 160 4.78 54.00 -32.01
CA ILE D 160 5.45 53.11 -31.07
C ILE D 160 5.41 51.64 -31.53
N GLU D 161 6.58 51.02 -31.48
CA GLU D 161 6.79 49.64 -31.83
C GLU D 161 7.74 48.99 -30.83
N VAL D 162 7.59 47.67 -30.64
CA VAL D 162 8.57 46.84 -29.93
C VAL D 162 9.97 47.23 -30.40
N GLY D 163 10.93 47.28 -29.49
CA GLY D 163 12.26 47.74 -29.85
C GLY D 163 12.55 49.16 -29.37
N ASP D 164 11.51 49.94 -29.10
CA ASP D 164 11.68 51.29 -28.64
C ASP D 164 12.33 51.43 -27.27
N PHE D 165 13.38 52.24 -27.22
CA PHE D 165 13.98 52.72 -25.97
C PHE D 165 13.08 53.61 -25.08
N VAL D 166 12.96 53.17 -23.84
CA VAL D 166 12.26 53.91 -22.80
C VAL D 166 13.37 54.41 -21.91
N SER D 167 13.28 55.64 -21.43
CA SER D 167 14.32 56.17 -20.53
C SER D 167 13.63 56.66 -19.28
N PHE D 168 14.23 56.50 -18.10
CA PHE D 168 13.58 56.93 -16.86
C PHE D 168 13.84 58.39 -16.57
N ASP D 169 12.86 59.08 -15.97
CA ASP D 169 13.06 60.45 -15.60
C ASP D 169 14.00 60.53 -14.42
N PRO D 170 15.12 61.22 -14.60
CA PRO D 170 16.23 61.24 -13.68
C PRO D 170 15.96 62.05 -12.41
N ARG D 171 15.09 63.04 -12.51
CA ARG D 171 14.70 63.81 -11.33
C ARG D 171 15.93 64.50 -10.74
N VAL D 172 16.65 65.21 -11.57
CA VAL D 172 17.93 65.68 -11.09
C VAL D 172 17.79 66.97 -10.24
N GLN D 173 18.64 67.11 -9.23
CA GLN D 173 18.44 68.16 -8.23
C GLN D 173 19.81 68.54 -7.65
N ILE D 174 20.18 69.81 -7.77
CA ILE D 174 21.37 70.28 -7.08
C ILE D 174 20.89 71.07 -5.87
N THR D 175 21.25 70.66 -4.67
CA THR D 175 20.67 71.23 -3.46
C THR D 175 21.53 72.37 -2.95
N GLU D 176 20.93 73.38 -2.32
CA GLU D 176 21.76 74.50 -1.86
C GLU D 176 22.83 74.02 -0.85
N SER D 177 22.55 72.91 -0.18
CA SER D 177 23.51 72.28 0.72
C SER D 177 24.72 71.63 0.02
N GLY D 178 24.71 71.52 -1.31
CA GLY D 178 25.88 71.05 -2.04
C GLY D 178 25.77 69.63 -2.59
N TYR D 179 24.59 69.05 -2.43
CA TYR D 179 24.39 67.68 -2.80
C TYR D 179 23.79 67.71 -4.17
N ILE D 180 24.15 66.72 -4.97
CA ILE D 180 23.44 66.40 -6.19
C ILE D 180 22.79 65.03 -6.04
N LYS D 181 21.49 65.01 -6.28
CA LYS D 181 20.78 63.75 -6.29
C LYS D 181 20.03 63.54 -7.58
N SER D 182 19.90 62.28 -7.96
CA SER D 182 19.17 61.85 -9.13
C SER D 182 18.56 60.54 -8.72
N ARG D 183 17.89 59.88 -9.66
CA ARG D 183 17.89 58.43 -9.66
C ARG D 183 18.36 58.03 -11.01
N HIS D 184 19.67 57.82 -11.14
CA HIS D 184 20.23 57.86 -12.44
C HIS D 184 21.31 58.89 -12.43
N LEU D 185 22.46 58.56 -11.89
CA LEU D 185 23.59 59.43 -12.06
C LEU D 185 24.50 58.64 -12.93
N ASP D 186 24.37 57.31 -12.85
CA ASP D 186 25.53 56.41 -12.86
C ASP D 186 26.52 56.70 -13.95
N ASP D 187 27.68 57.13 -13.49
CA ASP D 187 28.82 57.56 -14.24
C ASP D 187 28.81 58.82 -15.10
N LYS D 188 27.66 59.45 -15.27
CA LYS D 188 27.65 60.81 -15.80
C LYS D 188 28.47 61.79 -14.93
N VAL D 189 28.59 61.50 -13.64
CA VAL D 189 29.46 62.28 -12.73
C VAL D 189 30.92 62.19 -13.17
N SER D 190 31.36 60.97 -13.47
CA SER D 190 32.73 60.74 -13.95
C SER D 190 32.97 61.30 -15.34
N VAL D 191 31.96 61.28 -16.19
CA VAL D 191 32.08 61.92 -17.52
C VAL D 191 32.43 63.42 -17.40
N ALA D 192 31.70 64.14 -16.56
CA ALA D 192 31.96 65.58 -16.33
C ALA D 192 33.35 65.84 -15.71
N ILE D 193 33.77 65.01 -14.74
CA ILE D 193 35.16 65.03 -14.25
C ILE D 193 36.18 64.99 -15.38
N LEU D 194 36.18 63.93 -16.18
CA LEU D 194 37.18 63.80 -17.23
C LEU D 194 37.14 64.97 -18.18
N LEU D 195 35.93 65.37 -18.52
CA LEU D 195 35.70 66.46 -19.45
C LEU D 195 36.32 67.77 -18.92
N LYS D 196 36.04 68.08 -17.66
CA LYS D 196 36.51 69.32 -17.07
C LYS D 196 38.00 69.22 -16.82
N LEU D 197 38.42 68.13 -16.20
CA LEU D 197 39.84 67.88 -16.06
C LEU D 197 40.63 68.05 -17.37
N ILE D 198 40.05 67.75 -18.52
CA ILE D 198 40.74 68.02 -19.79
C ILE D 198 40.95 69.54 -20.05
N LYS D 199 39.92 70.33 -19.72
CA LYS D 199 39.95 71.79 -19.92
C LYS D 199 41.06 72.38 -19.07
N ARG D 200 41.11 71.93 -17.83
CA ARG D 200 42.18 72.30 -16.89
C ARG D 200 43.60 72.20 -17.49
N LEU D 201 43.97 71.07 -18.12
CA LEU D 201 45.34 70.94 -18.67
C LEU D 201 45.59 71.91 -19.80
N GLN D 202 44.53 72.17 -20.57
CA GLN D 202 44.64 73.05 -21.74
C GLN D 202 44.85 74.48 -21.33
N ASP D 203 44.06 74.89 -20.34
CA ASP D 203 44.11 76.24 -19.81
C ASP D 203 45.45 76.52 -19.14
N GLU D 204 45.89 75.59 -18.28
CA GLU D 204 47.10 75.79 -17.44
C GLU D 204 48.44 75.74 -18.19
N ASN D 205 48.47 75.16 -19.38
CA ASN D 205 49.71 74.96 -20.13
C ASN D 205 50.71 74.12 -19.38
N VAL D 206 50.20 73.03 -18.81
CA VAL D 206 51.06 71.99 -18.26
C VAL D 206 51.02 70.85 -19.26
N THR D 207 52.19 70.31 -19.56
CA THR D 207 52.28 69.20 -20.47
C THR D 207 52.10 67.91 -19.65
N LEU D 208 51.25 67.00 -20.11
CA LEU D 208 51.18 65.67 -19.52
C LEU D 208 52.51 64.90 -19.67
N PRO D 209 52.91 64.19 -18.61
CA PRO D 209 54.11 63.36 -18.68
C PRO D 209 53.99 62.28 -19.75
N TYR D 210 52.76 61.89 -20.08
CA TYR D 210 52.49 60.79 -21.01
C TYR D 210 51.24 61.10 -21.83
N THR D 211 51.22 60.65 -23.08
CA THR D 211 50.03 60.73 -23.92
C THR D 211 48.89 60.00 -23.21
N THR D 212 47.81 60.71 -22.95
CA THR D 212 46.72 60.13 -22.20
C THR D 212 45.42 60.17 -23.00
N HIS D 213 44.69 59.06 -22.96
CA HIS D 213 43.42 58.93 -23.69
C HIS D 213 42.29 58.99 -22.72
N PHE D 214 41.22 59.66 -23.13
CA PHE D 214 40.02 59.73 -22.36
C PHE D 214 38.94 59.10 -23.19
N LEU D 215 38.55 57.90 -22.78
CA LEU D 215 37.62 57.08 -23.54
C LEU D 215 36.26 57.36 -22.98
N ILE D 216 35.38 58.01 -23.75
CA ILE D 216 33.98 58.15 -23.31
C ILE D 216 33.19 56.95 -23.81
N SER D 217 33.20 55.87 -23.05
CA SER D 217 32.62 54.62 -23.52
C SER D 217 31.10 54.63 -23.39
N ASN D 218 30.45 53.82 -24.19
CA ASN D 218 29.00 53.86 -24.26
C ASN D 218 28.28 52.53 -23.96
N ASN D 219 28.98 51.59 -23.31
CA ASN D 219 28.33 50.40 -22.68
C ASN D 219 28.92 49.89 -21.34
N GLU D 220 29.82 50.65 -20.74
CA GLU D 220 30.57 50.25 -19.51
C GLU D 220 29.69 50.06 -18.27
N ILE D 230 41.58 49.98 -27.67
CA ILE D 230 42.58 50.77 -26.95
C ILE D 230 44.02 50.58 -27.48
N PRO D 231 44.71 51.72 -27.78
CA PRO D 231 46.09 51.91 -28.29
C PRO D 231 47.16 50.95 -27.73
N GLU D 232 48.02 50.40 -28.60
CA GLU D 232 48.94 49.30 -28.21
C GLU D 232 49.91 49.66 -27.05
N GLU D 233 50.23 50.94 -26.92
CA GLU D 233 51.25 51.42 -25.98
C GLU D 233 50.71 51.88 -24.62
N THR D 234 49.43 51.65 -24.40
CA THR D 234 48.77 51.89 -23.10
C THR D 234 49.36 50.99 -22.02
N VAL D 235 50.01 51.61 -21.04
CA VAL D 235 50.59 50.84 -19.95
C VAL D 235 49.67 50.75 -18.73
N GLU D 236 48.83 51.76 -18.51
CA GLU D 236 47.92 51.71 -17.38
C GLU D 236 46.55 52.34 -17.62
N TYR D 237 45.57 51.89 -16.89
CA TYR D 237 44.21 52.07 -17.33
C TYR D 237 43.37 52.34 -16.11
N LEU D 238 42.82 53.55 -16.04
CA LEU D 238 41.97 53.94 -14.90
C LEU D 238 40.49 54.20 -15.30
N ALA D 239 39.61 53.38 -14.79
CA ALA D 239 38.20 53.64 -14.92
C ALA D 239 37.85 54.60 -13.80
N VAL D 240 37.14 55.66 -14.16
CA VAL D 240 36.58 56.60 -13.20
C VAL D 240 35.09 56.32 -13.12
N ASP D 241 34.69 55.67 -12.03
CA ASP D 241 33.37 55.06 -11.97
C ASP D 241 32.93 54.90 -10.52
N MSE D 242 31.66 54.58 -10.31
CA MSE D 242 31.10 54.64 -8.97
C MSE D 242 30.32 53.41 -8.68
O MSE D 242 29.65 52.90 -9.58
CB MSE D 242 30.20 55.87 -8.84
CG MSE D 242 30.82 57.20 -9.31
SE MSE D 242 29.57 58.73 -9.10
CE MSE D 242 28.20 58.29 -10.46
N GLY D 243 30.42 52.91 -7.44
CA GLY D 243 29.69 51.69 -7.00
C GLY D 243 29.19 51.59 -5.54
N ALA D 244 28.28 50.64 -5.29
CA ALA D 244 27.69 50.28 -3.97
C ALA D 244 28.65 49.53 -3.01
N LEU D 245 28.20 49.14 -1.79
CA LEU D 245 29.00 48.25 -0.87
C LEU D 245 28.28 47.35 0.16
N GLY D 246 26.96 47.48 0.30
CA GLY D 246 26.15 46.54 1.13
C GLY D 246 26.23 46.61 2.66
N ASP D 247 27.33 47.21 3.17
CA ASP D 247 27.52 47.47 4.62
C ASP D 247 27.11 48.89 5.04
N GLY D 248 27.38 49.87 4.16
CA GLY D 248 27.05 51.27 4.39
C GLY D 248 28.07 52.21 3.80
N ASP D 252 30.01 56.94 2.16
CA ASP D 252 30.74 58.20 2.22
C ASP D 252 30.71 59.05 0.94
N GLU D 253 29.80 60.01 0.92
CA GLU D 253 29.62 60.92 -0.21
C GLU D 253 30.54 62.14 -0.13
N TYR D 254 31.57 62.11 0.71
CA TYR D 254 32.38 63.31 0.86
C TYR D 254 33.84 63.08 0.63
N THR D 255 34.17 61.93 0.04
CA THR D 255 35.57 61.60 -0.31
C THR D 255 35.69 60.87 -1.65
N VAL D 256 36.92 60.79 -2.16
CA VAL D 256 37.15 60.02 -3.37
C VAL D 256 37.30 58.54 -3.00
N SER D 257 36.55 57.70 -3.67
CA SER D 257 36.61 56.27 -3.43
C SER D 257 37.61 55.55 -4.37
N ILE D 258 38.71 55.01 -3.81
CA ILE D 258 39.71 54.19 -4.52
C ILE D 258 39.42 52.69 -4.36
N CYS D 259 39.12 52.00 -5.46
CA CYS D 259 38.64 50.62 -5.35
C CYS D 259 39.79 49.66 -5.28
N ALA D 260 39.77 48.78 -4.28
CA ALA D 260 40.84 47.79 -4.18
C ALA D 260 40.39 46.51 -4.84
N LYS D 261 39.09 46.32 -5.02
CA LYS D 261 38.61 45.06 -5.55
C LYS D 261 37.13 45.19 -5.83
N ASP D 262 36.65 44.39 -6.77
CA ASP D 262 35.23 44.28 -7.04
C ASP D 262 34.88 42.84 -7.36
N SER D 263 33.70 42.60 -7.88
CA SER D 263 33.22 41.22 -8.00
C SER D 263 34.02 40.43 -9.03
N SER D 264 34.94 41.11 -9.69
CA SER D 264 35.82 40.38 -10.59
C SER D 264 37.24 40.27 -10.02
N GLY D 265 37.51 40.88 -8.88
CA GLY D 265 38.78 40.63 -8.25
C GLY D 265 39.56 41.87 -7.90
N PRO D 266 40.71 41.68 -7.28
CA PRO D 266 41.52 42.77 -6.78
C PRO D 266 42.03 43.68 -7.89
N TYR D 267 42.12 44.97 -7.65
CA TYR D 267 42.73 45.84 -8.63
C TYR D 267 44.24 45.84 -8.53
N HIS D 268 44.94 46.23 -9.60
CA HIS D 268 46.42 46.11 -9.62
C HIS D 268 46.95 46.74 -8.33
N TYR D 269 47.61 45.91 -7.54
CA TYR D 269 48.04 46.34 -6.21
C TYR D 269 48.90 47.62 -6.19
N ALA D 270 50.05 47.56 -6.87
CA ALA D 270 50.99 48.66 -6.81
C ALA D 270 50.41 50.02 -7.29
N LEU D 271 49.59 49.97 -8.34
CA LEU D 271 48.91 51.15 -8.89
C LEU D 271 47.89 51.77 -7.95
N ARG D 272 47.24 50.90 -7.16
CA ARG D 272 46.29 51.34 -6.17
C ARG D 272 47.01 52.00 -5.03
N LYS D 273 48.12 51.38 -4.64
CA LYS D 273 48.97 51.94 -3.58
C LYS D 273 49.52 53.26 -4.06
N HIS D 274 49.83 53.35 -5.36
CA HIS D 274 50.29 54.61 -5.92
C HIS D 274 49.29 55.71 -5.61
N LEU D 275 48.04 55.43 -5.93
CA LEU D 275 47.00 56.42 -5.83
C LEU D 275 46.77 56.87 -4.39
N VAL D 276 46.89 55.92 -3.46
CA VAL D 276 46.72 56.22 -2.06
C VAL D 276 47.83 57.18 -1.64
N GLU D 277 49.08 56.84 -1.99
CA GLU D 277 50.17 57.73 -1.77
C GLU D 277 49.92 59.06 -2.49
N LEU D 278 49.40 59.01 -3.70
CA LEU D 278 49.08 60.23 -4.41
C LEU D 278 48.19 61.10 -3.56
N ALA D 279 47.09 60.52 -3.12
CA ALA D 279 46.07 61.26 -2.44
C ALA D 279 46.66 61.76 -1.14
N LYS D 280 47.37 60.88 -0.44
CA LYS D 280 47.95 61.31 0.82
C LYS D 280 48.77 62.59 0.62
N THR D 281 49.72 62.56 -0.30
CA THR D 281 50.58 63.73 -0.55
C THR D 281 49.87 65.02 -0.86
N ASN D 282 48.85 64.94 -1.71
CA ASN D 282 48.10 66.11 -2.10
C ASN D 282 46.97 66.44 -1.14
N HIS D 283 46.95 65.73 0.00
CA HIS D 283 45.99 66.02 1.10
C HIS D 283 44.55 65.84 0.64
N ILE D 284 44.34 64.84 -0.19
CA ILE D 284 43.04 64.56 -0.77
C ILE D 284 42.35 63.61 0.16
N GLU D 285 41.11 63.92 0.50
CA GLU D 285 40.33 63.03 1.36
C GLU D 285 39.91 61.82 0.57
N TYR D 286 40.36 60.64 0.98
CA TYR D 286 40.03 59.36 0.28
C TYR D 286 39.53 58.25 1.20
N LYS D 287 38.91 57.24 0.59
CA LYS D 287 38.66 55.97 1.24
C LYS D 287 39.06 54.80 0.34
N VAL D 288 39.71 53.79 0.89
CA VAL D 288 39.92 52.57 0.10
C VAL D 288 38.73 51.65 0.28
N ASP D 289 38.15 51.24 -0.85
CA ASP D 289 36.89 50.53 -0.89
C ASP D 289 36.89 49.19 -1.59
N ILE D 290 35.81 48.43 -1.34
CA ILE D 290 35.51 47.18 -2.01
C ILE D 290 34.10 47.26 -2.56
N TYR D 291 33.95 47.14 -3.89
CA TYR D 291 32.62 47.07 -4.53
C TYR D 291 32.22 45.63 -4.91
N PRO D 292 31.32 45.02 -4.14
CA PRO D 292 30.87 43.62 -4.33
C PRO D 292 29.95 43.40 -5.53
N TYR D 293 29.52 44.50 -6.17
CA TYR D 293 28.56 44.44 -7.29
C TYR D 293 29.18 44.84 -8.63
N TYR D 294 29.91 45.95 -8.66
CA TYR D 294 30.77 46.32 -9.81
C TYR D 294 31.95 45.34 -9.92
N ARG D 303 37.64 44.10 -20.51
CA ARG D 303 38.90 44.47 -19.85
C ARG D 303 39.65 43.20 -19.46
N ALA D 304 38.93 42.07 -19.58
CA ALA D 304 39.45 40.72 -19.40
C ALA D 304 40.93 40.60 -19.83
N GLY D 305 41.16 40.37 -21.15
CA GLY D 305 42.50 40.13 -21.74
C GLY D 305 43.15 41.24 -22.57
N PHE D 306 43.88 42.11 -21.88
CA PHE D 306 44.55 43.29 -22.42
C PHE D 306 45.69 43.52 -21.45
N ASP D 307 46.94 43.52 -21.90
CA ASP D 307 48.10 43.73 -21.00
C ASP D 307 48.32 45.16 -20.50
N VAL D 308 47.55 45.56 -19.49
CA VAL D 308 47.59 46.90 -18.88
C VAL D 308 47.38 46.80 -17.36
N LYS D 309 47.80 47.81 -16.59
CA LYS D 309 47.54 47.85 -15.14
C LYS D 309 46.22 48.61 -14.80
N HIS D 310 45.37 47.95 -14.01
CA HIS D 310 44.00 48.39 -13.76
C HIS D 310 43.85 49.03 -12.41
N ALA D 311 43.20 50.19 -12.45
CA ALA D 311 42.75 50.82 -11.25
C ALA D 311 41.34 51.33 -11.51
N LEU D 312 40.62 51.60 -10.43
CA LEU D 312 39.28 52.15 -10.56
C LEU D 312 39.10 53.10 -9.39
N ILE D 313 38.79 54.37 -9.67
CA ILE D 313 38.39 55.32 -8.62
C ILE D 313 37.12 56.02 -9.04
N GLY D 314 36.53 56.76 -8.12
CA GLY D 314 35.26 57.43 -8.35
C GLY D 314 34.81 58.17 -7.12
N ALA D 315 33.83 59.06 -7.31
CA ALA D 315 33.20 59.79 -6.24
C ALA D 315 32.32 58.84 -5.49
N GLY D 316 32.06 59.17 -4.22
CA GLY D 316 31.22 58.35 -3.35
C GLY D 316 29.78 58.59 -3.72
N ILE D 317 29.10 57.54 -4.12
CA ILE D 317 27.69 57.57 -4.50
C ILE D 317 26.92 56.85 -3.41
N ASP D 318 25.75 57.35 -3.05
CA ASP D 318 24.92 56.73 -2.02
C ASP D 318 23.65 56.14 -2.64
N SER D 319 23.31 54.93 -2.19
CA SER D 319 22.29 54.05 -2.79
C SER D 319 22.30 54.04 -4.35
N SER D 320 23.44 53.61 -4.88
CA SER D 320 23.66 53.47 -6.32
C SER D 320 22.65 52.51 -6.98
N HIS D 321 22.27 52.81 -8.23
CA HIS D 321 21.32 52.03 -9.08
C HIS D 321 19.85 52.24 -8.71
N ALA D 322 19.59 52.62 -7.46
CA ALA D 322 18.33 53.25 -7.09
C ALA D 322 18.51 54.78 -7.11
N PHE D 323 18.32 55.43 -5.97
CA PHE D 323 18.21 56.88 -5.94
C PHE D 323 19.52 57.49 -5.54
N GLU D 324 20.21 58.07 -6.51
CA GLU D 324 21.61 58.26 -6.31
C GLU D 324 21.88 59.66 -5.75
N ARG D 325 22.80 59.73 -4.80
CA ARG D 325 23.23 61.00 -4.27
C ARG D 325 24.76 61.06 -4.12
N THR D 326 25.33 62.26 -4.29
CA THR D 326 26.69 62.53 -3.83
C THR D 326 26.87 63.98 -3.50
N HIS D 327 27.95 64.30 -2.82
CA HIS D 327 28.16 65.68 -2.41
C HIS D 327 29.30 66.29 -3.17
N GLU D 328 29.13 67.56 -3.53
CA GLU D 328 30.16 68.32 -4.23
C GLU D 328 31.57 68.08 -3.67
N SER D 329 31.72 67.95 -2.35
CA SER D 329 33.05 67.72 -1.78
C SER D 329 33.69 66.51 -2.44
N SER D 330 32.93 65.41 -2.54
CA SER D 330 33.44 64.19 -3.15
C SER D 330 33.89 64.41 -4.60
N ILE D 331 33.07 65.13 -5.38
CA ILE D 331 33.45 65.45 -6.76
C ILE D 331 34.82 66.17 -6.79
N ALA D 332 34.97 67.16 -5.88
CA ALA D 332 36.19 67.92 -5.71
C ALA D 332 37.36 67.02 -5.37
N HIS D 333 37.16 66.10 -4.44
CA HIS D 333 38.25 65.20 -4.11
C HIS D 333 38.59 64.27 -5.28
N THR D 334 37.56 63.68 -5.88
CA THR D 334 37.78 62.87 -7.05
C THR D 334 38.58 63.65 -8.09
N GLU D 335 38.11 64.86 -8.42
CA GLU D 335 38.78 65.69 -9.41
C GLU D 335 40.26 65.81 -9.14
N ALA D 336 40.62 66.05 -7.88
CA ALA D 336 42.01 66.18 -7.49
C ALA D 336 42.85 64.87 -7.67
N LEU D 337 42.31 63.70 -7.35
CA LEU D 337 43.05 62.47 -7.66
C LEU D 337 43.34 62.37 -9.13
N VAL D 338 42.34 62.53 -9.99
CA VAL D 338 42.55 62.34 -11.41
C VAL D 338 43.66 63.28 -11.89
N TYR D 339 43.64 64.53 -11.43
CA TYR D 339 44.67 65.48 -11.84
C TYR D 339 46.06 64.96 -11.42
N ALA D 340 46.24 64.80 -10.12
CA ALA D 340 47.48 64.38 -9.54
C ALA D 340 47.97 63.10 -10.19
N TYR D 341 47.04 62.15 -10.36
CA TYR D 341 47.32 60.86 -11.02
C TYR D 341 47.96 61.12 -12.36
N VAL D 342 47.16 61.65 -13.24
CA VAL D 342 47.50 61.89 -14.60
C VAL D 342 48.81 62.67 -14.77
N MSE D 343 49.30 63.24 -13.67
CA MSE D 343 50.54 64.02 -13.67
C MSE D 343 51.73 63.17 -13.22
O MSE D 343 52.87 63.51 -13.50
CB MSE D 343 50.43 65.23 -12.74
CG MSE D 343 49.45 66.27 -13.20
SE MSE D 343 50.06 67.28 -14.77
CE MSE D 343 48.31 67.95 -15.31
N SER D 344 51.44 62.09 -12.50
CA SER D 344 52.45 61.23 -11.92
C SER D 344 53.22 60.46 -12.98
N ASN D 345 54.32 59.81 -12.59
CA ASN D 345 55.03 58.90 -13.48
C ASN D 345 54.38 57.49 -13.45
N LEU D 346 54.57 56.73 -14.53
CA LEU D 346 54.13 55.35 -14.60
C LEU D 346 54.66 54.52 -13.43
N ILE D 347 53.94 53.46 -13.07
CA ILE D 347 54.39 52.56 -11.98
C ILE D 347 55.78 51.89 -12.18
N GLU D 348 56.61 52.03 -11.13
CA GLU D 348 57.80 51.18 -10.88
C GLU D 348 58.01 50.04 -11.88
N ALA E 2 10.18 30.04 -53.78
CA ALA E 2 9.44 28.81 -53.35
C ALA E 2 9.63 27.65 -54.35
N HIS E 3 10.86 27.50 -54.84
CA HIS E 3 11.35 26.27 -55.45
C HIS E 3 12.84 26.20 -55.12
N HIS E 4 13.43 27.39 -55.01
CA HIS E 4 14.73 27.53 -54.44
C HIS E 4 14.65 27.25 -52.91
N THR E 5 13.51 27.58 -52.32
CA THR E 5 13.24 27.49 -50.88
C THR E 5 13.22 26.05 -50.37
N LYS E 6 12.51 25.21 -51.10
CA LYS E 6 12.39 23.78 -50.83
C LYS E 6 13.76 23.09 -50.84
N GLU E 7 14.62 23.51 -51.77
CA GLU E 7 15.98 23.03 -51.80
C GLU E 7 16.76 23.44 -50.57
N THR E 8 16.53 24.66 -50.10
CA THR E 8 17.18 25.12 -48.87
C THR E 8 16.81 24.22 -47.69
N MSE E 9 15.55 23.80 -47.62
CA MSE E 9 15.12 22.85 -46.61
C MSE E 9 15.71 21.45 -46.78
O MSE E 9 15.94 20.77 -45.79
CB MSE E 9 13.62 22.77 -46.52
CG MSE E 9 13.07 23.92 -45.73
SE MSE E 9 11.14 23.88 -45.45
CE MSE E 9 10.73 22.04 -44.89
N GLU E 10 15.98 21.03 -48.00
CA GLU E 10 16.74 19.80 -48.21
C GLU E 10 18.13 19.85 -47.54
N LEU E 11 18.85 20.93 -47.77
CA LEU E 11 20.16 21.11 -47.18
C LEU E 11 20.03 21.03 -45.66
N ILE E 12 19.08 21.76 -45.10
CA ILE E 12 18.83 21.73 -43.67
C ILE E 12 18.67 20.31 -43.16
N LYS E 13 17.73 19.56 -43.75
CA LYS E 13 17.60 18.14 -43.40
C LYS E 13 18.93 17.36 -43.59
N GLU E 14 19.67 17.67 -44.65
CA GLU E 14 20.97 17.01 -44.76
C GLU E 14 21.92 17.36 -43.57
N LEU E 15 22.13 18.65 -43.31
CA LEU E 15 22.96 19.10 -42.17
C LEU E 15 22.53 18.57 -40.75
N VAL E 16 21.25 18.65 -40.48
CA VAL E 16 20.72 18.17 -39.23
C VAL E 16 21.00 16.65 -39.06
N SER E 17 21.10 15.96 -40.17
CA SER E 17 21.31 14.52 -40.14
C SER E 17 22.77 14.14 -39.91
N ILE E 18 23.64 15.14 -39.78
CA ILE E 18 25.03 14.88 -39.41
C ILE E 18 25.29 15.30 -37.96
N PRO E 19 25.50 14.33 -37.07
CA PRO E 19 25.74 14.73 -35.68
C PRO E 19 26.93 15.74 -35.55
N SER E 20 26.74 16.78 -34.73
CA SER E 20 27.81 17.74 -34.57
C SER E 20 27.74 18.46 -33.22
N PRO E 21 27.80 17.67 -32.15
CA PRO E 21 27.78 18.38 -30.87
C PRO E 21 29.06 19.25 -30.69
N SER E 22 28.92 20.37 -29.99
CA SER E 22 30.06 21.25 -29.77
C SER E 22 31.17 20.38 -29.23
N GLY E 23 32.35 20.49 -29.87
CA GLY E 23 33.54 19.77 -29.46
C GLY E 23 33.87 18.70 -30.48
N ASN E 24 32.88 18.32 -31.26
CA ASN E 24 33.00 17.23 -32.19
C ASN E 24 32.28 17.51 -33.48
N THR E 25 32.79 18.45 -34.26
CA THR E 25 32.16 18.94 -35.46
C THR E 25 33.03 18.71 -36.72
N ALA E 26 34.08 17.92 -36.62
CA ALA E 26 34.91 17.75 -37.81
C ALA E 26 34.18 17.12 -39.02
N LYS E 27 33.24 16.18 -38.82
CA LYS E 27 32.55 15.55 -39.98
C LYS E 27 31.77 16.59 -40.74
N ILE E 28 30.99 17.34 -39.99
CA ILE E 28 30.13 18.32 -40.62
C ILE E 28 30.93 19.44 -41.27
N ILE E 29 31.99 19.90 -40.61
CA ILE E 29 32.78 20.93 -41.18
C ILE E 29 33.33 20.40 -42.51
N ASN E 30 33.78 19.14 -42.53
CA ASN E 30 34.21 18.53 -43.77
C ASN E 30 33.13 18.51 -44.80
N PHE E 31 31.93 18.14 -44.39
CA PHE E 31 30.84 18.05 -45.31
C PHE E 31 30.61 19.38 -45.97
N ILE E 32 30.65 20.44 -45.16
CA ILE E 32 30.70 21.80 -45.70
C ILE E 32 31.87 22.08 -46.68
N GLU E 33 33.12 21.82 -46.27
CA GLU E 33 34.26 22.10 -47.14
C GLU E 33 34.04 21.48 -48.51
N ASN E 34 33.63 20.21 -48.55
CA ASN E 34 33.41 19.55 -49.83
C ASN E 34 32.28 20.18 -50.64
N TYR E 35 31.18 20.51 -49.94
CA TYR E 35 29.98 21.01 -50.56
C TYR E 35 30.20 22.26 -51.40
N VAL E 36 31.16 23.08 -50.98
CA VAL E 36 31.51 24.33 -51.65
C VAL E 36 32.78 24.23 -52.50
N SER E 37 33.39 23.05 -52.50
CA SER E 37 34.72 22.89 -53.06
C SER E 37 34.83 23.29 -54.53
N GLU E 38 33.71 23.30 -55.27
CA GLU E 38 33.74 23.66 -56.71
C GLU E 38 33.23 25.06 -56.94
N TRP E 39 32.89 25.76 -55.86
CA TRP E 39 32.40 27.11 -56.00
C TRP E 39 33.56 28.06 -56.10
N ASN E 40 33.24 29.34 -56.25
CA ASN E 40 34.23 30.37 -56.33
C ASN E 40 34.80 30.77 -54.98
N VAL E 41 33.97 30.78 -53.94
CA VAL E 41 34.45 31.31 -52.65
C VAL E 41 35.75 30.74 -52.15
N GLU E 42 36.53 31.62 -51.53
CA GLU E 42 37.76 31.28 -50.80
C GLU E 42 37.35 30.68 -49.48
N THR E 43 37.96 29.54 -49.15
CA THR E 43 37.67 28.71 -47.96
C THR E 43 38.90 28.65 -47.06
N LYS E 44 38.72 28.88 -45.77
CA LYS E 44 39.85 28.89 -44.85
C LYS E 44 39.45 28.19 -43.57
N ARG E 45 40.36 27.44 -42.95
CA ARG E 45 40.02 26.71 -41.73
C ARG E 45 40.95 27.03 -40.55
N ASN E 46 40.52 27.94 -39.67
CA ASN E 46 41.28 28.25 -38.46
C ASN E 46 41.67 27.02 -37.61
N ASN E 47 42.41 27.28 -36.54
CA ASN E 47 42.92 26.20 -35.71
C ASN E 47 41.87 25.51 -34.91
N LYS E 48 40.80 26.24 -34.63
CA LYS E 48 39.69 25.73 -33.93
C LYS E 48 38.78 24.91 -34.84
N GLY E 49 39.10 24.81 -36.13
CA GLY E 49 38.30 24.04 -37.08
C GLY E 49 37.01 24.67 -37.61
N ALA E 50 36.91 25.99 -37.57
CA ALA E 50 35.75 26.68 -38.17
C ALA E 50 36.07 26.96 -39.61
N LEU E 51 35.05 27.37 -40.36
CA LEU E 51 35.29 27.86 -41.74
C LEU E 51 35.06 29.35 -41.84
N ILE E 52 35.82 30.01 -42.69
CA ILE E 52 35.57 31.39 -43.05
C ILE E 52 35.54 31.30 -44.55
N LEU E 53 34.43 31.69 -45.13
CA LEU E 53 34.31 31.70 -46.57
C LEU E 53 34.19 33.17 -46.95
N THR E 54 35.06 33.64 -47.82
CA THR E 54 35.10 35.05 -48.12
C THR E 54 34.70 35.31 -49.58
N VAL E 55 33.89 36.34 -49.81
CA VAL E 55 33.60 36.80 -51.18
C VAL E 55 34.05 38.24 -51.28
N LYS E 56 35.00 38.50 -52.18
CA LYS E 56 35.52 39.87 -52.35
C LYS E 56 34.47 40.74 -53.00
N GLY E 57 34.41 42.00 -52.57
CA GLY E 57 33.43 42.95 -53.06
C GLY E 57 34.06 44.08 -53.86
N LYS E 58 33.30 45.14 -54.05
CA LYS E 58 33.80 46.33 -54.71
C LYS E 58 34.72 47.05 -53.77
N ASN E 59 34.29 47.22 -52.53
CA ASN E 59 35.07 47.94 -51.56
C ASN E 59 35.73 46.91 -50.67
N ASP E 60 37.06 46.95 -50.65
CA ASP E 60 37.82 45.99 -49.88
C ASP E 60 38.54 46.57 -48.65
N ALA E 61 38.36 47.85 -48.37
CA ALA E 61 38.95 48.43 -47.16
C ALA E 61 38.02 48.26 -45.98
N GLN E 62 36.76 47.95 -46.27
CA GLN E 62 35.76 47.88 -45.24
C GLN E 62 35.01 46.59 -45.38
N HIS E 63 35.24 45.69 -44.43
CA HIS E 63 34.64 44.38 -44.51
C HIS E 63 33.36 44.24 -43.73
N ARG E 64 32.65 43.17 -44.07
CA ARG E 64 31.41 42.80 -43.43
C ARG E 64 31.55 41.30 -43.12
N LEU E 65 30.94 40.85 -42.03
CA LEU E 65 31.04 39.46 -41.58
C LEU E 65 29.64 38.95 -41.24
N LEU E 66 29.28 37.77 -41.71
CA LEU E 66 28.06 37.10 -41.26
C LEU E 66 28.47 35.81 -40.63
N THR E 67 27.67 35.30 -39.70
CA THR E 67 28.02 34.06 -39.09
C THR E 67 26.80 33.25 -38.68
N ALA E 68 26.93 31.94 -38.79
CA ALA E 68 25.97 30.95 -38.24
C ALA E 68 26.79 29.76 -37.71
N HIS E 69 26.26 28.99 -36.79
CA HIS E 69 27.06 27.95 -36.20
C HIS E 69 26.50 26.55 -36.51
N VAL E 70 27.40 25.58 -36.69
CA VAL E 70 27.06 24.16 -36.90
C VAL E 70 27.04 23.31 -35.65
N ASP E 71 27.57 23.80 -34.54
CA ASP E 71 27.55 23.01 -33.29
C ASP E 71 26.15 22.97 -32.68
N THR E 72 25.82 21.88 -32.01
CA THR E 72 24.48 21.63 -31.50
C THR E 72 24.61 21.23 -30.05
N LEU E 73 23.49 21.16 -29.35
CA LEU E 73 23.36 20.50 -28.06
C LEU E 73 23.82 19.07 -28.20
N GLY E 74 24.33 18.53 -27.10
CA GLY E 74 24.61 17.11 -27.01
C GLY E 74 25.03 16.73 -25.61
N ALA E 75 25.73 15.59 -25.53
CA ALA E 75 26.24 15.13 -24.23
C ALA E 75 27.55 14.41 -24.39
N MSE E 76 28.18 14.10 -23.27
CA MSE E 76 29.43 13.37 -23.27
C MSE E 76 29.39 12.40 -22.15
O MSE E 76 28.79 12.71 -21.07
CB MSE E 76 30.57 14.34 -23.03
CG MSE E 76 31.94 13.70 -22.80
SE MSE E 76 33.32 15.08 -22.78
CE MSE E 76 33.31 15.71 -24.66
N VAL E 77 30.03 11.26 -22.36
CA VAL E 77 30.06 10.19 -21.35
C VAL E 77 30.84 10.64 -20.11
N LYS E 78 30.19 10.71 -18.95
CA LYS E 78 30.89 11.20 -17.77
C LYS E 78 31.21 10.13 -16.76
N GLU E 79 30.58 8.97 -16.91
CA GLU E 79 30.92 7.78 -16.12
C GLU E 79 30.24 6.58 -16.71
N ILE E 80 30.94 5.45 -16.73
CA ILE E 80 30.31 4.17 -17.04
C ILE E 80 29.89 3.57 -15.69
N LYS E 81 28.60 3.27 -15.53
CA LYS E 81 28.10 2.86 -14.21
C LYS E 81 28.18 1.33 -14.04
N PRO E 82 28.20 0.84 -12.78
CA PRO E 82 28.47 -0.58 -12.59
C PRO E 82 27.59 -1.51 -13.46
N ASP E 83 26.30 -1.21 -13.60
CA ASP E 83 25.41 -2.03 -14.42
C ASP E 83 25.61 -1.77 -15.91
N GLY E 84 26.45 -0.81 -16.30
CA GLY E 84 26.76 -0.63 -17.70
C GLY E 84 25.97 0.48 -18.35
N ARG E 85 25.05 1.08 -17.59
CA ARG E 85 24.37 2.29 -18.09
C ARG E 85 25.45 3.38 -18.10
N LEU E 86 25.33 4.31 -19.03
CA LEU E 86 26.21 5.46 -19.15
C LEU E 86 25.62 6.70 -18.48
N SER E 87 26.48 7.47 -17.81
CA SER E 87 26.10 8.69 -17.12
C SER E 87 26.60 9.84 -17.98
N LEU E 88 25.84 10.92 -18.10
CA LEU E 88 26.18 11.99 -19.04
C LEU E 88 26.43 13.38 -18.46
N SER E 89 27.28 14.13 -19.16
CA SER E 89 27.48 15.54 -18.92
C SER E 89 26.87 16.28 -20.11
N MSE E 90 26.21 17.38 -19.84
CA MSE E 90 25.53 18.10 -20.89
C MSE E 90 26.52 18.94 -21.71
O MSE E 90 27.42 19.61 -21.15
CB MSE E 90 24.46 18.96 -20.23
CG MSE E 90 24.00 20.16 -21.03
SE MSE E 90 22.75 21.32 -20.00
CE MSE E 90 21.37 20.01 -19.38
N ILE E 91 26.40 18.87 -23.03
CA ILE E 91 27.13 19.81 -23.87
C ILE E 91 26.09 20.81 -24.30
N GLY E 92 26.38 22.10 -24.14
CA GLY E 92 25.38 23.13 -24.42
C GLY E 92 24.60 23.50 -23.16
N GLY E 93 23.52 24.26 -23.32
CA GLY E 93 22.68 24.67 -22.20
C GLY E 93 21.18 24.53 -22.46
N PHE E 94 20.62 23.38 -22.09
CA PHE E 94 19.19 23.07 -22.23
C PHE E 94 18.62 22.48 -20.92
N ARG E 95 17.35 22.04 -20.93
CA ARG E 95 16.80 21.28 -19.81
C ARG E 95 16.91 19.78 -20.07
N TRP E 96 17.39 19.01 -19.10
CA TRP E 96 17.50 17.55 -19.29
C TRP E 96 16.12 16.93 -19.54
N ASN E 97 15.13 17.44 -18.81
CA ASN E 97 13.74 16.99 -18.94
C ASN E 97 13.33 16.77 -20.42
N SER E 98 13.79 17.67 -21.28
CA SER E 98 13.40 17.67 -22.69
C SER E 98 14.18 16.72 -23.61
N VAL E 99 15.03 15.87 -23.05
CA VAL E 99 15.70 14.86 -23.88
C VAL E 99 15.46 13.45 -23.35
N GLU E 100 14.47 13.31 -22.47
CA GLU E 100 14.14 12.03 -21.90
C GLU E 100 13.49 11.10 -22.92
N GLY E 101 13.99 9.86 -23.00
CA GLY E 101 13.52 8.88 -23.99
C GLY E 101 14.01 9.11 -25.42
N GLU E 102 14.81 10.15 -25.65
CA GLU E 102 15.30 10.40 -26.98
C GLU E 102 16.35 9.35 -27.33
N TYR E 103 16.39 8.95 -28.61
CA TYR E 103 17.43 7.99 -29.03
C TYR E 103 18.73 8.75 -29.18
N CYS E 104 19.85 8.09 -29.05
CA CYS E 104 21.12 8.82 -29.11
C CYS E 104 22.14 7.94 -29.75
N GLU E 105 23.32 8.51 -29.99
CA GLU E 105 24.41 7.78 -30.60
C GLU E 105 25.69 8.05 -29.80
N ILE E 106 26.55 7.07 -29.74
CA ILE E 106 27.79 7.26 -29.02
C ILE E 106 28.90 6.98 -29.96
N GLU E 107 29.83 7.90 -30.00
CA GLU E 107 30.94 7.81 -30.88
C GLU E 107 32.11 7.48 -30.01
N THR E 108 32.89 6.52 -30.46
CA THR E 108 34.03 6.00 -29.72
C THR E 108 35.27 6.67 -30.25
N SER E 109 36.32 6.69 -29.45
CA SER E 109 37.58 7.33 -29.84
C SER E 109 38.05 6.88 -31.19
N SER E 110 37.86 5.61 -31.47
CA SER E 110 38.30 5.03 -32.72
C SER E 110 37.26 5.20 -33.83
N GLY E 111 36.18 5.92 -33.56
CA GLY E 111 35.15 6.15 -34.57
C GLY E 111 34.00 5.15 -34.69
N LYS E 112 33.88 4.18 -33.77
CA LYS E 112 32.71 3.28 -33.78
C LYS E 112 31.50 3.99 -33.17
N THR E 113 30.35 3.43 -33.44
CA THR E 113 29.08 4.06 -33.21
C THR E 113 28.13 3.03 -32.60
N TYR E 114 27.46 3.44 -31.53
CA TYR E 114 26.46 2.65 -30.91
C TYR E 114 25.23 3.51 -30.66
N THR E 115 24.08 2.86 -30.66
CA THR E 115 22.85 3.56 -30.43
C THR E 115 22.45 3.38 -28.97
N GLY E 116 21.47 4.12 -28.53
CA GLY E 116 21.09 4.19 -27.12
C GLY E 116 19.83 5.01 -26.93
N THR E 117 19.23 4.89 -25.76
CA THR E 117 18.16 5.77 -25.31
C THR E 117 18.54 6.52 -24.04
N ILE E 118 18.24 7.82 -24.02
CA ILE E 118 18.32 8.60 -22.79
C ILE E 118 17.18 8.35 -21.85
N LEU E 119 17.50 8.11 -20.59
CA LEU E 119 16.48 7.88 -19.56
C LEU E 119 16.80 8.50 -18.21
N MSE E 120 15.76 8.65 -17.38
CA MSE E 120 15.89 8.78 -15.91
C MSE E 120 14.95 7.78 -15.24
O MSE E 120 14.26 8.14 -14.26
CB MSE E 120 15.50 10.17 -15.44
CG MSE E 120 16.24 11.26 -16.15
SE MSE E 120 15.13 12.86 -16.57
CE MSE E 120 13.98 13.03 -14.93
N ILE E 141 22.03 11.55 -15.09
CA ILE E 141 21.12 10.45 -15.43
C ILE E 141 21.44 9.98 -16.87
N GLU E 142 20.81 8.92 -17.36
CA GLU E 142 21.61 7.99 -18.22
C GLU E 142 21.26 7.64 -19.65
N VAL E 143 22.24 6.96 -20.25
CA VAL E 143 22.06 6.18 -21.48
C VAL E 143 22.04 4.69 -21.20
N ARG E 144 20.93 4.04 -21.55
CA ARG E 144 20.88 2.58 -21.77
C ARG E 144 21.33 2.29 -23.22
N ILE E 145 22.42 1.52 -23.38
CA ILE E 145 23.01 1.24 -24.70
C ILE E 145 22.29 0.09 -25.41
N ASP E 146 22.13 0.14 -26.73
CA ASP E 146 21.56 -1.01 -27.43
C ASP E 146 22.58 -2.12 -27.72
N GLU E 147 23.08 -2.74 -26.64
CA GLU E 147 24.10 -3.79 -26.69
C GLU E 147 23.92 -4.71 -25.47
N ARG E 148 23.97 -6.03 -25.65
CA ARG E 148 23.92 -6.98 -24.53
C ARG E 148 25.16 -6.79 -23.64
N VAL E 149 25.21 -5.70 -22.86
CA VAL E 149 26.32 -5.47 -21.92
C VAL E 149 25.86 -5.28 -20.45
N PHE E 150 26.70 -5.63 -19.49
CA PHE E 150 26.21 -5.72 -18.13
C PHE E 150 27.18 -5.17 -17.10
N SER E 151 28.27 -4.56 -17.56
CA SER E 151 29.28 -4.06 -16.65
C SER E 151 30.17 -3.01 -17.28
N ALA E 152 30.74 -2.17 -16.44
CA ALA E 152 31.88 -1.35 -16.80
C ALA E 152 32.81 -2.02 -17.83
N ASP E 153 33.34 -3.21 -17.56
CA ASP E 153 34.31 -3.87 -18.47
C ASP E 153 33.75 -4.21 -19.84
N GLU E 154 32.49 -4.64 -19.88
CA GLU E 154 31.87 -5.07 -21.13
C GLU E 154 31.57 -3.91 -22.01
N VAL E 155 31.32 -2.75 -21.40
CA VAL E 155 31.09 -1.53 -22.14
C VAL E 155 32.41 -1.01 -22.66
N ARG E 156 33.49 -1.19 -21.92
CA ARG E 156 34.80 -0.80 -22.44
C ARG E 156 35.25 -1.71 -23.53
N GLU E 157 34.92 -2.99 -23.48
CA GLU E 157 35.14 -3.91 -24.62
C GLU E 157 34.63 -3.35 -25.94
N LEU E 158 33.57 -2.53 -25.87
CA LEU E 158 32.99 -1.94 -27.06
C LEU E 158 33.88 -0.81 -27.60
N GLY E 159 34.81 -0.36 -26.77
CA GLY E 159 35.53 0.89 -27.06
C GLY E 159 34.92 2.17 -26.45
N ILE E 160 33.67 2.10 -25.99
CA ILE E 160 33.06 3.22 -25.30
C ILE E 160 33.90 3.59 -24.07
N GLU E 161 33.94 4.89 -23.73
CA GLU E 161 34.83 5.41 -22.66
C GLU E 161 34.42 6.83 -22.20
N VAL E 162 34.76 7.17 -20.95
CA VAL E 162 34.51 8.51 -20.38
C VAL E 162 35.17 9.48 -21.32
N GLY E 163 34.40 10.42 -21.88
CA GLY E 163 34.94 11.38 -22.80
C GLY E 163 34.32 11.24 -24.15
N ASP E 164 33.62 10.12 -24.38
CA ASP E 164 32.91 9.87 -25.66
C ASP E 164 31.80 10.86 -25.95
N PHE E 165 31.67 11.33 -27.19
CA PHE E 165 30.58 12.24 -27.53
C PHE E 165 29.27 11.52 -27.69
N VAL E 166 28.18 12.14 -27.27
CA VAL E 166 26.83 11.54 -27.40
C VAL E 166 25.91 12.57 -28.12
N SER E 167 25.29 12.13 -29.21
CA SER E 167 24.43 13.01 -30.00
C SER E 167 23.01 12.55 -29.84
N PHE E 168 22.08 13.51 -29.87
CA PHE E 168 20.66 13.21 -29.84
C PHE E 168 20.12 13.09 -31.24
N ASP E 169 19.32 12.05 -31.43
CA ASP E 169 18.67 11.80 -32.69
C ASP E 169 17.69 12.94 -32.95
N PRO E 170 17.81 13.57 -34.12
CA PRO E 170 17.08 14.81 -34.33
C PRO E 170 15.63 14.65 -34.74
N ARG E 171 15.24 13.48 -35.25
CA ARG E 171 13.85 13.23 -35.67
C ARG E 171 13.33 14.35 -36.55
N VAL E 172 14.06 14.59 -37.62
CA VAL E 172 13.77 15.71 -38.48
C VAL E 172 12.69 15.39 -39.51
N GLN E 173 11.64 16.21 -39.55
CA GLN E 173 10.57 15.97 -40.51
C GLN E 173 10.18 17.20 -41.25
N ILE E 174 10.08 17.06 -42.58
CA ILE E 174 9.57 18.07 -43.48
C ILE E 174 8.17 17.70 -43.91
N THR E 175 7.26 18.62 -43.70
CA THR E 175 5.83 18.41 -43.76
C THR E 175 5.31 18.83 -45.13
N GLU E 176 4.32 18.12 -45.67
CA GLU E 176 3.81 18.53 -46.97
C GLU E 176 3.28 19.95 -46.80
N SER E 177 2.96 20.29 -45.55
CA SER E 177 2.47 21.62 -45.17
C SER E 177 3.53 22.70 -45.13
N GLY E 178 4.79 22.31 -45.34
CA GLY E 178 5.89 23.26 -45.36
C GLY E 178 6.54 23.53 -44.02
N TYR E 179 6.18 22.79 -42.97
CA TYR E 179 6.89 22.89 -41.74
C TYR E 179 8.11 22.05 -41.80
N ILE E 180 9.16 22.50 -41.12
CA ILE E 180 10.25 21.62 -40.74
C ILE E 180 10.31 21.47 -39.21
N LYS E 181 10.33 20.23 -38.75
CA LYS E 181 10.37 19.93 -37.35
C LYS E 181 11.61 19.16 -37.01
N SER E 182 12.20 19.55 -35.90
CA SER E 182 13.14 18.68 -35.25
C SER E 182 12.99 18.77 -33.76
N ARG E 183 13.67 17.86 -33.08
CA ARG E 183 14.04 18.08 -31.71
C ARG E 183 15.51 18.47 -31.81
N HIS E 184 15.88 19.65 -32.35
CA HIS E 184 17.28 19.85 -32.56
C HIS E 184 17.67 20.57 -33.81
N LEU E 185 16.96 21.61 -34.25
CA LEU E 185 17.42 22.37 -35.44
C LEU E 185 18.70 23.09 -35.08
N ASP E 186 18.78 23.50 -33.81
CA ASP E 186 19.84 24.36 -33.26
C ASP E 186 19.88 25.55 -34.18
N ASP E 187 21.04 25.76 -34.83
CA ASP E 187 21.17 26.87 -35.78
C ASP E 187 21.56 26.45 -37.19
N LYS E 188 21.17 25.23 -37.53
CA LYS E 188 21.52 24.69 -38.84
C LYS E 188 20.72 25.28 -40.01
N VAL E 189 19.59 25.89 -39.69
CA VAL E 189 18.79 26.59 -40.68
C VAL E 189 19.63 27.73 -41.19
N SER E 190 20.21 28.52 -40.29
CA SER E 190 21.02 29.67 -40.73
C SER E 190 22.26 29.21 -41.49
N VAL E 191 22.87 28.11 -41.04
CA VAL E 191 24.04 27.60 -41.74
C VAL E 191 23.66 27.37 -43.18
N ALA E 192 22.50 26.78 -43.43
CA ALA E 192 22.12 26.44 -44.79
C ALA E 192 21.76 27.71 -45.48
N ILE E 193 21.14 28.64 -44.74
CA ILE E 193 20.85 29.93 -45.40
C ILE E 193 22.11 30.61 -45.95
N LEU E 194 23.16 30.70 -45.14
CA LEU E 194 24.39 31.36 -45.57
C LEU E 194 25.01 30.64 -46.73
N LEU E 195 25.01 29.31 -46.68
CA LEU E 195 25.58 28.53 -47.78
C LEU E 195 24.84 28.84 -49.09
N LYS E 196 23.53 28.77 -49.05
CA LYS E 196 22.74 28.89 -50.25
C LYS E 196 22.85 30.26 -50.87
N LEU E 197 22.88 31.28 -50.01
CA LEU E 197 23.06 32.66 -50.46
C LEU E 197 24.39 32.79 -51.20
N ILE E 198 25.43 32.12 -50.69
CA ILE E 198 26.74 32.17 -51.31
C ILE E 198 26.69 31.62 -52.74
N LYS E 199 25.91 30.55 -52.94
CA LYS E 199 25.84 29.92 -54.28
C LYS E 199 25.03 30.82 -55.22
N ARG E 200 24.01 31.48 -54.66
CA ARG E 200 23.22 32.44 -55.39
C ARG E 200 24.11 33.59 -55.91
N LEU E 201 24.91 34.19 -55.04
CA LEU E 201 25.82 35.26 -55.44
C LEU E 201 26.88 34.81 -56.45
N GLN E 202 27.14 33.51 -56.52
CA GLN E 202 28.07 32.98 -57.51
C GLN E 202 27.39 32.71 -58.84
N ASP E 203 26.09 32.48 -58.79
CA ASP E 203 25.30 32.18 -59.96
C ASP E 203 24.74 33.48 -60.52
N GLU E 204 24.05 34.23 -59.69
CA GLU E 204 23.60 35.60 -60.00
C GLU E 204 24.52 36.47 -60.85
N ASN E 205 25.83 36.42 -60.60
CA ASN E 205 26.83 37.32 -61.21
C ASN E 205 26.72 38.80 -60.82
N VAL E 206 26.20 39.07 -59.62
CA VAL E 206 26.27 40.44 -59.04
C VAL E 206 27.41 40.51 -58.01
N THR E 207 27.94 41.70 -57.83
CA THR E 207 29.13 41.91 -57.05
C THR E 207 28.65 42.52 -55.74
N LEU E 208 29.16 42.00 -54.63
CA LEU E 208 28.86 42.57 -53.33
C LEU E 208 29.48 43.97 -53.30
N PRO E 209 28.79 44.94 -52.67
CA PRO E 209 29.41 46.25 -52.48
C PRO E 209 30.67 46.16 -51.61
N TYR E 210 30.72 45.15 -50.73
CA TYR E 210 31.82 44.98 -49.80
C TYR E 210 32.36 43.55 -49.69
N THR E 211 33.65 43.43 -49.40
CA THR E 211 34.21 42.16 -49.05
C THR E 211 33.48 41.60 -47.83
N THR E 212 32.94 40.40 -48.00
CA THR E 212 32.06 39.79 -47.05
C THR E 212 32.55 38.40 -46.68
N HIS E 213 32.68 38.20 -45.37
CA HIS E 213 33.09 36.91 -44.79
C HIS E 213 31.84 36.21 -44.30
N PHE E 214 31.83 34.88 -44.46
CA PHE E 214 30.74 34.07 -43.92
C PHE E 214 31.37 33.04 -43.02
N LEU E 215 31.26 33.25 -41.74
CA LEU E 215 31.93 32.38 -40.78
C LEU E 215 30.99 31.29 -40.31
N ILE E 216 31.33 30.06 -40.65
CA ILE E 216 30.57 28.93 -40.13
C ILE E 216 31.18 28.49 -38.79
N SER E 217 30.68 28.98 -37.68
CA SER E 217 31.34 28.68 -36.42
C SER E 217 31.04 27.27 -35.88
N ASN E 218 31.86 26.83 -34.93
CA ASN E 218 31.74 25.50 -34.37
C ASN E 218 31.74 25.44 -32.84
N ASN E 219 31.54 26.56 -32.14
CA ASN E 219 31.69 26.59 -30.68
C ASN E 219 30.76 27.53 -29.90
N GLU E 220 29.75 28.06 -30.57
CA GLU E 220 28.80 28.94 -29.90
C GLU E 220 27.99 28.10 -28.87
N GLU E 221 28.52 28.00 -27.65
CA GLU E 221 27.97 27.19 -26.49
C GLU E 221 29.11 26.45 -25.74
N ILE E 230 39.00 36.77 -37.86
CA ILE E 230 38.00 37.83 -38.09
C ILE E 230 38.64 39.23 -38.42
N PRO E 231 38.72 39.57 -39.72
CA PRO E 231 39.51 40.67 -40.25
C PRO E 231 39.47 41.94 -39.41
N GLU E 232 40.52 42.75 -39.49
CA GLU E 232 40.58 43.99 -38.74
C GLU E 232 39.75 45.06 -39.42
N GLU E 233 39.31 44.83 -40.64
CA GLU E 233 38.60 45.88 -41.34
C GLU E 233 37.10 45.66 -41.28
N THR E 234 36.70 44.56 -40.65
CA THR E 234 35.30 44.30 -40.42
C THR E 234 34.66 45.50 -39.72
N VAL E 235 33.58 46.01 -40.33
CA VAL E 235 32.84 47.16 -39.84
C VAL E 235 31.48 46.79 -39.17
N GLU E 236 30.79 45.82 -39.73
CA GLU E 236 29.62 45.31 -39.06
C GLU E 236 29.46 43.81 -39.14
N TYR E 237 28.77 43.25 -38.14
CA TYR E 237 28.75 41.81 -37.82
C TYR E 237 27.30 41.34 -37.68
N LEU E 238 26.82 40.59 -38.67
CA LEU E 238 25.49 39.99 -38.56
C LEU E 238 25.55 38.53 -38.09
N ALA E 239 25.07 38.23 -36.90
CA ALA E 239 24.85 36.82 -36.54
C ALA E 239 23.52 36.40 -37.13
N VAL E 240 23.48 35.21 -37.73
CA VAL E 240 22.21 34.52 -38.05
C VAL E 240 21.93 33.33 -37.11
N ASP E 241 20.91 33.45 -36.29
CA ASP E 241 20.69 32.52 -35.21
C ASP E 241 19.25 32.67 -34.76
N MSE E 242 18.84 31.91 -33.76
CA MSE E 242 17.45 31.87 -33.33
C MSE E 242 17.38 31.84 -31.83
O MSE E 242 18.22 31.22 -31.15
CB MSE E 242 16.74 30.65 -33.94
CG MSE E 242 16.99 30.54 -35.48
SE MSE E 242 16.36 28.93 -36.50
CE MSE E 242 17.95 27.74 -36.44
N GLY E 243 16.36 32.54 -31.31
CA GLY E 243 16.06 32.58 -29.87
C GLY E 243 14.58 32.42 -29.52
N ALA E 244 14.33 31.96 -28.27
CA ALA E 244 13.00 31.86 -27.66
C ALA E 244 12.54 33.23 -27.17
N LEU E 245 11.28 33.33 -26.72
CA LEU E 245 10.68 34.58 -26.26
C LEU E 245 9.60 34.35 -25.21
N SER E 251 5.13 33.08 -30.26
CA SER E 251 6.21 32.83 -31.26
C SER E 251 5.73 32.73 -32.72
N ASP E 252 6.43 33.44 -33.64
CA ASP E 252 6.04 33.49 -35.07
C ASP E 252 6.97 32.79 -36.04
N GLU E 253 6.53 31.63 -36.52
CA GLU E 253 7.35 30.88 -37.44
C GLU E 253 7.08 31.16 -38.93
N TYR E 254 6.61 32.37 -39.29
CA TYR E 254 6.27 32.70 -40.69
C TYR E 254 6.98 33.93 -41.14
N THR E 255 7.88 34.45 -40.31
CA THR E 255 8.50 35.73 -40.59
C THR E 255 9.96 35.67 -40.24
N VAL E 256 10.73 36.62 -40.74
CA VAL E 256 12.12 36.74 -40.32
C VAL E 256 12.12 37.47 -38.94
N SER E 257 12.95 36.99 -38.04
CA SER E 257 13.00 37.63 -36.75
C SER E 257 14.21 38.54 -36.69
N ILE E 258 14.02 39.83 -36.42
CA ILE E 258 15.09 40.81 -36.27
C ILE E 258 15.28 41.14 -34.79
N CYS E 259 16.50 41.00 -34.27
CA CYS E 259 16.67 41.12 -32.81
C CYS E 259 16.99 42.52 -32.29
N ALA E 260 16.12 43.10 -31.46
CA ALA E 260 16.40 44.41 -30.89
C ALA E 260 17.32 44.30 -29.67
N LYS E 261 17.28 43.16 -28.99
CA LYS E 261 17.95 43.02 -27.72
C LYS E 261 17.87 41.58 -27.36
N ASP E 262 18.96 41.08 -26.78
CA ASP E 262 19.00 39.76 -26.14
C ASP E 262 19.63 40.04 -24.81
N SER E 263 19.99 39.01 -24.07
CA SER E 263 20.35 39.24 -22.68
C SER E 263 21.79 39.71 -22.50
N SER E 264 22.53 39.87 -23.59
CA SER E 264 23.81 40.59 -23.50
C SER E 264 23.57 42.08 -23.60
N GLY E 265 22.35 42.44 -23.97
CA GLY E 265 21.96 43.84 -24.18
C GLY E 265 21.49 44.14 -25.59
N PRO E 266 21.16 45.41 -25.85
CA PRO E 266 20.65 45.84 -27.15
C PRO E 266 21.64 45.65 -28.30
N TYR E 267 21.14 45.22 -29.46
CA TYR E 267 21.93 45.21 -30.66
C TYR E 267 22.09 46.63 -31.20
N HIS E 268 23.07 46.89 -32.09
CA HIS E 268 23.32 48.26 -32.58
C HIS E 268 21.99 48.89 -33.00
N TYR E 269 21.69 50.10 -32.52
CA TYR E 269 20.34 50.64 -32.76
C TYR E 269 20.21 50.97 -34.22
N ALA E 270 21.14 51.77 -34.71
CA ALA E 270 21.11 52.21 -36.09
C ALA E 270 21.08 50.99 -37.03
N LEU E 271 22.00 50.06 -36.84
CA LEU E 271 22.00 48.88 -37.70
C LEU E 271 20.66 48.06 -37.65
N ARG E 272 20.12 47.81 -36.47
CA ARG E 272 18.81 47.19 -36.41
C ARG E 272 17.72 47.98 -37.18
N LYS E 273 17.68 49.31 -37.03
CA LYS E 273 16.75 50.15 -37.82
C LYS E 273 16.97 49.97 -39.33
N HIS E 274 18.22 49.75 -39.72
CA HIS E 274 18.54 49.50 -41.11
C HIS E 274 17.86 48.22 -41.63
N LEU E 275 17.90 47.13 -40.84
CA LEU E 275 17.38 45.86 -41.26
C LEU E 275 15.87 45.89 -41.34
N VAL E 276 15.23 46.70 -40.48
CA VAL E 276 13.77 46.84 -40.52
C VAL E 276 13.39 47.54 -41.81
N GLU E 277 14.13 48.59 -42.12
CA GLU E 277 13.96 49.28 -43.37
C GLU E 277 14.16 48.36 -44.54
N LEU E 278 15.19 47.53 -44.48
CA LEU E 278 15.47 46.66 -45.58
C LEU E 278 14.28 45.72 -45.78
N ALA E 279 13.66 45.31 -44.69
CA ALA E 279 12.52 44.41 -44.76
C ALA E 279 11.32 45.10 -45.34
N LYS E 280 11.04 46.29 -44.84
CA LYS E 280 9.93 47.11 -45.31
C LYS E 280 10.07 47.39 -46.80
N THR E 281 11.30 47.75 -47.18
CA THR E 281 11.61 48.17 -48.54
C THR E 281 11.38 47.02 -49.50
N ASN E 282 11.58 45.80 -49.02
CA ASN E 282 11.59 44.65 -49.90
C ASN E 282 10.41 43.77 -49.68
N HIS E 283 9.43 44.25 -48.92
CA HIS E 283 8.23 43.47 -48.64
C HIS E 283 8.48 42.10 -47.96
N ILE E 284 9.57 42.03 -47.21
CA ILE E 284 9.87 40.87 -46.38
C ILE E 284 9.03 41.05 -45.09
N GLU E 285 8.28 39.99 -44.80
CA GLU E 285 7.40 39.86 -43.67
C GLU E 285 8.27 39.62 -42.43
N TYR E 286 8.24 40.56 -41.47
CA TYR E 286 9.26 40.58 -40.40
C TYR E 286 8.65 40.79 -39.05
N LYS E 287 9.37 40.47 -37.98
CA LYS E 287 9.00 40.89 -36.62
C LYS E 287 10.24 41.24 -35.81
N VAL E 288 10.15 42.30 -35.01
CA VAL E 288 11.26 42.74 -34.19
C VAL E 288 11.07 42.13 -32.80
N ASP E 289 12.14 41.55 -32.26
CA ASP E 289 12.04 40.71 -31.07
C ASP E 289 13.07 40.94 -30.01
N ILE E 290 12.71 40.59 -28.79
CA ILE E 290 13.63 40.55 -27.70
C ILE E 290 13.80 39.11 -27.26
N TYR E 291 14.99 38.55 -27.41
CA TYR E 291 15.24 37.19 -26.93
C TYR E 291 15.81 37.22 -25.53
N PRO E 292 15.02 36.82 -24.50
CA PRO E 292 15.56 36.83 -23.13
C PRO E 292 16.81 35.99 -22.83
N TYR E 293 17.14 34.97 -23.64
CA TYR E 293 18.45 34.18 -23.59
C TYR E 293 19.47 34.63 -24.68
N TYR E 294 20.73 34.84 -24.28
CA TYR E 294 21.70 35.62 -25.09
C TYR E 294 22.61 34.84 -26.05
N GLY E 295 22.62 35.24 -27.33
CA GLY E 295 23.58 34.71 -28.32
C GLY E 295 24.52 35.76 -28.94
N ARG E 303 30.45 38.26 -27.68
CA ARG E 303 31.84 38.66 -28.00
C ARG E 303 31.99 40.12 -28.47
N ALA E 304 32.08 41.02 -27.49
CA ALA E 304 32.40 42.41 -27.74
C ALA E 304 33.82 42.71 -27.21
N GLY E 305 34.81 41.98 -27.72
CA GLY E 305 36.22 42.38 -27.60
C GLY E 305 36.62 43.22 -28.81
N PHE E 306 35.87 43.02 -29.90
CA PHE E 306 36.16 43.61 -31.21
C PHE E 306 35.25 44.82 -31.51
N ASP E 307 35.84 45.86 -32.11
CA ASP E 307 35.21 47.17 -32.34
C ASP E 307 34.45 47.23 -33.68
N VAL E 308 33.18 46.84 -33.63
CA VAL E 308 32.39 46.42 -34.80
C VAL E 308 30.88 46.63 -34.56
N LYS E 309 30.07 46.96 -35.56
CA LYS E 309 28.61 47.10 -35.34
C LYS E 309 27.85 45.76 -35.37
N HIS E 310 27.20 45.38 -34.25
CA HIS E 310 26.53 44.06 -34.12
C HIS E 310 25.05 44.03 -34.47
N ALA E 311 24.63 42.89 -35.04
CA ALA E 311 23.20 42.56 -35.27
C ALA E 311 22.94 41.08 -35.20
N LEU E 312 21.65 40.75 -35.11
CA LEU E 312 21.21 39.38 -35.01
C LEU E 312 19.87 39.29 -35.68
N ILE E 313 19.78 38.42 -36.68
CA ILE E 313 18.47 38.08 -37.27
C ILE E 313 18.41 36.58 -37.31
N GLY E 314 17.26 36.01 -37.66
CA GLY E 314 17.16 34.57 -37.95
C GLY E 314 15.71 34.17 -38.23
N ALA E 315 15.49 33.05 -38.87
CA ALA E 315 14.16 32.49 -39.00
C ALA E 315 13.44 32.38 -37.66
N GLY E 316 12.13 32.55 -37.65
CA GLY E 316 11.41 32.42 -36.40
C GLY E 316 11.17 30.96 -36.08
N ILE E 317 11.46 30.57 -34.85
CA ILE E 317 11.42 29.16 -34.44
C ILE E 317 10.40 28.98 -33.33
N ASP E 318 9.72 27.86 -33.24
CA ASP E 318 8.91 27.63 -32.08
C ASP E 318 9.64 26.67 -31.17
N SER E 319 9.33 26.79 -29.87
CA SER E 319 10.06 26.18 -28.72
C SER E 319 11.45 25.69 -29.04
N SER E 320 12.38 26.62 -28.94
CA SER E 320 13.80 26.40 -29.24
C SER E 320 14.47 25.30 -28.45
N ALA E 322 14.15 22.50 -27.56
CA ALA E 322 13.28 21.32 -27.45
C ALA E 322 12.10 21.33 -28.43
N PHE E 323 11.97 20.27 -29.23
CA PHE E 323 10.92 20.14 -30.25
C PHE E 323 10.71 21.48 -30.93
N GLU E 324 11.57 21.77 -31.90
CA GLU E 324 11.58 23.04 -32.58
C GLU E 324 10.98 22.89 -33.96
N ARG E 325 10.40 23.97 -34.43
CA ARG E 325 9.73 23.92 -35.68
C ARG E 325 9.78 25.30 -36.31
N THR E 326 9.71 25.33 -37.63
CA THR E 326 9.55 26.56 -38.36
C THR E 326 8.87 26.26 -39.69
N HIS E 327 8.33 27.28 -40.33
CA HIS E 327 7.70 27.11 -41.64
C HIS E 327 8.60 27.57 -42.80
N GLU E 328 8.43 26.97 -43.98
CA GLU E 328 9.03 27.43 -45.24
C GLU E 328 9.06 28.98 -45.35
N SER E 329 7.90 29.61 -45.19
CA SER E 329 7.80 31.04 -45.42
C SER E 329 8.80 31.88 -44.59
N SER E 330 9.12 31.42 -43.39
CA SER E 330 10.04 32.16 -42.54
C SER E 330 11.46 31.99 -43.02
N ILE E 331 11.76 30.83 -43.59
CA ILE E 331 13.08 30.61 -44.17
C ILE E 331 13.22 31.56 -45.36
N ALA E 332 12.18 31.63 -46.18
CA ALA E 332 12.20 32.44 -47.41
C ALA E 332 12.36 33.92 -47.07
N HIS E 333 11.65 34.36 -46.04
CA HIS E 333 11.76 35.73 -45.60
C HIS E 333 13.19 35.99 -45.04
N THR E 334 13.72 35.01 -44.32
CA THR E 334 15.06 35.19 -43.79
C THR E 334 16.05 35.24 -44.94
N GLU E 335 15.71 34.58 -46.03
CA GLU E 335 16.63 34.39 -47.07
C GLU E 335 16.70 35.66 -47.89
N ALA E 336 15.52 36.21 -48.17
CA ALA E 336 15.47 37.47 -48.86
C ALA E 336 16.20 38.59 -48.09
N LEU E 337 16.09 38.60 -46.76
CA LEU E 337 16.65 39.69 -45.96
C LEU E 337 18.17 39.71 -46.02
N VAL E 338 18.80 38.66 -45.54
CA VAL E 338 20.24 38.44 -45.62
C VAL E 338 20.75 38.90 -46.98
N TYR E 339 20.03 38.54 -48.04
CA TYR E 339 20.42 38.98 -49.38
C TYR E 339 20.39 40.51 -49.48
N ALA E 340 19.27 41.12 -49.08
CA ALA E 340 19.17 42.56 -49.19
C ALA E 340 20.18 43.19 -48.24
N TYR E 341 20.38 42.60 -47.07
CA TYR E 341 21.39 43.11 -46.18
C TYR E 341 22.75 43.16 -46.89
N VAL E 342 23.24 42.02 -47.38
CA VAL E 342 24.59 42.01 -47.94
C VAL E 342 24.74 42.97 -49.08
N MSE E 343 23.65 43.23 -49.80
CA MSE E 343 23.64 44.14 -50.98
C MSE E 343 23.55 45.61 -50.63
O MSE E 343 23.83 46.46 -51.44
CB MSE E 343 22.50 43.79 -51.94
CG MSE E 343 22.74 42.52 -52.73
SE MSE E 343 24.43 42.60 -53.70
CE MSE E 343 25.07 40.82 -53.27
N SER E 344 23.14 45.90 -49.41
CA SER E 344 22.92 47.26 -48.97
C SER E 344 24.24 48.01 -48.68
N ASN E 345 24.16 49.32 -48.53
CA ASN E 345 25.30 50.11 -48.08
C ASN E 345 25.59 49.92 -46.60
N LEU E 346 26.86 50.11 -46.21
CA LEU E 346 27.18 50.33 -44.81
C LEU E 346 26.37 51.53 -44.28
N ILE E 347 26.22 51.65 -42.96
CA ILE E 347 25.30 52.67 -42.50
C ILE E 347 25.97 54.00 -42.11
N GLU E 348 25.24 55.09 -42.37
CA GLU E 348 25.62 56.50 -42.10
C GLU E 348 26.91 56.75 -41.30
N HIS F 3 65.51 10.84 -6.78
CA HIS F 3 65.75 12.29 -6.52
C HIS F 3 65.55 13.08 -7.84
N HIS F 4 64.31 13.03 -8.35
CA HIS F 4 63.84 13.86 -9.50
C HIS F 4 62.47 14.41 -9.08
N THR F 5 61.57 13.48 -8.73
CA THR F 5 60.23 13.82 -8.28
C THR F 5 60.26 14.43 -6.87
N LYS F 6 61.03 13.84 -5.96
CA LYS F 6 61.21 14.43 -4.64
C LYS F 6 61.58 15.92 -4.76
N GLU F 7 62.53 16.23 -5.63
CA GLU F 7 63.01 17.59 -5.82
C GLU F 7 61.95 18.51 -6.42
N THR F 8 61.19 17.99 -7.38
CA THR F 8 59.97 18.66 -7.80
C THR F 8 59.11 19.01 -6.60
N MSE F 9 58.97 18.07 -5.67
CA MSE F 9 58.10 18.29 -4.50
C MSE F 9 58.69 19.30 -3.54
O MSE F 9 57.96 20.08 -2.97
CB MSE F 9 57.73 16.98 -3.81
CG MSE F 9 57.03 16.00 -4.73
SE MSE F 9 55.85 14.83 -3.72
CE MSE F 9 57.18 13.69 -2.76
N GLU F 10 60.02 19.31 -3.40
CA GLU F 10 60.69 20.36 -2.60
C GLU F 10 60.34 21.74 -3.12
N LEU F 11 60.43 21.91 -4.45
CA LEU F 11 60.02 23.16 -5.09
C LEU F 11 58.53 23.49 -4.87
N ILE F 12 57.63 22.53 -5.06
CA ILE F 12 56.24 22.76 -4.68
C ILE F 12 56.18 23.34 -3.25
N LYS F 13 57.02 22.80 -2.36
CA LYS F 13 57.00 23.27 -0.99
C LYS F 13 57.63 24.67 -0.81
N GLU F 14 58.63 25.01 -1.61
CA GLU F 14 59.17 26.34 -1.58
C GLU F 14 58.08 27.28 -2.06
N LEU F 15 57.41 26.95 -3.15
CA LEU F 15 56.42 27.81 -3.76
C LEU F 15 55.18 27.97 -2.89
N VAL F 16 54.55 26.85 -2.53
CA VAL F 16 53.40 26.87 -1.66
C VAL F 16 53.65 27.76 -0.42
N SER F 17 54.91 27.79 0.04
CA SER F 17 55.33 28.50 1.28
C SER F 17 55.45 30.02 1.13
N ILE F 18 55.41 30.54 -0.09
CA ILE F 18 55.51 31.96 -0.36
C ILE F 18 54.09 32.41 -0.74
N PRO F 19 53.42 33.15 0.16
CA PRO F 19 52.05 33.63 -0.08
C PRO F 19 51.88 34.43 -1.35
N SER F 20 50.81 34.15 -2.09
CA SER F 20 50.53 34.90 -3.30
C SER F 20 49.07 34.81 -3.67
N PRO F 21 48.18 35.40 -2.85
CA PRO F 21 46.77 35.28 -3.28
C PRO F 21 46.57 36.17 -4.51
N SER F 22 45.60 35.87 -5.38
CA SER F 22 45.40 36.68 -6.60
C SER F 22 45.36 38.17 -6.28
N GLY F 23 46.10 38.98 -7.06
CA GLY F 23 46.17 40.41 -6.85
C GLY F 23 47.40 40.85 -6.09
N ASN F 24 48.03 39.90 -5.40
CA ASN F 24 49.25 40.19 -4.64
C ASN F 24 50.28 39.09 -4.81
N THR F 25 50.87 39.03 -5.99
CA THR F 25 51.81 37.97 -6.32
C THR F 25 53.25 38.44 -6.66
N ALA F 26 53.52 39.74 -6.60
CA ALA F 26 54.88 40.21 -6.85
C ALA F 26 56.03 39.48 -6.12
N LYS F 27 55.82 38.97 -4.93
CA LYS F 27 56.91 38.28 -4.24
C LYS F 27 57.26 36.97 -4.99
N ILE F 28 56.26 36.10 -5.14
CA ILE F 28 56.51 34.81 -5.75
C ILE F 28 57.03 34.94 -7.19
N ILE F 29 56.58 35.96 -7.92
CA ILE F 29 57.09 36.15 -9.26
C ILE F 29 58.55 36.52 -9.23
N ASN F 30 58.92 37.46 -8.37
CA ASN F 30 60.33 37.76 -8.23
C ASN F 30 61.10 36.49 -7.93
N PHE F 31 60.61 35.70 -6.95
CA PHE F 31 61.22 34.44 -6.60
C PHE F 31 61.46 33.57 -7.81
N ILE F 32 60.45 33.44 -8.66
CA ILE F 32 60.60 32.64 -9.86
C ILE F 32 61.57 33.35 -10.83
N GLU F 33 61.44 34.65 -11.02
CA GLU F 33 62.46 35.38 -11.78
C GLU F 33 63.87 35.02 -11.34
N ASN F 34 64.15 35.07 -10.04
CA ASN F 34 65.46 34.65 -9.57
C ASN F 34 65.80 33.19 -9.79
N TYR F 35 64.82 32.33 -9.66
CA TYR F 35 65.08 30.92 -9.78
C TYR F 35 65.60 30.52 -11.15
N VAL F 36 65.14 31.22 -12.19
CA VAL F 36 65.55 30.97 -13.58
C VAL F 36 66.66 31.91 -14.10
N SER F 37 67.23 32.75 -13.21
CA SER F 37 68.20 33.81 -13.64
C SER F 37 69.24 33.30 -14.64
N GLU F 38 69.85 32.16 -14.30
CA GLU F 38 71.01 31.58 -15.02
C GLU F 38 70.62 30.67 -16.14
N TRP F 39 69.34 30.39 -16.30
CA TRP F 39 68.92 29.42 -17.31
C TRP F 39 68.96 29.97 -18.75
N ASN F 40 69.07 29.07 -19.72
CA ASN F 40 68.90 29.44 -21.13
C ASN F 40 67.63 30.22 -21.48
N VAL F 41 66.55 29.94 -20.76
CA VAL F 41 65.24 30.39 -21.12
C VAL F 41 65.10 31.92 -21.19
N GLU F 42 64.48 32.38 -22.28
CA GLU F 42 64.03 33.76 -22.44
C GLU F 42 62.90 34.00 -21.46
N THR F 43 63.06 35.01 -20.62
CA THR F 43 62.16 35.26 -19.53
C THR F 43 61.54 36.64 -19.78
N LYS F 44 60.25 36.82 -19.53
CA LYS F 44 59.72 38.17 -19.72
C LYS F 44 58.44 38.45 -18.94
N ARG F 45 58.25 39.71 -18.53
CA ARG F 45 57.16 40.18 -17.67
C ARG F 45 56.08 41.05 -18.31
N ASN F 46 54.88 40.56 -18.57
CA ASN F 46 53.64 41.36 -18.59
C ASN F 46 53.68 42.69 -17.86
N ASN F 47 52.80 43.62 -18.22
CA ASN F 47 52.50 44.73 -17.32
C ASN F 47 51.66 44.29 -16.14
N LYS F 48 50.85 43.26 -16.34
CA LYS F 48 50.06 42.64 -15.26
C LYS F 48 50.92 41.88 -14.24
N GLY F 49 52.21 41.72 -14.51
CA GLY F 49 53.09 41.05 -13.58
C GLY F 49 53.28 39.55 -13.72
N ALA F 50 52.79 38.93 -14.80
CA ALA F 50 53.04 37.50 -15.10
C ALA F 50 54.38 37.32 -15.85
N LEU F 51 54.86 36.08 -15.91
CA LEU F 51 56.06 35.71 -16.70
C LEU F 51 55.73 34.90 -17.94
N ILE F 52 56.47 35.11 -19.03
CA ILE F 52 56.42 34.19 -20.18
C ILE F 52 57.81 33.66 -20.39
N LEU F 53 57.98 32.37 -20.19
CA LEU F 53 59.29 31.79 -20.40
C LEU F 53 59.28 31.08 -21.73
N THR F 54 60.17 31.48 -22.62
CA THR F 54 60.13 31.00 -23.98
C THR F 54 61.40 30.22 -24.28
N VAL F 55 61.23 28.97 -24.68
CA VAL F 55 62.31 28.21 -25.28
C VAL F 55 62.05 28.18 -26.79
N LYS F 56 63.00 28.67 -27.57
CA LYS F 56 62.95 28.51 -29.02
C LYS F 56 63.07 27.04 -29.45
N GLY F 57 62.21 26.64 -30.39
CA GLY F 57 62.35 25.36 -31.11
C GLY F 57 62.71 25.45 -32.60
N LYS F 58 62.98 24.31 -33.20
CA LYS F 58 63.33 24.26 -34.60
C LYS F 58 62.32 25.00 -35.48
N ASN F 59 61.05 24.76 -35.27
CA ASN F 59 60.03 25.52 -35.99
C ASN F 59 59.63 26.73 -35.18
N ASP F 60 60.00 27.92 -35.61
CA ASP F 60 59.58 29.10 -34.88
C ASP F 60 58.39 29.79 -35.57
N ALA F 61 57.85 29.17 -36.62
CA ALA F 61 56.67 29.73 -37.30
C ALA F 61 55.39 29.38 -36.59
N GLN F 62 55.33 28.27 -35.88
CA GLN F 62 54.12 27.83 -35.21
C GLN F 62 54.46 27.37 -33.80
N HIS F 63 53.78 27.95 -32.81
CA HIS F 63 54.19 27.82 -31.43
C HIS F 63 53.18 27.01 -30.68
N ARG F 64 53.61 26.63 -29.50
CA ARG F 64 52.91 25.82 -28.55
C ARG F 64 53.07 26.64 -27.25
N LEU F 65 52.07 26.64 -26.40
CA LEU F 65 52.16 27.38 -25.14
C LEU F 65 51.57 26.57 -23.99
N LEU F 66 52.37 26.31 -22.96
CA LEU F 66 51.90 25.66 -21.74
C LEU F 66 51.73 26.69 -20.65
N THR F 67 50.64 26.60 -19.88
CA THR F 67 50.36 27.60 -18.84
C THR F 67 50.05 26.94 -17.49
N ALA F 68 50.47 27.63 -16.43
CA ALA F 68 50.21 27.25 -15.04
C ALA F 68 50.18 28.56 -14.20
N HIS F 69 49.32 28.67 -13.19
CA HIS F 69 49.21 29.92 -12.42
C HIS F 69 49.70 29.87 -10.96
N VAL F 70 50.38 30.93 -10.51
CA VAL F 70 50.90 30.99 -9.13
C VAL F 70 50.02 31.68 -8.14
N ASP F 71 49.02 32.41 -8.61
CA ASP F 71 48.08 32.98 -7.67
C ASP F 71 47.19 31.89 -7.12
N THR F 72 46.69 32.17 -5.91
CA THR F 72 45.91 31.27 -5.08
C THR F 72 44.65 31.97 -4.51
N LEU F 73 43.74 31.17 -3.93
CA LEU F 73 42.69 31.64 -3.04
C LEU F 73 43.29 32.46 -1.91
N GLY F 74 42.53 33.46 -1.45
CA GLY F 74 42.82 34.23 -0.26
C GLY F 74 41.66 35.18 0.07
N ALA F 75 41.93 36.16 0.91
CA ALA F 75 40.93 37.12 1.24
C ALA F 75 41.52 38.52 1.28
N MSE F 76 40.63 39.49 1.33
CA MSE F 76 41.00 40.84 1.59
C MSE F 76 40.15 41.50 2.70
O MSE F 76 38.95 41.24 2.82
CB MSE F 76 40.87 41.62 0.32
CG MSE F 76 41.35 43.04 0.40
SE MSE F 76 41.03 43.79 -1.36
CE MSE F 76 42.63 43.21 -2.33
N VAL F 77 40.78 42.37 3.49
CA VAL F 77 40.08 43.12 4.53
C VAL F 77 39.04 44.03 3.90
N LYS F 78 37.80 43.95 4.38
CA LYS F 78 36.73 44.67 3.74
C LYS F 78 36.16 45.69 4.69
N GLU F 79 36.41 45.50 5.97
CA GLU F 79 35.98 46.45 7.00
C GLU F 79 36.70 46.24 8.32
N ILE F 80 36.89 47.35 9.02
CA ILE F 80 37.47 47.27 10.36
C ILE F 80 36.39 47.42 11.41
N LYS F 81 36.02 46.30 12.01
CA LYS F 81 34.93 46.27 12.96
C LYS F 81 35.25 47.06 14.25
N PRO F 82 34.22 47.68 14.88
CA PRO F 82 34.37 48.40 16.15
C PRO F 82 35.16 47.64 17.23
N ASP F 83 34.96 46.34 17.34
CA ASP F 83 35.69 45.50 18.28
C ASP F 83 37.13 45.20 17.87
N GLY F 84 37.53 45.55 16.65
CA GLY F 84 38.94 45.35 16.25
C GLY F 84 39.21 44.04 15.55
N ARG F 85 38.16 43.28 15.29
CA ARG F 85 38.30 42.12 14.45
C ARG F 85 38.02 42.56 13.01
N LEU F 86 38.48 41.77 12.06
CA LEU F 86 38.43 42.13 10.64
C LEU F 86 37.34 41.38 9.91
N SER F 87 36.61 42.15 9.13
CA SER F 87 35.66 41.62 8.17
C SER F 87 36.47 41.23 6.91
N LEU F 88 35.99 40.26 6.14
CA LEU F 88 36.74 39.81 4.98
C LEU F 88 35.96 39.70 3.68
N SER F 89 36.67 39.94 2.58
CA SER F 89 36.14 39.70 1.26
C SER F 89 36.96 38.62 0.58
N MSE F 90 36.26 37.72 -0.09
CA MSE F 90 36.84 36.50 -0.66
C MSE F 90 37.64 36.84 -1.88
O MSE F 90 37.16 37.60 -2.72
CB MSE F 90 35.69 35.56 -1.01
CG MSE F 90 36.05 34.28 -1.75
SE MSE F 90 34.61 32.88 -1.83
CE MSE F 90 34.41 32.45 0.08
N ILE F 91 38.86 36.30 -1.99
CA ILE F 91 39.58 36.25 -3.30
C ILE F 91 39.55 34.85 -3.87
N GLY F 92 38.95 34.69 -5.05
CA GLY F 92 38.89 33.38 -5.71
C GLY F 92 37.59 32.70 -5.38
N GLY F 93 37.43 31.45 -5.78
CA GLY F 93 36.14 30.79 -5.65
C GLY F 93 36.25 29.58 -4.76
N PHE F 94 35.78 29.73 -3.52
CA PHE F 94 35.71 28.63 -2.55
C PHE F 94 34.50 28.71 -1.62
N ARG F 95 34.43 27.84 -0.61
CA ARG F 95 33.40 27.97 0.42
C ARG F 95 34.05 28.40 1.72
N TRP F 96 33.49 29.42 2.36
CA TRP F 96 34.02 29.97 3.61
C TRP F 96 34.11 28.92 4.76
N ASN F 97 33.18 27.96 4.77
CA ASN F 97 33.24 26.84 5.70
C ASN F 97 34.66 26.25 5.68
N SER F 98 35.21 26.09 4.48
CA SER F 98 36.43 25.35 4.26
C SER F 98 37.67 26.00 4.82
N VAL F 99 37.55 27.23 5.33
CA VAL F 99 38.68 27.91 5.98
C VAL F 99 38.35 28.34 7.40
N GLU F 100 37.34 27.72 8.00
CA GLU F 100 37.09 28.00 9.40
C GLU F 100 38.27 27.53 10.25
N GLY F 101 38.73 28.42 11.11
CA GLY F 101 39.84 28.08 11.99
C GLY F 101 41.24 28.04 11.41
N GLU F 102 41.44 28.47 10.17
CA GLU F 102 42.78 28.49 9.61
C GLU F 102 43.53 29.69 10.17
N TYR F 103 44.86 29.55 10.27
CA TYR F 103 45.75 30.66 10.67
C TYR F 103 46.06 31.44 9.42
N CYS F 104 46.14 32.76 9.55
CA CYS F 104 46.27 33.57 8.36
C CYS F 104 47.33 34.63 8.56
N GLU F 105 47.74 35.30 7.49
CA GLU F 105 48.66 36.45 7.61
C GLU F 105 48.00 37.67 7.04
N ILE F 106 48.23 38.82 7.63
CA ILE F 106 47.71 40.07 7.09
C ILE F 106 48.89 40.89 6.69
N GLU F 107 48.87 41.37 5.44
CA GLU F 107 50.02 42.22 4.99
C GLU F 107 49.58 43.68 4.85
N THR F 108 50.38 44.59 5.37
CA THR F 108 50.08 46.01 5.33
C THR F 108 50.82 46.66 4.17
N SER F 109 50.24 47.73 3.66
CA SER F 109 50.87 48.56 2.66
C SER F 109 52.38 48.72 2.80
N SER F 110 52.87 48.63 4.03
CA SER F 110 54.28 48.92 4.27
C SER F 110 55.10 47.63 4.46
N GLY F 111 54.56 46.52 3.96
CA GLY F 111 55.20 45.19 3.98
C GLY F 111 55.22 44.54 5.34
N LYS F 112 54.65 45.21 6.33
CA LYS F 112 54.48 44.63 7.66
C LYS F 112 53.39 43.56 7.59
N THR F 113 53.72 42.36 8.07
CA THR F 113 52.72 41.29 8.21
C THR F 113 52.26 41.18 9.66
N TYR F 114 51.04 40.71 9.84
CA TYR F 114 50.58 40.22 11.12
C TYR F 114 49.78 38.91 10.90
N THR F 115 49.79 38.05 11.92
CA THR F 115 49.12 36.78 11.91
C THR F 115 47.76 36.90 12.55
N GLY F 116 46.94 35.87 12.37
CA GLY F 116 45.60 35.82 12.96
C GLY F 116 44.86 34.55 12.61
N THR F 117 43.59 34.46 13.02
CA THR F 117 42.75 33.31 12.78
C THR F 117 41.42 33.72 12.22
N ILE F 118 40.92 32.93 11.26
CA ILE F 118 39.62 33.11 10.65
C ILE F 118 38.59 32.38 11.49
N LEU F 119 37.50 33.06 11.83
CA LEU F 119 36.43 32.40 12.59
C LEU F 119 35.09 32.90 12.11
N MSE F 120 34.04 32.11 12.28
CA MSE F 120 32.70 32.68 12.13
C MSE F 120 32.30 33.44 13.41
O MSE F 120 32.87 33.23 14.50
CB MSE F 120 31.63 31.64 11.79
CG MSE F 120 32.10 30.36 11.12
SE MSE F 120 32.28 30.35 9.15
CE MSE F 120 30.48 29.69 8.68
N LYS F 139 30.29 36.54 5.66
CA LYS F 139 29.16 37.04 6.47
C LYS F 139 29.45 36.93 7.98
N ASN F 140 29.28 35.73 8.57
CA ASN F 140 29.67 35.52 9.97
C ASN F 140 31.20 35.57 10.12
N ILE F 141 31.90 35.52 8.98
CA ILE F 141 33.36 35.38 8.91
C ILE F 141 34.16 36.58 9.44
N GLU F 142 35.38 36.34 9.91
CA GLU F 142 36.22 37.39 10.51
C GLU F 142 37.59 36.87 10.89
N VAL F 143 38.50 37.83 11.10
CA VAL F 143 39.83 37.57 11.62
C VAL F 143 40.03 38.05 13.04
N ARG F 144 40.37 37.14 13.95
CA ARG F 144 40.82 37.51 15.28
C ARG F 144 42.33 37.68 15.24
N ILE F 145 42.79 38.93 15.42
CA ILE F 145 44.20 39.31 15.18
C ILE F 145 45.02 38.99 16.39
N ASP F 146 46.24 38.51 16.18
CA ASP F 146 47.08 38.12 17.30
C ASP F 146 47.88 39.28 17.82
N GLU F 147 47.18 40.38 18.03
CA GLU F 147 47.74 41.59 18.58
C GLU F 147 46.70 42.13 19.53
N ARG F 148 47.16 42.71 20.64
CA ARG F 148 46.30 43.32 21.67
C ARG F 148 45.62 44.59 21.20
N VAL F 149 44.71 44.44 20.26
CA VAL F 149 43.91 45.53 19.74
C VAL F 149 42.45 45.32 20.14
N PHE F 150 41.66 46.38 20.15
CA PHE F 150 40.30 46.32 20.69
C PHE F 150 39.36 47.29 20.01
N SER F 151 39.79 47.84 18.88
CA SER F 151 39.01 48.86 18.18
C SER F 151 39.56 49.18 16.79
N ALA F 152 38.69 49.70 15.95
CA ALA F 152 39.09 50.30 14.69
C ALA F 152 40.45 50.99 14.85
N ASP F 153 40.49 52.07 15.63
CA ASP F 153 41.69 52.92 15.70
C ASP F 153 42.97 52.20 16.09
N GLU F 154 42.92 51.44 17.19
CA GLU F 154 44.05 50.62 17.63
C GLU F 154 44.56 49.72 16.49
N VAL F 155 43.64 49.14 15.72
CA VAL F 155 44.01 48.29 14.57
C VAL F 155 44.72 49.11 13.49
N ARG F 156 44.22 50.31 13.22
CA ARG F 156 44.89 51.14 12.22
C ARG F 156 46.33 51.53 12.62
N GLU F 157 46.59 51.93 13.86
CA GLU F 157 47.97 52.15 14.35
C GLU F 157 48.90 51.00 13.97
N LEU F 158 48.39 49.78 14.01
CA LEU F 158 49.17 48.64 13.59
C LEU F 158 49.63 48.71 12.14
N GLY F 159 48.90 49.49 11.34
CA GLY F 159 49.19 49.60 9.92
C GLY F 159 48.17 48.89 9.03
N ILE F 160 47.27 48.13 9.65
CA ILE F 160 46.21 47.47 8.93
C ILE F 160 45.14 48.46 8.44
N GLU F 161 44.69 48.25 7.19
CA GLU F 161 43.68 49.06 6.56
C GLU F 161 42.83 48.21 5.58
N VAL F 162 41.57 48.59 5.32
CA VAL F 162 40.77 47.89 4.30
C VAL F 162 41.56 47.82 3.02
N GLY F 163 41.54 46.69 2.34
CA GLY F 163 42.35 46.55 1.13
C GLY F 163 43.61 45.72 1.37
N ASP F 164 43.95 45.44 2.64
CA ASP F 164 45.08 44.53 2.93
C ASP F 164 44.82 43.09 2.51
N PHE F 165 45.83 42.46 1.95
CA PHE F 165 45.72 41.10 1.52
C PHE F 165 45.90 40.15 2.66
N VAL F 166 45.09 39.10 2.68
CA VAL F 166 45.15 38.13 3.74
C VAL F 166 45.41 36.83 3.05
N SER F 167 46.34 36.04 3.57
CA SER F 167 46.65 34.70 3.03
C SER F 167 46.40 33.59 4.08
N PHE F 168 46.10 32.38 3.64
CA PHE F 168 45.83 31.28 4.55
C PHE F 168 47.05 30.40 4.74
N ASP F 169 47.31 30.01 5.97
CA ASP F 169 48.53 29.24 6.19
C ASP F 169 48.33 27.97 5.38
N PRO F 170 49.30 27.61 4.55
CA PRO F 170 49.03 26.53 3.63
C PRO F 170 49.17 25.11 4.25
N ARG F 171 49.66 25.03 5.48
CA ARG F 171 49.92 23.75 6.17
C ARG F 171 50.45 22.60 5.28
N VAL F 172 51.47 22.86 4.48
CA VAL F 172 52.01 21.85 3.56
C VAL F 172 52.82 20.79 4.26
N GLN F 173 52.76 19.56 3.76
CA GLN F 173 53.44 18.41 4.35
C GLN F 173 53.68 17.40 3.25
N ILE F 174 54.94 16.98 3.12
CA ILE F 174 55.32 15.83 2.30
C ILE F 174 55.40 14.65 3.26
N THR F 175 54.57 13.63 3.04
CA THR F 175 54.62 12.44 3.90
C THR F 175 55.73 11.54 3.47
N GLU F 176 56.33 10.83 4.40
CA GLU F 176 57.29 9.80 3.98
C GLU F 176 56.67 8.83 2.95
N SER F 177 55.42 8.48 3.14
CA SER F 177 54.67 7.64 2.21
C SER F 177 54.44 8.23 0.80
N GLY F 178 54.99 9.42 0.49
CA GLY F 178 54.90 9.99 -0.84
C GLY F 178 53.83 11.03 -1.15
N TYR F 179 53.03 11.43 -0.19
CA TYR F 179 51.97 12.41 -0.49
C TYR F 179 52.42 13.82 -0.19
N ILE F 180 51.97 14.81 -0.99
CA ILE F 180 52.00 16.21 -0.57
C ILE F 180 50.58 16.67 -0.26
N LYS F 181 50.37 17.09 0.98
CA LYS F 181 49.08 17.59 1.51
C LYS F 181 49.16 19.10 1.73
N SER F 182 48.05 19.79 1.50
CA SER F 182 47.94 21.20 1.88
C SER F 182 46.48 21.62 2.14
N ARG F 183 46.28 22.93 1.96
CA ARG F 183 45.03 23.54 1.48
C ARG F 183 45.56 24.66 0.61
N HIS F 184 46.50 24.27 -0.25
CA HIS F 184 46.90 25.10 -1.34
C HIS F 184 47.17 24.48 -2.67
N LEU F 185 48.21 23.68 -2.74
CA LEU F 185 48.53 23.07 -4.00
C LEU F 185 47.95 23.95 -5.12
N ASP F 186 47.39 23.31 -6.17
CA ASP F 186 46.52 23.95 -7.19
C ASP F 186 46.64 25.43 -7.00
N ASP F 187 47.51 26.03 -7.80
CA ASP F 187 48.12 25.30 -8.90
C ASP F 187 49.68 25.32 -8.93
N LYS F 188 50.31 25.53 -7.77
CA LYS F 188 51.77 25.63 -7.72
C LYS F 188 52.40 24.29 -7.96
N VAL F 189 51.62 23.24 -7.84
CA VAL F 189 52.12 21.94 -8.19
C VAL F 189 52.49 21.96 -9.67
N SER F 190 51.60 22.49 -10.51
CA SER F 190 51.91 22.51 -11.93
C SER F 190 53.03 23.50 -12.20
N VAL F 191 53.08 24.58 -11.43
CA VAL F 191 54.08 25.61 -11.68
C VAL F 191 55.49 25.00 -11.58
N ALA F 192 55.67 24.22 -10.54
CA ALA F 192 56.88 23.47 -10.29
C ALA F 192 57.18 22.54 -11.46
N ILE F 193 56.15 21.83 -11.92
CA ILE F 193 56.29 20.91 -13.03
C ILE F 193 56.83 21.64 -14.27
N LEU F 194 56.19 22.74 -14.62
CA LEU F 194 56.69 23.51 -15.77
C LEU F 194 58.14 24.03 -15.57
N LEU F 195 58.49 24.52 -14.38
CA LEU F 195 59.86 24.93 -14.19
C LEU F 195 60.79 23.77 -14.38
N LYS F 196 60.45 22.59 -13.86
CA LYS F 196 61.39 21.46 -13.94
C LYS F 196 61.53 21.08 -15.38
N LEU F 197 60.41 21.03 -16.08
CA LEU F 197 60.48 20.73 -17.49
C LEU F 197 61.47 21.66 -18.20
N ILE F 198 61.44 22.96 -17.89
CA ILE F 198 62.33 23.92 -18.54
C ILE F 198 63.76 23.45 -18.25
N LYS F 199 64.05 23.19 -16.99
CA LYS F 199 65.40 22.81 -16.61
C LYS F 199 65.80 21.51 -17.27
N ARG F 200 64.84 20.63 -17.48
CA ARG F 200 65.18 19.37 -18.13
C ARG F 200 65.73 19.62 -19.54
N LEU F 201 64.99 20.41 -20.32
CA LEU F 201 65.36 20.69 -21.73
C LEU F 201 66.75 21.24 -21.81
N GLN F 202 67.08 22.10 -20.89
CA GLN F 202 68.42 22.65 -20.81
C GLN F 202 69.50 21.63 -20.32
N ASP F 203 69.20 20.79 -19.33
CA ASP F 203 70.21 19.88 -18.83
C ASP F 203 70.47 18.78 -19.83
N GLU F 204 69.42 18.29 -20.47
CA GLU F 204 69.58 17.27 -21.52
C GLU F 204 69.90 17.82 -22.90
N ASN F 205 70.07 19.13 -23.03
CA ASN F 205 70.44 19.72 -24.31
C ASN F 205 69.52 19.20 -25.44
N VAL F 206 68.22 19.21 -25.16
CA VAL F 206 67.20 18.72 -26.05
C VAL F 206 66.77 19.86 -26.94
N THR F 207 66.45 19.56 -28.20
CA THR F 207 65.79 20.52 -29.09
C THR F 207 64.28 20.27 -29.21
N LEU F 208 63.51 21.28 -28.84
CA LEU F 208 62.04 21.27 -28.99
C LEU F 208 61.66 21.39 -30.44
N PRO F 209 60.63 20.65 -30.87
CA PRO F 209 60.32 20.79 -32.28
C PRO F 209 59.59 22.12 -32.62
N TYR F 210 58.96 22.76 -31.61
CA TYR F 210 58.35 24.12 -31.76
C TYR F 210 58.72 25.10 -30.64
N THR F 211 58.71 26.38 -31.00
CA THR F 211 58.99 27.40 -30.02
C THR F 211 57.85 27.23 -29.06
N THR F 212 58.19 27.14 -27.78
CA THR F 212 57.20 26.80 -26.79
C THR F 212 57.25 27.87 -25.71
N HIS F 213 56.10 28.42 -25.37
CA HIS F 213 56.03 29.37 -24.27
C HIS F 213 55.44 28.75 -23.00
N PHE F 214 56.01 29.10 -21.85
CA PHE F 214 55.49 28.69 -20.59
C PHE F 214 55.01 29.91 -19.85
N LEU F 215 53.71 29.97 -19.62
CA LEU F 215 53.11 31.16 -19.08
C LEU F 215 52.79 30.88 -17.59
N ILE F 216 53.56 31.55 -16.71
CA ILE F 216 53.30 31.49 -15.27
C ILE F 216 52.31 32.61 -14.98
N SER F 217 51.05 32.24 -14.96
CA SER F 217 49.98 33.20 -14.93
C SER F 217 49.77 33.66 -13.50
N ASN F 218 49.19 34.85 -13.34
CA ASN F 218 48.86 35.34 -12.02
C ASN F 218 47.39 35.69 -11.76
N ASN F 219 46.44 35.11 -12.56
CA ASN F 219 44.93 35.16 -12.31
C ASN F 219 44.16 33.82 -12.30
N GLU F 220 42.96 33.86 -11.72
CA GLU F 220 42.21 32.63 -11.32
C GLU F 220 42.08 31.64 -12.46
N SER F 228 47.03 39.26 -21.79
CA SER F 228 47.07 38.03 -22.58
C SER F 228 48.01 38.24 -23.80
N ASN F 229 49.30 38.05 -23.55
CA ASN F 229 50.30 38.16 -24.59
C ASN F 229 50.56 36.73 -25.13
N ILE F 230 49.51 36.18 -25.73
CA ILE F 230 49.62 34.95 -26.51
C ILE F 230 50.03 35.31 -27.95
N PRO F 231 51.27 34.94 -28.34
CA PRO F 231 51.81 35.20 -29.65
C PRO F 231 50.97 34.58 -30.78
N GLU F 232 50.85 35.35 -31.87
CA GLU F 232 50.08 35.02 -33.08
C GLU F 232 50.27 33.60 -33.58
N GLU F 233 51.50 33.10 -33.51
CA GLU F 233 51.83 31.81 -34.11
C GLU F 233 51.53 30.62 -33.22
N THR F 234 51.07 30.87 -31.99
CA THR F 234 50.62 29.84 -31.06
C THR F 234 49.48 29.05 -31.71
N VAL F 235 49.63 27.74 -31.77
CA VAL F 235 48.71 26.93 -32.52
C VAL F 235 48.04 26.05 -31.53
N GLU F 236 48.77 25.63 -30.50
CA GLU F 236 48.17 24.88 -29.39
C GLU F 236 48.49 25.49 -28.06
N TYR F 237 47.55 25.30 -27.14
CA TYR F 237 47.53 25.90 -25.83
C TYR F 237 47.14 24.88 -24.77
N LEU F 238 48.09 24.55 -23.86
CA LEU F 238 47.89 23.57 -22.77
C LEU F 238 47.94 24.17 -21.37
N ALA F 239 46.80 24.21 -20.67
CA ALA F 239 46.79 24.59 -19.28
C ALA F 239 47.19 23.36 -18.51
N VAL F 240 48.06 23.53 -17.52
CA VAL F 240 48.39 22.45 -16.58
C VAL F 240 47.85 22.86 -15.21
N ASP F 241 46.82 22.17 -14.74
CA ASP F 241 45.93 22.67 -13.69
C ASP F 241 45.11 21.48 -13.23
N MSE F 242 44.44 21.58 -12.09
CA MSE F 242 43.80 20.42 -11.44
C MSE F 242 42.45 20.79 -10.95
O MSE F 242 42.23 21.93 -10.59
CB MSE F 242 44.60 19.99 -10.21
CG MSE F 242 46.14 19.95 -10.45
SE MSE F 242 47.26 19.99 -8.81
CE MSE F 242 48.37 21.53 -9.31
N GLY F 243 41.56 19.80 -10.93
CA GLY F 243 40.17 19.96 -10.41
C GLY F 243 39.66 18.67 -9.76
N ALA F 244 38.53 18.75 -9.06
CA ALA F 244 37.84 17.55 -8.54
C ALA F 244 36.59 17.26 -9.39
N LEU F 245 36.21 15.99 -9.49
CA LEU F 245 34.96 15.63 -10.17
C LEU F 245 33.72 16.02 -9.36
N GLY F 246 32.66 15.20 -9.40
CA GLY F 246 31.52 15.37 -8.49
C GLY F 246 31.65 14.43 -7.30
N ASP F 247 32.48 13.39 -7.50
CA ASP F 247 32.87 12.34 -6.50
C ASP F 247 33.89 11.32 -7.08
N GLY F 248 35.15 11.43 -6.65
CA GLY F 248 36.22 10.56 -7.17
C GLY F 248 36.20 9.15 -6.58
N ASP F 252 41.64 11.04 -9.01
CA ASP F 252 42.60 9.97 -8.71
C ASP F 252 43.97 10.56 -8.41
N GLU F 253 44.56 10.18 -7.29
CA GLU F 253 45.77 10.86 -6.86
C GLU F 253 47.07 10.23 -7.32
N TYR F 254 47.02 9.31 -8.27
CA TYR F 254 48.21 8.54 -8.66
C TYR F 254 48.38 8.46 -10.14
N THR F 255 47.82 9.41 -10.88
CA THR F 255 47.74 9.29 -12.30
C THR F 255 47.57 10.68 -12.83
N VAL F 256 47.85 10.88 -14.11
CA VAL F 256 47.68 12.21 -14.68
C VAL F 256 46.28 12.27 -15.18
N SER F 257 45.55 13.34 -14.89
CA SER F 257 44.25 13.45 -15.53
C SER F 257 44.31 14.35 -16.74
N ILE F 258 43.58 13.93 -17.77
CA ILE F 258 43.46 14.60 -19.04
C ILE F 258 42.02 15.05 -19.10
N CYS F 259 41.78 16.33 -19.34
CA CYS F 259 40.41 16.84 -19.17
C CYS F 259 39.70 16.88 -20.48
N ALA F 260 38.57 16.19 -20.58
CA ALA F 260 37.85 16.14 -21.83
C ALA F 260 36.84 17.28 -21.90
N LYS F 261 36.49 17.85 -20.74
CA LYS F 261 35.46 18.88 -20.70
C LYS F 261 35.31 19.52 -19.34
N ASP F 262 35.15 20.82 -19.30
CA ASP F 262 34.98 21.48 -18.03
C ASP F 262 33.79 22.38 -18.04
N SER F 263 33.69 23.14 -16.98
CA SER F 263 32.57 24.02 -16.76
C SER F 263 32.21 24.84 -17.98
N SER F 264 33.13 25.02 -18.90
CA SER F 264 32.78 25.81 -20.05
C SER F 264 32.90 25.02 -21.34
N GLY F 265 32.88 23.70 -21.29
CA GLY F 265 32.84 22.95 -22.54
C GLY F 265 33.99 22.01 -22.82
N PRO F 266 33.82 21.18 -23.84
CA PRO F 266 34.78 20.20 -24.25
C PRO F 266 36.04 20.85 -24.74
N TYR F 267 37.16 20.29 -24.31
CA TYR F 267 38.41 20.61 -24.89
C TYR F 267 38.54 19.95 -26.23
N HIS F 268 39.43 20.51 -27.04
CA HIS F 268 39.69 20.07 -28.41
C HIS F 268 39.80 18.56 -28.49
N TYR F 269 38.88 17.95 -29.22
CA TYR F 269 38.83 16.51 -29.40
C TYR F 269 40.18 15.91 -29.87
N ALA F 270 40.59 16.29 -31.08
CA ALA F 270 41.81 15.73 -31.66
C ALA F 270 43.02 15.92 -30.74
N LEU F 271 43.08 17.05 -30.06
CA LEU F 271 44.24 17.31 -29.20
C LEU F 271 44.15 16.43 -27.96
N ARG F 272 42.95 16.26 -27.40
CA ARG F 272 42.86 15.38 -26.26
C ARG F 272 43.19 13.91 -26.64
N LYS F 273 42.69 13.40 -27.76
CA LYS F 273 43.03 12.03 -28.15
C LYS F 273 44.54 11.90 -28.35
N HIS F 274 45.17 12.94 -28.87
CA HIS F 274 46.61 12.95 -28.96
C HIS F 274 47.31 12.80 -27.60
N LEU F 275 46.89 13.60 -26.62
CA LEU F 275 47.45 13.47 -25.28
C LEU F 275 47.31 12.06 -24.78
N VAL F 276 46.17 11.45 -25.08
CA VAL F 276 45.88 10.09 -24.62
C VAL F 276 46.84 9.13 -25.26
N GLU F 277 47.00 9.27 -26.55
CA GLU F 277 47.92 8.46 -27.32
C GLU F 277 49.34 8.50 -26.73
N LEU F 278 49.82 9.73 -26.49
CA LEU F 278 51.13 9.96 -25.91
C LEU F 278 51.33 9.21 -24.61
N ALA F 279 50.27 9.18 -23.81
CA ALA F 279 50.32 8.57 -22.51
C ALA F 279 50.47 7.06 -22.69
N LYS F 280 49.61 6.46 -23.52
CA LYS F 280 49.77 5.04 -23.92
C LYS F 280 51.17 4.70 -24.39
N THR F 281 51.65 5.45 -25.38
CA THR F 281 52.96 5.16 -25.95
C THR F 281 54.07 5.17 -24.88
N ASN F 282 53.96 6.05 -23.88
CA ASN F 282 55.07 6.27 -22.96
C ASN F 282 54.83 5.62 -21.64
N HIS F 283 53.77 4.80 -21.63
CA HIS F 283 53.40 4.02 -20.46
C HIS F 283 53.20 4.93 -19.30
N ILE F 284 52.46 6.02 -19.58
CA ILE F 284 51.96 6.94 -18.57
C ILE F 284 50.50 6.58 -18.20
N GLU F 285 50.33 6.40 -16.89
CA GLU F 285 49.07 6.27 -16.14
C GLU F 285 48.20 7.48 -16.26
N TYR F 286 47.04 7.37 -16.89
CA TYR F 286 46.20 8.55 -17.07
C TYR F 286 44.75 8.27 -16.71
N LYS F 287 43.99 9.34 -16.45
CA LYS F 287 42.53 9.25 -16.39
C LYS F 287 41.95 10.33 -17.30
N VAL F 288 40.94 9.97 -18.09
CA VAL F 288 40.24 10.97 -18.86
C VAL F 288 39.11 11.49 -17.99
N ASP F 289 39.10 12.78 -17.72
CA ASP F 289 38.21 13.31 -16.75
C ASP F 289 37.33 14.43 -17.24
N ILE F 290 36.22 14.62 -16.54
CA ILE F 290 35.39 15.76 -16.76
C ILE F 290 35.36 16.59 -15.48
N TYR F 291 35.78 17.86 -15.55
CA TYR F 291 35.70 18.71 -14.36
C TYR F 291 34.48 19.61 -14.45
N PRO F 292 33.54 19.44 -13.53
CA PRO F 292 32.36 20.31 -13.64
C PRO F 292 32.50 21.75 -13.12
N TYR F 293 33.60 22.12 -12.45
CA TYR F 293 33.67 23.49 -11.85
C TYR F 293 34.72 24.52 -12.35
N TYR F 294 35.26 24.33 -13.57
CA TYR F 294 36.23 25.27 -14.21
C TYR F 294 36.16 26.74 -13.77
N ARG F 303 41.65 31.96 -22.26
CA ARG F 303 41.44 32.48 -23.60
C ARG F 303 40.14 31.90 -24.17
N ALA F 304 40.26 30.94 -25.10
CA ALA F 304 39.12 30.37 -25.84
C ALA F 304 38.27 31.39 -26.65
N GLY F 305 38.59 32.68 -26.51
CA GLY F 305 38.45 33.66 -27.62
C GLY F 305 39.49 33.29 -28.69
N PHE F 306 40.72 33.86 -28.59
CA PHE F 306 42.00 33.37 -29.22
C PHE F 306 41.97 32.07 -30.07
N ASP F 307 42.49 32.14 -31.30
CA ASP F 307 42.48 30.98 -32.24
C ASP F 307 43.52 29.87 -31.93
N VAL F 308 43.23 29.01 -30.96
CA VAL F 308 44.16 27.93 -30.60
C VAL F 308 43.42 26.65 -30.30
N LYS F 309 44.09 25.52 -30.40
CA LYS F 309 43.59 24.28 -29.84
C LYS F 309 43.86 24.26 -28.33
N HIS F 310 42.82 24.08 -27.53
CA HIS F 310 42.97 24.18 -26.09
C HIS F 310 42.90 22.79 -25.52
N ALA F 311 43.78 22.52 -24.57
CA ALA F 311 43.80 21.28 -23.80
C ALA F 311 44.05 21.60 -22.34
N LEU F 312 43.73 20.63 -21.47
CA LEU F 312 43.93 20.76 -20.05
C LEU F 312 44.35 19.40 -19.47
N ILE F 313 45.50 19.33 -18.82
CA ILE F 313 45.86 18.11 -18.07
C ILE F 313 46.38 18.57 -16.71
N GLY F 314 46.57 17.68 -15.73
CA GLY F 314 47.07 18.09 -14.38
C GLY F 314 47.22 16.89 -13.46
N ALA F 315 48.05 16.99 -12.44
CA ALA F 315 48.10 15.94 -11.40
C ALA F 315 46.70 15.77 -10.80
N GLY F 316 46.35 14.57 -10.33
CA GLY F 316 45.07 14.38 -9.66
C GLY F 316 45.11 14.90 -8.23
N ILE F 317 44.15 15.74 -7.84
CA ILE F 317 44.07 16.24 -6.46
C ILE F 317 42.85 15.66 -5.80
N ASP F 318 42.92 15.42 -4.51
CA ASP F 318 41.78 15.08 -3.73
C ASP F 318 41.34 16.37 -3.10
N SER F 319 40.06 16.41 -2.73
CA SER F 319 39.32 17.60 -2.31
C SER F 319 39.89 18.98 -2.70
N SER F 320 39.69 19.33 -3.96
CA SER F 320 39.99 20.67 -4.49
C SER F 320 39.45 21.89 -3.62
N HIS F 321 40.24 22.98 -3.62
CA HIS F 321 39.88 24.30 -3.02
C HIS F 321 39.74 24.26 -1.47
N ALA F 322 39.90 23.05 -0.93
CA ALA F 322 39.75 22.71 0.49
C ALA F 322 40.61 21.48 0.89
N PHE F 323 41.65 21.68 1.69
CA PHE F 323 42.48 20.56 2.22
C PHE F 323 42.94 19.61 1.14
N GLU F 324 43.85 20.10 0.32
CA GLU F 324 44.20 19.43 -0.91
C GLU F 324 45.29 18.36 -0.70
N ARG F 325 45.35 17.36 -1.60
CA ARG F 325 46.37 16.34 -1.57
C ARG F 325 46.54 15.61 -2.90
N THR F 326 47.77 15.17 -3.15
CA THR F 326 48.04 14.29 -4.27
C THR F 326 49.26 13.42 -3.97
N HIS F 327 49.63 12.58 -4.92
CA HIS F 327 50.71 11.65 -4.63
C HIS F 327 51.82 11.80 -5.65
N GLU F 328 53.05 11.64 -5.17
CA GLU F 328 54.20 11.77 -6.02
C GLU F 328 54.06 11.06 -7.37
N SER F 329 53.37 9.91 -7.41
CA SER F 329 53.25 9.18 -8.67
C SER F 329 52.47 10.01 -9.69
N SER F 330 51.49 10.77 -9.20
CA SER F 330 50.72 11.63 -10.07
C SER F 330 51.58 12.71 -10.73
N ILE F 331 52.39 13.37 -9.89
CA ILE F 331 53.36 14.35 -10.30
C ILE F 331 54.31 13.72 -11.34
N ALA F 332 54.90 12.56 -11.00
CA ALA F 332 55.78 11.85 -11.95
C ALA F 332 55.14 11.67 -13.32
N HIS F 333 53.93 11.12 -13.31
CA HIS F 333 53.21 10.83 -14.52
C HIS F 333 52.88 12.11 -15.24
N THR F 334 52.43 13.10 -14.50
CA THR F 334 52.15 14.37 -15.12
C THR F 334 53.40 14.96 -15.74
N GLU F 335 54.55 14.93 -15.06
CA GLU F 335 55.83 15.34 -15.62
C GLU F 335 56.13 14.56 -16.88
N ALA F 336 55.84 13.26 -16.89
CA ALA F 336 56.19 12.49 -18.09
C ALA F 336 55.38 12.97 -19.29
N LEU F 337 54.11 13.30 -19.08
CA LEU F 337 53.18 13.67 -20.18
C LEU F 337 53.54 15.01 -20.85
N VAL F 338 53.83 16.00 -20.01
CA VAL F 338 54.20 17.32 -20.48
C VAL F 338 55.47 17.19 -21.36
N TYR F 339 56.46 16.41 -20.92
CA TYR F 339 57.64 16.19 -21.73
C TYR F 339 57.27 15.60 -23.10
N ALA F 340 56.58 14.45 -23.06
CA ALA F 340 56.17 13.77 -24.29
C ALA F 340 55.34 14.69 -25.15
N TYR F 341 54.46 15.47 -24.52
CA TYR F 341 53.63 16.41 -25.28
C TYR F 341 54.51 17.39 -26.05
N VAL F 342 55.49 17.93 -25.34
CA VAL F 342 56.25 19.02 -25.87
C VAL F 342 57.27 18.52 -26.86
N MSE F 343 57.62 17.23 -26.82
CA MSE F 343 58.56 16.70 -27.78
C MSE F 343 57.83 16.23 -29.05
O MSE F 343 58.44 16.01 -30.08
CB MSE F 343 59.37 15.56 -27.16
CG MSE F 343 60.38 15.98 -26.17
SE MSE F 343 61.56 17.39 -26.88
CE MSE F 343 62.68 16.43 -28.18
N SER F 344 56.52 16.10 -28.96
CA SER F 344 55.69 15.50 -29.98
C SER F 344 55.42 16.51 -31.04
N ASN F 345 54.77 16.08 -32.14
CA ASN F 345 54.43 16.96 -33.27
C ASN F 345 53.10 17.70 -33.12
N LEU F 346 52.87 18.75 -33.93
CA LEU F 346 51.55 19.38 -34.00
C LEU F 346 50.47 18.45 -34.55
N ILE F 347 49.23 18.75 -34.25
CA ILE F 347 48.14 17.85 -34.57
C ILE F 347 47.69 18.22 -35.98
N GLU F 348 47.63 17.24 -36.87
CA GLU F 348 47.63 17.60 -38.31
C GLU F 348 46.29 18.17 -38.82
N HIS G 4 -51.11 33.62 20.20
CA HIS G 4 -50.36 34.90 20.16
C HIS G 4 -48.86 34.79 19.77
N THR G 5 -48.21 33.72 20.21
CA THR G 5 -46.83 33.42 19.79
C THR G 5 -46.78 33.04 18.30
N LYS G 6 -47.69 32.15 17.90
CA LYS G 6 -47.86 31.73 16.51
C LYS G 6 -48.10 32.94 15.62
N GLU G 7 -48.85 33.92 16.13
CA GLU G 7 -49.14 35.14 15.42
C GLU G 7 -47.85 35.90 15.15
N THR G 8 -47.07 36.11 16.21
CA THR G 8 -45.74 36.72 16.06
C THR G 8 -44.87 36.06 14.99
N MSE G 9 -44.93 34.73 14.90
CA MSE G 9 -44.14 34.02 13.90
C MSE G 9 -44.65 34.20 12.47
O MSE G 9 -43.86 34.24 11.53
CB MSE G 9 -44.01 32.56 14.26
CG MSE G 9 -43.07 32.36 15.42
SE MSE G 9 -42.54 30.49 15.88
CE MSE G 9 -42.74 29.48 14.22
N GLU G 10 -45.97 34.33 12.31
CA GLU G 10 -46.55 34.65 11.00
C GLU G 10 -45.93 35.97 10.52
N LEU G 11 -45.91 36.96 11.42
CA LEU G 11 -45.30 38.26 11.10
C LEU G 11 -43.84 38.10 10.71
N ILE G 12 -43.05 37.36 11.48
CA ILE G 12 -41.67 37.13 11.11
C ILE G 12 -41.53 36.60 9.66
N LYS G 13 -42.24 35.53 9.37
CA LYS G 13 -42.25 34.98 8.01
C LYS G 13 -42.64 36.05 6.99
N GLU G 14 -43.64 36.87 7.30
CA GLU G 14 -44.03 37.91 6.33
C GLU G 14 -42.87 38.89 6.09
N LEU G 15 -42.29 39.39 7.18
CA LEU G 15 -41.10 40.22 7.10
C LEU G 15 -39.93 39.54 6.39
N VAL G 16 -39.59 38.33 6.80
CA VAL G 16 -38.45 37.68 6.19
C VAL G 16 -38.66 37.47 4.68
N SER G 17 -39.91 37.43 4.28
CA SER G 17 -40.27 37.22 2.89
C SER G 17 -40.22 38.51 2.06
N ILE G 18 -39.93 39.65 2.71
CA ILE G 18 -39.64 40.87 1.95
C ILE G 18 -38.14 41.19 1.88
N PRO G 19 -37.55 41.03 0.69
CA PRO G 19 -36.13 41.28 0.55
C PRO G 19 -35.77 42.68 1.06
N SER G 20 -34.67 42.80 1.80
CA SER G 20 -34.35 44.12 2.35
C SER G 20 -32.91 44.25 2.77
N PRO G 21 -32.01 44.03 1.83
CA PRO G 21 -30.63 44.13 2.32
C PRO G 21 -30.28 45.60 2.62
N SER G 22 -29.27 45.85 3.46
CA SER G 22 -28.88 47.22 3.76
C SER G 22 -28.75 47.97 2.45
N GLY G 23 -29.36 49.17 2.40
CA GLY G 23 -29.22 50.10 1.33
C GLY G 23 -30.49 50.09 0.50
N ASN G 24 -31.30 49.04 0.69
CA ASN G 24 -32.48 48.84 -0.10
C ASN G 24 -33.61 48.28 0.73
N THR G 25 -34.09 49.11 1.65
CA THR G 25 -35.09 48.74 2.58
C THR G 25 -36.40 49.55 2.41
N ALA G 26 -36.58 50.27 1.32
CA ALA G 26 -37.83 51.02 1.17
C ALA G 26 -39.12 50.17 1.16
N LYS G 27 -39.11 49.00 0.53
CA LYS G 27 -40.31 48.19 0.43
C LYS G 27 -40.75 47.69 1.82
N ILE G 28 -39.86 47.05 2.55
CA ILE G 28 -40.21 46.65 3.90
C ILE G 28 -40.57 47.84 4.78
N ILE G 29 -39.90 48.97 4.62
CA ILE G 29 -40.23 50.09 5.47
C ILE G 29 -41.69 50.49 5.17
N ASN G 30 -42.01 50.62 3.88
CA ASN G 30 -43.37 50.84 3.44
C ASN G 30 -44.28 49.80 4.06
N PHE G 31 -43.90 48.52 3.95
CA PHE G 31 -44.78 47.47 4.42
C PHE G 31 -45.11 47.69 5.86
N ILE G 32 -44.09 48.02 6.62
CA ILE G 32 -44.32 48.35 8.01
C ILE G 32 -45.16 49.62 8.26
N GLU G 33 -44.86 50.70 7.55
CA GLU G 33 -45.61 51.95 7.72
C GLU G 33 -47.11 51.69 7.59
N ASN G 34 -47.49 50.90 6.59
CA ASN G 34 -48.89 50.54 6.38
C ASN G 34 -49.46 49.65 7.50
N TYR G 35 -48.68 48.64 7.93
CA TYR G 35 -49.10 47.69 8.94
C TYR G 35 -49.55 48.37 10.23
N VAL G 36 -49.09 49.60 10.45
CA VAL G 36 -49.43 50.34 11.67
C VAL G 36 -50.25 51.57 11.42
N SER G 37 -50.69 51.74 10.18
CA SER G 37 -51.34 52.97 9.75
C SER G 37 -52.67 53.21 10.49
N GLU G 38 -53.18 52.19 11.16
CA GLU G 38 -54.49 52.30 11.83
C GLU G 38 -54.31 52.54 13.31
N TRP G 39 -53.09 52.30 13.76
CA TRP G 39 -52.79 52.24 15.18
C TRP G 39 -52.77 53.59 15.81
N ASN G 40 -52.73 53.58 17.13
CA ASN G 40 -52.58 54.81 17.85
C ASN G 40 -51.24 55.44 17.61
N VAL G 41 -50.18 54.64 17.68
CA VAL G 41 -48.83 55.17 17.76
C VAL G 41 -48.47 56.17 16.66
N GLU G 42 -47.56 57.06 17.01
CA GLU G 42 -47.10 58.12 16.13
C GLU G 42 -45.88 57.62 15.37
N THR G 43 -45.98 57.74 14.05
CA THR G 43 -45.00 57.29 13.04
C THR G 43 -44.26 58.47 12.43
N LYS G 44 -42.93 58.42 12.44
CA LYS G 44 -42.13 59.49 11.83
C LYS G 44 -41.01 58.86 11.05
N ARG G 45 -40.79 59.33 9.82
CA ARG G 45 -39.74 58.82 8.93
C ARG G 45 -38.48 59.70 8.87
N ASN G 46 -37.40 59.19 9.43
CA ASN G 46 -36.03 59.58 9.12
C ASN G 46 -35.73 60.08 7.69
N ASN G 47 -34.68 60.89 7.57
CA ASN G 47 -34.12 61.13 6.23
C ASN G 47 -33.47 59.92 5.63
N LYS G 48 -32.94 59.07 6.51
CA LYS G 48 -32.17 57.91 6.16
C LYS G 48 -33.09 56.77 5.77
N GLY G 49 -34.39 56.99 5.89
CA GLY G 49 -35.39 55.98 5.64
C GLY G 49 -35.87 55.13 6.81
N ALA G 50 -35.41 55.37 8.04
CA ALA G 50 -35.84 54.56 9.20
C ALA G 50 -37.14 55.07 9.78
N LEU G 51 -37.79 54.22 10.57
CA LEU G 51 -39.01 54.57 11.31
C LEU G 51 -38.74 54.78 12.78
N ILE G 52 -39.47 55.70 13.40
CA ILE G 52 -39.47 55.86 14.84
C ILE G 52 -40.93 55.85 15.22
N LEU G 53 -41.32 54.88 16.03
CA LEU G 53 -42.68 54.84 16.52
C LEU G 53 -42.66 55.33 17.97
N THR G 54 -43.43 56.36 18.26
CA THR G 54 -43.35 56.94 19.58
C THR G 54 -44.64 56.70 20.36
N VAL G 55 -44.51 56.18 21.57
CA VAL G 55 -45.66 56.05 22.44
C VAL G 55 -45.44 56.95 23.66
N LYS G 56 -46.40 57.82 23.94
CA LYS G 56 -46.37 58.72 25.07
C LYS G 56 -46.65 57.93 26.35
N GLY G 57 -46.04 58.37 27.45
CA GLY G 57 -46.20 57.69 28.73
C GLY G 57 -46.75 58.60 29.79
N LYS G 58 -46.38 58.36 31.05
CA LYS G 58 -46.75 59.24 32.16
C LYS G 58 -45.70 60.30 32.34
N ASN G 59 -44.45 59.90 32.18
CA ASN G 59 -43.33 60.81 32.25
C ASN G 59 -42.91 61.10 30.83
N ASP G 60 -42.73 62.38 30.52
CA ASP G 60 -42.36 62.79 29.18
C ASP G 60 -41.18 63.75 29.16
N ALA G 61 -40.35 63.67 30.19
CA ALA G 61 -39.09 64.43 30.24
C ALA G 61 -37.94 63.46 30.34
N GLN G 62 -38.28 62.17 30.39
CA GLN G 62 -37.30 61.10 30.45
C GLN G 62 -37.84 59.99 29.58
N HIS G 63 -37.13 59.75 28.48
CA HIS G 63 -37.58 58.82 27.49
C HIS G 63 -36.79 57.55 27.52
N ARG G 64 -37.36 56.53 26.88
CA ARG G 64 -36.72 55.24 26.69
C ARG G 64 -36.77 55.02 25.20
N LEU G 65 -35.86 54.22 24.66
CA LEU G 65 -35.90 53.89 23.22
C LEU G 65 -35.58 52.41 23.03
N LEU G 66 -36.44 51.68 22.34
CA LEU G 66 -36.07 50.33 21.92
C LEU G 66 -35.83 50.39 20.44
N THR G 67 -34.95 49.53 19.96
CA THR G 67 -34.61 49.56 18.54
C THR G 67 -34.42 48.15 18.04
N ALA G 68 -34.60 47.96 16.74
CA ALA G 68 -34.36 46.70 16.00
C ALA G 68 -34.30 47.02 14.53
N HIS G 69 -33.60 46.20 13.77
CA HIS G 69 -33.30 46.53 12.41
C HIS G 69 -33.91 45.52 11.42
N VAL G 70 -34.35 46.03 10.26
CA VAL G 70 -34.93 45.28 9.14
C VAL G 70 -33.94 45.06 8.01
N ASP G 71 -32.78 45.72 8.07
CA ASP G 71 -31.82 45.47 7.02
C ASP G 71 -31.14 44.14 7.29
N THR G 72 -30.63 43.52 6.23
CA THR G 72 -30.17 42.15 6.25
C THR G 72 -28.92 42.09 5.43
N LEU G 73 -28.19 40.99 5.58
CA LEU G 73 -27.07 40.62 4.71
C LEU G 73 -27.61 40.54 3.31
N GLY G 74 -26.77 40.87 2.34
CA GLY G 74 -27.13 40.68 0.94
C GLY G 74 -25.88 40.87 0.11
N ALA G 75 -26.08 41.33 -1.12
CA ALA G 75 -24.98 41.54 -2.02
C ALA G 75 -25.30 42.59 -3.08
N MSE G 76 -24.30 42.97 -3.85
CA MSE G 76 -24.52 43.94 -4.89
C MSE G 76 -23.67 43.59 -6.07
O MSE G 76 -22.55 43.08 -5.90
CB MSE G 76 -24.21 45.36 -4.40
CG MSE G 76 -23.85 46.43 -5.46
SE MSE G 76 -24.01 48.20 -4.57
CE MSE G 76 -22.96 49.39 -5.69
N VAL G 77 -24.20 43.86 -7.24
CA VAL G 77 -23.51 43.57 -8.51
C VAL G 77 -22.29 44.49 -8.64
N LYS G 78 -21.09 43.89 -8.73
CA LYS G 78 -19.90 44.71 -8.79
C LYS G 78 -19.26 44.68 -10.14
N GLU G 79 -19.68 43.73 -10.98
CA GLU G 79 -18.94 43.34 -12.17
C GLU G 79 -19.85 42.39 -12.98
N ILE G 80 -20.27 42.81 -14.18
CA ILE G 80 -20.90 41.87 -15.13
C ILE G 80 -19.77 41.26 -16.00
N LYS G 81 -19.55 39.94 -15.87
CA LYS G 81 -18.36 39.28 -16.49
C LYS G 81 -18.56 39.05 -17.99
N PRO G 82 -17.47 38.83 -18.78
CA PRO G 82 -17.62 38.64 -20.25
C PRO G 82 -18.68 37.61 -20.70
N ASP G 83 -18.80 36.50 -19.95
CA ASP G 83 -19.78 35.45 -20.21
C ASP G 83 -21.18 35.74 -19.65
N GLY G 84 -21.35 36.83 -18.90
CA GLY G 84 -22.67 37.20 -18.46
C GLY G 84 -22.94 36.78 -17.03
N ARG G 85 -21.94 36.16 -16.39
CA ARG G 85 -22.05 35.86 -14.95
C ARG G 85 -21.83 37.17 -14.23
N LEU G 86 -22.48 37.28 -13.07
CA LEU G 86 -22.47 38.48 -12.25
C LEU G 86 -21.56 38.24 -11.10
N SER G 87 -20.81 39.26 -10.76
CA SER G 87 -19.76 39.17 -9.79
C SER G 87 -20.22 40.12 -8.67
N LEU G 88 -20.06 39.71 -7.43
CA LEU G 88 -20.71 40.37 -6.30
C LEU G 88 -19.80 41.05 -5.28
N SER G 89 -20.32 42.13 -4.70
CA SER G 89 -19.71 42.72 -3.52
C SER G 89 -20.65 42.44 -2.35
N MSE G 90 -20.09 42.14 -1.19
CA MSE G 90 -20.89 41.70 -0.07
C MSE G 90 -21.57 42.88 0.62
O MSE G 90 -20.95 43.92 0.84
CB MSE G 90 -19.98 40.95 0.89
CG MSE G 90 -20.49 40.83 2.31
SE MSE G 90 -19.22 39.90 3.56
CE MSE G 90 -18.74 38.27 2.51
N ILE G 91 -22.86 42.73 0.92
CA ILE G 91 -23.48 43.69 1.85
C ILE G 91 -23.63 43.01 3.19
N GLY G 92 -23.03 43.61 4.22
CA GLY G 92 -23.03 43.01 5.54
C GLY G 92 -21.69 42.40 5.84
N GLY G 93 -21.60 41.66 6.93
CA GLY G 93 -20.39 40.94 7.27
C GLY G 93 -20.64 39.48 7.62
N PHE G 94 -20.62 38.64 6.60
CA PHE G 94 -20.76 37.18 6.72
C PHE G 94 -19.59 36.45 6.03
N ARG G 95 -19.70 35.13 5.89
CA ARG G 95 -18.72 34.31 5.16
C ARG G 95 -19.36 33.88 3.85
N TRP G 96 -18.62 34.03 2.76
CA TRP G 96 -19.15 33.69 1.43
C TRP G 96 -19.59 32.22 1.29
N ASN G 97 -18.91 31.34 1.99
CA ASN G 97 -19.20 29.90 1.92
C ASN G 97 -20.63 29.59 2.31
N SER G 98 -21.13 30.29 3.32
CA SER G 98 -22.48 30.08 3.86
C SER G 98 -23.59 30.49 2.89
N VAL G 99 -23.23 30.93 1.70
CA VAL G 99 -24.24 31.38 0.71
C VAL G 99 -24.06 30.68 -0.63
N GLU G 100 -23.18 29.67 -0.65
CA GLU G 100 -22.90 28.96 -1.90
C GLU G 100 -24.10 28.15 -2.36
N GLY G 101 -24.41 28.28 -3.64
CA GLY G 101 -25.53 27.55 -4.22
C GLY G 101 -26.91 28.01 -3.78
N GLU G 102 -27.02 29.12 -3.02
CA GLU G 102 -28.29 29.69 -2.62
C GLU G 102 -28.97 30.38 -3.77
N TYR G 103 -30.31 30.37 -3.78
CA TYR G 103 -31.02 31.07 -4.83
C TYR G 103 -31.06 32.54 -4.46
N CYS G 104 -31.22 33.44 -5.43
CA CYS G 104 -31.12 34.88 -5.15
C CYS G 104 -31.97 35.69 -6.09
N GLU G 105 -32.25 36.95 -5.74
CA GLU G 105 -32.96 37.86 -6.65
C GLU G 105 -32.07 39.00 -7.04
N ILE G 106 -32.26 39.50 -8.24
CA ILE G 106 -31.55 40.67 -8.64
C ILE G 106 -32.59 41.68 -8.95
N GLU G 107 -32.51 42.78 -8.26
CA GLU G 107 -33.46 43.82 -8.50
C GLU G 107 -32.80 44.88 -9.35
N THR G 108 -33.53 45.31 -10.34
CA THR G 108 -33.01 46.23 -11.33
C THR G 108 -33.36 47.65 -10.95
N SER G 109 -32.56 48.58 -11.45
CA SER G 109 -32.72 50.01 -11.15
C SER G 109 -34.15 50.50 -11.36
N SER G 110 -34.88 49.87 -12.27
CA SER G 110 -36.23 50.25 -12.64
C SER G 110 -37.29 49.37 -11.97
N GLY G 111 -36.87 48.40 -11.19
CA GLY G 111 -37.83 47.54 -10.49
C GLY G 111 -38.00 46.09 -10.97
N LYS G 112 -37.48 45.72 -12.14
CA LYS G 112 -37.59 44.32 -12.57
C LYS G 112 -36.70 43.44 -11.67
N THR G 113 -37.16 42.24 -11.36
CA THR G 113 -36.34 41.30 -10.62
C THR G 113 -36.06 40.05 -11.47
N TYR G 114 -34.90 39.44 -11.27
CA TYR G 114 -34.57 38.21 -11.93
C TYR G 114 -34.04 37.25 -10.89
N THR G 115 -34.26 35.98 -11.13
CA THR G 115 -33.71 35.00 -10.22
C THR G 115 -32.30 34.56 -10.62
N GLY G 116 -31.61 33.89 -9.69
CA GLY G 116 -30.27 33.40 -9.97
C GLY G 116 -29.85 32.44 -8.88
N THR G 117 -28.65 31.89 -9.05
CA THR G 117 -27.99 31.13 -8.00
C THR G 117 -26.59 31.67 -7.74
N ILE G 118 -26.22 31.78 -6.45
CA ILE G 118 -24.85 32.08 -6.11
C ILE G 118 -23.98 30.84 -6.26
N LEU G 119 -22.83 31.00 -6.92
CA LEU G 119 -21.86 29.92 -6.91
C LEU G 119 -20.43 30.47 -6.78
N MSE G 120 -19.53 29.61 -6.32
CA MSE G 120 -18.06 29.77 -6.49
C MSE G 120 -17.37 28.43 -6.49
O MSE G 120 -17.54 27.64 -7.41
CB MSE G 120 -17.40 30.71 -5.46
CG MSE G 120 -18.15 31.00 -4.13
SE MSE G 120 -17.99 29.75 -2.56
CE MSE G 120 -16.03 29.77 -2.14
N LYS G 139 -14.10 35.31 -2.84
CA LYS G 139 -14.06 36.60 -3.52
C LYS G 139 -14.50 36.47 -4.98
N ASN G 140 -13.85 35.56 -5.73
CA ASN G 140 -14.38 35.05 -7.01
C ASN G 140 -15.58 34.10 -6.81
N ILE G 141 -16.74 34.75 -6.64
CA ILE G 141 -18.02 34.09 -6.43
C ILE G 141 -18.98 34.84 -7.33
N GLU G 142 -19.94 34.14 -7.91
CA GLU G 142 -20.78 34.79 -8.92
C GLU G 142 -22.23 34.38 -8.84
N VAL G 143 -23.05 35.06 -9.65
CA VAL G 143 -24.42 34.68 -9.90
C VAL G 143 -24.53 34.19 -11.30
N ARG G 144 -25.02 32.97 -11.45
CA ARG G 144 -25.53 32.45 -12.73
C ARG G 144 -27.01 32.84 -12.78
N ILE G 145 -27.36 33.76 -13.69
CA ILE G 145 -28.73 34.32 -13.77
C ILE G 145 -29.65 33.34 -14.48
N ASP G 146 -30.90 33.22 -14.05
CA ASP G 146 -31.86 32.37 -14.75
C ASP G 146 -32.48 33.01 -16.00
N GLU G 147 -31.59 33.41 -16.91
CA GLU G 147 -31.97 33.88 -18.19
C GLU G 147 -30.96 33.50 -19.25
N ARG G 148 -31.46 33.34 -20.48
CA ARG G 148 -30.68 32.85 -21.58
C ARG G 148 -29.82 34.00 -22.14
N VAL G 149 -28.83 34.41 -21.35
CA VAL G 149 -27.90 35.50 -21.71
C VAL G 149 -26.46 34.95 -21.74
N PHE G 150 -25.58 35.61 -22.47
CA PHE G 150 -24.31 34.98 -22.74
C PHE G 150 -23.22 36.01 -22.76
N SER G 151 -23.58 37.26 -22.44
CA SER G 151 -22.63 38.35 -22.50
C SER G 151 -23.09 39.57 -21.75
N ALA G 152 -22.11 40.34 -21.30
CA ALA G 152 -22.30 41.62 -20.69
C ALA G 152 -23.40 42.44 -21.36
N ASP G 153 -23.40 42.50 -22.68
CA ASP G 153 -24.41 43.28 -23.38
C ASP G 153 -25.82 42.70 -23.24
N GLU G 154 -25.95 41.36 -23.27
CA GLU G 154 -27.26 40.71 -23.18
C GLU G 154 -27.85 40.86 -21.80
N VAL G 155 -26.98 40.82 -20.79
CA VAL G 155 -27.35 41.07 -19.42
C VAL G 155 -27.77 42.52 -19.25
N ARG G 156 -26.98 43.46 -19.74
CA ARG G 156 -27.33 44.88 -19.56
C ARG G 156 -28.66 45.14 -20.17
N GLU G 157 -28.93 44.46 -21.27
CA GLU G 157 -30.21 44.49 -21.96
C GLU G 157 -31.44 44.07 -21.12
N LEU G 158 -31.22 43.25 -20.09
CA LEU G 158 -32.23 42.97 -19.06
C LEU G 158 -32.46 44.19 -18.09
N GLY G 159 -31.56 45.15 -18.16
CA GLY G 159 -31.54 46.22 -17.16
C GLY G 159 -30.64 45.93 -15.94
N ILE G 160 -30.13 44.71 -15.77
CA ILE G 160 -29.14 44.52 -14.73
C ILE G 160 -27.98 45.52 -14.99
N GLU G 161 -27.41 46.04 -13.91
CA GLU G 161 -26.29 47.00 -13.96
C GLU G 161 -25.43 46.84 -12.72
N VAL G 162 -24.17 47.27 -12.79
CA VAL G 162 -23.30 47.32 -11.61
C VAL G 162 -24.03 48.27 -10.67
N GLY G 163 -24.18 47.90 -9.41
CA GLY G 163 -24.95 48.72 -8.50
C GLY G 163 -26.23 48.07 -8.08
N ASP G 164 -26.75 47.12 -8.86
CA ASP G 164 -28.03 46.44 -8.52
C ASP G 164 -27.97 45.65 -7.25
N PHE G 165 -29.04 45.69 -6.47
CA PHE G 165 -29.12 44.93 -5.22
C PHE G 165 -29.44 43.47 -5.44
N VAL G 166 -28.82 42.61 -4.63
CA VAL G 166 -29.05 41.17 -4.76
C VAL G 166 -29.42 40.58 -3.38
N SER G 167 -30.57 39.91 -3.29
CA SER G 167 -30.99 39.35 -2.00
C SER G 167 -30.86 37.87 -2.07
N PHE G 168 -30.64 37.22 -0.93
CA PHE G 168 -30.60 35.75 -0.82
C PHE G 168 -31.95 35.24 -0.38
N ASP G 169 -32.43 34.21 -1.06
CA ASP G 169 -33.69 33.55 -0.72
C ASP G 169 -33.61 33.04 0.70
N PRO G 170 -34.58 33.43 1.53
CA PRO G 170 -34.45 33.04 2.93
C PRO G 170 -34.81 31.60 3.28
N ARG G 171 -35.46 30.87 2.38
CA ARG G 171 -35.90 29.50 2.70
C ARG G 171 -36.52 29.46 4.09
N VAL G 172 -37.46 30.36 4.38
CA VAL G 172 -38.01 30.43 5.75
C VAL G 172 -39.02 29.30 6.02
N GLN G 173 -38.91 28.65 7.18
CA GLN G 173 -39.78 27.49 7.48
C GLN G 173 -40.19 27.50 8.95
N ILE G 174 -41.50 27.39 9.20
CA ILE G 174 -42.08 27.23 10.52
C ILE G 174 -42.51 25.77 10.67
N THR G 175 -41.90 25.04 11.60
CA THR G 175 -42.13 23.59 11.70
C THR G 175 -43.20 23.33 12.72
N GLU G 176 -43.92 22.23 12.51
CA GLU G 176 -45.00 21.86 13.41
C GLU G 176 -44.48 21.61 14.83
N SER G 177 -43.17 21.66 15.00
CA SER G 177 -42.51 21.56 16.31
C SER G 177 -42.21 22.91 16.95
N GLY G 178 -42.56 23.98 16.24
CA GLY G 178 -42.44 25.32 16.81
C GLY G 178 -41.10 25.96 16.59
N TYR G 179 -40.31 25.43 15.66
CA TYR G 179 -39.10 26.08 15.21
C TYR G 179 -39.41 26.98 14.03
N ILE G 180 -38.73 28.12 13.99
CA ILE G 180 -38.61 28.89 12.76
C ILE G 180 -37.16 28.76 12.30
N LYS G 181 -36.97 28.46 11.03
CA LYS G 181 -35.63 28.41 10.53
C LYS G 181 -35.48 29.14 9.21
N SER G 182 -34.29 29.72 9.03
CA SER G 182 -33.98 30.46 7.83
C SER G 182 -32.53 30.30 7.34
N ARG G 183 -32.26 30.84 6.15
CA ARG G 183 -30.92 31.37 5.82
C ARG G 183 -30.77 32.64 6.61
N HIS G 184 -31.80 33.47 6.56
CA HIS G 184 -31.66 34.82 7.02
C HIS G 184 -31.90 34.92 8.46
N LEU G 185 -33.18 34.98 8.83
CA LEU G 185 -33.69 35.60 10.10
C LEU G 185 -33.18 37.02 10.27
N ASP G 186 -31.85 37.15 10.38
CA ASP G 186 -31.16 38.43 10.65
C ASP G 186 -31.72 38.93 11.95
N ASP G 187 -32.40 40.08 11.91
CA ASP G 187 -33.06 40.62 13.12
C ASP G 187 -34.54 40.90 13.02
N LYS G 188 -35.18 40.24 12.04
CA LYS G 188 -36.60 40.43 11.81
C LYS G 188 -37.50 39.85 12.91
N VAL G 189 -36.98 38.84 13.60
CA VAL G 189 -37.62 38.33 14.78
C VAL G 189 -37.84 39.54 15.69
N SER G 190 -36.79 40.33 15.95
CA SER G 190 -36.90 41.44 16.93
C SER G 190 -37.87 42.49 16.41
N VAL G 191 -37.79 42.77 15.11
CA VAL G 191 -38.74 43.68 14.47
C VAL G 191 -40.18 43.28 14.77
N ALA G 192 -40.55 42.03 14.54
CA ALA G 192 -41.93 41.60 14.81
C ALA G 192 -42.24 41.67 16.28
N ILE G 193 -41.24 41.41 17.12
CA ILE G 193 -41.49 41.56 18.53
C ILE G 193 -41.79 43.03 18.88
N LEU G 194 -40.99 43.99 18.41
CA LEU G 194 -41.29 45.39 18.72
C LEU G 194 -42.65 45.79 18.20
N LEU G 195 -42.92 45.42 16.95
CA LEU G 195 -44.19 45.72 16.31
C LEU G 195 -45.39 45.18 17.07
N LYS G 196 -45.31 43.94 17.56
CA LYS G 196 -46.48 43.29 18.13
C LYS G 196 -46.72 43.83 19.50
N LEU G 197 -45.61 44.07 20.20
CA LEU G 197 -45.65 44.75 21.50
C LEU G 197 -46.49 46.03 21.41
N ILE G 198 -46.12 46.93 20.49
CA ILE G 198 -46.85 48.18 20.31
C ILE G 198 -48.36 47.93 20.25
N LYS G 199 -48.74 46.91 19.48
CA LYS G 199 -50.15 46.57 19.30
C LYS G 199 -50.80 46.12 20.63
N ARG G 200 -50.02 45.42 21.43
CA ARG G 200 -50.47 44.83 22.68
C ARG G 200 -50.68 45.93 23.71
N LEU G 201 -49.80 46.92 23.69
CA LEU G 201 -49.97 48.10 24.49
C LEU G 201 -51.21 48.89 24.08
N GLN G 202 -51.77 48.60 22.92
CA GLN G 202 -52.93 49.36 22.47
C GLN G 202 -54.25 48.65 22.78
N ASP G 203 -54.35 47.38 22.40
CA ASP G 203 -55.51 46.54 22.71
C ASP G 203 -55.32 46.13 24.17
N GLU G 204 -55.35 47.09 25.08
CA GLU G 204 -54.89 46.88 26.43
C GLU G 204 -55.11 48.20 27.14
N ASN G 205 -54.69 49.26 26.44
CA ASN G 205 -54.55 50.60 27.01
C ASN G 205 -54.10 50.55 28.47
N VAL G 206 -52.95 49.92 28.67
CA VAL G 206 -52.10 50.21 29.82
C VAL G 206 -51.28 51.41 29.40
N THR G 207 -50.70 52.07 30.37
CA THR G 207 -49.98 53.28 30.09
C THR G 207 -48.53 53.03 30.47
N LEU G 208 -47.65 53.44 29.58
CA LEU G 208 -46.23 53.36 29.81
C LEU G 208 -45.91 54.42 30.86
N PRO G 209 -44.98 54.07 31.76
CA PRO G 209 -44.51 55.05 32.71
C PRO G 209 -43.70 56.14 31.99
N TYR G 210 -43.26 55.83 30.77
CA TYR G 210 -42.44 56.77 30.03
C TYR G 210 -42.68 56.85 28.53
N THR G 211 -42.51 58.05 27.98
CA THR G 211 -42.44 58.22 26.55
C THR G 211 -41.36 57.29 25.94
N THR G 212 -41.83 56.32 25.16
CA THR G 212 -40.96 55.35 24.55
C THR G 212 -40.98 55.39 23.02
N HIS G 213 -39.78 55.42 22.45
CA HIS G 213 -39.61 55.40 21.01
C HIS G 213 -39.24 53.98 20.56
N PHE G 214 -39.76 53.56 19.41
CA PHE G 214 -39.36 52.26 18.84
C PHE G 214 -38.76 52.56 17.49
N LEU G 215 -37.46 52.40 17.39
CA LEU G 215 -36.77 52.72 16.16
C LEU G 215 -36.61 51.45 15.34
N ILE G 216 -37.31 51.37 14.23
CA ILE G 216 -37.01 50.30 13.32
C ILE G 216 -35.87 50.79 12.40
N SER G 217 -34.62 50.45 12.72
CA SER G 217 -33.55 51.02 11.89
C SER G 217 -33.33 50.20 10.63
N ASN G 218 -32.58 50.80 9.69
CA ASN G 218 -32.35 50.25 8.38
C ASN G 218 -30.89 50.22 7.92
N ASN G 219 -29.94 50.42 8.85
CA ASN G 219 -28.52 50.60 8.55
C ASN G 219 -27.55 49.87 9.49
N GLU G 220 -28.07 49.07 10.42
CA GLU G 220 -27.24 48.44 11.47
C GLU G 220 -26.18 47.48 10.90
N GLU G 221 -26.49 46.77 9.82
CA GLU G 221 -25.50 45.84 9.23
C GLU G 221 -24.34 46.57 8.55
N ILE G 222 -24.61 47.82 8.12
CA ILE G 222 -23.70 48.61 7.25
C ILE G 222 -22.72 49.42 8.10
N ILE G 230 -32.58 59.93 17.62
CA ILE G 230 -32.88 59.71 19.05
C ILE G 230 -33.00 60.99 19.90
N PRO G 231 -34.20 61.27 20.46
CA PRO G 231 -34.46 62.43 21.34
C PRO G 231 -33.31 62.76 22.28
N GLU G 232 -33.44 63.89 22.98
CA GLU G 232 -32.38 64.30 23.89
C GLU G 232 -32.69 63.97 25.32
N GLU G 233 -33.93 63.53 25.54
CA GLU G 233 -34.35 63.20 26.87
C GLU G 233 -34.37 61.68 27.05
N THR G 234 -33.70 61.01 26.12
CA THR G 234 -33.58 59.56 26.17
C THR G 234 -32.55 59.18 27.23
N VAL G 235 -32.96 58.26 28.10
CA VAL G 235 -32.21 57.85 29.28
C VAL G 235 -31.63 56.43 29.17
N GLU G 236 -32.40 55.51 28.58
CA GLU G 236 -32.01 54.13 28.42
C GLU G 236 -32.20 53.78 26.98
N TYR G 237 -31.38 52.84 26.49
CA TYR G 237 -31.38 52.40 25.11
C TYR G 237 -31.32 50.87 25.11
N LEU G 238 -32.46 50.22 24.89
CA LEU G 238 -32.45 48.78 24.69
C LEU G 238 -32.39 48.35 23.18
N ALA G 239 -31.31 47.67 22.78
CA ALA G 239 -31.32 47.06 21.45
C ALA G 239 -31.89 45.65 21.57
N VAL G 240 -32.70 45.29 20.59
CA VAL G 240 -33.23 43.94 20.45
C VAL G 240 -32.66 43.29 19.19
N ASP G 241 -31.71 42.40 19.37
CA ASP G 241 -30.90 41.92 18.29
C ASP G 241 -30.40 40.56 18.75
N MSE G 242 -29.65 39.88 17.91
CA MSE G 242 -29.33 38.49 18.16
C MSE G 242 -27.91 38.26 17.78
O MSE G 242 -27.53 38.56 16.64
CB MSE G 242 -30.25 37.61 17.32
CG MSE G 242 -31.74 37.89 17.61
SE MSE G 242 -33.05 36.70 16.68
CE MSE G 242 -33.37 37.74 15.03
N GLY G 243 -27.13 37.74 18.74
CA GLY G 243 -25.74 37.32 18.50
C GLY G 243 -25.51 35.82 18.52
N ALA G 244 -24.41 35.36 17.90
CA ALA G 244 -23.97 33.95 17.97
C ALA G 244 -22.78 33.77 18.90
N LEU G 245 -22.95 32.97 19.96
CA LEU G 245 -21.87 32.54 20.88
C LEU G 245 -20.83 31.62 20.21
N GLY G 246 -19.58 31.71 20.68
CA GLY G 246 -18.46 31.00 20.05
C GLY G 246 -18.44 29.48 20.13
N ASP G 247 -18.86 28.93 21.27
CA ASP G 247 -18.55 27.52 21.61
C ASP G 247 -19.76 26.61 21.85
N GLY G 248 -20.88 27.20 22.30
CA GLY G 248 -22.11 26.46 22.63
C GLY G 248 -23.29 26.92 21.79
N SER G 251 -27.68 28.13 19.78
CA SER G 251 -27.17 28.63 21.08
C SER G 251 -27.86 27.95 22.28
N ASP G 252 -28.65 28.73 23.02
CA ASP G 252 -29.86 28.23 23.67
C ASP G 252 -31.02 28.95 22.98
N GLU G 253 -31.74 28.17 22.17
CA GLU G 253 -32.84 28.75 21.44
C GLU G 253 -34.20 28.60 22.09
N TYR G 254 -34.25 28.57 23.42
CA TYR G 254 -35.51 28.43 24.14
C TYR G 254 -35.63 29.47 25.23
N THR G 255 -34.70 30.42 25.24
CA THR G 255 -34.59 31.40 26.33
C THR G 255 -34.37 32.75 25.69
N VAL G 256 -34.70 33.81 26.44
CA VAL G 256 -34.36 35.15 26.01
C VAL G 256 -32.87 35.36 26.39
N SER G 257 -32.07 35.87 25.46
CA SER G 257 -30.68 36.17 25.77
C SER G 257 -30.62 37.53 26.44
N ILE G 258 -29.76 37.72 27.43
CA ILE G 258 -29.47 39.06 27.94
C ILE G 258 -27.97 39.30 27.80
N CYS G 259 -27.59 40.32 27.03
CA CYS G 259 -26.17 40.48 26.69
C CYS G 259 -25.34 41.18 27.76
N ALA G 260 -24.37 40.47 28.32
CA ALA G 260 -23.55 41.10 29.36
C ALA G 260 -22.47 41.92 28.70
N LYS G 261 -22.13 41.57 27.45
CA LYS G 261 -21.00 42.20 26.76
C LYS G 261 -20.91 41.68 25.36
N ASP G 262 -20.30 42.48 24.48
CA ASP G 262 -20.03 42.08 23.09
C ASP G 262 -18.71 42.71 22.68
N SER G 263 -18.32 42.62 21.40
CA SER G 263 -17.07 43.23 20.85
C SER G 263 -16.81 44.66 21.31
N SER G 264 -17.86 45.44 21.53
CA SER G 264 -17.67 46.85 21.89
C SER G 264 -17.45 47.01 23.38
N GLY G 265 -17.58 45.92 24.12
CA GLY G 265 -17.40 45.94 25.56
C GLY G 265 -18.70 45.76 26.32
N PRO G 266 -18.61 45.75 27.66
CA PRO G 266 -19.76 45.59 28.55
C PRO G 266 -20.92 46.54 28.27
N TYR G 267 -22.12 46.00 28.40
CA TYR G 267 -23.31 46.78 28.49
C TYR G 267 -23.44 47.37 29.87
N HIS G 268 -24.35 48.33 30.03
CA HIS G 268 -24.51 48.96 31.34
C HIS G 268 -24.78 47.85 32.36
N TYR G 269 -24.06 47.90 33.46
CA TYR G 269 -24.08 46.84 34.46
C TYR G 269 -25.36 46.88 35.29
N ALA G 270 -25.62 48.04 35.88
CA ALA G 270 -26.86 48.24 36.60
C ALA G 270 -28.05 47.85 35.72
N LEU G 271 -28.12 48.39 34.50
CA LEU G 271 -29.23 48.14 33.64
C LEU G 271 -29.38 46.63 33.28
N ARG G 272 -28.25 45.95 33.09
CA ARG G 272 -28.32 44.53 32.82
C ARG G 272 -28.79 43.75 34.03
N LYS G 273 -28.33 44.12 35.21
CA LYS G 273 -28.83 43.56 36.44
C LYS G 273 -30.36 43.67 36.51
N HIS G 274 -30.89 44.81 36.06
CA HIS G 274 -32.31 45.04 36.06
C HIS G 274 -33.07 44.02 35.18
N LEU G 275 -32.64 43.85 33.93
CA LEU G 275 -33.31 42.94 33.01
C LEU G 275 -33.34 41.53 33.57
N VAL G 276 -32.28 41.12 34.28
CA VAL G 276 -32.22 39.78 34.88
C VAL G 276 -33.28 39.71 35.99
N GLU G 277 -33.30 40.71 36.87
CA GLU G 277 -34.29 40.77 37.94
C GLU G 277 -35.69 40.76 37.37
N LEU G 278 -35.89 41.57 36.35
CA LEU G 278 -37.12 41.55 35.59
C LEU G 278 -37.48 40.16 35.08
N ALA G 279 -36.48 39.36 34.70
CA ALA G 279 -36.75 38.00 34.21
C ALA G 279 -37.13 37.09 35.34
N LYS G 280 -36.32 37.10 36.41
CA LYS G 280 -36.56 36.22 37.54
C LYS G 280 -37.92 36.54 38.15
N THR G 281 -38.21 37.83 38.22
CA THR G 281 -39.42 38.34 38.85
C THR G 281 -40.61 37.75 38.11
N ASN G 282 -40.49 37.63 36.79
CA ASN G 282 -41.61 37.29 35.96
C ASN G 282 -41.56 35.90 35.42
N HIS G 283 -40.65 35.10 35.96
CA HIS G 283 -40.50 33.71 35.53
C HIS G 283 -40.27 33.55 34.02
N ILE G 284 -39.57 34.52 33.43
CA ILE G 284 -39.12 34.39 32.06
C ILE G 284 -37.81 33.61 32.12
N GLU G 285 -37.73 32.58 31.27
CA GLU G 285 -36.53 31.74 31.13
C GLU G 285 -35.43 32.52 30.45
N TYR G 286 -34.30 32.69 31.13
CA TYR G 286 -33.28 33.58 30.59
C TYR G 286 -31.93 32.96 30.59
N LYS G 287 -31.05 33.52 29.77
CA LYS G 287 -29.64 33.13 29.73
C LYS G 287 -28.86 34.41 29.67
N VAL G 288 -27.85 34.58 30.50
CA VAL G 288 -27.02 35.77 30.38
C VAL G 288 -25.83 35.40 29.50
N ASP G 289 -25.60 36.18 28.44
CA ASP G 289 -24.61 35.83 27.41
C ASP G 289 -23.57 36.87 27.02
N ILE G 290 -22.40 36.39 26.59
CA ILE G 290 -21.40 37.25 26.00
C ILE G 290 -21.30 36.92 24.53
N TYR G 291 -21.63 37.88 23.66
CA TYR G 291 -21.44 37.74 22.19
C TYR G 291 -20.07 38.22 21.74
N PRO G 292 -19.13 37.30 21.47
CA PRO G 292 -17.79 37.74 21.04
C PRO G 292 -17.72 38.39 19.66
N TYR G 293 -18.74 38.25 18.80
CA TYR G 293 -18.67 38.87 17.43
C TYR G 293 -19.66 40.03 17.17
N TYR G 294 -20.85 39.96 17.75
CA TYR G 294 -21.83 41.04 17.64
C TYR G 294 -21.25 42.44 18.03
N GLY G 295 -21.87 43.47 17.45
CA GLY G 295 -21.57 44.87 17.72
C GLY G 295 -22.91 45.59 17.77
N ARG G 303 -24.78 53.55 18.75
CA ARG G 303 -24.72 54.85 19.41
C ARG G 303 -23.52 54.90 20.36
N ALA G 304 -22.31 54.94 19.79
CA ALA G 304 -21.07 54.94 20.55
C ALA G 304 -20.91 56.10 21.56
N GLY G 305 -21.29 57.33 21.15
CA GLY G 305 -21.14 58.57 21.98
C GLY G 305 -22.36 59.43 22.36
N PHE G 306 -23.53 58.80 22.45
CA PHE G 306 -24.74 59.40 23.04
C PHE G 306 -24.82 59.08 24.54
N ASP G 307 -25.13 60.10 25.34
CA ASP G 307 -25.16 60.11 26.82
C ASP G 307 -26.30 59.26 27.47
N VAL G 308 -26.36 57.98 27.13
CA VAL G 308 -27.54 57.11 27.40
C VAL G 308 -27.11 55.76 28.03
N LYS G 309 -28.03 55.07 28.72
CA LYS G 309 -27.73 53.75 29.33
C LYS G 309 -28.11 52.64 28.38
N HIS G 310 -27.12 51.86 27.95
CA HIS G 310 -27.30 50.82 26.90
C HIS G 310 -27.56 49.42 27.41
N ALA G 311 -28.39 48.69 26.66
CA ALA G 311 -28.62 47.25 26.88
C ALA G 311 -28.91 46.56 25.56
N LEU G 312 -28.76 45.23 25.59
CA LEU G 312 -28.96 44.39 24.44
C LEU G 312 -29.56 43.08 24.89
N ILE G 313 -30.70 42.74 24.32
CA ILE G 313 -31.30 41.41 24.52
C ILE G 313 -31.77 40.91 23.15
N GLY G 314 -32.11 39.62 23.05
CA GLY G 314 -32.94 39.15 21.95
C GLY G 314 -33.23 37.67 22.11
N ALA G 315 -34.12 37.13 21.29
CA ALA G 315 -34.26 35.67 21.20
C ALA G 315 -32.92 34.93 20.99
N GLY G 316 -32.81 33.73 21.57
CA GLY G 316 -31.66 32.87 21.35
C GLY G 316 -31.68 32.33 19.93
N ILE G 317 -30.62 32.58 19.19
CA ILE G 317 -30.53 32.18 17.78
C ILE G 317 -29.44 31.11 17.63
N ASP G 318 -29.66 30.12 16.78
CA ASP G 318 -28.59 29.17 16.53
C ASP G 318 -27.99 29.52 15.18
N SER G 319 -26.65 29.42 15.08
CA SER G 319 -25.92 29.46 13.80
C SER G 319 -26.20 30.82 13.12
N SER G 320 -25.80 31.91 13.79
CA SER G 320 -26.21 33.27 13.42
C SER G 320 -26.11 33.62 11.90
N PHE G 323 -27.34 29.84 8.30
CA PHE G 323 -28.56 29.05 8.53
C PHE G 323 -28.90 29.04 10.00
N GLU G 324 -30.06 29.61 10.31
CA GLU G 324 -30.41 30.11 11.62
C GLU G 324 -31.74 29.54 12.05
N ARG G 325 -31.88 29.37 13.35
CA ARG G 325 -33.08 28.78 13.84
C ARG G 325 -33.36 29.31 15.22
N THR G 326 -34.61 29.33 15.60
CA THR G 326 -34.95 29.53 17.01
C THR G 326 -36.25 28.80 17.30
N HIS G 327 -36.49 28.49 18.56
CA HIS G 327 -37.78 27.98 18.94
C HIS G 327 -38.79 29.07 19.33
N GLU G 328 -40.08 28.74 19.21
CA GLU G 328 -41.12 29.71 19.56
C GLU G 328 -41.12 30.06 21.06
N SER G 329 -40.63 29.17 21.90
CA SER G 329 -40.58 29.46 23.31
C SER G 329 -39.60 30.62 23.62
N SER G 330 -38.59 30.78 22.76
CA SER G 330 -37.64 31.88 22.90
C SER G 330 -38.24 33.22 22.52
N ILE G 331 -39.01 33.28 21.43
CA ILE G 331 -39.81 34.47 21.09
C ILE G 331 -40.67 34.81 22.32
N ALA G 332 -41.48 33.85 22.77
CA ALA G 332 -42.39 34.06 23.89
C ALA G 332 -41.65 34.68 25.06
N HIS G 333 -40.54 34.07 25.46
CA HIS G 333 -39.76 34.62 26.56
C HIS G 333 -39.25 36.04 26.26
N THR G 334 -38.61 36.22 25.09
CA THR G 334 -38.22 37.55 24.64
C THR G 334 -39.38 38.56 24.67
N GLU G 335 -40.57 38.13 24.24
CA GLU G 335 -41.70 39.03 24.20
C GLU G 335 -42.12 39.49 25.58
N ALA G 336 -42.13 38.56 26.53
CA ALA G 336 -42.44 38.84 27.90
C ALA G 336 -41.42 39.84 28.47
N LEU G 337 -40.16 39.62 28.18
CA LEU G 337 -39.14 40.50 28.73
C LEU G 337 -39.24 41.97 28.28
N VAL G 338 -39.29 42.25 26.97
CA VAL G 338 -39.41 43.63 26.51
C VAL G 338 -40.61 44.26 27.17
N TYR G 339 -41.74 43.54 27.15
CA TYR G 339 -42.92 44.01 27.84
C TYR G 339 -42.66 44.47 29.27
N ALA G 340 -42.17 43.57 30.12
CA ALA G 340 -41.92 43.92 31.49
C ALA G 340 -40.93 45.08 31.49
N TYR G 341 -39.89 44.99 30.67
CA TYR G 341 -38.92 46.07 30.65
C TYR G 341 -39.58 47.42 30.42
N VAL G 342 -40.51 47.46 29.48
CA VAL G 342 -41.05 48.73 29.00
C VAL G 342 -41.90 49.34 30.08
N MSE G 343 -42.39 48.46 30.95
CA MSE G 343 -43.29 48.84 32.04
C MSE G 343 -42.58 49.15 33.33
O MSE G 343 -43.19 49.64 34.25
CB MSE G 343 -44.29 47.70 32.32
CG MSE G 343 -45.29 47.45 31.23
SE MSE G 343 -46.32 49.07 30.95
CE MSE G 343 -47.35 49.06 32.62
N SER G 344 -41.29 48.85 33.39
CA SER G 344 -40.52 49.02 34.60
C SER G 344 -40.20 50.51 34.88
N ASN G 345 -39.43 50.81 35.92
CA ASN G 345 -39.06 52.20 36.21
C ASN G 345 -37.60 52.42 35.82
N LEU G 346 -37.15 53.65 35.61
CA LEU G 346 -35.72 53.88 35.31
C LEU G 346 -34.72 53.39 36.38
N ILE G 347 -33.44 53.27 36.01
CA ILE G 347 -32.40 52.78 36.92
C ILE G 347 -32.02 53.86 37.93
N GLU G 348 -31.81 53.46 39.18
CA GLU G 348 -31.55 54.39 40.30
C GLU G 348 -30.71 55.63 39.95
N HIS H 3 -10.30 78.88 -21.49
CA HIS H 3 -11.53 78.10 -21.14
C HIS H 3 -11.48 77.39 -19.74
N HIS H 4 -12.62 76.81 -19.33
CA HIS H 4 -12.89 76.46 -17.95
C HIS H 4 -12.12 75.28 -17.37
N THR H 5 -12.14 74.14 -18.07
CA THR H 5 -11.52 72.90 -17.57
C THR H 5 -10.01 73.00 -17.38
N LYS H 6 -9.33 73.63 -18.32
CA LYS H 6 -7.91 73.88 -18.18
C LYS H 6 -7.59 74.81 -16.99
N GLU H 7 -8.50 75.72 -16.67
CA GLU H 7 -8.28 76.58 -15.51
C GLU H 7 -8.53 75.89 -14.16
N THR H 8 -9.57 75.08 -14.12
CA THR H 8 -9.74 74.14 -13.07
C THR H 8 -8.46 73.37 -12.81
N MSE H 9 -7.81 72.95 -13.89
CA MSE H 9 -6.57 72.20 -13.78
C MSE H 9 -5.39 73.07 -13.36
O MSE H 9 -4.49 72.59 -12.68
CB MSE H 9 -6.30 71.44 -15.06
CG MSE H 9 -6.95 70.11 -15.01
SE MSE H 9 -6.71 69.06 -16.63
CE MSE H 9 -4.83 68.51 -16.59
N GLU H 10 -5.39 74.34 -13.73
CA GLU H 10 -4.35 75.19 -13.22
C GLU H 10 -4.52 75.28 -11.71
N LEU H 11 -5.78 75.37 -11.26
CA LEU H 11 -6.02 75.41 -9.82
C LEU H 11 -5.62 74.11 -9.05
N ILE H 12 -5.96 72.93 -9.57
CA ILE H 12 -5.48 71.67 -8.97
C ILE H 12 -3.96 71.73 -8.78
N LYS H 13 -3.27 72.25 -9.79
CA LYS H 13 -1.84 72.38 -9.73
C LYS H 13 -1.34 73.39 -8.66
N GLU H 14 -2.05 74.51 -8.48
CA GLU H 14 -1.67 75.44 -7.43
C GLU H 14 -1.87 74.72 -6.10
N LEU H 15 -2.97 73.99 -5.99
CA LEU H 15 -3.32 73.40 -4.69
C LEU H 15 -2.35 72.28 -4.40
N VAL H 16 -2.24 71.31 -5.32
CA VAL H 16 -1.32 70.15 -5.17
C VAL H 16 0.13 70.59 -4.77
N SER H 17 0.55 71.75 -5.31
CA SER H 17 1.87 72.38 -5.00
C SER H 17 2.01 72.99 -3.60
N ILE H 18 0.95 73.03 -2.82
CA ILE H 18 1.04 73.57 -1.46
C ILE H 18 0.88 72.35 -0.51
N PRO H 19 1.98 71.95 0.13
CA PRO H 19 1.97 70.83 1.08
C PRO H 19 0.94 70.96 2.21
N SER H 20 0.10 69.93 2.37
CA SER H 20 -0.87 69.94 3.44
C SER H 20 -1.15 68.53 3.90
N PRO H 21 -0.16 67.84 4.49
CA PRO H 21 -0.52 66.48 4.94
C PRO H 21 -1.43 66.60 6.19
N SER H 22 -2.24 65.59 6.48
CA SER H 22 -3.22 65.73 7.56
C SER H 22 -2.52 66.14 8.83
N GLY H 23 -3.11 67.10 9.54
CA GLY H 23 -2.52 67.61 10.78
C GLY H 23 -1.74 68.89 10.56
N ASN H 24 -1.48 69.26 9.30
CA ASN H 24 -0.73 70.50 9.01
C ASN H 24 -1.24 71.14 7.74
N THR H 25 -2.48 71.65 7.81
CA THR H 25 -3.14 72.20 6.62
C THR H 25 -3.40 73.71 6.70
N ALA H 26 -2.87 74.40 7.70
CA ALA H 26 -3.12 75.81 7.84
C ALA H 26 -2.64 76.69 6.66
N LYS H 27 -1.60 76.33 5.95
CA LYS H 27 -1.20 77.08 4.77
C LYS H 27 -2.21 76.93 3.64
N ILE H 28 -2.60 75.70 3.37
CA ILE H 28 -3.49 75.48 2.27
C ILE H 28 -4.85 76.18 2.53
N ILE H 29 -5.25 76.21 3.81
CA ILE H 29 -6.53 76.77 4.18
C ILE H 29 -6.48 78.26 4.12
N ASN H 30 -5.40 78.84 4.62
CA ASN H 30 -5.26 80.28 4.50
C ASN H 30 -5.32 80.63 3.03
N PHE H 31 -4.63 79.82 2.20
CA PHE H 31 -4.64 80.01 0.77
C PHE H 31 -6.06 79.97 0.24
N ILE H 32 -6.87 79.00 0.64
CA ILE H 32 -8.23 79.00 0.12
C ILE H 32 -9.03 80.19 0.69
N GLU H 33 -8.80 80.54 1.96
CA GLU H 33 -9.46 81.72 2.52
C GLU H 33 -9.13 82.96 1.68
N ASN H 34 -7.86 83.17 1.37
CA ASN H 34 -7.56 84.33 0.58
C ASN H 34 -8.18 84.25 -0.79
N TYR H 35 -8.10 83.08 -1.40
CA TYR H 35 -8.65 82.84 -2.74
C TYR H 35 -10.09 83.21 -2.90
N VAL H 36 -10.89 83.02 -1.86
CA VAL H 36 -12.33 83.28 -1.94
C VAL H 36 -12.76 84.61 -1.32
N SER H 37 -11.79 85.46 -0.97
CA SER H 37 -12.04 86.55 -0.03
C SER H 37 -13.02 87.58 -0.54
N GLU H 38 -12.92 87.87 -1.82
CA GLU H 38 -13.78 88.87 -2.48
C GLU H 38 -15.02 88.27 -3.16
N TRP H 39 -15.37 87.02 -2.84
CA TRP H 39 -16.56 86.35 -3.42
C TRP H 39 -17.83 86.54 -2.58
N ASN H 40 -18.98 86.34 -3.17
CA ASN H 40 -20.24 86.27 -2.42
C ASN H 40 -20.30 85.34 -1.22
N VAL H 41 -19.79 84.10 -1.38
CA VAL H 41 -19.92 83.05 -0.35
C VAL H 41 -19.64 83.48 1.07
N GLU H 42 -20.53 83.13 1.99
CA GLU H 42 -20.20 83.21 3.40
C GLU H 42 -19.16 82.13 3.62
N THR H 43 -18.11 82.50 4.32
CA THR H 43 -16.95 81.67 4.49
C THR H 43 -16.74 81.57 5.99
N LYS H 44 -16.74 80.38 6.55
CA LYS H 44 -16.48 80.31 7.97
C LYS H 44 -15.64 79.11 8.36
N ARG H 45 -14.93 79.22 9.48
CA ARG H 45 -13.82 78.34 9.84
C ARG H 45 -13.88 77.69 11.24
N ASN H 46 -14.27 76.43 11.32
CA ASN H 46 -13.98 75.51 12.43
C ASN H 46 -12.87 75.80 13.42
N ASN H 47 -12.98 75.20 14.61
CA ASN H 47 -11.85 75.12 15.52
C ASN H 47 -10.82 74.17 14.99
N LYS H 48 -11.29 73.08 14.38
CA LYS H 48 -10.46 72.16 13.63
C LYS H 48 -9.59 72.84 12.57
N GLY H 49 -10.02 73.99 12.06
CA GLY H 49 -9.31 74.61 10.94
C GLY H 49 -9.87 74.30 9.58
N ALA H 50 -11.02 73.62 9.52
CA ALA H 50 -11.75 73.40 8.27
C ALA H 50 -12.59 74.65 7.91
N LEU H 51 -13.14 74.65 6.71
CA LEU H 51 -13.77 75.80 6.12
C LEU H 51 -15.15 75.40 5.62
N ILE H 52 -16.19 76.17 5.93
CA ILE H 52 -17.55 75.87 5.44
C ILE H 52 -17.96 77.06 4.62
N LEU H 53 -18.15 76.82 3.34
CA LEU H 53 -18.51 77.87 2.42
C LEU H 53 -19.98 77.70 2.04
N THR H 54 -20.82 78.63 2.47
CA THR H 54 -22.27 78.50 2.32
C THR H 54 -22.82 79.48 1.29
N VAL H 55 -23.50 78.97 0.27
CA VAL H 55 -24.30 79.80 -0.64
C VAL H 55 -25.76 79.63 -0.22
N LYS H 56 -26.44 80.71 0.14
CA LYS H 56 -27.85 80.60 0.47
C LYS H 56 -28.72 80.35 -0.79
N GLY H 57 -29.76 79.51 -0.65
CA GLY H 57 -30.71 79.32 -1.76
C GLY H 57 -32.16 79.64 -1.44
N LYS H 58 -33.04 79.54 -2.43
CA LYS H 58 -34.43 79.88 -2.24
C LYS H 58 -35.00 79.18 -1.03
N ASN H 59 -34.77 77.89 -0.94
CA ASN H 59 -35.20 77.18 0.22
C ASN H 59 -34.06 77.16 1.23
N ASP H 60 -34.17 77.90 2.31
CA ASP H 60 -33.14 77.85 3.32
C ASP H 60 -33.60 76.98 4.52
N ALA H 61 -34.67 76.23 4.31
CA ALA H 61 -35.22 75.38 5.34
C ALA H 61 -34.56 73.98 5.31
N GLN H 62 -34.18 73.58 4.11
CA GLN H 62 -33.64 72.25 3.87
C GLN H 62 -32.34 72.43 3.09
N HIS H 63 -31.23 71.93 3.63
CA HIS H 63 -29.92 72.20 3.03
C HIS H 63 -29.32 70.99 2.40
N ARG H 64 -28.32 71.30 1.58
CA ARG H 64 -27.53 70.35 0.82
C ARG H 64 -26.09 70.70 1.26
N LEU H 65 -25.23 69.68 1.31
CA LEU H 65 -23.83 69.83 1.72
C LEU H 65 -22.93 69.04 0.76
N LEU H 66 -22.04 69.72 0.05
CA LEU H 66 -21.03 69.04 -0.71
C LEU H 66 -19.72 69.11 0.06
N THR H 67 -18.90 68.08 -0.04
CA THR H 67 -17.60 68.11 0.66
C THR H 67 -16.47 67.49 -0.15
N ALA H 68 -15.32 68.14 -0.08
CA ALA H 68 -14.02 67.66 -0.58
C ALA H 68 -12.99 67.94 0.52
N HIS H 69 -11.92 67.13 0.63
CA HIS H 69 -10.85 67.43 1.61
C HIS H 69 -9.49 67.90 1.01
N VAL H 70 -8.83 68.85 1.68
CA VAL H 70 -7.50 69.31 1.26
C VAL H 70 -6.33 68.59 1.92
N ASP H 71 -6.57 67.81 2.98
CA ASP H 71 -5.46 67.05 3.55
C ASP H 71 -5.09 65.89 2.68
N THR H 72 -3.78 65.61 2.71
CA THR H 72 -3.16 64.56 1.94
C THR H 72 -2.42 63.55 2.86
N LEU H 73 -1.99 62.46 2.25
CA LEU H 73 -1.05 61.52 2.83
C LEU H 73 0.29 62.18 3.09
N GLY H 74 0.90 61.86 4.23
CA GLY H 74 2.28 62.18 4.52
C GLY H 74 2.93 61.31 5.60
N ALA H 75 3.97 61.85 6.20
CA ALA H 75 4.68 61.20 7.27
C ALA H 75 4.97 62.22 8.34
N MSE H 76 5.35 61.71 9.51
CA MSE H 76 5.88 62.49 10.57
C MSE H 76 7.21 61.92 11.05
O MSE H 76 7.46 60.71 10.96
CB MSE H 76 4.88 62.49 11.70
CG MSE H 76 5.22 63.40 12.85
SE MSE H 76 3.71 63.35 14.09
CE MSE H 76 2.51 64.57 13.10
N VAL H 77 8.10 62.78 11.55
CA VAL H 77 9.34 62.30 12.16
C VAL H 77 9.00 61.56 13.43
N LYS H 78 9.44 60.32 13.50
CA LYS H 78 9.08 59.47 14.60
C LYS H 78 10.25 59.23 15.52
N GLU H 79 11.46 59.31 14.93
CA GLU H 79 12.71 59.13 15.66
C GLU H 79 13.94 59.67 14.90
N ILE H 80 14.87 60.21 15.67
CA ILE H 80 16.07 60.74 15.07
C ILE H 80 17.16 59.74 15.38
N LYS H 81 17.45 58.93 14.37
CA LYS H 81 18.37 57.82 14.45
C LYS H 81 19.81 58.30 14.66
N PRO H 82 20.67 57.46 15.29
CA PRO H 82 22.09 57.75 15.62
C PRO H 82 22.91 58.33 14.45
N ASP H 83 22.79 57.75 13.27
CA ASP H 83 23.55 58.14 12.08
C ASP H 83 23.07 59.45 11.44
N GLY H 84 21.96 60.00 11.92
CA GLY H 84 21.46 61.27 11.37
C GLY H 84 20.32 61.15 10.39
N ARG H 85 19.86 59.94 10.14
CA ARG H 85 18.71 59.78 9.29
C ARG H 85 17.48 59.70 10.20
N LEU H 86 16.30 59.89 9.61
CA LEU H 86 15.03 59.94 10.34
C LEU H 86 14.17 58.71 10.11
N SER H 87 13.49 58.28 11.17
CA SER H 87 12.43 57.27 11.13
C SER H 87 11.09 57.95 10.87
N LEU H 88 10.20 57.30 10.15
CA LEU H 88 8.92 57.95 9.92
C LEU H 88 7.69 57.21 10.38
N SER H 89 6.69 58.01 10.74
CA SER H 89 5.37 57.50 11.01
C SER H 89 4.45 57.96 9.89
N MSE H 90 3.67 57.01 9.39
CA MSE H 90 2.78 57.19 8.25
C MSE H 90 1.62 58.09 8.67
O MSE H 90 1.11 57.95 9.78
CB MSE H 90 2.26 55.81 7.84
CG MSE H 90 1.27 55.75 6.68
SE MSE H 90 0.80 53.91 5.92
CE MSE H 90 2.53 53.43 5.11
N ILE H 91 1.26 59.05 7.80
CA ILE H 91 -0.01 59.76 7.92
C ILE H 91 -0.91 59.34 6.78
N GLY H 92 -2.13 58.88 7.11
CA GLY H 92 -3.07 58.35 6.13
C GLY H 92 -2.77 56.91 5.87
N GLY H 93 -3.58 56.26 5.04
CA GLY H 93 -3.37 54.85 4.73
C GLY H 93 -2.86 54.71 3.32
N PHE H 94 -1.58 54.36 3.18
CA PHE H 94 -0.97 53.94 1.92
C PHE H 94 -0.01 52.75 2.11
N ARG H 95 0.74 52.37 1.08
CA ARG H 95 1.82 51.37 1.21
C ARG H 95 3.14 52.10 1.20
N TRP H 96 4.03 51.77 2.13
CA TRP H 96 5.35 52.42 2.18
C TRP H 96 6.10 52.24 0.86
N ASN H 97 5.91 51.08 0.23
CA ASN H 97 6.42 50.78 -1.10
C ASN H 97 6.26 51.96 -2.03
N SER H 98 5.02 52.45 -2.10
CA SER H 98 4.62 53.49 -3.02
C SER H 98 5.45 54.78 -2.90
N VAL H 99 6.13 55.01 -1.78
CA VAL H 99 6.92 56.22 -1.68
C VAL H 99 8.45 56.03 -1.67
N GLU H 100 8.94 54.87 -2.07
CA GLU H 100 10.37 54.66 -2.03
C GLU H 100 11.07 55.56 -3.03
N GLY H 101 12.19 56.14 -2.60
CA GLY H 101 12.97 57.05 -3.44
C GLY H 101 12.38 58.42 -3.73
N GLU H 102 11.26 58.73 -3.12
CA GLU H 102 10.57 59.94 -3.43
C GLU H 102 11.28 61.09 -2.68
N TYR H 103 11.25 62.28 -3.26
CA TYR H 103 11.81 63.45 -2.57
C TYR H 103 10.75 63.98 -1.61
N CYS H 104 11.19 64.57 -0.52
CA CYS H 104 10.25 64.93 0.51
C CYS H 104 10.69 66.25 1.10
N GLU H 105 9.85 66.85 1.94
CA GLU H 105 10.25 68.07 2.60
C GLU H 105 9.97 67.91 4.05
N ILE H 106 10.78 68.55 4.87
CA ILE H 106 10.65 68.49 6.32
C ILE H 106 10.41 69.87 6.88
N GLU H 107 9.30 70.03 7.58
CA GLU H 107 9.03 71.34 8.20
C GLU H 107 9.32 71.33 9.72
N THR H 108 10.28 72.16 10.10
CA THR H 108 10.56 72.53 11.48
C THR H 108 9.38 73.24 12.12
N SER H 109 9.26 73.06 13.43
CA SER H 109 8.56 73.98 14.32
C SER H 109 8.60 75.47 13.98
N SER H 110 9.77 76.00 13.64
CA SER H 110 9.91 77.44 13.34
C SER H 110 9.72 77.78 11.85
N GLY H 111 8.99 76.93 11.13
CA GLY H 111 8.66 77.15 9.73
C GLY H 111 9.78 76.88 8.75
N LYS H 112 10.94 76.46 9.27
CA LYS H 112 12.07 76.13 8.43
C LYS H 112 11.89 74.81 7.68
N THR H 113 12.41 74.77 6.46
CA THR H 113 12.17 73.69 5.53
C THR H 113 13.48 73.00 5.27
N TYR H 114 13.46 71.69 5.11
CA TYR H 114 14.62 70.98 4.59
C TYR H 114 14.17 69.88 3.62
N THR H 115 15.02 69.59 2.63
CA THR H 115 14.72 68.55 1.66
C THR H 115 15.30 67.19 2.10
N GLY H 116 14.77 66.11 1.51
CA GLY H 116 15.21 64.75 1.83
C GLY H 116 14.76 63.71 0.81
N THR H 117 15.08 62.45 1.05
CA THR H 117 14.60 61.43 0.18
C THR H 117 14.11 60.28 1.03
N ILE H 118 12.98 59.70 0.67
CA ILE H 118 12.52 58.50 1.36
C ILE H 118 13.30 57.27 0.87
N LEU H 119 13.87 56.53 1.80
CA LEU H 119 14.64 55.38 1.42
C LEU H 119 14.26 54.21 2.29
N MSE H 120 14.28 53.04 1.70
CA MSE H 120 13.97 51.81 2.42
C MSE H 120 15.05 51.39 3.39
O MSE H 120 15.75 50.40 3.17
CB MSE H 120 13.71 50.68 1.44
CG MSE H 120 12.28 50.64 0.91
SE MSE H 120 10.95 50.01 2.23
CE MSE H 120 11.68 48.22 2.73
N ASN H 140 11.53 48.75 7.63
CA ASN H 140 11.78 50.04 8.25
C ASN H 140 12.26 51.04 7.18
N ILE H 141 11.56 52.17 7.07
CA ILE H 141 11.81 53.16 6.04
C ILE H 141 12.25 54.49 6.66
N GLU H 142 13.06 55.26 5.93
CA GLU H 142 13.77 56.41 6.51
C GLU H 142 13.94 57.59 5.56
N VAL H 143 14.37 58.72 6.13
CA VAL H 143 14.72 59.93 5.36
C VAL H 143 16.18 60.24 5.38
N ARG H 144 16.80 60.36 4.22
CA ARG H 144 18.19 60.82 4.13
C ARG H 144 18.17 62.32 3.83
N ILE H 145 18.56 63.13 4.84
CA ILE H 145 18.42 64.60 4.78
C ILE H 145 19.48 65.14 3.84
N ASP H 146 19.08 66.10 3.00
CA ASP H 146 20.00 66.83 2.12
C ASP H 146 20.78 67.91 2.87
N GLU H 147 21.31 67.54 4.02
CA GLU H 147 22.10 68.43 4.86
C GLU H 147 23.24 67.58 5.44
N ARG H 148 24.43 68.16 5.56
CA ARG H 148 25.60 67.42 6.06
C ARG H 148 25.57 67.13 7.53
N VAL H 149 24.78 66.15 7.93
CA VAL H 149 24.68 65.84 9.33
C VAL H 149 24.87 64.34 9.54
N PHE H 150 25.68 63.94 10.51
CA PHE H 150 25.94 62.52 10.69
C PHE H 150 25.68 62.05 12.12
N SER H 151 24.77 62.73 12.80
CA SER H 151 24.56 62.54 14.23
C SER H 151 23.13 63.00 14.64
N ALA H 152 22.54 62.37 15.66
CA ALA H 152 21.26 62.85 16.16
C ALA H 152 21.33 64.35 16.49
N ASP H 153 22.34 64.73 17.27
CA ASP H 153 22.56 66.11 17.71
C ASP H 153 22.70 67.14 16.59
N GLU H 154 23.51 66.84 15.58
CA GLU H 154 23.70 67.77 14.47
C GLU H 154 22.36 68.05 13.74
N VAL H 155 21.48 67.03 13.73
CA VAL H 155 20.13 67.15 13.16
C VAL H 155 19.26 68.09 13.98
N ARG H 156 19.28 67.93 15.30
CA ARG H 156 18.48 68.84 16.13
C ARG H 156 18.91 70.31 15.98
N GLU H 157 20.19 70.54 15.76
CA GLU H 157 20.70 71.88 15.45
C GLU H 157 20.04 72.50 14.23
N LEU H 158 19.59 71.67 13.30
CA LEU H 158 18.87 72.16 12.13
C LEU H 158 17.49 72.70 12.48
N GLY H 159 16.96 72.31 13.65
CA GLY H 159 15.56 72.59 14.02
C GLY H 159 14.61 71.38 13.92
N ILE H 160 15.14 70.31 13.34
CA ILE H 160 14.40 69.07 13.19
C ILE H 160 14.25 68.35 14.52
N GLU H 161 13.05 67.80 14.73
CA GLU H 161 12.65 67.20 15.99
C GLU H 161 11.51 66.18 15.70
N VAL H 162 11.37 65.12 16.51
CA VAL H 162 10.23 64.18 16.43
C VAL H 162 8.96 64.99 16.53
N GLY H 163 7.99 64.73 15.65
CA GLY H 163 6.77 65.53 15.53
C GLY H 163 6.69 66.36 14.24
N ASP H 164 7.82 66.50 13.54
CA ASP H 164 7.86 67.35 12.33
C ASP H 164 7.11 66.71 11.17
N PHE H 165 6.47 67.53 10.36
CA PHE H 165 5.68 66.98 9.31
C PHE H 165 6.53 66.72 8.12
N VAL H 166 6.26 65.63 7.43
CA VAL H 166 7.00 65.37 6.24
C VAL H 166 6.01 65.31 5.13
N SER H 167 6.27 66.06 4.05
CA SER H 167 5.41 66.00 2.85
C SER H 167 6.17 65.32 1.70
N PHE H 168 5.45 64.73 0.76
CA PHE H 168 6.09 64.12 -0.41
C PHE H 168 6.00 65.03 -1.64
N ASP H 169 7.12 65.15 -2.35
CA ASP H 169 7.12 65.99 -3.54
C ASP H 169 6.12 65.33 -4.48
N PRO H 170 5.02 66.01 -4.81
CA PRO H 170 3.87 65.40 -5.49
C PRO H 170 4.09 65.19 -6.99
N ARG H 171 5.24 65.65 -7.48
CA ARG H 171 5.56 65.71 -8.91
C ARG H 171 4.37 65.90 -9.89
N VAL H 172 3.50 66.86 -9.65
CA VAL H 172 2.40 67.10 -10.59
C VAL H 172 2.88 67.63 -11.94
N GLN H 173 2.36 67.03 -13.00
CA GLN H 173 2.46 67.59 -14.34
C GLN H 173 1.12 67.48 -15.13
N ILE H 174 0.93 68.46 -16.00
CA ILE H 174 -0.22 68.52 -16.86
C ILE H 174 0.33 68.32 -18.25
N THR H 175 -0.31 67.45 -18.99
CA THR H 175 0.14 66.90 -20.24
C THR H 175 -0.63 67.57 -21.34
N GLU H 176 0.01 67.94 -22.42
CA GLU H 176 -0.71 68.57 -23.55
C GLU H 176 -1.89 67.71 -24.02
N SER H 177 -1.81 66.41 -23.78
CA SER H 177 -2.92 65.49 -24.02
C SER H 177 -4.08 65.56 -23.03
N GLY H 178 -3.94 66.38 -22.00
CA GLY H 178 -5.02 66.56 -21.09
C GLY H 178 -5.02 65.72 -19.83
N TYR H 179 -3.95 64.99 -19.56
CA TYR H 179 -3.91 64.31 -18.29
C TYR H 179 -3.32 65.26 -17.23
N ILE H 180 -3.78 65.11 -15.98
CA ILE H 180 -3.03 65.58 -14.81
C ILE H 180 -2.55 64.32 -14.09
N LYS H 181 -1.25 64.15 -14.04
CA LYS H 181 -0.67 63.10 -13.21
C LYS H 181 0.17 63.72 -12.11
N SER H 182 0.20 63.04 -10.98
CA SER H 182 0.91 63.51 -9.81
C SER H 182 0.88 62.50 -8.68
N ARG H 183 0.00 62.89 -7.75
CA ARG H 183 -0.18 62.42 -6.37
C ARG H 183 -0.83 63.54 -5.60
N HIS H 184 -1.56 63.18 -4.55
CA HIS H 184 -2.35 64.20 -3.81
C HIS H 184 -3.45 64.73 -4.69
N LEU H 185 -3.65 64.04 -5.81
CA LEU H 185 -4.96 64.10 -6.36
C LEU H 185 -5.85 63.63 -5.16
N ASP H 186 -5.15 63.21 -4.07
CA ASP H 186 -5.64 63.23 -2.68
C ASP H 186 -6.71 64.29 -2.62
N ASP H 187 -7.84 64.00 -3.23
CA ASP H 187 -8.92 64.96 -3.34
C ASP H 187 -8.77 66.44 -3.70
N LYS H 188 -7.57 66.95 -3.97
CA LYS H 188 -7.44 68.35 -4.37
C LYS H 188 -8.04 68.59 -5.74
N VAL H 189 -8.18 67.55 -6.52
CA VAL H 189 -8.97 67.67 -7.72
C VAL H 189 -10.42 68.12 -7.38
N SER H 190 -11.06 67.50 -6.40
CA SER H 190 -12.45 67.86 -6.09
C SER H 190 -12.46 69.23 -5.42
N VAL H 191 -11.50 69.51 -4.57
CA VAL H 191 -11.47 70.79 -3.93
C VAL H 191 -11.59 71.86 -4.99
N ALA H 192 -10.90 71.69 -6.12
CA ALA H 192 -10.86 72.74 -7.13
C ALA H 192 -12.20 72.81 -7.84
N ILE H 193 -12.77 71.62 -8.11
CA ILE H 193 -14.15 71.47 -8.62
C ILE H 193 -15.12 72.24 -7.74
N LEU H 194 -15.08 72.02 -6.45
CA LEU H 194 -15.96 72.80 -5.59
C LEU H 194 -15.76 74.35 -5.71
N LEU H 195 -14.52 74.83 -5.62
CA LEU H 195 -14.27 76.25 -5.70
C LEU H 195 -14.77 76.77 -7.04
N LYS H 196 -14.57 76.03 -8.11
CA LYS H 196 -15.04 76.57 -9.38
C LYS H 196 -16.55 76.63 -9.40
N LEU H 197 -17.22 75.55 -9.04
CA LEU H 197 -18.68 75.53 -8.95
C LEU H 197 -19.18 76.76 -8.22
N ILE H 198 -18.59 77.06 -7.08
CA ILE H 198 -18.98 78.22 -6.33
C ILE H 198 -18.89 79.46 -7.21
N LYS H 199 -17.70 79.69 -7.74
CA LYS H 199 -17.47 80.92 -8.51
C LYS H 199 -18.38 80.97 -9.73
N ARG H 200 -18.71 79.79 -10.25
CA ARG H 200 -19.60 79.72 -11.39
C ARG H 200 -21.01 80.27 -11.01
N LEU H 201 -21.52 79.88 -9.83
CA LEU H 201 -22.81 80.37 -9.31
C LEU H 201 -22.84 81.87 -9.16
N GLN H 202 -21.72 82.46 -8.75
CA GLN H 202 -21.62 83.90 -8.63
C GLN H 202 -21.54 84.57 -9.99
N ASP H 203 -20.70 84.08 -10.88
CA ASP H 203 -20.50 84.72 -12.19
C ASP H 203 -21.77 84.73 -13.01
N GLU H 204 -22.50 83.63 -13.00
CA GLU H 204 -23.74 83.56 -13.74
C GLU H 204 -24.96 83.99 -12.95
N ASN H 205 -24.81 84.64 -11.79
CA ASN H 205 -25.99 85.14 -11.09
C ASN H 205 -27.11 84.09 -10.93
N VAL H 206 -26.72 82.85 -10.69
CA VAL H 206 -27.61 81.73 -10.55
C VAL H 206 -28.17 81.71 -9.14
N THR H 207 -29.44 81.34 -8.99
CA THR H 207 -30.00 81.08 -7.67
C THR H 207 -30.14 79.57 -7.42
N LEU H 208 -29.49 79.08 -6.36
CA LEU H 208 -29.63 77.69 -5.96
C LEU H 208 -31.02 77.44 -5.41
N PRO H 209 -31.56 76.24 -5.63
CA PRO H 209 -32.86 75.98 -5.02
C PRO H 209 -32.78 75.70 -3.48
N TYR H 210 -31.61 75.27 -2.97
CA TYR H 210 -31.39 75.10 -1.51
C TYR H 210 -30.09 75.74 -0.96
N THR H 211 -30.16 76.23 0.29
CA THR H 211 -28.96 76.71 0.90
C THR H 211 -28.03 75.53 0.81
N THR H 212 -26.83 75.75 0.26
CA THR H 212 -25.86 74.69 0.00
C THR H 212 -24.53 75.01 0.69
N HIS H 213 -23.96 74.02 1.37
CA HIS H 213 -22.69 74.23 2.07
C HIS H 213 -21.62 73.45 1.36
N PHE H 214 -20.42 74.02 1.31
CA PHE H 214 -19.27 73.36 0.74
C PHE H 214 -18.26 73.22 1.86
N LEU H 215 -18.09 71.98 2.32
CA LEU H 215 -17.22 71.72 3.40
C LEU H 215 -15.89 71.30 2.77
N ILE H 216 -14.88 72.18 2.94
CA ILE H 216 -13.47 71.84 2.64
C ILE H 216 -12.82 71.25 3.90
N SER H 217 -12.84 69.94 3.96
CA SER H 217 -12.45 69.16 5.10
C SER H 217 -10.92 69.16 5.19
N ASN H 218 -10.40 69.16 6.41
CA ASN H 218 -8.95 69.01 6.59
C ASN H 218 -8.53 67.72 7.28
N ASN H 219 -9.48 66.84 7.64
CA ASN H 219 -9.17 65.57 8.35
C ASN H 219 -9.74 64.34 7.68
N GLU H 220 -9.25 63.16 8.05
CA GLU H 220 -9.45 61.99 7.19
C GLU H 220 -8.19 61.16 6.96
N SER H 228 -16.75 68.20 12.80
CA SER H 228 -17.57 68.13 11.58
C SER H 228 -18.99 68.68 11.87
N ASN H 229 -19.12 70.01 11.74
CA ASN H 229 -20.35 70.72 12.16
C ASN H 229 -21.32 70.85 11.00
N ILE H 230 -22.20 69.87 10.94
CA ILE H 230 -23.18 69.72 9.88
C ILE H 230 -24.40 70.49 10.35
N PRO H 231 -24.83 71.53 9.61
CA PRO H 231 -26.07 72.21 9.94
C PRO H 231 -27.28 71.25 9.99
N GLU H 232 -28.16 71.49 10.93
CA GLU H 232 -29.26 70.57 11.26
C GLU H 232 -30.27 70.42 10.12
N GLU H 233 -30.34 71.39 9.24
CA GLU H 233 -31.35 71.39 8.19
C GLU H 233 -30.89 70.67 6.95
N THR H 234 -29.64 70.18 6.98
CA THR H 234 -29.00 69.43 5.90
C THR H 234 -29.73 68.13 5.69
N VAL H 235 -30.16 67.90 4.47
CA VAL H 235 -30.99 66.77 4.17
C VAL H 235 -30.25 65.80 3.27
N GLU H 236 -29.35 66.34 2.44
CA GLU H 236 -28.48 65.56 1.56
C GLU H 236 -27.01 65.90 1.74
N TYR H 237 -26.16 64.86 1.65
CA TYR H 237 -24.73 65.00 1.77
C TYR H 237 -23.96 64.30 0.65
N LEU H 238 -23.22 65.09 -0.14
CA LEU H 238 -22.38 64.61 -1.21
C LEU H 238 -20.85 64.82 -0.97
N ALA H 239 -20.12 63.72 -0.84
CA ALA H 239 -18.67 63.77 -0.86
C ALA H 239 -18.27 63.78 -2.32
N VAL H 240 -17.30 64.61 -2.65
CA VAL H 240 -16.74 64.64 -3.98
C VAL H 240 -15.30 64.21 -3.77
N ASP H 241 -15.02 62.98 -4.18
CA ASP H 241 -13.84 62.24 -3.72
C ASP H 241 -13.62 61.03 -4.64
N MSE H 242 -12.41 60.48 -4.61
CA MSE H 242 -11.94 59.51 -5.63
C MSE H 242 -11.50 58.26 -4.98
O MSE H 242 -10.90 58.29 -3.90
CB MSE H 242 -10.74 60.07 -6.39
CG MSE H 242 -11.15 61.20 -7.35
SE MSE H 242 -9.75 62.51 -7.85
CE MSE H 242 -10.06 63.92 -6.50
N GLY H 243 -11.77 57.15 -5.64
CA GLY H 243 -11.41 55.83 -5.10
C GLY H 243 -10.79 54.89 -6.11
N ALA H 244 -9.95 53.98 -5.60
CA ALA H 244 -9.49 52.80 -6.35
C ALA H 244 -10.65 51.85 -6.65
N ASP H 252 -11.28 54.04 -14.99
CA ASP H 252 -11.74 54.90 -16.07
C ASP H 252 -11.56 56.39 -15.79
N GLU H 253 -10.57 57.00 -16.47
CA GLU H 253 -10.08 58.34 -16.22
C GLU H 253 -10.76 59.40 -17.08
N TYR H 254 -11.88 59.02 -17.67
CA TYR H 254 -12.54 59.87 -18.61
C TYR H 254 -14.01 60.10 -18.31
N THR H 255 -14.50 59.78 -17.12
CA THR H 255 -15.93 59.83 -16.90
C THR H 255 -16.13 60.22 -15.48
N VAL H 256 -17.31 60.69 -15.12
CA VAL H 256 -17.53 60.90 -13.68
C VAL H 256 -17.85 59.56 -13.06
N SER H 257 -17.27 59.27 -11.92
CA SER H 257 -17.60 58.05 -11.18
C SER H 257 -18.71 58.32 -10.16
N ILE H 258 -19.79 57.56 -10.18
CA ILE H 258 -20.85 57.65 -9.16
C ILE H 258 -20.71 56.38 -8.30
N CYS H 259 -20.56 56.55 -7.00
CA CYS H 259 -20.26 55.39 -6.15
C CYS H 259 -21.50 54.80 -5.52
N ALA H 260 -21.69 53.50 -5.69
CA ALA H 260 -22.87 52.87 -5.16
C ALA H 260 -22.61 52.17 -3.82
N LYS H 261 -21.34 51.94 -3.51
CA LYS H 261 -20.99 51.27 -2.26
C LYS H 261 -19.50 51.33 -2.00
N ASP H 262 -19.11 51.45 -0.75
CA ASP H 262 -17.72 51.47 -0.38
C ASP H 262 -17.53 50.57 0.83
N SER H 263 -16.37 50.64 1.47
CA SER H 263 -16.11 49.83 2.69
C SER H 263 -17.12 49.98 3.77
N SER H 264 -17.61 51.18 3.97
CA SER H 264 -18.57 51.36 5.01
C SER H 264 -19.97 51.13 4.47
N GLY H 265 -20.11 50.51 3.30
CA GLY H 265 -21.42 50.20 2.81
C GLY H 265 -21.99 50.97 1.63
N PRO H 266 -23.22 50.60 1.22
CA PRO H 266 -23.85 51.17 0.05
C PRO H 266 -24.37 52.54 0.34
N TYR H 267 -24.28 53.39 -0.68
CA TYR H 267 -24.78 54.73 -0.62
C TYR H 267 -26.25 54.73 -0.88
N HIS H 268 -26.94 55.73 -0.30
CA HIS H 268 -28.38 55.94 -0.45
C HIS H 268 -28.81 55.60 -1.86
N TYR H 269 -29.74 54.68 -1.97
CA TYR H 269 -30.17 54.19 -3.25
C TYR H 269 -30.86 55.26 -4.14
N ALA H 270 -31.91 55.88 -3.62
CA ALA H 270 -32.65 56.85 -4.42
C ALA H 270 -31.75 58.04 -4.77
N LEU H 271 -30.82 58.41 -3.88
CA LEU H 271 -29.93 59.51 -4.19
C LEU H 271 -28.95 59.12 -5.30
N ARG H 272 -28.34 57.93 -5.22
CA ARG H 272 -27.51 57.56 -6.34
C ARG H 272 -28.33 57.42 -7.64
N LYS H 273 -29.50 56.81 -7.63
CA LYS H 273 -30.28 56.73 -8.91
C LYS H 273 -30.53 58.12 -9.48
N HIS H 274 -30.86 59.06 -8.60
CA HIS H 274 -30.95 60.45 -9.00
C HIS H 274 -29.69 61.03 -9.68
N LEU H 275 -28.51 60.81 -9.10
CA LEU H 275 -27.28 61.29 -9.73
C LEU H 275 -27.11 60.72 -11.13
N VAL H 276 -27.55 59.47 -11.27
CA VAL H 276 -27.52 58.77 -12.54
C VAL H 276 -28.47 59.39 -13.55
N GLU H 277 -29.70 59.63 -13.12
CA GLU H 277 -30.65 60.30 -14.00
C GLU H 277 -30.13 61.68 -14.43
N LEU H 278 -29.51 62.44 -13.52
CA LEU H 278 -28.93 63.74 -13.95
C LEU H 278 -27.87 63.59 -15.02
N ALA H 279 -27.03 62.57 -14.87
CA ALA H 279 -25.95 62.38 -15.82
C ALA H 279 -26.59 62.03 -17.16
N LYS H 280 -27.61 61.17 -17.14
CA LYS H 280 -28.37 60.86 -18.39
C LYS H 280 -29.00 62.08 -19.05
N THR H 281 -29.77 62.84 -18.28
CA THR H 281 -30.45 64.04 -18.77
C THR H 281 -29.48 65.04 -19.41
N ASN H 282 -28.25 65.14 -18.87
CA ASN H 282 -27.31 66.20 -19.25
C ASN H 282 -26.20 65.70 -20.11
N HIS H 283 -26.34 64.46 -20.57
CA HIS H 283 -25.37 63.91 -21.51
C HIS H 283 -23.99 64.02 -20.91
N ILE H 284 -23.93 63.59 -19.64
CA ILE H 284 -22.72 63.45 -18.87
C ILE H 284 -22.30 61.97 -18.80
N GLU H 285 -21.06 61.71 -19.17
CA GLU H 285 -20.46 60.37 -19.18
C GLU H 285 -20.12 59.90 -17.77
N TYR H 286 -20.66 58.76 -17.36
CA TYR H 286 -20.56 58.34 -15.96
C TYR H 286 -20.27 56.82 -15.86
N LYS H 287 -19.79 56.37 -14.70
CA LYS H 287 -19.73 54.94 -14.37
C LYS H 287 -20.21 54.74 -12.95
N VAL H 288 -21.09 53.75 -12.75
CA VAL H 288 -21.45 53.37 -11.41
C VAL H 288 -20.38 52.44 -10.89
N ASP H 289 -19.76 52.79 -9.77
CA ASP H 289 -18.65 52.04 -9.26
C ASP H 289 -18.81 51.61 -7.84
N ILE H 290 -18.04 50.59 -7.50
CA ILE H 290 -17.90 50.15 -6.15
C ILE H 290 -16.43 50.31 -5.71
N TYR H 291 -16.16 51.08 -4.65
CA TYR H 291 -14.80 51.21 -4.12
C TYR H 291 -14.57 50.31 -2.89
N PRO H 292 -13.72 49.31 -3.01
CA PRO H 292 -13.54 48.35 -1.91
C PRO H 292 -12.76 48.86 -0.68
N TYR H 293 -12.16 50.05 -0.75
CA TYR H 293 -11.68 50.74 0.47
C TYR H 293 -12.68 51.88 0.92
N TYR H 294 -12.59 52.32 2.18
CA TYR H 294 -13.56 53.27 2.77
C TYR H 294 -13.49 54.64 2.14
N ARG H 303 -19.83 56.81 10.40
CA ARG H 303 -20.85 57.52 11.17
C ARG H 303 -21.94 58.15 10.27
N ALA H 304 -23.12 57.54 10.30
CA ALA H 304 -24.33 58.23 9.87
C ALA H 304 -25.08 58.70 11.15
N GLY H 305 -24.30 59.10 12.18
CA GLY H 305 -24.79 59.82 13.39
C GLY H 305 -25.59 61.09 13.02
N PHE H 306 -25.09 61.77 11.99
CA PHE H 306 -25.81 62.82 11.25
C PHE H 306 -26.86 62.20 10.28
N ASP H 307 -28.14 62.59 10.43
CA ASP H 307 -29.27 62.12 9.60
C ASP H 307 -29.39 62.80 8.20
N VAL H 308 -29.11 62.04 7.15
CA VAL H 308 -28.71 62.66 5.93
C VAL H 308 -28.71 61.58 4.86
N LYS H 309 -29.19 61.87 3.66
CA LYS H 309 -28.99 60.93 2.57
C LYS H 309 -27.58 61.17 2.02
N HIS H 310 -26.81 60.10 1.93
CA HIS H 310 -25.42 60.14 1.60
C HIS H 310 -25.08 59.74 0.17
N ALA H 311 -24.11 60.42 -0.43
CA ALA H 311 -23.67 60.13 -1.78
C ALA H 311 -22.19 60.47 -2.04
N LEU H 312 -21.61 59.79 -3.01
CA LEU H 312 -20.20 59.92 -3.30
C LEU H 312 -20.07 59.87 -4.79
N ILE H 313 -19.32 60.82 -5.34
CA ILE H 313 -18.96 60.85 -6.73
C ILE H 313 -17.55 61.44 -6.78
N GLY H 314 -16.87 61.35 -7.91
CA GLY H 314 -15.54 61.95 -8.03
C GLY H 314 -15.06 61.77 -9.45
N ALA H 315 -14.02 62.49 -9.83
CA ALA H 315 -13.40 62.24 -11.13
C ALA H 315 -12.80 60.83 -11.10
N GLY H 316 -12.73 60.15 -12.24
CA GLY H 316 -12.13 58.81 -12.30
C GLY H 316 -10.64 58.98 -12.16
N ILE H 317 -10.03 58.21 -11.28
CA ILE H 317 -8.61 58.33 -11.00
C ILE H 317 -7.95 56.99 -11.20
N ASP H 318 -6.80 56.95 -11.86
CA ASP H 318 -6.04 55.73 -12.06
C ASP H 318 -5.02 55.58 -10.97
N SER H 319 -4.84 54.32 -10.54
CA SER H 319 -3.79 53.93 -9.61
C SER H 319 -3.82 54.74 -8.30
N SER H 320 -4.91 54.57 -7.55
CA SER H 320 -5.11 55.31 -6.29
C SER H 320 -3.99 55.14 -5.21
N HIS H 321 -3.83 56.19 -4.37
CA HIS H 321 -2.84 56.31 -3.23
C HIS H 321 -1.35 56.26 -3.64
N ALA H 322 -1.11 56.15 -4.95
CA ALA H 322 0.19 55.89 -5.54
C ALA H 322 0.17 56.28 -7.02
N PHE H 323 0.81 57.41 -7.38
CA PHE H 323 1.00 57.78 -8.82
C PHE H 323 -0.32 57.90 -9.49
N GLU H 324 -1.00 58.99 -9.22
CA GLU H 324 -2.36 59.13 -9.67
C GLU H 324 -2.45 59.83 -11.03
N ARG H 325 -3.55 59.59 -11.72
CA ARG H 325 -3.77 60.27 -12.93
C ARG H 325 -5.27 60.26 -13.27
N THR H 326 -5.71 61.35 -13.88
CA THR H 326 -7.03 61.39 -14.43
C THR H 326 -6.97 62.24 -15.67
N HIS H 327 -8.05 62.29 -16.42
CA HIS H 327 -8.00 63.07 -17.64
C HIS H 327 -8.98 64.22 -17.54
N GLU H 328 -8.51 65.39 -17.89
CA GLU H 328 -9.39 66.54 -18.09
C GLU H 328 -10.90 66.21 -18.41
N SER H 329 -11.16 65.28 -19.33
CA SER H 329 -12.56 64.96 -19.64
C SER H 329 -13.32 64.47 -18.40
N SER H 330 -12.63 63.76 -17.52
CA SER H 330 -13.26 63.28 -16.29
C SER H 330 -13.58 64.43 -15.32
N ILE H 331 -12.69 65.41 -15.30
CA ILE H 331 -12.86 66.59 -14.50
C ILE H 331 -14.01 67.41 -15.06
N ALA H 332 -14.02 67.62 -16.38
CA ALA H 332 -15.19 68.27 -17.03
C ALA H 332 -16.54 67.61 -16.67
N HIS H 333 -16.61 66.29 -16.81
CA HIS H 333 -17.84 65.55 -16.58
C HIS H 333 -18.28 65.69 -15.14
N THR H 334 -17.30 65.65 -14.25
CA THR H 334 -17.56 65.72 -12.85
C THR H 334 -18.06 67.11 -12.52
N GLU H 335 -17.37 68.14 -13.00
CA GLU H 335 -17.88 69.50 -12.98
C GLU H 335 -19.29 69.59 -13.49
N ALA H 336 -19.64 68.86 -14.54
CA ALA H 336 -21.00 69.07 -15.05
C ALA H 336 -21.99 68.49 -14.07
N LEU H 337 -21.68 67.32 -13.50
CA LEU H 337 -22.64 66.63 -12.65
C LEU H 337 -22.92 67.34 -11.33
N VAL H 338 -21.88 67.99 -10.79
CA VAL H 338 -22.01 68.68 -9.52
C VAL H 338 -22.97 69.88 -9.73
N TYR H 339 -22.83 70.50 -10.88
CA TYR H 339 -23.64 71.62 -11.18
C TYR H 339 -25.09 71.17 -11.24
N ALA H 340 -25.39 70.27 -12.18
CA ALA H 340 -26.74 69.72 -12.29
C ALA H 340 -27.30 69.23 -10.94
N TYR H 341 -26.47 68.58 -10.12
CA TYR H 341 -26.90 68.12 -8.79
C TYR H 341 -27.39 69.30 -7.93
N VAL H 342 -26.52 70.28 -7.82
CA VAL H 342 -26.74 71.44 -7.03
C VAL H 342 -27.95 72.25 -7.51
N MSE H 343 -28.29 72.19 -8.80
CA MSE H 343 -29.50 72.84 -9.32
C MSE H 343 -30.75 71.96 -9.29
O MSE H 343 -31.84 72.45 -9.55
CB MSE H 343 -29.27 73.30 -10.74
CG MSE H 343 -28.21 74.30 -10.92
SE MSE H 343 -28.60 75.95 -9.90
CE MSE H 343 -30.12 76.68 -10.93
N SER H 344 -30.62 70.68 -8.95
CA SER H 344 -31.75 69.77 -9.07
C SER H 344 -32.57 69.87 -7.79
N ASN H 345 -33.77 69.28 -7.77
CA ASN H 345 -34.59 69.19 -6.55
C ASN H 345 -34.14 68.15 -5.53
N LEU H 346 -34.57 68.32 -4.27
CA LEU H 346 -34.47 67.27 -3.24
C LEU H 346 -35.17 65.96 -3.66
N ILE H 347 -34.61 64.82 -3.26
CA ILE H 347 -35.23 63.55 -3.68
C ILE H 347 -36.54 63.29 -2.92
N GLU H 348 -37.54 62.87 -3.66
CA GLU H 348 -38.96 63.09 -3.27
C GLU H 348 -39.42 62.29 -2.03
N HIS I 4 6.00 68.57 46.09
CA HIS I 4 4.55 68.16 46.07
C HIS I 4 4.52 66.64 45.94
N THR I 5 3.96 66.18 44.80
CA THR I 5 4.26 64.91 44.10
C THR I 5 4.23 63.51 44.80
N LYS I 6 4.39 63.49 46.12
CA LYS I 6 4.39 62.24 46.87
C LYS I 6 2.99 61.96 47.36
N GLU I 7 2.30 63.05 47.71
CA GLU I 7 0.90 62.95 48.06
C GLU I 7 0.02 62.68 46.83
N THR I 8 0.53 63.04 45.66
CA THR I 8 -0.05 62.64 44.41
C THR I 8 0.04 61.14 44.28
N MSE I 9 1.27 60.61 44.41
CA MSE I 9 1.52 59.17 44.24
C MSE I 9 0.81 58.32 45.27
O MSE I 9 0.39 57.22 44.95
CB MSE I 9 2.99 58.84 44.24
CG MSE I 9 3.61 59.00 42.90
SE MSE I 9 5.39 58.19 42.81
CE MSE I 9 6.30 59.15 44.30
N GLU I 10 0.67 58.81 46.49
CA GLU I 10 -0.18 58.11 47.41
C GLU I 10 -1.65 58.09 46.94
N LEU I 11 -2.14 59.17 46.32
CA LEU I 11 -3.50 59.17 45.76
C LEU I 11 -3.65 58.18 44.59
N ILE I 12 -2.62 58.06 43.76
CA ILE I 12 -2.65 57.05 42.74
C ILE I 12 -2.79 55.67 43.41
N LYS I 13 -1.98 55.44 44.44
CA LYS I 13 -2.01 54.18 45.13
C LYS I 13 -3.42 53.84 45.61
N GLU I 14 -4.11 54.79 46.24
CA GLU I 14 -5.49 54.53 46.66
C GLU I 14 -6.38 54.10 45.48
N LEU I 15 -6.38 54.89 44.41
CA LEU I 15 -7.24 54.61 43.24
C LEU I 15 -6.91 53.29 42.53
N VAL I 16 -5.63 53.05 42.28
CA VAL I 16 -5.17 51.80 41.73
C VAL I 16 -5.61 50.61 42.59
N SER I 17 -5.86 50.84 43.86
CA SER I 17 -6.25 49.80 44.79
C SER I 17 -7.75 49.64 44.88
N ILE I 18 -8.51 50.36 44.06
CA ILE I 18 -9.96 50.13 44.00
C ILE I 18 -10.33 49.51 42.66
N PRO I 19 -10.70 48.22 42.64
CA PRO I 19 -11.05 47.58 41.36
C PRO I 19 -12.05 48.43 40.54
N SER I 20 -11.72 48.70 39.30
CA SER I 20 -12.65 49.41 38.47
C SER I 20 -12.46 49.05 37.01
N PRO I 21 -12.74 47.78 36.63
CA PRO I 21 -12.67 47.46 35.18
C PRO I 21 -13.82 48.15 34.40
N SER I 22 -13.58 48.42 33.10
CA SER I 22 -14.58 49.04 32.24
C SER I 22 -15.88 48.29 32.35
N GLY I 23 -16.94 48.99 32.71
CA GLY I 23 -18.25 48.38 32.81
C GLY I 23 -18.68 48.29 34.26
N ASN I 24 -17.71 48.38 35.15
CA ASN I 24 -17.95 48.29 36.56
C ASN I 24 -17.10 49.27 37.36
N THR I 25 -17.59 50.51 37.44
CA THR I 25 -16.81 51.66 37.87
C THR I 25 -17.52 52.52 38.94
N ALA I 26 -18.76 52.15 39.31
CA ALA I 26 -19.49 52.86 40.36
C ALA I 26 -18.68 53.16 41.64
N LYS I 27 -18.14 52.14 42.32
CA LYS I 27 -17.40 52.33 43.57
C LYS I 27 -16.31 53.40 43.50
N ILE I 28 -15.51 53.38 42.44
CA ILE I 28 -14.39 54.31 42.41
C ILE I 28 -14.88 55.74 42.15
N ILE I 29 -15.86 55.88 41.25
CA ILE I 29 -16.53 57.16 41.01
C ILE I 29 -17.07 57.76 42.33
N ASN I 30 -17.83 56.96 43.08
CA ASN I 30 -18.40 57.44 44.34
C ASN I 30 -17.32 57.87 45.30
N PHE I 31 -16.24 57.09 45.35
CA PHE I 31 -15.06 57.46 46.10
C PHE I 31 -14.59 58.82 45.65
N ILE I 32 -14.40 58.99 44.34
CA ILE I 32 -13.97 60.31 43.83
C ILE I 32 -14.96 61.37 44.26
N GLU I 33 -16.25 61.09 44.17
CA GLU I 33 -17.25 62.05 44.64
C GLU I 33 -16.95 62.58 46.04
N ASN I 34 -16.88 61.68 47.01
CA ASN I 34 -16.61 62.06 48.35
C ASN I 34 -15.35 62.90 48.44
N TYR I 35 -14.24 62.31 48.00
CA TYR I 35 -12.95 62.98 47.96
C TYR I 35 -13.01 64.51 47.78
N VAL I 36 -13.69 64.95 46.72
CA VAL I 36 -13.77 66.36 46.32
C VAL I 36 -14.91 67.15 46.97
N SER I 37 -15.78 66.45 47.69
CA SER I 37 -17.11 66.99 48.00
C SER I 37 -17.13 68.26 48.86
N GLU I 38 -16.03 68.56 49.57
CA GLU I 38 -15.94 69.80 50.38
C GLU I 38 -15.28 70.94 49.63
N TRP I 39 -14.54 70.60 48.58
CA TRP I 39 -13.94 71.55 47.64
C TRP I 39 -15.04 72.38 46.99
N ASN I 40 -14.66 73.50 46.36
CA ASN I 40 -15.65 74.36 45.74
C ASN I 40 -16.07 73.95 44.33
N VAL I 41 -15.18 73.27 43.60
CA VAL I 41 -15.52 72.68 42.30
C VAL I 41 -16.94 72.11 42.31
N GLU I 42 -17.74 72.55 41.35
CA GLU I 42 -19.10 72.09 41.18
C GLU I 42 -19.08 70.74 40.46
N THR I 43 -19.88 69.79 40.95
CA THR I 43 -19.75 68.38 40.53
C THR I 43 -21.01 67.74 39.94
N LYS I 44 -21.01 67.48 38.62
CA LYS I 44 -22.14 66.82 37.93
C LYS I 44 -21.90 65.29 37.72
N ARG I 45 -22.90 64.58 37.21
CA ARG I 45 -22.84 63.14 36.96
C ARG I 45 -23.44 62.71 35.62
N ASN I 46 -22.71 61.91 34.86
CA ASN I 46 -23.19 61.41 33.59
C ASN I 46 -24.27 60.35 33.79
N ASN I 47 -25.15 60.27 32.81
CA ASN I 47 -26.09 59.18 32.71
C ASN I 47 -25.40 57.81 32.63
N LYS I 48 -24.19 57.79 32.05
CA LYS I 48 -23.34 56.60 31.99
C LYS I 48 -22.61 56.34 33.31
N GLY I 49 -22.68 57.28 34.24
CA GLY I 49 -22.00 57.12 35.52
C GLY I 49 -20.71 57.92 35.61
N ALA I 50 -20.36 58.60 34.52
CA ALA I 50 -19.18 59.48 34.49
C ALA I 50 -19.38 60.77 35.28
N LEU I 51 -18.26 61.43 35.53
CA LEU I 51 -18.20 62.52 36.48
C LEU I 51 -17.52 63.72 35.81
N ILE I 52 -18.17 64.90 35.88
CA ILE I 52 -17.67 66.15 35.27
C ILE I 52 -17.44 67.27 36.28
N LEU I 53 -16.19 67.61 36.52
CA LEU I 53 -15.87 68.64 37.50
C LEU I 53 -15.47 69.94 36.83
N THR I 54 -16.07 71.03 37.31
CA THR I 54 -16.01 72.35 36.65
C THR I 54 -15.57 73.46 37.62
N VAL I 55 -14.46 74.14 37.32
CA VAL I 55 -14.14 75.37 38.02
C VAL I 55 -14.39 76.53 37.07
N LYS I 56 -15.38 77.37 37.40
CA LYS I 56 -15.71 78.53 36.60
C LYS I 56 -14.51 79.45 36.48
N GLY I 57 -14.26 79.97 35.26
CA GLY I 57 -13.17 80.93 35.00
C GLY I 57 -13.66 82.31 34.55
N LYS I 58 -12.72 83.23 34.30
CA LYS I 58 -13.06 84.64 34.06
C LYS I 58 -13.89 84.79 32.79
N ASN I 59 -13.36 84.21 31.72
CA ASN I 59 -14.09 84.07 30.48
C ASN I 59 -14.92 82.76 30.43
N ASP I 60 -16.23 82.91 30.57
CA ASP I 60 -17.18 81.80 30.61
C ASP I 60 -17.86 81.54 29.27
N ALA I 61 -17.29 82.06 28.19
CA ALA I 61 -17.92 81.99 26.86
C ALA I 61 -17.15 81.00 26.02
N GLN I 62 -15.85 80.94 26.27
CA GLN I 62 -15.02 79.92 25.68
C GLN I 62 -14.51 79.02 26.81
N HIS I 63 -14.56 77.71 26.61
CA HIS I 63 -14.19 76.74 27.64
C HIS I 63 -13.03 75.82 27.18
N ARG I 64 -12.39 75.21 28.17
CA ARG I 64 -11.27 74.33 27.99
C ARG I 64 -11.76 73.01 28.59
N LEU I 65 -11.30 71.86 28.10
CA LEU I 65 -11.68 70.59 28.75
C LEU I 65 -10.53 69.64 28.96
N LEU I 66 -10.23 69.36 30.23
CA LEU I 66 -9.31 68.27 30.56
C LEU I 66 -10.06 66.99 30.91
N THR I 67 -9.65 65.86 30.28
CA THR I 67 -10.16 64.53 30.64
C THR I 67 -9.12 63.45 31.14
N ALA I 68 -9.54 62.60 32.07
CA ALA I 68 -8.81 61.33 32.35
C ALA I 68 -9.74 60.14 32.67
N HIS I 69 -9.31 58.92 32.42
CA HIS I 69 -10.22 57.80 32.68
C HIS I 69 -9.86 56.97 33.94
N VAL I 70 -10.90 56.42 34.59
CA VAL I 70 -10.73 55.54 35.77
C VAL I 70 -11.02 54.08 35.49
N ASP I 71 -11.60 53.77 34.36
CA ASP I 71 -11.80 52.39 34.00
C ASP I 71 -10.47 51.76 33.62
N THR I 72 -10.30 50.50 33.99
CA THR I 72 -9.12 49.71 33.65
C THR I 72 -9.45 48.48 32.84
N LEU I 73 -8.39 47.77 32.45
CA LEU I 73 -8.50 46.48 31.81
C LEU I 73 -8.99 45.51 32.85
N GLY I 74 -9.49 44.38 32.38
CA GLY I 74 -10.07 43.37 33.26
C GLY I 74 -10.66 42.24 32.44
N ALA I 75 -11.63 41.58 33.04
CA ALA I 75 -12.23 40.45 32.40
C ALA I 75 -13.62 40.17 32.95
N MSE I 76 -14.27 39.17 32.35
CA MSE I 76 -15.62 38.84 32.73
C MSE I 76 -15.78 37.35 32.55
O MSE I 76 -15.26 36.78 31.60
CB MSE I 76 -16.57 39.55 31.78
CG MSE I 76 -18.02 39.22 31.99
SE MSE I 76 -19.04 40.52 30.96
CE MSE I 76 -18.78 42.08 32.16
N VAL I 77 -16.51 36.73 33.47
CA VAL I 77 -16.75 35.31 33.38
C VAL I 77 -17.60 35.05 32.15
N LYS I 78 -17.13 34.17 31.26
CA LYS I 78 -17.86 33.90 30.02
C LYS I 78 -18.50 32.52 29.97
N GLU I 79 -18.11 31.64 30.91
CA GLU I 79 -18.58 30.25 31.00
C GLU I 79 -18.08 29.64 32.31
N ILE I 80 -18.88 28.79 32.91
CA ILE I 80 -18.44 28.07 34.11
C ILE I 80 -18.16 26.64 33.70
N LYS I 81 -16.90 26.25 33.71
CA LYS I 81 -16.60 24.92 33.21
C LYS I 81 -17.10 23.83 34.19
N PRO I 82 -17.24 22.58 33.71
CA PRO I 82 -17.67 21.48 34.60
C PRO I 82 -16.65 21.21 35.70
N ASP I 83 -15.37 21.41 35.41
CA ASP I 83 -14.34 21.13 36.41
C ASP I 83 -14.26 22.16 37.57
N GLY I 84 -15.11 23.16 37.57
CA GLY I 84 -15.04 24.21 38.60
C GLY I 84 -14.36 25.49 38.16
N ARG I 85 -13.66 25.46 37.03
CA ARG I 85 -12.84 26.59 36.62
C ARG I 85 -13.70 27.56 35.87
N LEU I 86 -13.19 28.76 35.61
CA LEU I 86 -13.98 29.79 34.95
C LEU I 86 -13.31 30.15 33.69
N SER I 87 -14.11 30.37 32.65
CA SER I 87 -13.65 30.98 31.40
C SER I 87 -13.76 32.48 31.45
N LEU I 88 -12.83 33.15 30.78
CA LEU I 88 -12.80 34.60 30.76
C LEU I 88 -13.03 35.27 29.41
N SER I 89 -13.62 36.45 29.45
CA SER I 89 -13.62 37.31 28.31
C SER I 89 -12.86 38.57 28.65
N MSE I 90 -12.01 38.99 27.72
CA MSE I 90 -11.12 40.11 27.93
C MSE I 90 -11.88 41.43 27.95
O MSE I 90 -12.71 41.68 27.07
CB MSE I 90 -10.08 40.11 26.81
CG MSE I 90 -9.16 41.32 26.77
SE MSE I 90 -7.74 41.26 25.35
CE MSE I 90 -6.56 39.89 26.13
N ILE I 91 -11.62 42.28 28.95
CA ILE I 91 -12.12 43.68 28.89
C ILE I 91 -10.97 44.63 28.65
N GLY I 92 -11.04 45.41 27.57
CA GLY I 92 -9.90 46.24 27.14
C GLY I 92 -9.00 45.53 26.14
N GLY I 93 -8.00 46.25 25.60
CA GLY I 93 -6.94 45.66 24.77
C GLY I 93 -5.61 45.44 25.50
N PHE I 94 -5.36 44.19 25.90
CA PHE I 94 -4.06 43.78 26.41
C PHE I 94 -3.63 42.44 25.81
N ARG I 95 -2.56 41.83 26.33
CA ARG I 95 -2.17 40.47 25.91
C ARG I 95 -2.35 39.50 27.05
N TRP I 96 -2.96 38.35 26.77
CA TRP I 96 -3.30 37.39 27.83
C TRP I 96 -2.05 36.82 28.55
N ASN I 97 -0.98 36.52 27.82
CA ASN I 97 0.27 36.03 28.46
C ASN I 97 0.58 36.91 29.64
N SER I 98 0.44 38.22 29.41
CA SER I 98 0.76 39.24 30.40
C SER I 98 -0.13 39.21 31.65
N VAL I 99 -0.91 38.16 31.83
CA VAL I 99 -1.66 37.98 33.09
C VAL I 99 -1.69 36.55 33.53
N GLU I 100 -0.90 35.70 32.90
CA GLU I 100 -0.80 34.35 33.40
C GLU I 100 -0.38 34.40 34.90
N GLY I 101 -1.11 33.67 35.74
CA GLY I 101 -0.68 33.45 37.12
C GLY I 101 -1.09 34.49 38.15
N GLU I 102 -1.65 35.61 37.70
CA GLU I 102 -1.96 36.73 38.53
C GLU I 102 -3.14 36.40 39.38
N TYR I 103 -3.19 37.03 40.54
CA TYR I 103 -4.34 36.88 41.42
C TYR I 103 -5.44 37.81 40.92
N CYS I 104 -6.70 37.38 41.07
CA CYS I 104 -7.84 38.18 40.67
C CYS I 104 -8.93 38.17 41.71
N GLU I 105 -9.93 39.00 41.49
CA GLU I 105 -11.02 39.09 42.43
C GLU I 105 -12.23 38.89 41.57
N ILE I 106 -13.30 38.35 42.13
CA ILE I 106 -14.51 38.07 41.35
C ILE I 106 -15.69 38.63 42.11
N GLU I 107 -16.47 39.48 41.47
CA GLU I 107 -17.57 40.11 42.13
C GLU I 107 -18.85 39.49 41.61
N THR I 108 -19.63 38.95 42.54
CA THR I 108 -20.93 38.37 42.23
C THR I 108 -21.96 39.47 42.14
N SER I 109 -23.03 39.19 41.41
CA SER I 109 -24.16 40.11 41.32
C SER I 109 -24.50 40.69 42.69
N SER I 110 -24.48 39.85 43.73
CA SER I 110 -24.87 40.24 45.08
C SER I 110 -23.80 41.04 45.86
N GLY I 111 -22.76 41.50 45.17
CA GLY I 111 -21.67 42.29 45.74
C GLY I 111 -20.55 41.44 46.34
N LYS I 112 -20.85 40.15 46.56
CA LYS I 112 -19.95 39.20 47.18
C LYS I 112 -18.72 38.94 46.31
N THR I 113 -17.53 38.95 46.93
CA THR I 113 -16.26 38.76 46.20
C THR I 113 -15.47 37.50 46.61
N TYR I 114 -14.67 37.00 45.67
CA TYR I 114 -13.85 35.78 45.87
C TYR I 114 -12.52 35.92 45.16
N THR I 115 -11.51 35.25 45.66
CA THR I 115 -10.21 35.34 45.00
C THR I 115 -9.97 34.20 44.04
N GLY I 116 -9.05 34.41 43.13
CA GLY I 116 -8.64 33.35 42.27
C GLY I 116 -7.28 33.65 41.70
N THR I 117 -6.85 32.78 40.78
CA THR I 117 -5.66 33.00 39.99
C THR I 117 -6.02 32.68 38.54
N ILE I 118 -5.57 33.56 37.63
CA ILE I 118 -5.73 33.39 36.22
C ILE I 118 -4.73 32.39 35.69
N LEU I 119 -5.23 31.42 34.93
CA LEU I 119 -4.40 30.38 34.34
C LEU I 119 -4.79 30.13 32.89
N MSE I 120 -3.88 29.55 32.10
CA MSE I 120 -4.22 29.01 30.76
C MSE I 120 -3.70 27.58 30.56
O MSE I 120 -2.57 27.25 30.94
CB MSE I 120 -3.68 29.90 29.65
CG MSE I 120 -3.01 31.18 30.14
SE MSE I 120 -1.91 32.08 28.75
CE MSE I 120 -0.98 30.52 27.97
N ILE I 141 -7.08 30.24 28.60
CA ILE I 141 -7.35 31.11 29.74
C ILE I 141 -8.45 30.55 30.64
N GLU I 142 -8.22 30.56 31.96
CA GLU I 142 -9.22 30.20 32.98
C GLU I 142 -8.91 30.80 34.38
N VAL I 143 -9.88 30.72 35.30
CA VAL I 143 -9.70 31.16 36.70
C VAL I 143 -9.86 30.00 37.68
N ARG I 144 -8.79 29.62 38.33
CA ARG I 144 -8.91 28.69 39.47
C ARG I 144 -9.38 29.51 40.69
N ILE I 145 -10.61 29.29 41.16
CA ILE I 145 -11.11 30.02 42.34
C ILE I 145 -10.54 29.48 43.65
N ASP I 146 -10.36 30.35 44.63
CA ASP I 146 -9.84 29.95 45.92
C ASP I 146 -10.94 29.50 46.84
N GLU I 147 -11.50 28.34 46.53
CA GLU I 147 -12.70 27.92 47.17
C GLU I 147 -12.83 26.46 46.80
N ARG I 148 -13.14 25.61 47.78
CA ARG I 148 -13.43 24.19 47.52
C ARG I 148 -14.68 23.91 46.69
N VAL I 149 -14.61 24.20 45.39
CA VAL I 149 -15.71 23.87 44.48
C VAL I 149 -15.25 22.99 43.31
N PHE I 150 -16.06 21.99 42.95
CA PHE I 150 -15.63 20.99 41.97
C PHE I 150 -16.66 20.78 40.90
N SER I 151 -17.43 21.81 40.60
CA SER I 151 -18.43 21.71 39.58
C SER I 151 -19.09 23.05 39.35
N ALA I 152 -19.57 23.22 38.12
CA ALA I 152 -20.44 24.31 37.70
C ALA I 152 -21.52 24.67 38.75
N ASP I 153 -22.26 23.66 39.25
CA ASP I 153 -23.26 23.88 40.29
C ASP I 153 -22.71 24.42 41.62
N GLU I 154 -21.65 23.78 42.11
CA GLU I 154 -20.97 24.26 43.31
C GLU I 154 -20.51 25.72 43.21
N VAL I 155 -20.26 26.20 41.98
CA VAL I 155 -19.75 27.55 41.78
C VAL I 155 -20.91 28.55 41.71
N ARG I 156 -21.97 28.17 41.00
CA ARG I 156 -23.19 28.93 41.07
C ARG I 156 -23.61 29.06 42.53
N GLU I 157 -23.43 28.01 43.33
CA GLU I 157 -23.81 28.08 44.76
C GLU I 157 -23.16 29.24 45.50
N LEU I 158 -21.91 29.54 45.18
CA LEU I 158 -21.21 30.70 45.67
C LEU I 158 -21.90 32.05 45.32
N GLY I 159 -22.72 32.05 44.27
CA GLY I 159 -23.30 33.28 43.73
C GLY I 159 -22.68 33.70 42.40
N ILE I 160 -21.57 33.07 42.03
CA ILE I 160 -20.95 33.34 40.73
C ILE I 160 -21.83 32.91 39.53
N GLU I 161 -21.80 33.75 38.51
CA GLU I 161 -22.63 33.59 37.34
C GLU I 161 -21.89 34.24 36.16
N VAL I 162 -22.05 33.70 34.97
CA VAL I 162 -21.65 34.41 33.74
C VAL I 162 -22.06 35.89 33.82
N GLY I 163 -21.25 36.78 33.27
CA GLY I 163 -21.48 38.23 33.38
C GLY I 163 -20.71 38.93 34.49
N ASP I 164 -20.09 38.17 35.42
CA ASP I 164 -19.40 38.73 36.57
C ASP I 164 -18.05 39.28 36.17
N PHE I 165 -17.76 40.47 36.70
CA PHE I 165 -16.47 41.15 36.64
C PHE I 165 -15.36 40.49 37.48
N VAL I 166 -14.30 40.13 36.81
CA VAL I 166 -13.08 39.62 37.38
C VAL I 166 -12.17 40.83 37.28
N SER I 167 -11.43 41.17 38.33
CA SER I 167 -10.49 42.31 38.27
C SER I 167 -9.11 41.74 38.55
N PHE I 168 -8.04 42.26 37.97
CA PHE I 168 -6.72 41.72 38.25
C PHE I 168 -6.06 42.48 39.39
N ASP I 169 -5.38 41.75 40.29
CA ASP I 169 -4.63 42.36 41.37
C ASP I 169 -3.60 43.29 40.80
N PRO I 170 -3.59 44.55 41.24
CA PRO I 170 -2.64 45.49 40.63
C PRO I 170 -1.23 45.38 41.20
N ARG I 171 -1.09 44.82 42.40
CA ARG I 171 0.23 44.64 43.00
C ARG I 171 0.97 45.98 43.02
N VAL I 172 0.35 47.02 43.58
CA VAL I 172 0.95 48.33 43.47
C VAL I 172 2.11 48.52 44.48
N GLN I 173 3.04 49.42 44.18
CA GLN I 173 4.29 49.46 44.95
C GLN I 173 4.94 50.81 44.70
N ILE I 174 5.20 51.55 45.77
CA ILE I 174 5.93 52.80 45.68
C ILE I 174 7.35 52.60 46.24
N THR I 175 8.32 52.86 45.37
CA THR I 175 9.70 52.60 45.62
C THR I 175 10.32 53.65 46.52
N GLU I 176 11.30 53.24 47.35
CA GLU I 176 12.10 54.23 48.10
C GLU I 176 12.67 55.29 47.18
N SER I 177 12.96 54.89 45.94
CA SER I 177 13.65 55.73 44.97
C SER I 177 12.71 56.47 44.04
N GLY I 178 11.41 56.40 44.29
CA GLY I 178 10.51 57.33 43.65
C GLY I 178 9.68 56.74 42.55
N TYR I 179 9.77 55.42 42.37
CA TYR I 179 9.05 54.75 41.30
C TYR I 179 7.74 54.26 41.85
N ILE I 180 6.75 54.19 40.99
CA ILE I 180 5.49 53.56 41.31
C ILE I 180 5.33 52.46 40.26
N LYS I 181 5.16 51.21 40.70
CA LYS I 181 4.92 50.03 39.81
C LYS I 181 3.56 49.42 40.06
N SER I 182 2.86 48.98 39.01
CA SER I 182 1.59 48.30 39.20
C SER I 182 1.02 47.94 37.90
N ARG I 183 0.47 46.72 37.80
CA ARG I 183 -0.17 46.28 36.55
C ARG I 183 -1.16 47.32 36.04
N HIS I 184 -1.76 48.08 36.94
CA HIS I 184 -2.77 48.99 36.44
C HIS I 184 -2.28 50.28 35.91
N LEU I 185 -1.98 51.21 36.78
CA LEU I 185 -1.81 52.54 36.32
C LEU I 185 -3.08 52.74 35.51
N ASP I 186 -3.07 52.43 34.19
CA ASP I 186 -4.30 52.50 33.38
C ASP I 186 -4.86 53.89 33.57
N ASP I 187 -4.09 54.90 33.28
CA ASP I 187 -4.55 56.29 33.47
C ASP I 187 -5.03 56.75 34.84
N LYS I 188 -4.94 55.88 35.85
CA LYS I 188 -5.25 56.33 37.23
C LYS I 188 -4.26 57.39 37.72
N VAL I 189 -3.07 57.40 37.13
CA VAL I 189 -2.04 58.42 37.36
C VAL I 189 -2.54 59.78 36.94
N SER I 190 -3.19 59.82 35.77
CA SER I 190 -3.73 61.06 35.27
C SER I 190 -4.90 61.53 36.09
N VAL I 191 -5.73 60.62 36.58
CA VAL I 191 -6.86 60.98 37.47
C VAL I 191 -6.40 61.84 38.68
N ALA I 192 -5.40 61.31 39.38
CA ALA I 192 -4.81 61.99 40.53
C ALA I 192 -4.20 63.37 40.15
N ILE I 193 -3.50 63.44 39.03
CA ILE I 193 -3.05 64.73 38.53
C ILE I 193 -4.24 65.74 38.45
N LEU I 194 -5.25 65.43 37.65
CA LEU I 194 -6.43 66.30 37.55
C LEU I 194 -6.99 66.63 38.92
N LEU I 195 -7.16 65.61 39.76
CA LEU I 195 -7.79 65.77 41.05
C LEU I 195 -6.95 66.73 41.89
N LYS I 196 -5.67 66.42 42.05
CA LYS I 196 -4.78 67.28 42.84
C LYS I 196 -4.70 68.66 42.20
N LEU I 197 -4.47 68.72 40.89
CA LEU I 197 -4.39 70.01 40.21
C LEU I 197 -5.60 70.88 40.54
N ILE I 198 -6.77 70.25 40.70
CA ILE I 198 -7.97 71.03 41.02
C ILE I 198 -7.86 71.78 42.36
N LYS I 199 -7.41 71.06 43.38
CA LYS I 199 -7.30 71.58 44.74
C LYS I 199 -6.17 72.60 44.78
N ARG I 200 -5.18 72.40 43.92
CA ARG I 200 -4.11 73.37 43.79
C ARG I 200 -4.65 74.80 43.48
N LEU I 201 -5.59 74.88 42.54
CA LEU I 201 -6.14 76.17 42.08
C LEU I 201 -6.98 76.82 43.14
N GLN I 202 -7.67 75.98 43.90
CA GLN I 202 -8.44 76.48 45.01
C GLN I 202 -7.50 76.99 46.12
N ASP I 203 -6.33 76.37 46.23
CA ASP I 203 -5.33 76.64 47.27
C ASP I 203 -4.30 77.75 46.98
N GLU I 204 -3.97 77.99 45.71
CA GLU I 204 -3.23 79.21 45.34
C GLU I 204 -4.19 80.38 45.37
N ASN I 205 -5.48 80.04 45.34
CA ASN I 205 -6.58 81.00 45.38
C ASN I 205 -6.56 81.95 44.18
N VAL I 206 -6.25 81.40 43.01
CA VAL I 206 -6.28 82.20 41.78
C VAL I 206 -7.21 81.56 40.76
N THR I 207 -7.76 82.39 39.88
CA THR I 207 -8.85 81.96 39.05
C THR I 207 -8.39 81.57 37.63
N LEU I 208 -9.11 80.64 37.03
CA LEU I 208 -8.82 80.20 35.70
C LEU I 208 -9.18 81.28 34.67
N PRO I 209 -8.30 81.50 33.67
CA PRO I 209 -8.59 82.37 32.54
C PRO I 209 -9.88 81.98 31.81
N TYR I 210 -10.19 80.69 31.80
CA TYR I 210 -11.36 80.16 31.13
C TYR I 210 -12.07 79.16 32.05
N THR I 211 -13.38 79.01 31.89
CA THR I 211 -14.14 77.96 32.58
C THR I 211 -13.59 76.61 32.12
N THR I 212 -13.06 75.82 33.03
CA THR I 212 -12.45 74.55 32.63
C THR I 212 -13.17 73.34 33.19
N HIS I 213 -13.37 72.34 32.34
CA HIS I 213 -14.07 71.14 32.76
C HIS I 213 -13.09 69.99 32.84
N PHE I 214 -13.12 69.32 33.97
CA PHE I 214 -12.33 68.13 34.20
C PHE I 214 -13.30 66.98 34.19
N LEU I 215 -13.11 66.09 33.22
CA LEU I 215 -14.05 65.00 32.96
C LEU I 215 -13.42 63.69 33.36
N ILE I 216 -14.02 63.03 34.35
CA ILE I 216 -13.51 61.75 34.82
C ILE I 216 -14.31 60.69 34.11
N SER I 217 -13.81 60.29 32.96
CA SER I 217 -14.54 59.33 32.14
C SER I 217 -14.34 57.93 32.71
N ASN I 218 -15.35 57.10 32.52
CA ASN I 218 -15.29 55.67 32.87
C ASN I 218 -15.36 54.82 31.62
N ASN I 219 -15.33 55.52 30.49
CA ASN I 219 -15.12 55.02 29.13
C ASN I 219 -13.65 54.74 28.89
N GLU I 220 -13.36 53.95 27.86
CA GLU I 220 -11.97 53.66 27.47
C GLU I 220 -11.32 54.91 26.83
N ILE I 230 -20.10 66.72 26.58
CA ILE I 230 -19.21 67.88 26.71
C ILE I 230 -19.84 69.20 26.18
N PRO I 231 -19.70 70.29 26.96
CA PRO I 231 -20.47 71.54 26.77
C PRO I 231 -20.13 72.30 25.49
N GLU I 232 -21.14 72.92 24.90
CA GLU I 232 -21.02 73.54 23.57
C GLU I 232 -19.88 74.56 23.43
N GLU I 233 -19.43 75.15 24.53
CA GLU I 233 -18.54 76.31 24.40
C GLU I 233 -17.06 75.95 24.57
N THR I 234 -16.80 74.65 24.66
CA THR I 234 -15.46 74.10 24.67
C THR I 234 -14.73 74.36 23.36
N VAL I 235 -13.60 75.05 23.42
CA VAL I 235 -12.80 75.26 22.22
C VAL I 235 -11.61 74.32 22.16
N GLU I 236 -11.18 73.79 23.30
CA GLU I 236 -9.92 73.06 23.44
C GLU I 236 -10.06 71.84 24.34
N TYR I 237 -9.55 70.71 23.89
CA TYR I 237 -9.79 69.49 24.65
C TYR I 237 -8.49 68.77 24.89
N LEU I 238 -8.11 68.60 26.15
CA LEU I 238 -6.90 67.87 26.48
C LEU I 238 -7.11 66.52 27.21
N ALA I 239 -6.72 65.46 26.54
CA ALA I 239 -6.67 64.18 27.18
C ALA I 239 -5.36 64.13 27.92
N VAL I 240 -5.47 63.90 29.22
CA VAL I 240 -4.33 63.49 30.05
C VAL I 240 -4.38 61.98 30.19
N ASP I 241 -3.51 61.29 29.45
CA ASP I 241 -3.53 59.83 29.30
C ASP I 241 -2.10 59.40 29.05
N MSE I 242 -1.82 58.11 28.88
CA MSE I 242 -0.42 57.68 28.75
C MSE I 242 -0.35 56.48 27.86
O MSE I 242 -1.21 55.63 27.97
CB MSE I 242 0.21 57.29 30.11
CG MSE I 242 -0.17 58.14 31.34
SE MSE I 242 0.49 57.44 33.10
CE MSE I 242 -0.69 55.87 33.30
N GLY I 243 0.68 56.38 27.03
CA GLY I 243 0.82 55.24 26.10
C GLY I 243 2.21 54.71 25.74
N ALA I 244 2.23 53.46 25.26
CA ALA I 244 3.41 52.78 24.74
C ALA I 244 4.06 53.44 23.50
N LEU I 245 5.34 53.14 23.22
CA LEU I 245 6.01 53.52 21.95
C LEU I 245 6.53 52.27 21.16
N ASP I 252 9.98 56.94 28.23
CA ASP I 252 10.82 57.71 29.19
C ASP I 252 10.06 58.07 30.47
N GLU I 253 10.44 57.44 31.58
CA GLU I 253 9.69 57.57 32.83
C GLU I 253 10.04 58.82 33.64
N TYR I 254 10.92 59.68 33.14
CA TYR I 254 11.38 60.82 33.97
C TYR I 254 10.99 62.20 33.47
N THR I 255 10.01 62.25 32.55
CA THR I 255 9.55 63.48 31.90
C THR I 255 8.07 63.45 31.49
N VAL I 256 7.50 64.60 31.13
CA VAL I 256 6.11 64.62 30.67
C VAL I 256 6.07 64.34 29.18
N SER I 257 5.14 63.48 28.77
CA SER I 257 5.06 63.07 27.40
C SER I 257 3.95 63.83 26.64
N ILE I 258 4.33 64.56 25.60
CA ILE I 258 3.41 65.35 24.77
C ILE I 258 3.15 64.63 23.43
N CYS I 259 1.92 64.18 23.21
CA CYS I 259 1.70 63.34 22.04
C CYS I 259 1.53 64.15 20.78
N ALA I 260 2.29 63.79 19.76
CA ALA I 260 2.14 64.49 18.50
C ALA I 260 1.18 63.71 17.61
N LYS I 261 0.95 62.44 17.91
CA LYS I 261 0.15 61.62 17.02
C LYS I 261 -0.02 60.24 17.62
N ASP I 262 -1.20 59.68 17.35
CA ASP I 262 -1.49 58.29 17.64
C ASP I 262 -2.24 57.65 16.47
N SER I 263 -2.75 56.43 16.67
CA SER I 263 -3.31 55.60 15.59
C SER I 263 -4.45 56.30 14.89
N SER I 264 -5.05 57.26 15.55
CA SER I 264 -6.08 58.01 14.87
C SER I 264 -5.44 59.16 14.06
N GLY I 265 -4.19 59.49 14.33
CA GLY I 265 -3.57 60.52 13.53
C GLY I 265 -3.01 61.67 14.30
N PRO I 266 -2.59 62.71 13.58
CA PRO I 266 -1.84 63.72 14.29
C PRO I 266 -2.74 64.57 15.21
N TYR I 267 -2.20 64.96 16.36
CA TYR I 267 -2.93 65.83 17.21
C TYR I 267 -2.81 67.26 16.72
N HIS I 268 -3.67 68.16 17.18
CA HIS I 268 -3.74 69.51 16.65
C HIS I 268 -2.36 70.14 16.77
N TYR I 269 -1.79 70.49 15.62
CA TYR I 269 -0.43 71.03 15.53
C TYR I 269 -0.21 72.25 16.44
N ALA I 270 -0.96 73.31 16.20
CA ALA I 270 -0.67 74.56 16.87
C ALA I 270 -0.83 74.48 18.41
N LEU I 271 -1.87 73.78 18.86
CA LEU I 271 -2.08 73.42 20.25
C LEU I 271 -0.95 72.56 20.83
N ARG I 272 -0.38 71.68 20.01
CA ARG I 272 0.77 70.88 20.44
C ARG I 272 2.04 71.72 20.55
N LYS I 273 2.27 72.53 19.50
CA LYS I 273 3.39 73.45 19.50
C LYS I 273 3.28 74.36 20.71
N HIS I 274 2.04 74.69 21.09
CA HIS I 274 1.81 75.56 22.26
C HIS I 274 2.25 74.91 23.58
N LEU I 275 1.85 73.66 23.79
CA LEU I 275 2.27 72.96 24.99
C LEU I 275 3.80 72.83 25.07
N VAL I 276 4.45 72.51 23.94
CA VAL I 276 5.90 72.48 23.90
C VAL I 276 6.41 73.83 24.41
N GLU I 277 5.88 74.92 23.85
CA GLU I 277 6.26 76.25 24.30
C GLU I 277 6.01 76.39 25.79
N LEU I 278 4.87 75.92 26.26
CA LEU I 278 4.58 76.06 27.67
C LEU I 278 5.68 75.42 28.47
N ALA I 279 6.17 74.30 27.96
CA ALA I 279 7.14 73.49 28.67
C ALA I 279 8.47 74.17 28.69
N LYS I 280 8.92 74.59 27.50
CA LYS I 280 10.20 75.28 27.38
C LYS I 280 10.25 76.47 28.33
N THR I 281 9.23 77.32 28.27
CA THR I 281 9.15 78.49 29.14
C THR I 281 9.22 78.18 30.63
N ASN I 282 8.53 77.13 31.05
CA ASN I 282 8.43 76.84 32.46
C ASN I 282 9.49 75.83 32.91
N HIS I 283 10.45 75.56 32.02
CA HIS I 283 11.59 74.71 32.36
C HIS I 283 11.15 73.31 32.79
N ILE I 284 10.05 72.86 32.20
CA ILE I 284 9.53 71.53 32.43
C ILE I 284 10.19 70.59 31.43
N GLU I 285 10.61 69.40 31.91
CA GLU I 285 11.31 68.47 31.05
C GLU I 285 10.29 67.66 30.32
N TYR I 286 10.45 67.53 29.00
CA TYR I 286 9.46 66.88 28.10
C TYR I 286 10.08 66.11 26.95
N LYS I 287 9.32 65.16 26.42
CA LYS I 287 9.62 64.53 25.15
C LYS I 287 8.38 64.74 24.27
N VAL I 288 8.57 65.04 22.99
CA VAL I 288 7.45 64.94 22.03
C VAL I 288 7.37 63.51 21.48
N ASP I 289 6.27 62.83 21.78
CA ASP I 289 6.09 61.41 21.45
C ASP I 289 5.06 61.06 20.43
N ILE I 290 5.25 59.88 19.84
CA ILE I 290 4.28 59.24 18.95
C ILE I 290 3.86 57.93 19.57
N TYR I 291 2.56 57.77 19.84
CA TYR I 291 2.01 56.52 20.39
C TYR I 291 1.34 55.70 19.30
N PRO I 292 1.94 54.57 18.92
CA PRO I 292 1.28 53.81 17.81
C PRO I 292 0.07 52.91 18.16
N TYR I 293 -0.35 52.87 19.44
CA TYR I 293 -1.54 52.11 19.88
C TYR I 293 -2.52 53.03 20.64
N TYR I 294 -3.64 53.37 20.01
CA TYR I 294 -4.49 54.47 20.47
C TYR I 294 -5.98 54.29 20.14
N PHE I 306 -17.28 66.42 16.75
CA PHE I 306 -17.04 67.49 17.72
C PHE I 306 -16.00 68.57 17.33
N ASP I 307 -16.43 69.82 17.08
CA ASP I 307 -15.52 70.93 16.71
C ASP I 307 -14.61 71.48 17.84
N VAL I 308 -13.43 70.87 18.00
CA VAL I 308 -12.52 71.13 19.10
C VAL I 308 -11.06 70.86 18.72
N LYS I 309 -10.16 71.64 19.29
CA LYS I 309 -8.71 71.42 19.21
C LYS I 309 -8.19 70.41 20.25
N HIS I 310 -7.47 69.41 19.74
CA HIS I 310 -7.11 68.21 20.50
C HIS I 310 -5.68 68.10 20.88
N ALA I 311 -5.48 67.69 22.13
CA ALA I 311 -4.17 67.35 22.59
C ALA I 311 -4.24 66.17 23.53
N LEU I 312 -3.11 65.47 23.62
CA LEU I 312 -2.94 64.42 24.57
C LEU I 312 -1.58 64.64 25.19
N ILE I 313 -1.53 64.66 26.52
CA ILE I 313 -0.24 64.51 27.21
C ILE I 313 -0.35 63.53 28.37
N GLY I 314 0.77 63.20 28.99
CA GLY I 314 0.78 62.32 30.15
C GLY I 314 2.18 61.99 30.51
N ALA I 315 2.34 61.35 31.68
CA ALA I 315 3.60 60.83 32.17
C ALA I 315 4.02 59.63 31.34
N GLY I 316 5.33 59.43 31.22
CA GLY I 316 5.87 58.32 30.45
C GLY I 316 5.58 57.08 31.27
N ILE I 317 5.03 56.05 30.66
CA ILE I 317 5.00 54.77 31.33
C ILE I 317 5.85 53.82 30.58
N ASP I 318 6.53 52.98 31.31
CA ASP I 318 7.22 51.87 30.75
C ASP I 318 6.27 50.69 30.72
N SER I 319 6.33 49.90 29.63
CA SER I 319 5.54 48.65 29.47
C SER I 319 4.03 48.81 29.68
N SER I 320 3.47 49.86 29.10
CA SER I 320 2.01 50.09 29.01
C SER I 320 1.18 48.83 28.72
N HIS I 321 0.14 48.61 29.54
CA HIS I 321 -0.78 47.43 29.47
C HIS I 321 -0.17 46.11 29.96
N ALA I 322 1.00 46.17 30.59
CA ALA I 322 1.79 44.99 30.93
C ALA I 322 2.88 45.29 31.99
N PHE I 323 2.48 45.36 33.26
CA PHE I 323 3.43 45.66 34.36
C PHE I 323 3.98 47.07 34.21
N GLU I 324 3.29 48.05 34.74
CA GLU I 324 3.57 49.42 34.38
C GLU I 324 4.46 50.10 35.42
N ARG I 325 5.28 51.04 34.95
CA ARG I 325 6.12 51.81 35.84
C ARG I 325 6.28 53.26 35.36
N THR I 326 6.38 54.20 36.30
CA THR I 326 6.83 55.55 35.96
C THR I 326 7.53 56.10 37.15
N HIS I 327 8.18 57.22 36.99
CA HIS I 327 8.94 57.74 38.11
C HIS I 327 8.40 59.07 38.54
N GLU I 328 8.54 59.39 39.83
CA GLU I 328 7.87 60.58 40.38
C GLU I 328 8.20 61.84 39.57
N SER I 329 9.43 61.96 39.09
CA SER I 329 9.86 63.12 38.35
C SER I 329 8.94 63.33 37.19
N SER I 330 8.49 62.23 36.59
CA SER I 330 7.56 62.35 35.48
C SER I 330 6.20 62.86 35.93
N ILE I 331 5.72 62.38 37.08
CA ILE I 331 4.44 62.87 37.58
C ILE I 331 4.49 64.39 37.85
N ALA I 332 5.63 64.83 38.39
CA ALA I 332 5.86 66.25 38.69
C ALA I 332 5.88 67.11 37.40
N HIS I 333 6.59 66.66 36.38
CA HIS I 333 6.59 67.42 35.11
C HIS I 333 5.20 67.46 34.44
N THR I 334 4.49 66.32 34.45
CA THR I 334 3.13 66.33 33.95
C THR I 334 2.29 67.35 34.71
N GLU I 335 2.31 67.27 36.03
CA GLU I 335 1.59 68.24 36.83
C GLU I 335 1.92 69.66 36.42
N ALA I 336 3.20 69.99 36.33
CA ALA I 336 3.56 71.34 35.97
C ALA I 336 3.08 71.71 34.54
N LEU I 337 3.00 70.74 33.65
CA LEU I 337 2.43 71.06 32.34
C LEU I 337 0.92 71.35 32.39
N VAL I 338 0.13 70.45 32.97
CA VAL I 338 -1.30 70.71 33.00
C VAL I 338 -1.64 72.06 33.70
N TYR I 339 -0.86 72.42 34.73
CA TYR I 339 -1.10 73.66 35.44
C TYR I 339 -0.83 74.86 34.50
N ALA I 340 0.41 74.95 34.02
CA ALA I 340 0.83 76.02 33.13
C ALA I 340 -0.11 76.11 31.96
N TYR I 341 -0.52 74.94 31.46
CA TYR I 341 -1.48 74.86 30.36
C TYR I 341 -2.76 75.60 30.67
N VAL I 342 -3.47 75.10 31.67
CA VAL I 342 -4.77 75.60 32.04
C VAL I 342 -4.73 77.11 32.43
N MSE I 343 -3.52 77.60 32.70
CA MSE I 343 -3.30 78.99 33.02
C MSE I 343 -3.12 79.85 31.79
O MSE I 343 -3.15 81.08 31.87
CB MSE I 343 -2.07 79.16 33.93
CG MSE I 343 -2.29 78.79 35.39
SE MSE I 343 -3.90 79.55 36.23
CE MSE I 343 -3.50 81.47 36.17
N SER I 344 -2.90 79.20 30.65
CA SER I 344 -2.52 79.91 29.44
C SER I 344 -3.75 80.46 28.73
N ASN I 345 -3.53 81.20 27.65
CA ASN I 345 -4.58 81.68 26.74
C ASN I 345 -4.88 80.69 25.63
N LEU I 346 -6.12 80.67 25.13
CA LEU I 346 -6.49 79.88 23.95
C LEU I 346 -5.65 80.26 22.77
N ILE I 347 -5.36 79.31 21.89
CA ILE I 347 -4.52 79.60 20.73
C ILE I 347 -5.24 80.50 19.70
N GLU I 348 -4.52 81.49 19.17
CA GLU I 348 -5.15 82.45 18.24
C GLU I 348 -4.69 82.28 16.79
N HIS J 3 26.20 -29.89 24.53
CA HIS J 3 25.21 -29.95 25.64
C HIS J 3 25.37 -28.76 26.58
N HIS J 4 26.60 -28.42 26.94
CA HIS J 4 26.80 -27.28 27.83
C HIS J 4 26.07 -26.01 27.34
N THR J 5 26.23 -25.67 26.07
CA THR J 5 25.71 -24.41 25.52
C THR J 5 24.18 -24.32 25.39
N LYS J 6 23.53 -25.41 25.01
CA LYS J 6 22.08 -25.45 24.94
C LYS J 6 21.41 -25.36 26.33
N GLU J 7 22.14 -25.79 27.36
CA GLU J 7 21.67 -25.66 28.72
C GLU J 7 21.68 -24.20 29.16
N THR J 8 22.71 -23.49 28.73
CA THR J 8 22.74 -22.05 28.90
C THR J 8 21.52 -21.40 28.25
N MSE J 9 21.15 -21.83 27.06
CA MSE J 9 19.93 -21.28 26.44
C MSE J 9 18.65 -21.71 27.13
O MSE J 9 17.69 -20.93 27.14
CB MSE J 9 19.87 -21.58 24.96
CG MSE J 9 20.66 -20.57 24.19
SE MSE J 9 20.76 -20.80 22.24
CE MSE J 9 18.94 -21.23 21.71
N GLU J 10 18.63 -22.89 27.72
CA GLU J 10 17.48 -23.27 28.51
C GLU J 10 17.26 -22.24 29.63
N LEU J 11 18.35 -21.86 30.32
CA LEU J 11 18.25 -20.98 31.47
C LEU J 11 17.79 -19.61 31.03
N ILE J 12 18.37 -19.11 29.94
CA ILE J 12 17.95 -17.84 29.40
C ILE J 12 16.43 -17.81 29.22
N LYS J 13 15.90 -18.74 28.43
CA LYS J 13 14.43 -18.88 28.25
C LYS J 13 13.69 -18.94 29.60
N GLU J 14 14.25 -19.67 30.56
CA GLU J 14 13.64 -19.76 31.89
C GLU J 14 13.56 -18.37 32.53
N LEU J 15 14.69 -17.66 32.64
CA LEU J 15 14.67 -16.27 33.11
C LEU J 15 13.78 -15.31 32.28
N VAL J 16 13.89 -15.35 30.96
CA VAL J 16 13.06 -14.47 30.16
C VAL J 16 11.55 -14.67 30.45
N SER J 17 11.19 -15.86 30.90
CA SER J 17 9.80 -16.21 31.14
C SER J 17 9.30 -15.74 32.50
N ILE J 18 10.20 -15.20 33.34
CA ILE J 18 9.79 -14.57 34.60
C ILE J 18 9.76 -13.05 34.38
N PRO J 19 8.55 -12.47 34.43
CA PRO J 19 8.51 -11.01 34.27
C PRO J 19 9.36 -10.25 35.34
N SER J 20 10.08 -9.20 34.92
CA SER J 20 10.92 -8.49 35.88
C SER J 20 11.25 -7.06 35.46
N PRO J 21 10.23 -6.24 35.22
CA PRO J 21 10.65 -4.91 34.71
C PRO J 21 11.26 -4.10 35.86
N SER J 22 12.13 -3.13 35.52
CA SER J 22 12.79 -2.29 36.55
C SER J 22 11.74 -1.83 37.55
N GLY J 23 12.06 -2.03 38.85
CA GLY J 23 11.20 -1.68 39.96
C GLY J 23 10.45 -2.86 40.55
N ASN J 24 10.18 -3.86 39.71
CA ASN J 24 9.48 -5.04 40.18
C ASN J 24 10.18 -6.33 39.85
N THR J 25 11.31 -6.57 40.49
CA THR J 25 12.14 -7.73 40.23
C THR J 25 12.23 -8.77 41.38
N ALA J 26 11.49 -8.61 42.46
CA ALA J 26 11.53 -9.63 43.49
C ALA J 26 11.39 -11.10 42.99
N LYS J 27 10.48 -11.39 42.07
CA LYS J 27 10.22 -12.78 41.78
C LYS J 27 11.43 -13.47 41.20
N ILE J 28 11.95 -12.91 40.14
CA ILE J 28 13.19 -13.39 39.52
C ILE J 28 14.36 -13.40 40.49
N ILE J 29 14.50 -12.36 41.31
CA ILE J 29 15.63 -12.33 42.20
C ILE J 29 15.54 -13.57 43.08
N ASN J 30 14.32 -13.86 43.54
CA ASN J 30 14.05 -15.04 44.33
C ASN J 30 14.37 -16.30 43.58
N PHE J 31 13.95 -16.35 42.31
CA PHE J 31 14.17 -17.51 41.49
C PHE J 31 15.64 -17.82 41.33
N ILE J 32 16.42 -16.79 41.07
CA ILE J 32 17.88 -16.93 41.12
C ILE J 32 18.46 -17.31 42.49
N GLU J 33 17.99 -16.61 43.53
CA GLU J 33 18.51 -16.84 44.88
C GLU J 33 18.25 -18.28 45.26
N ASN J 34 17.19 -18.85 44.72
CA ASN J 34 16.88 -20.25 44.99
C ASN J 34 17.77 -21.21 44.18
N TYR J 35 17.92 -20.92 42.89
CA TYR J 35 18.71 -21.69 41.92
C TYR J 35 20.11 -22.04 42.37
N VAL J 36 20.69 -21.18 43.21
CA VAL J 36 22.08 -21.32 43.64
C VAL J 36 22.21 -21.76 45.07
N SER J 37 21.08 -22.01 45.72
CA SER J 37 21.02 -22.21 47.16
C SER J 37 21.88 -23.40 47.61
N GLU J 38 22.18 -24.30 46.67
CA GLU J 38 22.86 -25.56 47.01
C GLU J 38 24.27 -25.49 46.53
N TRP J 39 24.64 -24.33 46.01
CA TRP J 39 25.96 -24.17 45.43
C TRP J 39 26.95 -23.78 46.50
N ASN J 40 28.20 -23.72 46.09
CA ASN J 40 29.30 -23.45 46.96
C ASN J 40 29.59 -21.95 47.11
N VAL J 41 28.67 -21.10 46.66
CA VAL J 41 28.99 -19.67 46.52
C VAL J 41 28.28 -18.83 47.55
N GLU J 42 28.97 -17.80 48.04
CA GLU J 42 28.45 -16.90 49.07
C GLU J 42 27.52 -15.92 48.36
N THR J 43 26.30 -15.81 48.89
CA THR J 43 25.14 -15.18 48.26
C THR J 43 24.60 -14.07 49.14
N LYS J 44 24.65 -12.83 48.70
CA LYS J 44 24.22 -11.76 49.59
C LYS J 44 23.22 -10.85 48.94
N ARG J 45 22.00 -10.84 49.47
CA ARG J 45 20.96 -9.90 49.08
C ARG J 45 21.24 -8.50 49.60
N ASN J 46 20.36 -7.56 49.35
CA ASN J 46 20.80 -6.19 49.21
C ASN J 46 19.71 -5.23 49.61
N ASN J 47 20.06 -4.02 50.00
CA ASN J 47 19.01 -3.08 50.31
C ASN J 47 18.07 -2.79 49.16
N LYS J 48 18.63 -2.59 47.98
CA LYS J 48 17.85 -2.40 46.78
C LYS J 48 17.27 -3.72 46.25
N GLY J 49 17.59 -4.84 46.90
CA GLY J 49 17.15 -6.15 46.46
C GLY J 49 17.97 -6.78 45.34
N ALA J 50 19.28 -6.50 45.26
CA ALA J 50 20.10 -7.15 44.22
C ALA J 50 20.91 -8.28 44.82
N LEU J 51 21.42 -9.18 43.98
CA LEU J 51 22.24 -10.28 44.51
C LEU J 51 23.69 -10.03 44.26
N ILE J 52 24.53 -10.41 45.21
CA ILE J 52 25.99 -10.44 45.01
C ILE J 52 26.45 -11.84 45.34
N LEU J 53 27.16 -12.44 44.40
CA LEU J 53 27.66 -13.78 44.59
C LEU J 53 29.15 -13.60 44.55
N THR J 54 29.82 -14.05 45.58
CA THR J 54 31.24 -13.84 45.72
C THR J 54 31.94 -15.20 45.71
N VAL J 55 33.05 -15.30 44.99
CA VAL J 55 33.88 -16.50 45.08
C VAL J 55 35.28 -16.09 45.48
N LYS J 56 35.77 -16.66 46.59
CA LYS J 56 37.12 -16.35 47.05
C LYS J 56 38.10 -16.96 46.08
N GLY J 57 39.21 -16.27 45.85
CA GLY J 57 40.28 -16.78 45.02
C GLY J 57 41.54 -17.05 45.84
N LYS J 58 42.69 -16.75 45.24
CA LYS J 58 43.95 -16.82 45.92
C LYS J 58 44.25 -15.47 46.56
N ASN J 59 44.08 -14.41 45.76
CA ASN J 59 44.36 -13.07 46.20
C ASN J 59 43.05 -12.51 46.71
N ASP J 60 43.06 -12.08 47.96
CA ASP J 60 41.88 -11.54 48.57
C ASP J 60 42.02 -10.08 48.98
N ALA J 61 43.04 -9.40 48.49
CA ALA J 61 43.17 -7.97 48.75
C ALA J 61 42.92 -7.17 47.49
N GLN J 62 42.83 -7.87 46.36
CA GLN J 62 42.54 -7.21 45.10
C GLN J 62 41.38 -7.97 44.49
N HIS J 63 40.31 -7.24 44.24
CA HIS J 63 39.07 -7.86 43.83
C HIS J 63 38.72 -7.58 42.40
N ARG J 64 37.89 -8.46 41.86
CA ARG J 64 37.27 -8.30 40.55
C ARG J 64 35.75 -8.34 40.76
N LEU J 65 35.00 -7.69 39.86
CA LEU J 65 33.53 -7.73 39.90
C LEU J 65 33.01 -7.88 38.49
N LEU J 66 32.11 -8.85 38.28
CA LEU J 66 31.38 -8.90 37.01
C LEU J 66 29.98 -8.52 37.32
N THR J 67 29.28 -7.98 36.33
CA THR J 67 27.89 -7.67 36.59
C THR J 67 27.00 -7.90 35.40
N ALA J 68 25.75 -8.24 35.67
CA ALA J 68 24.67 -8.33 34.66
C ALA J 68 23.34 -8.03 35.36
N HIS J 69 22.37 -7.50 34.62
CA HIS J 69 21.14 -7.06 35.24
C HIS J 69 19.95 -7.93 34.80
N VAL J 70 18.97 -8.09 35.71
CA VAL J 70 17.72 -8.84 35.48
C VAL J 70 16.53 -7.97 35.20
N ASP J 71 16.60 -6.68 35.48
CA ASP J 71 15.50 -5.79 35.14
C ASP J 71 15.39 -5.62 33.63
N THR J 72 14.16 -5.35 33.17
CA THR J 72 13.82 -5.21 31.78
C THR J 72 12.95 -3.98 31.54
N LEU J 73 12.81 -3.61 30.25
CA LEU J 73 11.82 -2.66 29.78
C LEU J 73 10.49 -3.09 30.32
N GLY J 74 9.64 -2.12 30.59
CA GLY J 74 8.28 -2.47 30.87
C GLY J 74 7.46 -1.22 30.87
N ALA J 75 6.34 -1.28 31.60
CA ALA J 75 5.52 -0.12 31.78
C ALA J 75 4.78 -0.18 33.12
N MSE J 76 4.12 0.91 33.46
CA MSE J 76 3.38 0.98 34.68
C MSE J 76 2.11 1.72 34.37
O MSE J 76 2.11 2.62 33.51
CB MSE J 76 4.19 1.74 35.75
CG MSE J 76 3.40 2.39 36.91
SE MSE J 76 4.72 2.92 38.27
CE MSE J 76 3.88 4.42 39.20
N VAL J 77 1.05 1.37 35.08
CA VAL J 77 -0.24 2.02 34.90
C VAL J 77 -0.23 3.47 35.36
N LYS J 78 -0.50 4.38 34.41
CA LYS J 78 -0.39 5.82 34.59
C LYS J 78 -1.74 6.46 34.87
N GLU J 79 -2.78 5.93 34.23
CA GLU J 79 -4.15 6.33 34.52
C GLU J 79 -5.10 5.25 34.02
N ILE J 80 -6.20 5.04 34.74
CA ILE J 80 -7.32 4.22 34.24
C ILE J 80 -8.32 5.13 33.53
N LYS J 81 -8.65 4.81 32.28
CA LYS J 81 -9.40 5.78 31.44
C LYS J 81 -10.92 5.66 31.60
N PRO J 82 -11.70 6.71 31.24
CA PRO J 82 -13.13 6.54 31.51
C PRO J 82 -13.74 5.27 30.89
N ASP J 83 -13.33 4.87 29.68
CA ASP J 83 -13.82 3.62 29.08
C ASP J 83 -13.22 2.35 29.73
N GLY J 84 -12.25 2.50 30.63
CA GLY J 84 -11.71 1.34 31.34
C GLY J 84 -10.42 0.85 30.71
N ARG J 85 -10.01 1.49 29.61
CA ARG J 85 -8.70 1.15 29.05
C ARG J 85 -7.62 1.81 29.91
N LEU J 86 -6.48 1.14 30.01
CA LEU J 86 -5.33 1.59 30.78
C LEU J 86 -4.37 2.47 30.00
N SER J 87 -3.82 3.45 30.68
CA SER J 87 -2.87 4.38 30.08
C SER J 87 -1.52 4.09 30.73
N LEU J 88 -0.44 4.12 29.97
CA LEU J 88 0.84 3.63 30.49
C LEU J 88 1.96 4.64 30.56
N SER J 89 2.86 4.42 31.51
CA SER J 89 4.11 5.16 31.56
C SER J 89 5.24 4.19 31.30
N MSE J 90 6.22 4.61 30.52
CA MSE J 90 7.29 3.75 30.10
C MSE J 90 8.21 3.43 31.27
O MSE J 90 8.50 4.31 32.08
CB MSE J 90 8.05 4.43 28.98
CG MSE J 90 9.38 3.82 28.59
SE MSE J 90 10.15 4.75 26.98
CE MSE J 90 8.75 4.43 25.62
N ILE J 91 8.62 2.17 31.37
CA ILE J 91 9.72 1.85 32.28
C ILE J 91 10.89 1.46 31.42
N GLY J 92 11.97 2.23 31.50
CA GLY J 92 13.13 2.01 30.65
C GLY J 92 13.24 3.07 29.58
N GLY J 93 14.10 2.84 28.58
CA GLY J 93 14.22 3.73 27.45
C GLY J 93 14.12 3.03 26.12
N PHE J 94 12.90 2.65 25.70
CA PHE J 94 12.64 2.14 24.35
C PHE J 94 11.83 3.12 23.46
N ARG J 95 11.36 2.66 22.30
CA ARG J 95 10.38 3.41 21.49
C ARG J 95 9.00 2.75 21.62
N TRP J 96 7.93 3.55 21.63
CA TRP J 96 6.59 2.97 21.86
C TRP J 96 6.14 2.07 20.69
N ASN J 97 6.34 2.53 19.46
CA ASN J 97 5.92 1.77 18.26
C ASN J 97 6.31 0.32 18.35
N SER J 98 7.47 0.07 18.94
CA SER J 98 8.04 -1.26 18.99
C SER J 98 7.28 -2.19 19.95
N VAL J 99 6.20 -1.72 20.56
CA VAL J 99 5.37 -2.58 21.45
C VAL J 99 3.87 -2.60 21.09
N GLU J 100 3.51 -1.97 19.97
CA GLU J 100 2.12 -1.93 19.53
C GLU J 100 1.63 -3.35 19.23
N GLY J 101 0.48 -3.71 19.81
CA GLY J 101 -0.10 -5.03 19.60
C GLY J 101 0.53 -6.18 20.41
N GLU J 102 1.48 -5.86 21.29
CA GLU J 102 2.08 -6.87 22.12
C GLU J 102 1.17 -7.27 23.25
N TYR J 103 1.22 -8.56 23.62
CA TYR J 103 0.45 -9.00 24.76
C TYR J 103 1.21 -8.56 26.00
N CYS J 104 0.52 -8.37 27.09
CA CYS J 104 1.19 -7.84 28.24
C CYS J 104 0.47 -8.43 29.40
N GLU J 105 0.98 -8.10 30.60
CA GLU J 105 0.42 -8.65 31.82
C GLU J 105 0.40 -7.55 32.87
N ILE J 106 -0.60 -7.58 33.72
CA ILE J 106 -0.73 -6.55 34.70
C ILE J 106 -0.79 -7.21 36.04
N GLU J 107 0.09 -6.79 36.92
CA GLU J 107 0.19 -7.33 38.24
C GLU J 107 -0.43 -6.32 39.21
N THR J 108 -1.25 -6.80 40.13
CA THR J 108 -1.94 -5.92 41.08
C THR J 108 -1.16 -5.90 42.33
N SER J 109 -1.44 -4.89 43.14
CA SER J 109 -0.86 -4.70 44.47
C SER J 109 -0.91 -6.00 45.25
N SER J 110 -1.94 -6.79 45.04
CA SER J 110 -2.17 -8.00 45.84
C SER J 110 -1.65 -9.28 45.17
N GLY J 111 -1.10 -9.17 43.97
CA GLY J 111 -0.51 -10.31 43.27
C GLY J 111 -1.37 -10.89 42.14
N LYS J 112 -2.63 -10.47 42.01
CA LYS J 112 -3.43 -10.94 40.88
C LYS J 112 -2.80 -10.41 39.59
N THR J 113 -2.83 -11.21 38.54
CA THR J 113 -2.34 -10.78 37.24
C THR J 113 -3.47 -10.82 36.17
N TYR J 114 -3.52 -9.81 35.30
CA TYR J 114 -4.43 -9.90 34.19
C TYR J 114 -3.66 -9.78 32.87
N THR J 115 -4.21 -10.36 31.81
CA THR J 115 -3.55 -10.26 30.53
C THR J 115 -4.11 -9.07 29.77
N GLY J 116 -3.45 -8.66 28.69
CA GLY J 116 -3.79 -7.43 27.98
C GLY J 116 -3.06 -7.35 26.65
N THR J 117 -3.48 -6.38 25.82
CA THR J 117 -2.74 -5.98 24.63
C THR J 117 -2.46 -4.48 24.58
N ILE J 118 -1.21 -4.10 24.31
CA ILE J 118 -0.85 -2.72 24.05
C ILE J 118 -1.36 -2.22 22.69
N LEU J 119 -1.99 -1.05 22.68
CA LEU J 119 -2.34 -0.41 21.39
C LEU J 119 -2.15 1.12 21.47
N MSE J 120 -2.01 1.75 20.30
CA MSE J 120 -2.16 3.21 20.15
C MSE J 120 -3.43 3.53 19.42
O MSE J 120 -3.62 3.06 18.32
CB MSE J 120 -1.01 3.80 19.34
CG MSE J 120 0.25 3.96 20.13
SE MSE J 120 1.83 3.42 19.08
CE MSE J 120 1.76 4.66 17.52
N LYS J 139 3.02 8.43 22.81
CA LYS J 139 2.80 8.40 24.26
C LYS J 139 1.34 8.12 24.59
N ASN J 140 0.42 8.58 23.73
CA ASN J 140 -1.00 8.16 23.75
C ASN J 140 -1.20 6.71 23.25
N ILE J 141 -0.73 5.78 24.08
CA ILE J 141 -0.80 4.34 23.86
C ILE J 141 -1.45 3.75 25.09
N GLU J 142 -2.28 2.74 24.89
CA GLU J 142 -3.10 2.20 25.98
C GLU J 142 -2.96 0.69 26.10
N VAL J 143 -3.49 0.13 27.19
CA VAL J 143 -3.77 -1.30 27.31
C VAL J 143 -5.27 -1.62 27.25
N ARG J 144 -5.65 -2.47 26.29
CA ARG J 144 -6.94 -3.21 26.22
C ARG J 144 -6.83 -4.42 27.16
N ILE J 145 -7.58 -4.43 28.27
CA ILE J 145 -7.53 -5.54 29.24
C ILE J 145 -8.41 -6.72 28.81
N ASP J 146 -7.91 -7.95 28.96
CA ASP J 146 -8.68 -9.13 28.63
C ASP J 146 -9.77 -9.51 29.69
N GLU J 147 -10.68 -8.56 29.89
CA GLU J 147 -11.67 -8.64 30.93
C GLU J 147 -12.84 -7.71 30.55
N ARG J 148 -14.04 -8.13 30.91
CA ARG J 148 -15.28 -7.44 30.54
C ARG J 148 -15.51 -6.19 31.44
N VAL J 149 -14.69 -5.17 31.25
CA VAL J 149 -14.77 -3.94 32.06
C VAL J 149 -15.02 -2.70 31.19
N PHE J 150 -15.78 -1.76 31.70
CA PHE J 150 -16.25 -0.72 30.82
C PHE J 150 -16.04 0.66 31.43
N SER J 151 -15.37 0.67 32.58
CA SER J 151 -15.28 1.89 33.35
C SER J 151 -14.18 1.80 34.39
N ALA J 152 -13.67 2.98 34.74
CA ALA J 152 -12.70 3.11 35.81
C ALA J 152 -13.08 2.22 36.99
N ASP J 153 -14.33 2.32 37.45
CA ASP J 153 -14.80 1.59 38.62
C ASP J 153 -14.66 0.09 38.47
N GLU J 154 -15.00 -0.42 37.28
CA GLU J 154 -14.98 -1.85 37.05
C GLU J 154 -13.57 -2.39 36.94
N VAL J 155 -12.67 -1.54 36.43
CA VAL J 155 -11.26 -1.86 36.41
C VAL J 155 -10.72 -1.90 37.83
N ARG J 156 -10.88 -0.84 38.63
CA ARG J 156 -10.40 -0.85 40.01
C ARG J 156 -10.98 -2.01 40.74
N GLU J 157 -12.21 -2.35 40.44
CA GLU J 157 -12.86 -3.45 41.11
C GLU J 157 -12.08 -4.78 40.93
N LEU J 158 -11.34 -4.90 39.82
CA LEU J 158 -10.38 -6.00 39.61
C LEU J 158 -9.14 -5.90 40.53
N GLY J 159 -8.97 -4.74 41.16
CA GLY J 159 -7.73 -4.47 41.93
C GLY J 159 -6.60 -3.86 41.11
N ILE J 160 -6.83 -3.58 39.83
CA ILE J 160 -5.86 -2.83 39.06
C ILE J 160 -5.87 -1.39 39.60
N GLU J 161 -4.69 -0.77 39.66
CA GLU J 161 -4.53 0.60 40.19
C GLU J 161 -3.41 1.31 39.49
N VAL J 162 -3.44 2.66 39.53
CA VAL J 162 -2.34 3.49 39.03
C VAL J 162 -1.18 3.03 39.88
N GLY J 163 -0.01 2.76 39.28
CA GLY J 163 1.10 2.21 40.05
C GLY J 163 1.37 0.77 39.75
N ASP J 164 0.37 0.04 39.27
CA ASP J 164 0.56 -1.38 38.84
C ASP J 164 1.61 -1.51 37.77
N PHE J 165 2.37 -2.61 37.84
CA PHE J 165 3.41 -2.89 36.87
C PHE J 165 2.84 -3.61 35.70
N VAL J 166 3.39 -3.37 34.52
CA VAL J 166 2.96 -4.06 33.29
C VAL J 166 4.22 -4.57 32.58
N SER J 167 4.19 -5.84 32.20
CA SER J 167 5.34 -6.45 31.56
C SER J 167 4.89 -6.84 30.19
N PHE J 168 5.79 -6.91 29.22
CA PHE J 168 5.37 -7.32 27.86
C PHE J 168 5.78 -8.74 27.62
N ASP J 169 4.88 -9.49 26.97
CA ASP J 169 5.10 -10.91 26.71
C ASP J 169 6.33 -11.04 25.87
N PRO J 170 7.30 -11.85 26.34
CA PRO J 170 8.57 -11.81 25.66
C PRO J 170 8.59 -12.59 24.36
N ARG J 171 7.64 -13.48 24.13
CA ARG J 171 7.56 -14.19 22.85
C ARG J 171 8.89 -14.83 22.48
N VAL J 172 9.40 -15.62 23.40
CA VAL J 172 10.74 -16.17 23.32
C VAL J 172 10.73 -17.52 22.57
N GLN J 173 11.72 -17.72 21.69
CA GLN J 173 11.80 -18.94 20.90
C GLN J 173 13.25 -19.25 20.60
N ILE J 174 13.59 -20.54 20.78
CA ILE J 174 14.86 -21.15 20.45
C ILE J 174 14.61 -22.05 19.22
N THR J 175 15.39 -21.86 18.16
CA THR J 175 15.10 -22.49 16.87
C THR J 175 16.03 -23.68 16.56
N GLU J 176 15.51 -24.68 15.84
CA GLU J 176 16.34 -25.85 15.46
C GLU J 176 17.68 -25.40 14.92
N SER J 177 17.76 -24.14 14.52
CA SER J 177 18.94 -23.53 13.89
C SER J 177 19.93 -22.88 14.84
N GLY J 178 19.58 -22.83 16.12
CA GLY J 178 20.48 -22.25 17.10
C GLY J 178 20.17 -20.80 17.48
N TYR J 179 19.22 -20.15 16.82
CA TYR J 179 18.93 -18.82 17.28
C TYR J 179 18.06 -18.85 18.50
N ILE J 180 18.26 -17.84 19.34
CA ILE J 180 17.31 -17.51 20.40
C ILE J 180 16.73 -16.12 20.10
N LYS J 181 15.41 -16.02 20.00
CA LYS J 181 14.87 -14.74 19.71
C LYS J 181 13.72 -14.44 20.64
N SER J 182 13.71 -13.19 21.08
CA SER J 182 12.63 -12.66 21.90
C SER J 182 12.32 -11.23 21.47
N ARG J 183 11.47 -10.56 22.25
CA ARG J 183 11.64 -9.12 22.41
C ARG J 183 12.06 -8.74 23.82
N HIS J 184 12.92 -9.52 24.44
CA HIS J 184 13.53 -8.96 25.57
C HIS J 184 14.93 -9.28 25.37
N LEU J 185 15.36 -10.38 25.95
CA LEU J 185 16.77 -10.61 26.16
C LEU J 185 17.25 -9.36 26.89
N ASP J 186 18.26 -8.68 26.34
CA ASP J 186 18.94 -7.55 26.99
C ASP J 186 18.96 -7.74 28.47
N ASP J 187 19.60 -8.84 28.77
CA ASP J 187 20.62 -8.97 29.71
C ASP J 187 20.54 -10.19 30.51
N LYS J 188 19.41 -10.85 30.28
CA LYS J 188 19.16 -12.15 30.84
C LYS J 188 20.06 -13.20 30.20
N VAL J 189 20.42 -12.98 28.94
CA VAL J 189 21.47 -13.76 28.30
C VAL J 189 22.69 -13.65 29.21
N SER J 190 23.14 -12.44 29.49
CA SER J 190 24.33 -12.31 30.33
C SER J 190 24.10 -12.93 31.71
N VAL J 191 22.92 -12.70 32.27
CA VAL J 191 22.66 -13.23 33.62
C VAL J 191 22.91 -14.74 33.64
N ALA J 192 22.46 -15.45 32.60
CA ALA J 192 22.58 -16.91 32.58
C ALA J 192 24.01 -17.31 32.41
N ILE J 193 24.74 -16.50 31.65
CA ILE J 193 26.16 -16.73 31.51
C ILE J 193 26.83 -16.60 32.86
N LEU J 194 26.60 -15.51 33.59
CA LEU J 194 27.30 -15.39 34.90
C LEU J 194 26.92 -16.54 35.78
N LEU J 195 25.62 -16.79 35.89
CA LEU J 195 25.08 -17.89 36.69
C LEU J 195 25.79 -19.20 36.33
N LYS J 196 25.81 -19.58 35.05
CA LYS J 196 26.37 -20.88 34.64
C LYS J 196 27.86 -20.99 34.86
N LEU J 197 28.57 -19.89 34.65
CA LEU J 197 30.02 -19.83 34.90
C LEU J 197 30.37 -20.05 36.36
N ILE J 198 29.62 -19.41 37.25
CA ILE J 198 29.87 -19.54 38.66
C ILE J 198 29.74 -21.01 38.97
N LYS J 199 28.73 -21.67 38.39
CA LYS J 199 28.46 -23.06 38.71
C LYS J 199 29.64 -23.95 38.33
N ARG J 200 30.18 -23.74 37.13
CA ARG J 200 31.20 -24.62 36.59
C ARG J 200 32.51 -24.50 37.37
N LEU J 201 32.88 -23.27 37.76
CA LEU J 201 33.99 -23.09 38.69
C LEU J 201 33.87 -23.96 39.96
N GLN J 202 32.65 -24.19 40.47
CA GLN J 202 32.56 -25.04 41.68
C GLN J 202 32.41 -26.50 41.33
N ASP J 203 31.85 -26.78 40.15
CA ASP J 203 31.94 -28.11 39.58
C ASP J 203 33.42 -28.41 39.42
N GLU J 204 34.03 -27.83 38.40
CA GLU J 204 35.42 -28.11 38.05
C GLU J 204 36.52 -27.78 39.08
N ASN J 205 36.11 -27.25 40.23
CA ASN J 205 37.01 -26.87 41.34
C ASN J 205 38.41 -26.37 40.94
N VAL J 206 38.41 -25.37 40.07
CA VAL J 206 39.60 -24.57 39.79
C VAL J 206 39.54 -23.35 40.70
N THR J 207 40.65 -22.67 40.85
CA THR J 207 40.71 -21.64 41.85
C THR J 207 40.91 -20.31 41.14
N LEU J 208 39.98 -19.40 41.35
CA LEU J 208 40.11 -18.04 40.86
C LEU J 208 41.41 -17.47 41.47
N PRO J 209 42.24 -16.83 40.62
CA PRO J 209 43.37 -16.11 41.15
C PRO J 209 42.95 -14.97 42.08
N TYR J 210 41.73 -14.45 41.91
CA TYR J 210 41.24 -13.33 42.72
C TYR J 210 39.83 -13.53 43.25
N THR J 211 39.56 -12.97 44.42
CA THR J 211 38.20 -12.90 44.92
C THR J 211 37.41 -12.06 43.93
N THR J 212 36.40 -12.69 43.33
CA THR J 212 35.57 -12.00 42.39
C THR J 212 34.11 -12.03 42.79
N HIS J 213 33.47 -10.88 42.57
CA HIS J 213 32.09 -10.66 42.91
C HIS J 213 31.25 -10.73 41.63
N PHE J 214 30.08 -11.34 41.74
CA PHE J 214 29.18 -11.43 40.60
C PHE J 214 27.92 -10.72 40.97
N LEU J 215 27.76 -9.53 40.48
CA LEU J 215 26.65 -8.71 40.92
C LEU J 215 25.47 -8.91 40.00
N ILE J 216 24.36 -9.32 40.55
CA ILE J 216 23.20 -9.39 39.70
C ILE J 216 22.23 -8.22 39.99
N SER J 217 22.32 -7.16 39.19
CA SER J 217 21.62 -5.93 39.58
C SER J 217 20.20 -5.89 39.09
N ASN J 218 19.44 -4.96 39.64
CA ASN J 218 18.04 -4.85 39.29
C ASN J 218 17.56 -3.43 38.98
N ASN J 219 18.48 -2.54 38.61
CA ASN J 219 18.18 -1.13 38.43
C ASN J 219 18.92 -0.46 37.25
N GLU J 220 19.54 -1.26 36.39
CA GLU J 220 20.36 -0.71 35.28
C GLU J 220 19.60 -0.49 33.98
N GLU J 221 18.38 0.02 34.08
CA GLU J 221 17.66 0.52 32.90
C GLU J 221 17.06 1.85 33.35
N ILE J 222 17.19 2.08 34.66
CA ILE J 222 16.55 3.20 35.38
C ILE J 222 17.54 4.35 35.55
N ILE J 230 29.31 -2.48 46.44
CA ILE J 230 30.49 -3.04 45.77
C ILE J 230 31.83 -2.81 46.54
N PRO J 231 32.56 -3.90 46.90
CA PRO J 231 33.80 -3.82 47.72
C PRO J 231 34.79 -2.73 47.35
N GLU J 232 35.53 -2.28 48.34
CA GLU J 232 36.52 -1.21 48.19
C GLU J 232 37.81 -1.69 47.56
N GLU J 233 38.07 -2.99 47.62
CA GLU J 233 39.30 -3.52 47.06
C GLU J 233 39.13 -4.01 45.62
N THR J 234 37.95 -3.78 45.06
CA THR J 234 37.70 -4.06 43.65
C THR J 234 38.61 -3.23 42.72
N VAL J 235 39.32 -3.93 41.82
CA VAL J 235 40.31 -3.32 40.91
C VAL J 235 39.79 -3.14 39.49
N GLU J 236 39.04 -4.12 38.99
CA GLU J 236 38.47 -4.12 37.65
C GLU J 236 37.00 -4.44 37.69
N TYR J 237 36.22 -3.79 36.82
CA TYR J 237 34.76 -3.87 36.79
C TYR J 237 34.36 -4.31 35.38
N LEU J 238 33.92 -5.55 35.24
CA LEU J 238 33.45 -5.97 33.91
C LEU J 238 31.91 -6.06 33.87
N ALA J 239 31.31 -5.25 33.03
CA ALA J 239 29.88 -5.38 32.77
C ALA J 239 29.70 -6.37 31.65
N VAL J 240 28.76 -7.28 31.81
CA VAL J 240 28.31 -8.16 30.73
C VAL J 240 26.90 -7.77 30.24
N ASP J 241 26.80 -7.17 29.08
CA ASP J 241 25.58 -6.51 28.69
C ASP J 241 25.60 -6.35 27.20
N MSE J 242 24.46 -6.07 26.60
CA MSE J 242 24.44 -5.97 25.15
C MSE J 242 23.95 -4.63 24.69
O MSE J 242 22.92 -4.14 25.20
CB MSE J 242 23.58 -7.09 24.59
CG MSE J 242 24.01 -8.45 25.19
SE MSE J 242 22.74 -9.98 24.90
CE MSE J 242 21.39 -9.66 26.30
N GLY J 243 24.69 -4.04 23.75
CA GLY J 243 24.30 -2.78 23.07
C GLY J 243 23.99 -2.94 21.58
N ALA J 244 23.48 -1.86 20.95
CA ALA J 244 22.98 -1.85 19.54
C ALA J 244 24.05 -2.09 18.47
N ALA J 250 24.89 -2.89 11.37
CA ALA J 250 25.13 -4.18 10.73
C ALA J 250 25.70 -5.15 11.77
N SER J 251 24.85 -5.72 12.64
CA SER J 251 25.36 -6.44 13.85
C SER J 251 25.95 -7.85 13.60
N ASP J 252 26.63 -8.41 14.61
CA ASP J 252 27.15 -9.76 14.51
C ASP J 252 26.72 -10.66 15.63
N GLU J 253 25.80 -11.57 15.32
CA GLU J 253 25.31 -12.42 16.38
C GLU J 253 26.00 -13.77 16.48
N TYR J 254 27.27 -13.85 16.09
CA TYR J 254 28.05 -15.11 16.15
C TYR J 254 29.38 -14.92 16.87
N THR J 255 29.54 -13.78 17.53
CA THR J 255 30.82 -13.41 18.13
C THR J 255 30.55 -12.75 19.48
N VAL J 256 31.52 -12.81 20.38
CA VAL J 256 31.49 -11.96 21.55
C VAL J 256 31.80 -10.49 21.13
N SER J 257 31.02 -9.56 21.67
CA SER J 257 31.27 -8.17 21.40
C SER J 257 32.14 -7.64 22.53
N ILE J 258 33.20 -6.90 22.22
CA ILE J 258 34.01 -6.21 23.23
C ILE J 258 33.82 -4.71 23.04
N CYS J 259 33.39 -3.99 24.08
CA CYS J 259 33.08 -2.58 23.85
C CYS J 259 34.25 -1.62 24.01
N ALA J 260 34.53 -0.84 22.97
CA ALA J 260 35.65 0.08 23.02
C ALA J 260 35.17 1.38 23.63
N LYS J 261 33.93 1.77 23.34
CA LYS J 261 33.27 2.88 24.02
C LYS J 261 31.81 2.88 23.73
N ASP J 262 31.13 3.71 24.51
CA ASP J 262 29.69 3.87 24.42
C ASP J 262 29.42 5.34 24.74
N SER J 263 28.15 5.75 24.76
CA SER J 263 27.79 7.17 25.00
C SER J 263 28.49 7.77 26.19
N SER J 264 28.86 6.94 27.18
CA SER J 264 29.60 7.43 28.35
C SER J 264 31.07 7.74 28.04
N GLY J 265 31.60 7.20 26.95
CA GLY J 265 33.01 7.41 26.63
C GLY J 265 33.77 6.11 26.51
N PRO J 266 35.05 6.19 26.16
CA PRO J 266 35.93 5.02 26.06
C PRO J 266 36.00 4.16 27.34
N TYR J 267 36.01 2.85 27.15
CA TYR J 267 36.32 1.93 28.23
C TYR J 267 37.79 1.84 28.37
N HIS J 268 38.25 1.53 29.59
CA HIS J 268 39.69 1.41 29.90
C HIS J 268 40.43 0.77 28.72
N TYR J 269 41.45 1.46 28.22
CA TYR J 269 42.09 1.04 26.97
C TYR J 269 42.90 -0.20 27.24
N ALA J 270 43.66 -0.17 28.32
CA ALA J 270 44.52 -1.27 28.70
C ALA J 270 43.68 -2.53 28.86
N LEU J 271 42.70 -2.50 29.75
CA LEU J 271 41.82 -3.62 29.96
C LEU J 271 41.15 -4.20 28.66
N ARG J 272 40.63 -3.35 27.76
CA ARG J 272 40.01 -3.84 26.54
C ARG J 272 41.03 -4.58 25.66
N LYS J 273 42.18 -3.96 25.43
CA LYS J 273 43.32 -4.63 24.79
C LYS J 273 43.59 -6.01 25.41
N HIS J 274 43.48 -6.11 26.72
CA HIS J 274 43.63 -7.39 27.38
C HIS J 274 42.56 -8.42 26.96
N LEU J 275 41.30 -7.99 26.88
CA LEU J 275 40.20 -8.89 26.60
C LEU J 275 40.28 -9.39 25.18
N VAL J 276 40.84 -8.56 24.29
CA VAL J 276 41.04 -8.93 22.90
C VAL J 276 42.17 -9.92 22.82
N GLU J 277 43.26 -9.68 23.55
CA GLU J 277 44.37 -10.60 23.53
C GLU J 277 43.86 -11.92 24.06
N LEU J 278 43.06 -11.84 25.12
CA LEU J 278 42.49 -13.02 25.70
C LEU J 278 41.67 -13.84 24.70
N ALA J 279 40.94 -13.16 23.82
CA ALA J 279 40.14 -13.82 22.80
C ALA J 279 41.02 -14.47 21.76
N LYS J 280 42.01 -13.74 21.26
CA LYS J 280 42.91 -14.28 20.24
C LYS J 280 43.67 -15.46 20.78
N THR J 281 44.18 -15.27 22.00
CA THR J 281 44.89 -16.32 22.72
C THR J 281 44.05 -17.58 22.79
N ASN J 282 42.76 -17.44 23.09
CA ASN J 282 41.93 -18.58 23.27
C ASN J 282 41.08 -18.94 22.06
N HIS J 283 41.35 -18.32 20.92
CA HIS J 283 40.62 -18.61 19.70
C HIS J 283 39.10 -18.41 19.82
N ILE J 284 38.72 -17.36 20.54
CA ILE J 284 37.35 -16.92 20.60
C ILE J 284 37.13 -15.89 19.47
N GLU J 285 36.07 -16.14 18.71
CA GLU J 285 35.61 -15.26 17.65
C GLU J 285 35.01 -14.00 18.26
N TYR J 286 35.62 -12.86 17.97
CA TYR J 286 35.23 -11.63 18.65
C TYR J 286 35.11 -10.56 17.63
N LYS J 287 34.43 -9.48 18.01
CA LYS J 287 34.38 -8.25 17.23
C LYS J 287 34.58 -7.15 18.25
N VAL J 288 35.28 -6.08 17.88
CA VAL J 288 35.42 -4.91 18.76
C VAL J 288 34.42 -3.88 18.24
N ASP J 289 33.70 -3.22 19.13
CA ASP J 289 32.47 -2.48 18.76
C ASP J 289 32.33 -1.18 19.50
N ILE J 290 31.53 -0.28 18.94
CA ILE J 290 31.17 0.96 19.63
C ILE J 290 29.67 1.05 19.71
N TYR J 291 29.14 1.02 20.94
CA TYR J 291 27.71 1.16 21.18
C TYR J 291 27.37 2.63 21.31
N PRO J 292 26.86 3.25 20.24
CA PRO J 292 26.69 4.69 20.27
C PRO J 292 25.56 5.13 21.19
N TYR J 293 24.62 4.23 21.50
CA TYR J 293 23.50 4.58 22.42
C TYR J 293 23.53 3.85 23.78
N TYR J 294 24.60 3.12 24.10
CA TYR J 294 24.64 2.42 25.39
C TYR J 294 25.08 3.33 26.54
N GLY J 295 24.20 3.41 27.54
CA GLY J 295 24.55 3.80 28.88
C GLY J 295 25.04 2.53 29.56
N ARG J 303 28.63 3.54 38.19
CA ARG J 303 29.96 3.77 38.75
C ARG J 303 30.68 4.80 37.89
N ALA J 304 29.98 5.91 37.64
CA ALA J 304 30.56 7.07 37.01
C ALA J 304 31.87 7.40 37.72
N GLY J 305 31.82 7.49 39.07
CA GLY J 305 32.99 7.80 39.91
C GLY J 305 33.30 6.95 41.16
N PHE J 306 33.29 5.62 41.00
CA PHE J 306 34.05 4.71 41.88
C PHE J 306 35.39 4.42 41.16
N ASP J 307 36.49 4.27 41.93
CA ASP J 307 37.85 4.18 41.38
C ASP J 307 38.30 2.76 40.97
N VAL J 308 37.89 2.36 39.78
CA VAL J 308 37.98 0.97 39.32
C VAL J 308 38.28 0.98 37.82
N LYS J 309 38.85 -0.10 37.27
CA LYS J 309 39.05 -0.20 35.82
C LYS J 309 37.85 -0.87 35.21
N HIS J 310 37.19 -0.16 34.28
CA HIS J 310 35.92 -0.57 33.66
C HIS J 310 36.08 -1.27 32.31
N ALA J 311 35.24 -2.30 32.09
CA ALA J 311 35.13 -3.03 30.83
C ALA J 311 33.69 -3.40 30.54
N LEU J 312 33.40 -3.65 29.27
CA LEU J 312 32.06 -4.11 28.85
C LEU J 312 32.17 -5.07 27.71
N ILE J 313 31.64 -6.26 27.88
CA ILE J 313 31.51 -7.22 26.77
C ILE J 313 30.11 -7.76 26.82
N GLY J 314 29.63 -8.39 25.75
CA GLY J 314 28.42 -9.18 25.80
C GLY J 314 28.24 -9.94 24.51
N ALA J 315 27.33 -10.91 24.51
CA ALA J 315 26.92 -11.58 23.26
C ALA J 315 26.43 -10.57 22.22
N GLY J 316 26.55 -10.92 20.95
CA GLY J 316 26.07 -10.06 19.88
C GLY J 316 24.57 -10.15 19.77
N ILE J 317 23.88 -9.05 20.05
CA ILE J 317 22.41 -8.90 19.92
C ILE J 317 22.04 -8.34 18.56
N ASP J 318 21.03 -8.88 17.88
CA ASP J 318 20.48 -8.13 16.77
C ASP J 318 19.27 -7.32 17.23
N SER J 319 19.17 -6.10 16.66
CA SER J 319 18.12 -5.08 16.91
C SER J 319 17.62 -5.00 18.38
N SER J 320 18.48 -4.48 19.26
CA SER J 320 18.07 -4.17 20.64
C SER J 320 16.88 -3.18 20.74
N PHE J 323 12.92 -5.94 18.88
CA PHE J 323 12.87 -7.40 18.68
C PHE J 323 14.28 -7.92 18.44
N GLU J 324 14.70 -8.86 19.30
CA GLU J 324 16.11 -9.15 19.54
C GLU J 324 16.46 -10.59 19.22
N ARG J 325 17.64 -10.79 18.68
CA ARG J 325 18.01 -12.14 18.39
C ARG J 325 19.48 -12.32 18.58
N THR J 326 19.88 -13.52 18.99
CA THR J 326 21.26 -13.88 18.90
C THR J 326 21.38 -15.36 18.56
N HIS J 327 22.50 -15.74 17.96
CA HIS J 327 22.84 -17.15 17.76
C HIS J 327 23.64 -17.80 18.93
N GLU J 328 23.48 -19.12 19.13
CA GLU J 328 24.14 -19.79 20.27
C GLU J 328 25.67 -19.71 20.18
N SER J 329 26.21 -19.74 18.98
CA SER J 329 27.66 -19.60 18.82
C SER J 329 28.21 -18.34 19.52
N SER J 330 27.43 -17.27 19.55
CA SER J 330 27.91 -16.03 20.14
C SER J 330 27.84 -16.11 21.65
N ILE J 331 26.95 -16.98 22.14
CA ILE J 331 26.82 -17.24 23.57
C ILE J 331 28.02 -18.08 24.03
N ALA J 332 28.34 -19.12 23.25
CA ALA J 332 29.50 -19.94 23.50
C ALA J 332 30.79 -19.08 23.51
N HIS J 333 30.89 -18.17 22.55
CA HIS J 333 32.05 -17.30 22.51
C HIS J 333 32.08 -16.39 23.71
N THR J 334 30.94 -15.81 24.04
CA THR J 334 30.87 -15.03 25.29
C THR J 334 31.20 -15.85 26.55
N GLU J 335 30.74 -17.10 26.58
CA GLU J 335 30.94 -17.90 27.77
C GLU J 335 32.44 -18.17 27.91
N ALA J 336 33.08 -18.58 26.82
CA ALA J 336 34.52 -18.81 26.85
C ALA J 336 35.32 -17.56 27.23
N LEU J 337 34.88 -16.38 26.81
CA LEU J 337 35.60 -15.15 27.16
C LEU J 337 35.54 -14.70 28.64
N VAL J 338 34.38 -14.76 29.29
CA VAL J 338 34.34 -14.32 30.67
C VAL J 338 35.15 -15.29 31.50
N TYR J 339 35.04 -16.58 31.16
CA TYR J 339 35.87 -17.58 31.81
C TYR J 339 37.36 -17.22 31.72
N ALA J 340 37.87 -17.01 30.51
CA ALA J 340 39.29 -16.74 30.41
C ALA J 340 39.59 -15.44 31.15
N TYR J 341 38.66 -14.49 31.09
CA TYR J 341 38.90 -13.21 31.73
C TYR J 341 39.07 -13.46 33.21
N VAL J 342 38.17 -14.28 33.70
CA VAL J 342 38.04 -14.48 35.12
C VAL J 342 39.30 -15.16 35.65
N MSE J 343 39.90 -16.00 34.81
CA MSE J 343 41.14 -16.72 35.13
C MSE J 343 42.41 -15.93 34.82
O MSE J 343 43.49 -16.43 35.04
CB MSE J 343 41.20 -18.05 34.37
CG MSE J 343 40.19 -19.09 34.81
SE MSE J 343 40.39 -19.45 36.72
CE MSE J 343 39.16 -20.95 36.85
N SER J 344 42.29 -14.70 34.33
CA SER J 344 43.43 -13.92 33.89
C SER J 344 44.13 -13.21 35.07
N ASN J 345 45.22 -12.50 34.80
CA ASN J 345 45.80 -11.63 35.81
C ASN J 345 45.48 -10.16 35.57
N LEU J 346 45.31 -9.38 36.64
CA LEU J 346 45.19 -7.92 36.51
C LEU J 346 46.28 -7.26 35.62
N ILE J 347 46.05 -6.06 35.10
CA ILE J 347 47.12 -5.40 34.32
C ILE J 347 48.02 -4.51 35.19
N GLU J 348 49.32 -4.43 34.87
CA GLU J 348 50.23 -3.61 35.67
C GLU J 348 49.86 -2.14 35.54
N HIS K 3 -5.54 24.12 63.63
CA HIS K 3 -4.84 24.23 64.95
C HIS K 3 -3.31 24.03 64.80
N HIS K 4 -2.92 22.75 64.64
CA HIS K 4 -1.59 22.35 64.26
C HIS K 4 -1.34 22.78 62.83
N THR K 5 -2.35 22.56 61.97
CA THR K 5 -2.23 22.78 60.51
C THR K 5 -2.03 24.26 60.18
N LYS K 6 -2.97 25.10 60.60
CA LYS K 6 -2.78 26.55 60.75
C LYS K 6 -1.31 26.93 61.05
N GLU K 7 -0.75 26.31 62.07
CA GLU K 7 0.56 26.69 62.55
C GLU K 7 1.68 26.21 61.62
N THR K 8 1.49 25.03 61.02
CA THR K 8 2.40 24.52 60.01
C THR K 8 2.43 25.48 58.81
N MSE K 9 1.26 26.00 58.46
CA MSE K 9 1.14 27.00 57.43
C MSE K 9 1.72 28.32 57.82
O MSE K 9 2.18 29.05 56.96
CB MSE K 9 -0.27 27.13 56.96
CG MSE K 9 -0.52 26.14 55.91
SE MSE K 9 -2.38 26.05 55.44
CE MSE K 9 -2.58 27.09 53.82
N GLU K 10 1.73 28.64 59.12
CA GLU K 10 2.36 29.88 59.54
C GLU K 10 3.85 29.79 59.22
N LEU K 11 4.43 28.63 59.54
CA LEU K 11 5.83 28.38 59.22
C LEU K 11 6.15 28.37 57.71
N ILE K 12 5.28 27.75 56.91
CA ILE K 12 5.47 27.76 55.43
C ILE K 12 5.63 29.21 54.95
N LYS K 13 4.79 30.10 55.46
CA LYS K 13 4.81 31.49 55.09
C LYS K 13 6.06 32.24 55.62
N GLU K 14 6.60 31.81 56.76
CA GLU K 14 7.86 32.36 57.24
C GLU K 14 8.99 31.94 56.28
N LEU K 15 9.13 30.63 56.06
CA LEU K 15 10.20 30.09 55.18
C LEU K 15 10.10 30.66 53.78
N VAL K 16 8.91 30.57 53.16
CA VAL K 16 8.69 31.08 51.82
C VAL K 16 9.08 32.58 51.72
N SER K 17 8.97 33.31 52.83
CA SER K 17 9.27 34.77 52.90
C SER K 17 10.75 35.08 53.05
N ILE K 18 11.61 34.06 53.13
CA ILE K 18 13.04 34.28 53.25
C ILE K 18 13.65 33.71 51.97
N PRO K 19 14.13 34.59 51.08
CA PRO K 19 14.71 34.18 49.81
C PRO K 19 15.80 33.12 49.97
N SER K 20 15.79 32.10 49.14
CA SER K 20 16.83 31.10 49.23
C SER K 20 16.92 30.38 47.92
N PRO K 21 17.21 31.11 46.83
CA PRO K 21 17.43 30.39 45.59
C PRO K 21 18.70 29.50 45.75
N SER K 22 18.79 28.39 45.02
CA SER K 22 19.97 27.49 45.15
C SER K 22 21.24 28.28 44.96
N GLY K 23 22.18 28.05 45.87
CA GLY K 23 23.51 28.62 45.76
C GLY K 23 23.57 29.74 46.75
N ASN K 24 22.41 30.13 47.26
CA ASN K 24 22.38 31.22 48.23
C ASN K 24 21.39 30.98 49.35
N THR K 25 21.62 29.93 50.12
CA THR K 25 20.67 29.55 51.14
C THR K 25 21.09 29.80 52.61
N ALA K 26 22.18 30.51 52.82
CA ALA K 26 22.69 30.67 54.14
C ALA K 26 21.81 31.46 55.13
N LYS K 27 21.06 32.44 54.66
CA LYS K 27 20.07 33.10 55.49
C LYS K 27 19.10 32.05 56.06
N ILE K 28 18.52 31.25 55.17
CA ILE K 28 17.40 30.40 55.56
C ILE K 28 17.91 29.25 56.41
N ILE K 29 19.12 28.77 56.11
CA ILE K 29 19.72 27.72 56.91
C ILE K 29 19.96 28.27 58.29
N ASN K 30 20.57 29.44 58.37
CA ASN K 30 20.70 30.07 59.68
C ASN K 30 19.37 30.15 60.40
N PHE K 31 18.31 30.52 59.67
CA PHE K 31 16.98 30.60 60.23
C PHE K 31 16.52 29.26 60.82
N ILE K 32 16.78 28.15 60.13
CA ILE K 32 16.36 26.85 60.67
C ILE K 32 17.26 26.52 61.86
N GLU K 33 18.57 26.71 61.73
CA GLU K 33 19.49 26.59 62.87
C GLU K 33 18.91 27.25 64.12
N ASN K 34 18.66 28.55 64.09
CA ASN K 34 18.15 29.19 65.29
C ASN K 34 16.79 28.65 65.75
N TYR K 35 15.91 28.36 64.81
CA TYR K 35 14.54 27.89 65.08
C TYR K 35 14.51 26.60 65.88
N VAL K 36 15.54 25.76 65.74
CA VAL K 36 15.63 24.46 66.44
C VAL K 36 16.72 24.42 67.53
N SER K 37 17.32 25.58 67.79
CA SER K 37 18.47 25.70 68.69
C SER K 37 18.23 25.07 70.06
N GLU K 38 16.98 25.17 70.52
CA GLU K 38 16.57 24.74 71.87
C GLU K 38 15.96 23.33 71.88
N TRP K 39 15.70 22.77 70.72
CA TRP K 39 15.06 21.47 70.66
C TRP K 39 16.01 20.37 71.08
N ASN K 40 15.45 19.31 71.60
CA ASN K 40 16.21 18.11 71.97
C ASN K 40 17.20 17.54 70.94
N VAL K 41 16.91 17.88 69.70
CA VAL K 41 17.35 17.23 68.49
C VAL K 41 18.76 17.59 68.04
N GLU K 42 19.51 16.60 67.57
CA GLU K 42 20.87 16.85 67.11
C GLU K 42 20.88 17.53 65.75
N THR K 43 21.65 18.60 65.69
CA THR K 43 21.72 19.48 64.55
C THR K 43 23.14 19.42 64.11
N LYS K 44 23.36 19.06 62.86
CA LYS K 44 24.71 19.15 62.34
C LYS K 44 24.65 19.67 60.91
N ARG K 45 25.64 20.49 60.56
CA ARG K 45 25.69 21.24 59.31
C ARG K 45 26.91 20.86 58.47
N ASN K 46 26.71 20.17 57.37
CA ASN K 46 27.79 19.74 56.48
C ASN K 46 28.52 20.90 55.75
N ASN K 47 29.50 20.59 54.90
CA ASN K 47 30.32 21.62 54.26
C ASN K 47 29.57 22.36 53.20
N LYS K 48 28.65 21.68 52.55
CA LYS K 48 27.85 22.29 51.51
C LYS K 48 26.84 23.32 52.07
N GLY K 49 26.68 23.37 53.40
CA GLY K 49 25.71 24.25 54.04
C GLY K 49 24.33 23.70 54.33
N ALA K 50 24.11 22.41 54.13
CA ALA K 50 22.88 21.70 54.52
C ALA K 50 22.87 21.27 56.02
N LEU K 51 21.69 20.89 56.51
CA LEU K 51 21.50 20.56 57.93
C LEU K 51 21.04 19.11 58.07
N ILE K 52 21.60 18.36 58.99
CA ILE K 52 21.06 17.02 59.22
C ILE K 52 20.57 17.09 60.65
N LEU K 53 19.30 16.82 60.82
CA LEU K 53 18.72 16.85 62.16
C LEU K 53 18.42 15.40 62.52
N THR K 54 19.00 14.88 63.60
CA THR K 54 18.88 13.47 63.91
C THR K 54 18.16 13.24 65.22
N VAL K 55 17.07 12.49 65.17
CA VAL K 55 16.55 11.88 66.40
C VAL K 55 17.08 10.43 66.56
N LYS K 56 17.71 10.12 67.67
CA LYS K 56 18.06 8.73 67.95
C LYS K 56 16.78 7.95 68.33
N GLY K 57 16.61 6.75 67.75
CA GLY K 57 15.54 5.79 68.12
C GLY K 57 16.03 4.51 68.79
N LYS K 58 15.13 3.59 69.16
CA LYS K 58 15.53 2.36 69.84
C LYS K 58 16.54 1.60 69.04
N ASN K 59 16.24 1.39 67.78
CA ASN K 59 17.20 0.73 66.96
C ASN K 59 18.12 1.77 66.36
N ASP K 60 19.37 1.83 66.83
CA ASP K 60 20.32 2.73 66.22
C ASP K 60 21.27 2.01 65.24
N ALA K 61 20.90 0.78 64.89
CA ALA K 61 21.75 -0.06 64.07
C ALA K 61 21.36 0.12 62.62
N GLN K 62 20.07 0.38 62.40
CA GLN K 62 19.47 0.70 61.09
C GLN K 62 18.62 1.95 61.11
N HIS K 63 18.84 2.79 60.09
CA HIS K 63 18.36 4.16 60.12
C HIS K 63 17.40 4.40 59.01
N ARG K 64 16.54 5.37 59.29
CA ARG K 64 15.58 5.86 58.36
C ARG K 64 16.06 7.31 58.09
N LEU K 65 15.85 7.82 56.87
CA LEU K 65 16.20 9.23 56.54
C LEU K 65 15.07 9.91 55.78
N LEU K 66 14.50 10.97 56.33
CA LEU K 66 13.55 11.79 55.59
C LEU K 66 14.24 13.06 55.07
N THR K 67 13.84 13.55 53.91
CA THR K 67 14.52 14.73 53.32
C THR K 67 13.54 15.72 52.68
N ALA K 68 13.78 17.01 52.88
CA ALA K 68 13.12 18.09 52.15
C ALA K 68 14.18 19.17 51.82
N HIS K 69 14.04 19.89 50.68
CA HIS K 69 14.95 21.00 50.35
C HIS K 69 14.41 22.45 50.57
N VAL K 70 15.23 23.35 51.11
CA VAL K 70 14.89 24.78 51.21
C VAL K 70 15.36 25.65 50.05
N ASP K 71 16.18 25.12 49.15
CA ASP K 71 16.54 25.90 47.98
C ASP K 71 15.39 25.94 47.02
N THR K 72 15.34 27.03 46.25
CA THR K 72 14.24 27.36 45.35
C THR K 72 14.76 27.74 43.94
N LEU K 73 13.83 27.84 42.98
CA LEU K 73 14.05 28.54 41.72
C LEU K 73 14.48 29.97 41.98
N GLY K 74 15.33 30.49 41.10
CA GLY K 74 15.77 31.88 41.08
C GLY K 74 16.54 32.15 39.79
N ALA K 75 17.21 33.29 39.77
CA ALA K 75 18.14 33.60 38.70
C ALA K 75 19.42 34.22 39.29
N MSE K 76 20.37 34.40 38.39
CA MSE K 76 21.60 35.11 38.64
C MSE K 76 21.87 36.13 37.54
O MSE K 76 21.55 35.90 36.36
CB MSE K 76 22.71 34.10 38.69
CG MSE K 76 24.09 34.68 38.90
SE MSE K 76 25.36 33.19 39.20
CE MSE K 76 24.78 32.66 41.01
N VAL K 77 22.46 37.27 37.93
CA VAL K 77 22.95 38.27 36.96
C VAL K 77 24.01 37.65 36.07
N LYS K 78 23.84 37.80 34.77
CA LYS K 78 24.76 37.16 33.83
C LYS K 78 25.41 38.20 32.91
N GLU K 79 24.76 39.37 32.86
CA GLU K 79 25.30 40.51 32.15
C GLU K 79 24.61 41.84 32.48
N ILE K 80 25.43 42.88 32.56
CA ILE K 80 24.90 44.22 32.74
C ILE K 80 24.89 44.91 31.41
N LYS K 81 23.69 45.14 30.90
CA LYS K 81 23.50 45.64 29.57
C LYS K 81 23.74 47.14 29.57
N PRO K 82 24.13 47.72 28.40
CA PRO K 82 24.51 49.13 28.31
C PRO K 82 23.45 50.09 28.86
N ASP K 83 22.19 49.73 28.75
CA ASP K 83 21.10 50.56 29.21
C ASP K 83 20.82 50.43 30.71
N GLY K 84 21.58 49.58 31.41
CA GLY K 84 21.39 49.45 32.84
C GLY K 84 20.48 48.32 33.26
N ARG K 85 19.74 47.75 32.33
CA ARG K 85 18.92 46.55 32.55
C ARG K 85 19.81 45.28 32.63
N LEU K 86 19.52 44.40 33.60
CA LEU K 86 20.25 43.15 33.79
C LEU K 86 19.83 42.01 32.90
N SER K 87 20.81 41.22 32.47
CA SER K 87 20.60 39.95 31.76
C SER K 87 20.51 38.86 32.84
N LEU K 88 19.85 37.74 32.56
CA LEU K 88 19.77 36.70 33.59
C LEU K 88 20.12 35.28 33.20
N SER K 89 20.64 34.56 34.19
CA SER K 89 20.82 33.13 34.06
C SER K 89 19.94 32.39 35.07
N MSE K 90 19.21 31.40 34.57
CA MSE K 90 18.19 30.66 35.30
C MSE K 90 18.79 29.79 36.38
O MSE K 90 19.78 29.11 36.17
CB MSE K 90 17.38 29.83 34.27
CG MSE K 90 16.47 28.74 34.79
SE MSE K 90 15.21 27.87 33.47
CE MSE K 90 14.15 29.42 32.92
N ILE K 91 18.18 29.82 37.56
CA ILE K 91 18.55 28.86 38.61
C ILE K 91 17.43 27.89 38.77
N GLY K 92 17.69 26.62 38.50
CA GLY K 92 16.65 25.59 38.61
C GLY K 92 16.04 25.40 37.26
N GLY K 93 14.92 24.68 37.20
CA GLY K 93 14.30 24.31 35.92
C GLY K 93 12.88 24.82 35.86
N PHE K 94 12.64 25.81 35.01
CA PHE K 94 11.29 26.32 34.75
C PHE K 94 11.22 26.92 33.35
N ARG K 95 10.05 27.44 32.97
CA ARG K 95 9.94 28.25 31.75
C ARG K 95 10.06 29.69 32.19
N TRP K 96 10.91 30.43 31.49
CA TRP K 96 11.04 31.87 31.65
C TRP K 96 9.68 32.58 31.55
N ASN K 97 8.76 32.01 30.78
CA ASN K 97 7.42 32.53 30.58
C ASN K 97 6.77 32.79 31.92
N SER K 98 6.90 31.82 32.82
CA SER K 98 6.23 31.85 34.10
C SER K 98 6.73 32.92 35.09
N VAL K 99 7.68 33.77 34.69
CA VAL K 99 8.08 34.90 35.53
C VAL K 99 8.00 36.25 34.81
N GLU K 100 7.33 36.26 33.67
CA GLU K 100 6.88 37.48 33.04
C GLU K 100 6.28 38.36 34.14
N GLY K 101 6.87 39.55 34.30
CA GLY K 101 6.26 40.62 35.10
C GLY K 101 6.40 40.49 36.60
N GLU K 102 7.25 39.57 37.00
CA GLU K 102 7.36 39.23 38.39
C GLU K 102 8.34 40.20 39.07
N TYR K 103 8.00 40.67 40.27
CA TYR K 103 8.89 41.58 41.00
C TYR K 103 10.03 40.74 41.50
N CYS K 104 11.23 41.25 41.39
CA CYS K 104 12.32 40.43 41.85
C CYS K 104 13.11 41.14 42.89
N GLU K 105 14.16 40.50 43.36
CA GLU K 105 15.05 41.15 44.30
C GLU K 105 16.47 40.80 43.97
N ILE K 106 17.33 41.81 43.93
CA ILE K 106 18.75 41.65 43.67
C ILE K 106 19.53 41.81 44.94
N GLU K 107 20.40 40.84 45.25
CA GLU K 107 21.32 40.99 46.40
C GLU K 107 22.80 41.16 45.95
N THR K 108 23.50 42.06 46.62
CA THR K 108 24.89 42.41 46.38
C THR K 108 25.83 41.52 47.18
N SER K 109 27.08 41.39 46.74
CA SER K 109 28.17 40.86 47.58
C SER K 109 28.21 41.47 49.00
N SER K 110 27.96 42.77 49.08
CA SER K 110 28.01 43.49 50.34
C SER K 110 26.65 43.40 51.07
N GLY K 111 25.77 42.51 50.59
CA GLY K 111 24.52 42.14 51.31
C GLY K 111 23.39 43.14 51.13
N LYS K 112 23.67 44.20 50.39
CA LYS K 112 22.64 45.16 50.04
C LYS K 112 21.72 44.60 48.99
N THR K 113 20.48 45.04 49.07
CA THR K 113 19.41 44.46 48.32
C THR K 113 18.89 45.57 47.43
N TYR K 114 18.30 45.20 46.30
CA TYR K 114 17.59 46.12 45.44
C TYR K 114 16.44 45.36 44.73
N THR K 115 15.35 46.07 44.41
CA THR K 115 14.17 45.48 43.83
C THR K 115 14.21 45.70 42.34
N GLY K 116 13.33 44.99 41.60
CA GLY K 116 13.42 44.90 40.17
C GLY K 116 12.12 44.38 39.61
N THR K 117 12.06 44.24 38.29
CA THR K 117 10.95 43.58 37.65
C THR K 117 11.49 42.77 36.47
N ILE K 118 10.96 41.57 36.35
CA ILE K 118 11.37 40.69 35.27
C ILE K 118 10.52 40.96 34.05
N LEU K 119 11.17 41.26 32.94
CA LEU K 119 10.41 41.47 31.72
C LEU K 119 11.14 40.89 30.54
N MSE K 120 10.43 40.80 29.42
CA MSE K 120 11.05 40.63 28.10
C MSE K 120 10.77 41.81 27.16
O MSE K 120 11.11 42.97 27.47
CB MSE K 120 10.58 39.33 27.49
CG MSE K 120 10.66 38.14 28.50
SE MSE K 120 9.77 36.46 27.88
CE MSE K 120 10.30 36.44 25.93
N ASN K 140 15.65 37.28 24.45
CA ASN K 140 16.13 37.02 25.79
C ASN K 140 15.32 37.89 26.75
N ILE K 141 15.57 37.72 28.06
CA ILE K 141 14.74 38.25 29.14
C ILE K 141 15.59 39.05 30.18
N GLU K 142 14.98 39.99 30.90
CA GLU K 142 15.74 40.99 31.70
C GLU K 142 15.09 41.47 33.00
N VAL K 143 15.87 42.21 33.81
CA VAL K 143 15.38 42.97 34.96
C VAL K 143 15.39 44.47 34.77
N ARG K 144 14.24 45.12 34.90
CA ARG K 144 14.22 46.57 35.02
C ARG K 144 14.27 46.94 36.51
N ILE K 145 15.41 47.50 36.91
CA ILE K 145 15.76 47.82 38.31
C ILE K 145 15.04 49.07 38.79
N ASP K 146 14.62 49.06 40.04
CA ASP K 146 13.93 50.20 40.66
C ASP K 146 14.87 51.23 41.20
N GLU K 147 15.81 51.59 40.33
CA GLU K 147 16.84 52.54 40.67
C GLU K 147 17.12 53.30 39.37
N ARG K 148 17.22 54.62 39.48
CA ARG K 148 17.50 55.50 38.33
C ARG K 148 18.89 55.32 37.76
N VAL K 149 19.14 54.17 37.17
CA VAL K 149 20.41 53.95 36.50
C VAL K 149 20.17 53.97 35.00
N PHE K 150 21.23 54.04 34.20
CA PHE K 150 21.06 54.18 32.75
C PHE K 150 22.21 53.58 31.97
N SER K 151 23.13 52.94 32.67
CA SER K 151 24.37 52.44 32.09
C SER K 151 24.98 51.39 33.01
N ALA K 152 25.61 50.41 32.39
CA ALA K 152 26.40 49.42 33.09
C ALA K 152 27.13 50.11 34.22
N ASP K 153 27.90 51.10 33.85
CA ASP K 153 28.70 51.84 34.78
C ASP K 153 28.01 52.29 36.07
N GLU K 154 26.84 52.93 35.91
CA GLU K 154 26.03 53.40 37.05
C GLU K 154 25.45 52.25 37.89
N VAL K 155 25.22 51.12 37.23
CA VAL K 155 24.71 49.91 37.89
C VAL K 155 25.74 49.31 38.84
N ARG K 156 26.96 49.15 38.35
CA ARG K 156 28.06 48.63 39.17
C ARG K 156 28.27 49.53 40.37
N GLU K 157 27.93 50.81 40.23
CA GLU K 157 28.07 51.78 41.31
C GLU K 157 27.07 51.55 42.46
N LEU K 158 25.92 50.96 42.15
CA LEU K 158 25.00 50.47 43.17
C LEU K 158 25.58 49.29 43.96
N GLY K 159 26.61 48.63 43.42
CA GLY K 159 27.09 47.37 43.94
C GLY K 159 26.66 46.10 43.20
N ILE K 160 25.77 46.25 42.19
CA ILE K 160 25.35 45.12 41.38
C ILE K 160 26.53 44.72 40.49
N GLU K 161 26.69 43.41 40.29
CA GLU K 161 27.78 42.86 39.52
C GLU K 161 27.30 41.53 38.94
N VAL K 162 27.85 41.07 37.81
CA VAL K 162 27.54 39.70 37.32
C VAL K 162 27.86 38.67 38.39
N GLY K 163 26.91 37.79 38.69
CA GLY K 163 27.05 36.82 39.78
C GLY K 163 26.11 37.03 40.99
N ASP K 164 25.41 38.15 41.03
CA ASP K 164 24.43 38.36 42.09
C ASP K 164 23.20 37.47 41.96
N PHE K 165 22.58 37.20 43.09
CA PHE K 165 21.45 36.31 43.10
C PHE K 165 20.18 37.12 43.03
N VAL K 166 19.30 36.70 42.14
CA VAL K 166 18.06 37.36 41.96
C VAL K 166 17.03 36.40 42.47
N SER K 167 16.16 36.88 43.34
CA SER K 167 15.05 36.05 43.87
C SER K 167 13.70 36.57 43.40
N PHE K 168 12.71 35.69 43.30
CA PHE K 168 11.39 36.07 42.84
C PHE K 168 10.43 36.31 44.00
N ASP K 169 9.69 37.43 43.92
CA ASP K 169 8.83 37.79 45.05
C ASP K 169 7.83 36.64 45.15
N PRO K 170 7.71 36.04 46.32
CA PRO K 170 6.95 34.80 46.29
C PRO K 170 5.42 34.98 46.23
N ARG K 171 4.94 36.21 46.42
CA ARG K 171 3.50 36.47 46.61
C ARG K 171 2.68 35.39 47.35
N VAL K 172 3.19 34.88 48.47
CA VAL K 172 2.49 33.83 49.25
C VAL K 172 1.28 34.43 49.92
N GLN K 173 0.22 33.62 50.07
CA GLN K 173 -1.06 34.10 50.53
C GLN K 173 -1.86 32.94 51.12
N ILE K 174 -2.39 33.13 52.34
CA ILE K 174 -3.19 32.10 53.00
C ILE K 174 -4.63 32.58 53.00
N THR K 175 -5.54 31.79 52.43
CA THR K 175 -6.93 32.22 52.26
C THR K 175 -7.78 31.75 53.40
N GLU K 176 -8.71 32.59 53.83
CA GLU K 176 -9.62 32.17 54.89
C GLU K 176 -10.51 31.18 54.17
N SER K 177 -10.19 29.90 54.27
CA SER K 177 -10.58 28.91 53.23
C SER K 177 -9.64 27.73 53.10
N GLY K 178 -8.43 27.93 53.60
CA GLY K 178 -7.49 26.90 53.74
C GLY K 178 -6.51 26.74 52.62
N TYR K 179 -6.47 27.61 51.63
CA TYR K 179 -5.40 27.46 50.64
C TYR K 179 -4.18 28.34 51.01
N ILE K 180 -2.98 27.82 50.74
CA ILE K 180 -1.78 28.63 50.62
C ILE K 180 -1.37 28.64 49.13
N LYS K 181 -1.34 29.81 48.52
CA LYS K 181 -0.81 29.88 47.16
C LYS K 181 0.40 30.78 47.09
N SER K 182 1.43 30.31 46.39
CA SER K 182 2.56 31.13 45.99
C SER K 182 2.62 31.17 44.45
N ARG K 183 3.58 31.94 43.93
CA ARG K 183 4.30 31.57 42.69
C ARG K 183 5.70 31.12 43.16
N HIS K 184 5.73 30.09 44.00
CA HIS K 184 6.97 29.77 44.60
C HIS K 184 6.80 29.07 45.91
N LEU K 185 6.23 27.87 45.94
CA LEU K 185 6.30 27.10 47.18
C LEU K 185 7.62 26.39 47.16
N ASP K 186 7.96 25.79 46.03
CA ASP K 186 9.16 24.97 45.90
C ASP K 186 8.90 23.88 46.86
N ASP K 187 9.83 23.58 47.74
CA ASP K 187 9.58 22.49 48.67
C ASP K 187 9.50 22.90 50.15
N LYS K 188 9.40 24.21 50.38
CA LYS K 188 9.25 24.78 51.73
C LYS K 188 7.99 24.33 52.48
N VAL K 189 6.99 23.88 51.77
CA VAL K 189 5.88 23.21 52.41
C VAL K 189 6.39 22.00 53.22
N SER K 190 7.16 21.12 52.59
CA SER K 190 7.57 19.91 53.28
C SER K 190 8.54 20.33 54.35
N VAL K 191 9.48 21.20 54.03
CA VAL K 191 10.42 21.62 55.04
C VAL K 191 9.65 21.92 56.28
N ALA K 192 8.53 22.64 56.17
CA ALA K 192 7.77 22.95 57.39
C ALA K 192 7.27 21.66 58.05
N ILE K 193 6.73 20.71 57.23
CA ILE K 193 6.30 19.38 57.70
C ILE K 193 7.40 18.72 58.54
N LEU K 194 8.58 18.52 57.97
CA LEU K 194 9.59 17.80 58.71
C LEU K 194 9.93 18.49 60.04
N LEU K 195 9.98 19.83 59.99
CA LEU K 195 10.28 20.59 61.19
C LEU K 195 9.23 20.30 62.23
N LYS K 196 7.96 20.32 61.85
CA LYS K 196 6.89 20.20 62.85
C LYS K 196 6.76 18.81 63.36
N LEU K 197 7.17 17.83 62.57
CA LEU K 197 7.22 16.46 63.01
C LEU K 197 8.30 16.24 64.10
N ILE K 198 9.47 16.88 63.95
CA ILE K 198 10.55 16.77 64.93
C ILE K 198 9.94 17.25 66.23
N LYS K 199 9.39 18.46 66.19
CA LYS K 199 8.84 19.07 67.40
C LYS K 199 7.77 18.18 68.02
N ARG K 200 6.95 17.56 67.17
CA ARG K 200 5.86 16.72 67.63
C ARG K 200 6.38 15.52 68.46
N LEU K 201 7.42 14.85 67.94
CA LEU K 201 8.07 13.76 68.68
C LEU K 201 8.61 14.24 70.00
N GLN K 202 9.14 15.45 70.03
CA GLN K 202 9.65 15.97 71.28
C GLN K 202 8.50 16.28 72.25
N ASP K 203 7.46 16.97 71.80
CA ASP K 203 6.38 17.38 72.68
C ASP K 203 5.60 16.20 73.24
N GLU K 204 5.34 15.19 72.40
CA GLU K 204 4.59 13.99 72.79
C GLU K 204 5.48 12.97 73.43
N ASN K 205 6.78 13.22 73.42
CA ASN K 205 7.66 12.32 74.11
C ASN K 205 7.67 10.88 73.62
N VAL K 206 7.46 10.69 72.33
CA VAL K 206 7.56 9.35 71.79
C VAL K 206 8.99 9.02 71.47
N THR K 207 9.29 7.73 71.48
CA THR K 207 10.56 7.32 70.96
C THR K 207 10.37 6.71 69.58
N LEU K 208 11.21 7.07 68.65
CA LEU K 208 11.15 6.47 67.33
C LEU K 208 11.67 5.05 67.36
N PRO K 209 11.10 4.16 66.53
CA PRO K 209 11.72 2.85 66.52
C PRO K 209 13.11 2.81 65.84
N TYR K 210 13.43 3.73 64.94
CA TYR K 210 14.78 3.78 64.35
C TYR K 210 15.38 5.19 64.43
N THR K 211 16.72 5.26 64.49
CA THR K 211 17.38 6.53 64.42
C THR K 211 16.97 7.02 63.07
N THR K 212 16.58 8.29 63.05
CA THR K 212 15.99 8.92 61.86
C THR K 212 16.64 10.28 61.62
N HIS K 213 17.08 10.48 60.38
CA HIS K 213 17.73 11.70 60.01
C HIS K 213 16.81 12.54 59.15
N PHE K 214 16.72 13.83 59.44
CA PHE K 214 15.93 14.69 58.61
C PHE K 214 16.90 15.65 57.96
N LEU K 215 17.09 15.42 56.67
CA LEU K 215 18.02 16.13 55.90
C LEU K 215 17.29 17.36 55.32
N ILE K 216 17.65 18.56 55.81
CA ILE K 216 17.24 19.77 55.11
C ILE K 216 18.21 20.11 53.99
N SER K 217 17.86 19.73 52.79
CA SER K 217 18.77 19.87 51.68
C SER K 217 18.80 21.30 51.09
N ASN K 218 19.93 21.69 50.50
CA ASN K 218 20.04 23.03 49.93
C ASN K 218 20.42 23.08 48.45
N ASN K 219 20.28 21.96 47.73
CA ASN K 219 20.71 21.91 46.32
C ASN K 219 19.94 21.02 45.33
N GLU K 220 18.72 20.63 45.69
CA GLU K 220 17.92 19.76 44.84
C GLU K 220 17.87 20.19 43.38
N ASN K 229 25.96 12.89 52.13
CA ASN K 229 26.49 12.26 53.36
C ASN K 229 25.38 11.61 54.21
N ILE K 230 24.60 10.78 53.53
CA ILE K 230 23.76 9.76 54.09
C ILE K 230 24.59 8.76 54.95
N PRO K 231 24.32 8.66 56.27
CA PRO K 231 25.03 7.72 57.13
C PRO K 231 24.91 6.27 56.66
N GLU K 232 25.91 5.47 56.97
CA GLU K 232 26.06 4.09 56.44
C GLU K 232 24.92 3.13 56.81
N GLU K 233 24.22 3.39 57.91
CA GLU K 233 23.26 2.42 58.39
C GLU K 233 21.85 2.70 57.96
N THR K 234 21.69 3.71 57.09
CA THR K 234 20.42 4.14 56.54
C THR K 234 19.91 3.05 55.62
N VAL K 235 18.69 2.62 55.84
CA VAL K 235 18.14 1.50 55.18
C VAL K 235 17.04 2.01 54.30
N GLU K 236 16.38 3.09 54.72
CA GLU K 236 15.26 3.67 54.00
C GLU K 236 15.40 5.15 53.87
N TYR K 237 15.08 5.66 52.68
CA TYR K 237 15.22 7.06 52.36
C TYR K 237 13.95 7.62 51.75
N LEU K 238 13.30 8.53 52.50
CA LEU K 238 12.08 9.24 52.05
C LEU K 238 12.28 10.72 51.69
N ALA K 239 12.07 11.06 50.42
CA ALA K 239 11.98 12.46 50.01
C ALA K 239 10.55 12.92 50.18
N VAL K 240 10.39 14.13 50.72
CA VAL K 240 9.08 14.71 50.92
C VAL K 240 9.12 15.93 50.09
N ASP K 241 8.53 15.83 48.92
CA ASP K 241 8.66 16.82 47.82
C ASP K 241 7.42 16.72 46.96
N MSE K 242 7.28 17.66 46.04
CA MSE K 242 6.03 17.90 45.28
C MSE K 242 6.19 17.77 43.81
O MSE K 242 7.30 17.82 43.32
CB MSE K 242 5.49 19.30 45.58
CG MSE K 242 4.48 19.27 46.72
SE MSE K 242 4.52 20.66 48.15
CE MSE K 242 6.36 20.51 48.82
N GLY K 243 5.07 17.65 43.12
CA GLY K 243 5.00 17.63 41.64
C GLY K 243 3.57 17.37 41.15
N ALA K 244 3.28 17.78 39.91
CA ALA K 244 2.16 17.19 39.13
C ALA K 244 2.56 17.31 37.68
N ASP K 252 -4.32 16.83 42.66
CA ASP K 252 -5.27 16.93 43.75
C ASP K 252 -4.68 17.65 44.97
N GLU K 253 -5.32 18.74 45.42
CA GLU K 253 -4.75 19.60 46.45
C GLU K 253 -5.24 19.28 47.85
N TYR K 254 -5.89 18.12 47.99
CA TYR K 254 -6.54 17.79 49.22
C TYR K 254 -6.19 16.43 49.71
N THR K 255 -5.03 15.88 49.33
CA THR K 255 -4.69 14.52 49.71
C THR K 255 -3.23 14.43 49.68
N VAL K 256 -2.67 13.38 50.30
CA VAL K 256 -1.23 13.23 50.25
C VAL K 256 -0.88 12.48 48.98
N SER K 257 0.12 12.97 48.26
CA SER K 257 0.55 12.27 47.08
C SER K 257 1.59 11.20 47.43
N ILE K 258 1.50 10.02 46.84
CA ILE K 258 2.50 9.00 47.09
C ILE K 258 3.04 8.64 45.71
N CYS K 259 4.34 8.76 45.54
CA CYS K 259 4.87 8.69 44.18
C CYS K 259 5.34 7.28 43.80
N ALA K 260 4.80 6.73 42.73
CA ALA K 260 5.19 5.41 42.34
C ALA K 260 6.38 5.38 41.35
N LYS K 261 6.61 6.52 40.69
CA LYS K 261 7.62 6.63 39.68
C LYS K 261 7.72 8.05 39.14
N ASP K 262 8.96 8.48 38.87
CA ASP K 262 9.23 9.79 38.35
C ASP K 262 10.15 9.61 37.18
N SER K 263 10.74 10.71 36.71
CA SER K 263 11.71 10.65 35.62
C SER K 263 12.83 9.68 35.81
N SER K 264 13.29 9.52 37.03
CA SER K 264 14.38 8.63 37.21
C SER K 264 13.87 7.18 37.22
N GLY K 265 12.58 6.96 37.34
CA GLY K 265 12.16 5.56 37.43
C GLY K 265 11.24 5.25 38.59
N PRO K 266 10.81 3.98 38.68
CA PRO K 266 9.83 3.62 39.69
C PRO K 266 10.51 3.61 41.02
N TYR K 267 9.76 4.02 42.07
CA TYR K 267 10.20 3.96 43.44
C TYR K 267 9.98 2.58 43.91
N HIS K 268 10.71 2.25 44.97
CA HIS K 268 10.78 0.92 45.57
C HIS K 268 9.36 0.44 45.84
N TYR K 269 9.06 -0.69 45.23
CA TYR K 269 7.74 -1.25 45.24
C TYR K 269 7.24 -1.57 46.66
N ALA K 270 7.87 -2.53 47.33
CA ALA K 270 7.47 -2.85 48.72
C ALA K 270 7.30 -1.62 49.63
N LEU K 271 8.16 -0.62 49.48
CA LEU K 271 8.10 0.52 50.36
C LEU K 271 6.88 1.38 49.99
N ARG K 272 6.69 1.67 48.71
CA ARG K 272 5.51 2.42 48.35
C ARG K 272 4.23 1.73 48.82
N LYS K 273 4.10 0.43 48.59
CA LYS K 273 2.90 -0.31 49.06
C LYS K 273 2.78 -0.20 50.60
N HIS K 274 3.90 -0.27 51.28
CA HIS K 274 3.88 0.00 52.71
C HIS K 274 3.27 1.36 53.00
N LEU K 275 3.66 2.40 52.25
CA LEU K 275 3.15 3.74 52.52
C LEU K 275 1.65 3.80 52.29
N VAL K 276 1.17 3.13 51.24
CA VAL K 276 -0.27 2.99 50.97
C VAL K 276 -0.97 2.37 52.15
N GLU K 277 -0.46 1.24 52.60
CA GLU K 277 -1.01 0.54 53.75
C GLU K 277 -1.08 1.41 54.99
N LEU K 278 -0.03 2.20 55.24
CA LEU K 278 -0.04 3.12 56.40
C LEU K 278 -1.19 4.12 56.31
N ALA K 279 -1.36 4.68 55.10
CA ALA K 279 -2.42 5.65 54.84
C ALA K 279 -3.79 5.02 55.04
N LYS K 280 -4.05 3.82 54.51
CA LYS K 280 -5.34 3.12 54.77
C LYS K 280 -5.66 2.92 56.24
N THR K 281 -4.73 2.31 56.96
CA THR K 281 -4.87 2.07 58.38
C THR K 281 -5.18 3.35 59.18
N ASN K 282 -4.70 4.51 58.72
CA ASN K 282 -4.80 5.73 59.53
C ASN K 282 -5.81 6.67 58.96
N HIS K 283 -6.55 6.17 57.99
CA HIS K 283 -7.62 6.97 57.45
C HIS K 283 -7.08 8.29 56.93
N ILE K 284 -5.95 8.17 56.22
CA ILE K 284 -5.32 9.24 55.47
C ILE K 284 -5.71 9.12 53.98
N GLU K 285 -6.23 10.23 53.44
CA GLU K 285 -6.57 10.39 52.03
C GLU K 285 -5.31 10.50 51.21
N TYR K 286 -5.13 9.64 50.22
CA TYR K 286 -3.88 9.65 49.45
C TYR K 286 -4.21 9.45 47.98
N LYS K 287 -3.28 9.77 47.10
CA LYS K 287 -3.33 9.31 45.71
C LYS K 287 -1.98 8.79 45.33
N VAL K 288 -1.98 7.77 44.49
CA VAL K 288 -0.77 7.21 44.00
C VAL K 288 -0.54 7.81 42.64
N ASP K 289 0.59 8.48 42.46
CA ASP K 289 0.86 9.27 41.28
C ASP K 289 2.15 8.90 40.62
N ILE K 290 2.29 9.32 39.37
CA ILE K 290 3.51 9.29 38.63
C ILE K 290 3.90 10.74 38.30
N TYR K 291 5.13 11.16 38.63
CA TYR K 291 5.59 12.48 38.20
C TYR K 291 6.54 12.38 36.99
N PRO K 292 6.09 12.84 35.82
CA PRO K 292 6.86 12.69 34.58
C PRO K 292 8.15 13.52 34.44
N TYR K 293 8.67 14.10 35.51
CA TYR K 293 10.00 14.79 35.53
C TYR K 293 10.74 14.55 36.91
N TYR K 294 12.06 14.30 36.89
CA TYR K 294 12.85 14.03 38.12
C TYR K 294 12.34 14.76 39.37
N ARG K 303 21.75 9.83 43.41
CA ARG K 303 20.44 9.17 43.38
C ARG K 303 20.46 7.73 44.00
N ALA K 304 21.09 6.76 43.33
CA ALA K 304 21.17 5.39 43.84
C ALA K 304 22.62 4.95 44.24
N GLY K 305 23.55 5.92 44.29
CA GLY K 305 24.95 5.71 44.76
C GLY K 305 25.02 5.09 46.16
N PHE K 306 24.13 5.54 47.04
CA PHE K 306 23.93 4.95 48.37
C PHE K 306 22.92 3.75 48.29
N ASP K 307 23.17 2.69 49.08
CA ASP K 307 22.29 1.49 49.11
C ASP K 307 21.02 1.68 49.96
N VAL K 308 19.94 2.15 49.36
CA VAL K 308 18.76 2.46 50.16
C VAL K 308 17.48 2.07 49.43
N LYS K 309 16.41 1.82 50.15
CA LYS K 309 15.13 1.74 49.52
C LYS K 309 14.56 3.16 49.51
N HIS K 310 14.03 3.52 48.34
CA HIS K 310 13.66 4.85 48.04
C HIS K 310 12.18 5.06 47.90
N ALA K 311 11.70 6.18 48.43
CA ALA K 311 10.30 6.57 48.45
C ALA K 311 10.14 8.07 48.33
N LEU K 312 8.98 8.50 47.81
CA LEU K 312 8.70 9.92 47.60
C LEU K 312 7.23 10.21 47.89
N ILE K 313 6.94 11.19 48.74
CA ILE K 313 5.56 11.59 48.96
C ILE K 313 5.60 13.10 49.11
N GLY K 314 4.48 13.79 48.96
CA GLY K 314 4.49 15.23 49.22
C GLY K 314 3.07 15.69 49.25
N ALA K 315 2.84 16.90 49.74
CA ALA K 315 1.48 17.51 49.65
C ALA K 315 1.12 17.59 48.19
N GLY K 316 -0.18 17.53 47.87
CA GLY K 316 -0.60 17.63 46.45
C GLY K 316 -0.51 19.10 46.09
N ILE K 317 0.13 19.43 44.98
CA ILE K 317 0.40 20.83 44.64
C ILE K 317 0.00 21.11 43.23
N ASP K 318 -0.82 22.14 43.05
CA ASP K 318 -1.35 22.48 41.77
C ASP K 318 -0.35 23.31 41.00
N SER K 319 -0.30 23.00 39.69
CA SER K 319 0.51 23.70 38.69
C SER K 319 1.96 24.03 39.14
N SER K 320 2.75 22.97 39.23
CA SER K 320 4.16 23.00 39.69
C SER K 320 5.11 23.93 38.85
N HIS K 321 6.14 24.44 39.55
CA HIS K 321 7.19 25.39 39.05
C HIS K 321 6.67 26.77 38.63
N ALA K 322 5.34 26.94 38.67
CA ALA K 322 4.61 28.15 38.20
C ALA K 322 3.29 28.40 38.97
N PHE K 323 3.23 29.42 39.83
CA PHE K 323 1.98 29.79 40.53
C PHE K 323 1.35 28.59 41.21
N GLU K 324 1.95 28.20 42.31
CA GLU K 324 1.65 26.98 43.00
C GLU K 324 0.53 27.13 44.07
N ARG K 325 -0.15 26.02 44.33
CA ARG K 325 -1.16 26.02 45.34
C ARG K 325 -1.43 24.62 45.89
N THR K 326 -1.69 24.57 47.19
CA THR K 326 -2.18 23.38 47.83
C THR K 326 -3.19 23.79 48.90
N HIS K 327 -3.89 22.82 49.48
CA HIS K 327 -4.90 23.13 50.48
C HIS K 327 -4.49 22.53 51.80
N GLU K 328 -4.74 23.28 52.87
CA GLU K 328 -4.50 22.83 54.22
C GLU K 328 -4.78 21.33 54.43
N SER K 329 -5.84 20.81 53.83
CA SER K 329 -6.19 19.40 54.05
C SER K 329 -5.12 18.45 53.54
N SER K 330 -4.43 18.85 52.46
CA SER K 330 -3.34 18.05 51.90
C SER K 330 -2.13 18.03 52.83
N ILE K 331 -1.90 19.15 53.47
CA ILE K 331 -0.78 19.28 54.35
C ILE K 331 -1.09 18.44 55.60
N ALA K 332 -2.30 18.51 56.13
CA ALA K 332 -2.67 17.69 57.28
C ALA K 332 -2.46 16.19 56.98
N HIS K 333 -3.08 15.71 55.91
CA HIS K 333 -2.80 14.35 55.42
C HIS K 333 -1.35 14.02 55.28
N THR K 334 -0.58 14.91 54.67
CA THR K 334 0.84 14.67 54.53
C THR K 334 1.55 14.57 55.89
N GLU K 335 1.34 15.56 56.77
CA GLU K 335 1.77 15.48 58.16
C GLU K 335 1.37 14.17 58.78
N ALA K 336 0.22 13.61 58.43
CA ALA K 336 -0.20 12.39 59.15
C ALA K 336 0.55 11.17 58.64
N LEU K 337 0.79 11.10 57.33
CA LEU K 337 1.48 9.93 56.78
C LEU K 337 2.96 9.86 57.22
N VAL K 338 3.58 11.03 57.35
CA VAL K 338 4.98 11.09 57.72
C VAL K 338 5.09 10.62 59.17
N TYR K 339 4.10 10.99 59.98
CA TYR K 339 4.12 10.51 61.34
C TYR K 339 4.03 8.99 61.32
N ALA K 340 3.02 8.46 60.63
CA ALA K 340 2.77 7.03 60.70
C ALA K 340 3.97 6.30 60.15
N TYR K 341 4.54 6.84 59.07
CA TYR K 341 5.70 6.23 58.46
C TYR K 341 6.81 6.10 59.48
N VAL K 342 7.07 7.19 60.18
CA VAL K 342 8.26 7.27 60.97
C VAL K 342 8.12 6.39 62.17
N MSE K 343 6.88 6.09 62.58
CA MSE K 343 6.62 5.16 63.68
C MSE K 343 6.51 3.70 63.24
O MSE K 343 6.56 2.80 64.04
CB MSE K 343 5.33 5.57 64.39
CG MSE K 343 5.36 6.91 65.03
SE MSE K 343 6.61 6.90 66.55
CE MSE K 343 7.99 7.88 65.65
N SER K 344 6.35 3.44 61.95
CA SER K 344 6.13 2.09 61.47
C SER K 344 7.40 1.28 61.56
N ASN K 345 7.32 -0.03 61.33
CA ASN K 345 8.54 -0.87 61.22
C ASN K 345 9.23 -0.82 59.88
N LEU K 346 10.46 -1.32 59.82
CA LEU K 346 11.13 -1.56 58.54
C LEU K 346 10.42 -2.62 57.70
N ILE K 347 10.71 -2.65 56.40
CA ILE K 347 10.01 -3.59 55.54
C ILE K 347 10.85 -4.86 55.33
N GLU K 348 10.18 -6.00 55.39
CA GLU K 348 10.87 -7.32 55.47
C GLU K 348 12.05 -7.50 54.47
N HIS L 3 57.08 36.74 30.87
CA HIS L 3 58.47 36.32 31.28
C HIS L 3 58.52 35.00 32.10
N HIS L 4 57.96 34.98 33.32
CA HIS L 4 57.68 33.72 34.05
C HIS L 4 56.59 32.93 33.26
N THR L 5 55.45 33.59 33.08
CA THR L 5 54.41 33.18 32.11
C THR L 5 54.95 32.58 30.82
N LYS L 6 56.17 33.01 30.44
CA LYS L 6 56.91 32.46 29.31
C LYS L 6 57.17 30.96 29.49
N GLU L 7 57.72 30.59 30.64
CA GLU L 7 58.08 29.19 30.87
C GLU L 7 56.90 28.31 31.22
N THR L 8 55.85 28.94 31.76
CA THR L 8 54.57 28.27 31.87
C THR L 8 54.05 27.88 30.47
N MSE L 9 54.07 28.83 29.54
CA MSE L 9 53.55 28.60 28.20
C MSE L 9 54.38 27.66 27.37
O MSE L 9 53.85 26.92 26.55
CB MSE L 9 53.43 29.91 27.48
CG MSE L 9 52.26 30.68 27.97
SE MSE L 9 51.85 32.03 26.66
CE MSE L 9 53.51 33.14 26.75
N GLU L 10 55.68 27.69 27.56
CA GLU L 10 56.50 26.67 26.95
C GLU L 10 56.05 25.27 27.42
N LEU L 11 55.87 25.07 28.72
CA LEU L 11 55.33 23.81 29.23
C LEU L 11 53.91 23.49 28.70
N ILE L 12 53.09 24.52 28.48
CA ILE L 12 51.78 24.28 27.99
C ILE L 12 51.93 23.73 26.60
N LYS L 13 52.79 24.42 25.84
CA LYS L 13 53.18 23.99 24.53
C LYS L 13 53.61 22.53 24.55
N GLU L 14 54.42 22.13 25.54
CA GLU L 14 54.88 20.73 25.62
C GLU L 14 53.76 19.72 25.82
N LEU L 15 52.79 20.03 26.67
CA LEU L 15 51.76 19.05 26.96
C LEU L 15 50.79 18.91 25.79
N VAL L 16 50.52 20.02 25.13
CA VAL L 16 49.61 20.05 24.00
C VAL L 16 50.16 19.18 22.87
N SER L 17 51.48 19.07 22.80
CA SER L 17 52.15 18.32 21.75
C SER L 17 52.16 16.82 22.02
N ILE L 18 51.67 16.42 23.19
CA ILE L 18 51.46 15.00 23.46
C ILE L 18 49.97 14.64 23.28
N PRO L 19 49.64 13.86 22.25
CA PRO L 19 48.22 13.49 22.15
C PRO L 19 47.73 12.78 23.42
N SER L 20 46.64 13.26 24.02
CA SER L 20 45.97 12.52 25.08
C SER L 20 44.45 12.59 24.96
N PRO L 21 43.85 11.98 23.95
CA PRO L 21 42.38 12.04 24.01
C PRO L 21 41.86 11.11 25.12
N SER L 22 40.77 11.51 25.77
CA SER L 22 40.14 10.69 26.82
C SER L 22 40.12 9.24 26.46
N GLY L 23 40.56 8.41 27.38
CA GLY L 23 40.58 6.98 27.14
C GLY L 23 41.96 6.49 26.87
N ASN L 24 42.84 7.40 26.47
CA ASN L 24 44.21 7.10 26.07
C ASN L 24 45.23 8.16 26.56
N THR L 25 45.51 8.10 27.85
CA THR L 25 46.32 9.12 28.54
C THR L 25 47.59 8.62 29.23
N ALA L 26 47.91 7.32 29.12
CA ALA L 26 49.15 6.76 29.69
C ALA L 26 50.33 7.68 29.46
N LYS L 27 50.76 7.82 28.20
CA LYS L 27 51.92 8.62 27.84
C LYS L 27 52.00 10.00 28.52
N ILE L 28 50.98 10.82 28.34
CA ILE L 28 51.03 12.15 28.93
C ILE L 28 51.21 12.09 30.46
N ILE L 29 50.42 11.22 31.12
CA ILE L 29 50.57 10.94 32.56
C ILE L 29 52.00 10.52 32.89
N ASN L 30 52.52 9.49 32.21
CA ASN L 30 53.94 9.16 32.26
C ASN L 30 54.78 10.42 32.29
N PHE L 31 54.77 11.18 31.19
CA PHE L 31 55.55 12.41 31.04
C PHE L 31 55.53 13.24 32.31
N ILE L 32 54.33 13.48 32.84
CA ILE L 32 54.17 14.31 34.01
C ILE L 32 54.89 13.73 35.22
N GLU L 33 54.68 12.43 35.49
CA GLU L 33 55.40 11.71 36.57
C GLU L 33 56.86 12.10 36.60
N ASN L 34 57.48 11.98 35.42
CA ASN L 34 58.88 12.28 35.26
C ASN L 34 59.19 13.72 35.56
N TYR L 35 58.49 14.62 34.90
CA TYR L 35 58.61 16.06 35.16
C TYR L 35 58.83 16.42 36.64
N VAL L 36 58.03 15.82 37.53
CA VAL L 36 58.00 16.19 38.95
C VAL L 36 58.80 15.29 39.88
N SER L 37 59.46 14.28 39.33
CA SER L 37 60.04 13.23 40.17
C SER L 37 61.13 13.69 41.15
N GLU L 38 61.98 14.65 40.75
CA GLU L 38 63.10 15.10 41.63
C GLU L 38 62.60 16.07 42.72
N TRP L 39 61.46 16.68 42.43
CA TRP L 39 60.73 17.54 43.37
C TRP L 39 60.38 16.80 44.64
N ASN L 40 60.07 17.55 45.69
CA ASN L 40 59.77 16.97 46.98
C ASN L 40 58.39 16.36 47.05
N VAL L 41 57.46 16.95 46.31
CA VAL L 41 56.08 16.47 46.30
C VAL L 41 55.93 14.98 45.99
N GLU L 42 55.11 14.34 46.82
CA GLU L 42 54.86 12.93 46.71
C GLU L 42 53.78 12.67 45.67
N THR L 43 53.73 11.43 45.22
CA THR L 43 53.00 11.04 44.04
C THR L 43 52.14 9.81 44.32
N LYS L 44 50.99 9.73 43.66
CA LYS L 44 50.07 8.61 43.77
C LYS L 44 49.50 8.29 42.35
N ARG L 45 48.91 7.11 42.19
CA ARG L 45 48.34 6.69 40.91
C ARG L 45 46.97 6.06 41.07
N ASN L 46 45.94 6.75 40.61
CA ASN L 46 44.60 6.17 40.53
C ASN L 46 44.62 4.78 39.90
N ASN L 47 43.63 3.97 40.22
CA ASN L 47 43.45 2.73 39.47
C ASN L 47 43.16 3.03 38.00
N LYS L 48 42.40 4.09 37.78
CA LYS L 48 41.98 4.48 36.47
C LYS L 48 43.08 5.19 35.64
N GLY L 49 44.12 5.67 36.31
CA GLY L 49 45.29 6.20 35.60
C GLY L 49 45.71 7.64 35.91
N ALA L 50 44.95 8.32 36.77
CA ALA L 50 45.28 9.71 37.12
C ALA L 50 46.32 9.88 38.27
N LEU L 51 47.05 10.99 38.25
CA LEU L 51 47.98 11.34 39.32
C LEU L 51 47.30 12.25 40.35
N ILE L 52 47.56 11.98 41.63
CA ILE L 52 47.34 12.95 42.70
C ILE L 52 48.69 13.34 43.27
N LEU L 53 48.98 14.62 43.33
CA LEU L 53 50.25 15.08 43.91
C LEU L 53 49.97 15.97 45.10
N THR L 54 50.79 15.84 46.14
CA THR L 54 50.43 16.33 47.46
C THR L 54 51.58 17.06 48.16
N VAL L 55 51.30 18.24 48.70
CA VAL L 55 52.26 18.94 49.53
C VAL L 55 51.61 18.97 50.88
N LYS L 56 52.28 18.35 51.85
CA LYS L 56 51.77 18.33 53.19
C LYS L 56 51.85 19.77 53.68
N GLY L 57 50.78 20.24 54.34
CA GLY L 57 50.71 21.60 54.90
C GLY L 57 50.63 21.63 56.42
N LYS L 58 50.56 22.83 57.00
CA LYS L 58 50.67 22.98 58.48
C LYS L 58 49.52 22.30 59.22
N ASN L 59 48.31 22.61 58.79
CA ASN L 59 47.11 21.95 59.27
C ASN L 59 46.86 20.76 58.35
N ASP L 60 47.17 19.56 58.83
CA ASP L 60 46.96 18.33 58.06
C ASP L 60 45.64 17.64 58.45
N ALA L 61 44.80 18.36 59.18
CA ALA L 61 43.51 17.83 59.58
C ALA L 61 42.44 18.21 58.57
N GLN L 62 42.52 19.43 58.03
CA GLN L 62 41.60 19.94 57.02
C GLN L 62 42.37 20.18 55.73
N HIS L 63 41.83 19.71 54.62
CA HIS L 63 42.53 19.72 53.34
C HIS L 63 41.82 20.52 52.23
N ARG L 64 42.62 20.96 51.29
CA ARG L 64 42.22 21.74 50.18
C ARG L 64 42.58 20.80 49.02
N LEU L 65 41.72 20.71 47.99
CA LEU L 65 42.12 20.01 46.77
C LEU L 65 42.01 20.84 45.51
N LEU L 66 43.15 20.99 44.82
CA LEU L 66 43.13 21.58 43.49
C LEU L 66 43.11 20.50 42.40
N THR L 67 42.22 20.67 41.41
CA THR L 67 42.14 19.76 40.27
C THR L 67 42.34 20.39 38.82
N ALA L 68 42.95 19.61 37.94
CA ALA L 68 43.00 19.98 36.50
C ALA L 68 43.16 18.73 35.59
N HIS L 69 42.67 18.77 34.36
CA HIS L 69 42.64 17.55 33.56
C HIS L 69 43.51 17.58 32.31
N VAL L 70 44.08 16.43 31.96
CA VAL L 70 44.95 16.33 30.80
C VAL L 70 44.27 15.78 29.57
N ASP L 71 43.15 15.09 29.74
CA ASP L 71 42.48 14.53 28.56
C ASP L 71 41.88 15.63 27.70
N THR L 72 41.86 15.36 26.40
CA THR L 72 41.27 16.24 25.40
C THR L 72 40.16 15.58 24.60
N LEU L 73 39.53 16.40 23.75
CA LEU L 73 38.68 15.95 22.67
C LEU L 73 39.52 15.11 21.73
N GLY L 74 38.85 14.27 20.95
CA GLY L 74 39.49 13.36 20.01
C GLY L 74 38.43 12.49 19.36
N ALA L 75 38.87 11.38 18.78
CA ALA L 75 37.99 10.47 18.09
C ALA L 75 38.54 9.06 18.11
N MSE L 76 37.76 8.15 17.56
CA MSE L 76 38.11 6.75 17.57
C MSE L 76 37.50 6.13 16.34
O MSE L 76 36.37 6.46 15.97
CB MSE L 76 37.51 6.11 18.81
CG MSE L 76 37.63 4.63 18.84
SE MSE L 76 36.88 3.90 20.50
CE MSE L 76 38.30 4.56 21.73
N VAL L 77 38.23 5.20 15.73
CA VAL L 77 37.68 4.55 14.54
C VAL L 77 36.50 3.64 14.91
N LYS L 78 35.35 3.87 14.26
CA LYS L 78 34.18 3.01 14.45
C LYS L 78 33.84 2.08 13.31
N GLU L 79 34.44 2.28 12.14
CA GLU L 79 34.21 1.42 10.99
C GLU L 79 35.30 1.69 9.99
N ILE L 80 35.76 0.65 9.29
CA ILE L 80 36.68 0.84 8.15
C ILE L 80 35.89 0.65 6.87
N LYS L 81 35.56 1.75 6.22
CA LYS L 81 34.73 1.63 5.03
C LYS L 81 35.49 0.86 3.93
N PRO L 82 34.77 0.18 3.01
CA PRO L 82 35.44 -0.56 1.91
C PRO L 82 36.33 0.28 1.00
N ASP L 83 36.02 1.56 0.85
CA ASP L 83 36.84 2.44 0.00
C ASP L 83 38.28 2.63 0.58
N GLY L 84 38.43 2.35 1.87
CA GLY L 84 39.70 2.58 2.55
C GLY L 84 39.62 3.55 3.72
N ARG L 85 38.57 4.37 3.73
CA ARG L 85 38.52 5.49 4.66
C ARG L 85 37.94 5.07 5.98
N LEU L 86 37.94 5.96 6.95
CA LEU L 86 37.63 5.57 8.30
C LEU L 86 36.49 6.41 8.78
N SER L 87 35.51 5.75 9.43
CA SER L 87 34.47 6.42 10.20
C SER L 87 34.97 6.67 11.59
N LEU L 88 34.51 7.77 12.18
CA LEU L 88 34.95 8.14 13.50
C LEU L 88 33.83 8.26 14.48
N SER L 89 34.18 8.07 15.75
CA SER L 89 33.26 8.30 16.82
C SER L 89 33.82 9.43 17.63
N MSE L 90 32.99 10.38 17.98
CA MSE L 90 33.47 11.56 18.65
C MSE L 90 33.81 11.27 20.13
O MSE L 90 32.98 10.69 20.86
CB MSE L 90 32.39 12.63 18.54
CG MSE L 90 32.52 13.77 19.56
SE MSE L 90 31.13 15.18 19.37
CE MSE L 90 31.69 15.95 17.65
N ILE L 91 35.00 11.69 20.57
CA ILE L 91 35.34 11.70 22.03
C ILE L 91 35.25 13.11 22.60
N GLY L 92 34.52 13.28 23.70
CA GLY L 92 34.24 14.61 24.28
C GLY L 92 33.07 15.26 23.56
N GLY L 93 32.67 16.46 24.00
CA GLY L 93 31.64 17.24 23.28
C GLY L 93 32.20 18.45 22.52
N PHE L 94 32.16 18.40 21.20
CA PHE L 94 32.49 19.53 20.36
C PHE L 94 31.65 19.51 19.07
N ARG L 95 31.98 20.33 18.06
CA ARG L 95 31.21 20.31 16.78
C ARG L 95 32.00 19.75 15.63
N TRP L 96 31.47 18.70 15.01
CA TRP L 96 32.23 18.00 13.96
C TRP L 96 32.82 18.98 12.89
N ASN L 97 31.97 19.93 12.49
CA ASN L 97 32.31 21.07 11.64
C ASN L 97 33.69 21.60 11.94
N SER L 98 33.85 22.01 13.20
CA SER L 98 35.08 22.57 13.71
C SER L 98 36.32 21.68 13.64
N VAL L 99 36.28 20.62 12.82
CA VAL L 99 37.50 19.83 12.60
C VAL L 99 37.55 19.32 11.20
N GLU L 100 36.60 19.74 10.37
CA GLU L 100 36.70 19.39 8.97
C GLU L 100 38.10 19.82 8.50
N GLY L 101 38.82 18.91 7.87
CA GLY L 101 40.08 19.25 7.24
C GLY L 101 41.33 19.17 8.11
N GLU L 102 41.16 18.96 9.41
CA GLU L 102 42.33 18.90 10.26
C GLU L 102 43.16 17.67 10.00
N TYR L 103 44.46 17.78 10.24
CA TYR L 103 45.33 16.59 10.24
C TYR L 103 45.22 15.89 11.58
N CYS L 104 45.35 14.56 11.55
CA CYS L 104 45.22 13.73 12.76
C CYS L 104 46.23 12.62 12.81
N GLU L 105 46.30 11.95 13.96
CA GLU L 105 47.11 10.75 14.04
C GLU L 105 46.24 9.59 14.44
N ILE L 106 46.64 8.40 14.01
CA ILE L 106 45.92 7.19 14.37
C ILE L 106 46.94 6.31 15.05
N GLU L 107 46.63 5.89 16.26
CA GLU L 107 47.48 4.96 17.00
C GLU L 107 46.84 3.57 17.00
N THR L 108 47.59 2.61 16.48
CA THR L 108 47.16 1.21 16.42
C THR L 108 47.47 0.53 17.73
N SER L 109 46.83 -0.62 17.95
CA SER L 109 47.01 -1.38 19.19
C SER L 109 48.49 -1.60 19.50
N SER L 110 49.25 -1.84 18.42
CA SER L 110 50.69 -2.09 18.47
C SER L 110 51.56 -0.87 18.75
N GLY L 111 50.92 0.27 19.05
CA GLY L 111 51.62 1.55 19.28
C GLY L 111 52.10 2.32 18.06
N LYS L 112 51.78 1.78 16.87
CA LYS L 112 52.22 2.30 15.57
C LYS L 112 51.31 3.48 15.11
N THR L 113 51.95 4.50 14.54
CA THR L 113 51.28 5.79 14.31
C THR L 113 51.13 6.15 12.83
N TYR L 114 49.94 6.66 12.48
CA TYR L 114 49.68 7.13 11.10
C TYR L 114 49.08 8.52 11.00
N THR L 115 49.34 9.19 9.89
CA THR L 115 48.77 10.50 9.70
C THR L 115 47.61 10.44 8.73
N GLY L 116 46.68 11.37 8.86
CA GLY L 116 45.48 11.39 8.05
C GLY L 116 44.85 12.77 8.09
N THR L 117 43.78 12.95 7.33
CA THR L 117 42.99 14.18 7.42
C THR L 117 41.52 13.79 7.63
N ILE L 118 40.87 14.50 8.55
CA ILE L 118 39.44 14.40 8.80
C ILE L 118 38.70 15.11 7.67
N LEU L 119 37.73 14.43 7.10
CA LEU L 119 36.95 15.01 6.00
C LEU L 119 35.45 14.85 6.17
N MSE L 120 34.69 15.64 5.40
CA MSE L 120 33.25 15.44 5.24
C MSE L 120 32.87 15.37 3.77
O MSE L 120 33.42 16.11 2.97
CB MSE L 120 32.48 16.58 5.87
CG MSE L 120 33.09 17.03 7.19
SE MSE L 120 31.82 17.82 8.44
CE MSE L 120 31.08 19.30 7.33
N LYS L 139 28.59 8.80 10.67
CA LYS L 139 28.49 9.01 9.21
C LYS L 139 29.04 10.39 8.86
N ASN L 140 29.21 10.61 7.56
CA ASN L 140 29.72 11.87 7.00
C ASN L 140 31.14 12.31 7.47
N ILE L 141 31.59 11.78 8.61
CA ILE L 141 32.91 12.09 9.14
C ILE L 141 33.87 10.93 8.95
N GLU L 142 34.90 11.17 8.16
CA GLU L 142 35.83 10.13 7.77
C GLU L 142 37.27 10.61 7.84
N VAL L 143 38.22 9.66 7.86
CA VAL L 143 39.66 9.96 7.79
C VAL L 143 40.23 9.45 6.48
N ARG L 144 40.94 10.32 5.77
CA ARG L 144 41.72 9.92 4.59
C ARG L 144 43.14 9.65 5.09
N ILE L 145 43.56 8.38 5.05
CA ILE L 145 44.87 8.02 5.60
C ILE L 145 45.95 8.34 4.60
N ASP L 146 47.13 8.69 5.11
CA ASP L 146 48.26 9.02 4.26
C ASP L 146 49.03 7.73 3.92
N GLU L 147 48.33 6.77 3.34
CA GLU L 147 48.97 5.53 2.92
C GLU L 147 48.31 5.07 1.64
N ARG L 148 49.07 4.48 0.70
CA ARG L 148 48.48 3.91 -0.50
C ARG L 148 47.68 2.63 -0.18
N VAL L 149 46.59 2.78 0.59
CA VAL L 149 45.65 1.70 0.83
C VAL L 149 44.29 1.99 0.22
N PHE L 150 43.74 1.02 -0.51
CA PHE L 150 42.46 1.24 -1.17
C PHE L 150 41.37 0.28 -0.76
N SER L 151 41.46 -0.24 0.47
CA SER L 151 40.43 -1.12 0.98
C SER L 151 40.59 -1.39 2.47
N ALA L 152 39.52 -1.92 3.05
CA ALA L 152 39.52 -2.38 4.43
C ALA L 152 40.70 -3.32 4.73
N ASP L 153 40.89 -4.40 3.96
CA ASP L 153 41.94 -5.38 4.32
C ASP L 153 43.30 -4.71 4.37
N GLU L 154 43.64 -3.98 3.30
CA GLU L 154 44.89 -3.22 3.25
C GLU L 154 45.06 -2.28 4.45
N VAL L 155 43.96 -1.73 4.95
CA VAL L 155 44.05 -0.86 6.12
C VAL L 155 44.36 -1.74 7.36
N ARG L 156 43.63 -2.84 7.53
CA ARG L 156 43.94 -3.72 8.65
C ARG L 156 45.41 -4.14 8.58
N GLU L 157 45.93 -4.38 7.39
CA GLU L 157 47.35 -4.79 7.26
C GLU L 157 48.33 -3.77 7.84
N LEU L 158 47.91 -2.52 7.91
CA LEU L 158 48.67 -1.47 8.58
C LEU L 158 48.70 -1.64 10.11
N GLY L 159 47.73 -2.34 10.67
CA GLY L 159 47.60 -2.51 12.12
C GLY L 159 46.37 -1.82 12.68
N ILE L 160 45.60 -1.23 11.78
CA ILE L 160 44.50 -0.37 12.16
C ILE L 160 43.22 -1.17 12.34
N GLU L 161 42.65 -1.06 13.53
CA GLU L 161 41.46 -1.79 13.86
C GLU L 161 40.43 -0.81 14.42
N VAL L 162 39.15 -1.15 14.35
CA VAL L 162 38.12 -0.43 15.11
C VAL L 162 38.55 -0.31 16.58
N GLY L 163 38.21 0.80 17.22
CA GLY L 163 38.65 1.06 18.58
C GLY L 163 39.93 1.91 18.70
N ASP L 164 40.62 2.18 17.57
CA ASP L 164 41.87 2.97 17.62
C ASP L 164 41.64 4.46 17.93
N PHE L 165 42.50 5.05 18.76
CA PHE L 165 42.42 6.48 19.06
C PHE L 165 43.02 7.35 17.95
N VAL L 166 42.23 8.30 17.51
CA VAL L 166 42.61 9.28 16.53
C VAL L 166 42.77 10.52 17.37
N SER L 167 43.84 11.27 17.17
CA SER L 167 44.05 12.52 17.89
C SER L 167 44.12 13.64 16.85
N PHE L 168 43.57 14.81 17.15
CA PHE L 168 43.63 15.93 16.21
C PHE L 168 44.92 16.66 16.36
N ASP L 169 45.47 17.14 15.27
CA ASP L 169 46.71 17.85 15.37
C ASP L 169 46.45 19.22 15.98
N PRO L 170 47.14 19.54 17.05
CA PRO L 170 46.78 20.71 17.83
C PRO L 170 47.19 22.05 17.21
N ARG L 171 48.11 22.02 16.26
CA ARG L 171 48.59 23.26 15.62
C ARG L 171 48.88 24.36 16.67
N VAL L 172 49.72 24.08 17.64
CA VAL L 172 49.90 25.06 18.69
C VAL L 172 50.92 26.16 18.30
N GLN L 173 50.61 27.42 18.59
CA GLN L 173 51.53 28.52 18.26
C GLN L 173 51.62 29.43 19.45
N ILE L 174 52.85 29.85 19.77
CA ILE L 174 53.06 30.89 20.77
C ILE L 174 53.51 32.12 19.99
N THR L 175 52.89 33.25 20.33
CA THR L 175 52.92 34.43 19.50
C THR L 175 53.85 35.48 20.07
N GLU L 176 54.57 36.14 19.17
CA GLU L 176 55.45 37.21 19.56
C GLU L 176 54.79 38.12 20.61
N SER L 177 53.49 38.38 20.42
CA SER L 177 52.73 39.30 21.26
C SER L 177 52.11 38.67 22.52
N GLY L 178 52.28 37.36 22.70
CA GLY L 178 52.04 36.77 24.00
C GLY L 178 50.83 35.88 24.05
N TYR L 179 50.28 35.58 22.89
CA TYR L 179 49.11 34.73 22.79
C TYR L 179 49.60 33.33 22.56
N ILE L 180 48.84 32.37 23.02
CA ILE L 180 49.06 31.00 22.64
C ILE L 180 47.79 30.50 21.94
N LYS L 181 47.92 30.22 20.64
CA LYS L 181 46.84 29.63 19.84
C LYS L 181 47.02 28.16 19.84
N SER L 182 45.92 27.43 19.68
CA SER L 182 46.03 25.99 19.46
C SER L 182 44.73 25.43 18.85
N ARG L 183 44.50 24.13 19.08
CA ARG L 183 43.16 23.59 18.98
C ARG L 183 42.88 22.89 20.29
N HIS L 184 43.93 22.43 20.95
CA HIS L 184 43.67 21.89 22.26
C HIS L 184 43.59 22.98 23.27
N LEU L 185 44.55 23.08 24.17
CA LEU L 185 44.29 23.87 25.33
C LEU L 185 43.04 23.19 25.82
N ASP L 186 42.33 23.87 26.71
CA ASP L 186 41.25 23.23 27.46
C ASP L 186 41.88 22.09 28.20
N ASP L 187 41.89 22.36 29.48
CA ASP L 187 42.73 21.89 30.50
C ASP L 187 44.22 21.76 30.53
N LYS L 188 44.87 21.60 29.39
CA LYS L 188 46.35 21.60 29.44
C LYS L 188 47.00 22.90 29.98
N VAL L 189 46.32 24.04 29.80
CA VAL L 189 46.78 25.31 30.37
C VAL L 189 46.80 25.23 31.90
N SER L 190 45.67 24.81 32.48
CA SER L 190 45.57 24.64 33.93
C SER L 190 46.57 23.64 34.46
N VAL L 191 46.79 22.54 33.76
CA VAL L 191 47.82 21.56 34.20
C VAL L 191 49.23 22.21 34.42
N ALA L 192 49.67 23.01 33.47
CA ALA L 192 50.89 23.79 33.65
C ALA L 192 50.79 24.75 34.86
N ILE L 193 49.70 25.52 34.97
CA ILE L 193 49.50 26.33 36.20
C ILE L 193 49.75 25.52 37.50
N LEU L 194 49.04 24.42 37.66
CA LEU L 194 49.21 23.60 38.86
C LEU L 194 50.67 23.13 39.00
N LEU L 195 51.23 22.58 37.92
CA LEU L 195 52.59 22.03 38.00
C LEU L 195 53.60 23.11 38.38
N LYS L 196 53.52 24.27 37.73
CA LYS L 196 54.44 25.35 38.03
C LYS L 196 54.18 25.84 39.43
N LEU L 197 52.92 26.06 39.75
CA LEU L 197 52.54 26.50 41.09
C LEU L 197 53.18 25.67 42.16
N ILE L 198 53.17 24.35 42.00
CA ILE L 198 53.85 23.44 42.95
C ILE L 198 55.37 23.74 43.11
N LYS L 199 56.07 23.86 41.98
CA LYS L 199 57.50 24.16 41.96
C LYS L 199 57.72 25.51 42.60
N ARG L 200 56.85 26.47 42.27
CA ARG L 200 56.93 27.80 42.89
C ARG L 200 57.09 27.75 44.42
N LEU L 201 56.30 26.89 45.09
CA LEU L 201 56.22 26.83 46.56
C LEU L 201 57.43 26.14 47.11
N GLN L 202 57.85 25.10 46.41
CA GLN L 202 59.08 24.42 46.78
C GLN L 202 60.22 25.44 46.81
N ASP L 203 60.25 26.28 45.77
CA ASP L 203 61.29 27.28 45.54
C ASP L 203 61.17 28.58 46.35
N GLU L 204 59.96 29.10 46.54
CA GLU L 204 59.74 30.17 47.52
C GLU L 204 60.01 29.65 48.93
N ASN L 205 60.01 28.33 49.09
CA ASN L 205 60.56 27.68 50.27
C ASN L 205 59.63 27.87 51.48
N VAL L 206 58.32 27.82 51.24
CA VAL L 206 57.37 28.11 52.33
C VAL L 206 56.20 27.16 52.44
N THR L 207 55.66 27.12 53.65
CA THR L 207 54.71 26.10 54.05
C THR L 207 53.23 26.49 53.71
N LEU L 208 52.52 25.57 53.08
CA LEU L 208 51.09 25.72 52.89
C LEU L 208 50.34 25.69 54.23
N PRO L 209 49.27 26.51 54.36
CA PRO L 209 48.43 26.44 55.55
C PRO L 209 47.77 25.09 55.73
N TYR L 210 47.50 24.40 54.63
CA TYR L 210 46.77 23.14 54.64
C TYR L 210 47.41 22.12 53.72
N THR L 211 47.36 20.84 54.10
CA THR L 211 47.71 19.76 53.18
C THR L 211 46.86 19.97 51.93
N THR L 212 47.50 20.03 50.77
CA THR L 212 46.84 20.40 49.54
C THR L 212 47.17 19.39 48.46
N HIS L 213 46.11 18.91 47.78
CA HIS L 213 46.24 17.86 46.78
C HIS L 213 46.08 18.45 45.38
N PHE L 214 46.81 17.94 44.42
CA PHE L 214 46.67 18.44 43.08
C PHE L 214 46.32 17.24 42.23
N LEU L 215 45.07 17.21 41.81
CA LEU L 215 44.54 16.03 41.17
C LEU L 215 44.69 16.22 39.68
N ILE L 216 45.62 15.50 39.06
CA ILE L 216 45.77 15.56 37.61
C ILE L 216 44.84 14.52 37.00
N SER L 217 43.61 14.95 36.74
CA SER L 217 42.56 14.03 36.32
C SER L 217 42.67 13.72 34.82
N ASN L 218 42.11 12.59 34.41
CA ASN L 218 42.21 12.18 33.02
C ASN L 218 40.85 11.87 32.39
N ASN L 219 39.78 12.38 33.01
CA ASN L 219 38.46 12.29 32.40
C ASN L 219 37.59 13.56 32.48
N GLU L 220 36.45 13.53 31.78
CA GLU L 220 35.50 14.66 31.55
C GLU L 220 35.61 15.90 32.44
N SER L 228 36.32 9.25 40.14
CA SER L 228 36.88 10.16 41.16
C SER L 228 37.58 9.37 42.29
N ASN L 229 38.01 10.11 43.33
CA ASN L 229 38.19 9.62 44.72
C ASN L 229 39.04 10.58 45.57
N ILE L 230 38.33 11.23 46.50
CA ILE L 230 38.80 12.40 47.22
C ILE L 230 39.06 12.03 48.69
N PRO L 231 40.32 12.23 49.15
CA PRO L 231 40.68 12.10 50.56
C PRO L 231 39.58 12.64 51.48
N GLU L 232 39.28 11.87 52.53
CA GLU L 232 38.15 12.11 53.44
C GLU L 232 38.16 13.50 54.12
N GLU L 233 39.32 14.11 54.29
CA GLU L 233 39.37 15.41 55.01
C GLU L 233 39.47 16.67 54.14
N THR L 234 39.23 16.49 52.84
CA THR L 234 39.10 17.62 51.93
C THR L 234 37.84 18.44 52.25
N VAL L 235 38.08 19.71 52.60
CA VAL L 235 37.00 20.66 52.88
C VAL L 235 36.66 21.50 51.65
N GLU L 236 37.69 21.86 50.88
CA GLU L 236 37.54 22.83 49.78
C GLU L 236 38.04 22.27 48.48
N TYR L 237 37.38 22.60 47.39
CA TYR L 237 37.72 21.93 46.17
C TYR L 237 37.74 22.89 44.99
N LEU L 238 38.91 23.11 44.41
CA LEU L 238 39.00 24.04 43.30
C LEU L 238 39.29 23.39 41.93
N ALA L 239 38.32 23.46 41.03
CA ALA L 239 38.59 23.06 39.68
C ALA L 239 39.27 24.25 39.03
N VAL L 240 40.42 23.97 38.42
CA VAL L 240 41.07 24.96 37.53
C VAL L 240 40.86 24.47 36.12
N ASP L 241 40.04 25.20 35.39
CA ASP L 241 39.51 24.74 34.09
C ASP L 241 38.96 25.96 33.36
N MSE L 242 38.59 25.83 32.09
CA MSE L 242 38.24 27.03 31.31
C MSE L 242 37.01 26.74 30.50
O MSE L 242 36.96 25.70 29.87
CB MSE L 242 39.40 27.43 30.37
CG MSE L 242 40.85 27.37 30.94
SE MSE L 242 42.37 27.63 29.63
CE MSE L 242 41.82 26.38 28.23
N GLY L 243 36.04 27.66 30.51
CA GLY L 243 34.81 27.54 29.68
C GLY L 243 34.46 28.68 28.71
N ALA L 244 33.37 28.51 27.94
CA ALA L 244 32.81 29.51 27.00
C ALA L 244 31.64 30.35 27.61
N LEU L 245 31.09 31.34 26.86
CA LEU L 245 29.94 32.20 27.33
C LEU L 245 28.73 32.46 26.37
N GLY L 246 28.98 32.80 25.11
CA GLY L 246 27.94 33.40 24.22
C GLY L 246 28.14 34.92 24.04
N ASP L 247 29.06 35.47 24.85
CA ASP L 247 29.53 36.87 24.88
C ASP L 247 31.04 36.94 24.53
N GLY L 248 31.82 37.79 25.25
CA GLY L 248 33.27 37.98 25.02
C GLY L 248 34.19 36.93 25.63
N ASP L 252 37.21 36.82 27.75
CA ASP L 252 38.24 37.88 27.98
C ASP L 252 39.59 37.25 28.28
N GLU L 253 40.52 37.40 27.33
CA GLU L 253 41.74 36.62 27.33
C GLU L 253 42.86 37.17 28.21
N TYR L 254 42.58 38.27 28.91
CA TYR L 254 43.63 39.03 29.60
C TYR L 254 43.48 39.06 31.09
N THR L 255 42.60 38.21 31.60
CA THR L 255 42.26 38.17 33.03
C THR L 255 41.90 36.75 33.50
N VAL L 256 42.01 36.48 34.80
CA VAL L 256 41.62 35.18 35.31
C VAL L 256 40.12 35.14 35.49
N SER L 257 39.49 34.09 34.99
CA SER L 257 38.05 33.99 35.09
C SER L 257 37.58 33.14 36.30
N ILE L 258 36.70 33.73 37.13
CA ILE L 258 36.14 33.09 38.33
C ILE L 258 34.65 32.76 38.11
N CYS L 259 34.29 31.49 38.22
CA CYS L 259 32.97 31.05 37.80
C CYS L 259 31.93 31.15 38.90
N ALA L 260 30.83 31.79 38.61
CA ALA L 260 29.79 31.87 39.61
C ALA L 260 28.90 30.67 39.42
N LYS L 261 28.84 30.14 38.20
CA LYS L 261 27.87 29.11 37.90
C LYS L 261 28.11 28.51 36.53
N ASP L 262 27.81 27.23 36.39
CA ASP L 262 27.78 26.55 35.12
C ASP L 262 26.49 25.73 35.06
N SER L 263 26.36 24.93 34.00
CA SER L 263 25.20 24.08 33.72
C SER L 263 24.72 23.25 34.87
N SER L 264 25.64 22.86 35.74
CA SER L 264 25.18 22.17 36.89
C SER L 264 24.59 23.15 37.92
N GLY L 265 24.86 24.44 37.81
CA GLY L 265 24.33 25.38 38.80
C GLY L 265 25.42 26.19 39.47
N PRO L 266 25.05 27.00 40.45
CA PRO L 266 25.96 27.99 40.98
C PRO L 266 27.08 27.38 41.81
N TYR L 267 28.18 28.08 41.94
CA TYR L 267 29.26 27.59 42.78
C TYR L 267 29.16 28.13 44.20
N HIS L 268 29.81 27.47 45.15
CA HIS L 268 29.68 27.87 46.54
C HIS L 268 29.90 29.39 46.61
N TYR L 269 28.83 30.10 46.92
CA TYR L 269 28.87 31.57 47.06
C TYR L 269 30.02 32.09 47.94
N ALA L 270 30.12 31.60 49.17
CA ALA L 270 31.11 32.17 50.06
C ALA L 270 32.53 31.95 49.54
N LEU L 271 32.80 30.77 49.01
CA LEU L 271 34.09 30.43 48.42
C LEU L 271 34.41 31.32 47.23
N ARG L 272 33.41 31.58 46.40
CA ARG L 272 33.60 32.43 45.25
C ARG L 272 33.88 33.87 45.63
N LYS L 273 33.09 34.34 46.59
CA LYS L 273 33.27 35.68 47.14
C LYS L 273 34.67 35.81 47.71
N HIS L 274 35.15 34.75 48.33
CA HIS L 274 36.50 34.76 48.89
C HIS L 274 37.51 35.01 47.77
N LEU L 275 37.37 34.28 46.68
CA LEU L 275 38.30 34.38 45.60
C LEU L 275 38.31 35.81 45.01
N VAL L 276 37.14 36.41 44.91
CA VAL L 276 37.07 37.77 44.43
C VAL L 276 37.93 38.63 45.36
N GLU L 277 37.61 38.56 46.64
CA GLU L 277 38.38 39.26 47.63
C GLU L 277 39.87 38.97 47.48
N LEU L 278 40.26 37.71 47.31
CA LEU L 278 41.67 37.40 47.11
C LEU L 278 42.24 38.24 45.96
N ALA L 279 41.55 38.18 44.82
CA ALA L 279 42.03 38.88 43.65
C ALA L 279 42.16 40.36 43.94
N LYS L 280 41.05 40.95 44.42
CA LYS L 280 41.00 42.40 44.64
C LYS L 280 42.23 42.87 45.43
N THR L 281 42.40 42.25 46.59
CA THR L 281 43.54 42.41 47.46
C THR L 281 44.92 42.32 46.82
N ASN L 282 45.11 41.39 45.89
CA ASN L 282 46.43 41.19 45.31
C ASN L 282 46.59 41.92 43.99
N HIS L 283 45.65 42.83 43.73
CA HIS L 283 45.64 43.60 42.48
C HIS L 283 45.76 42.61 41.30
N ILE L 284 44.94 41.57 41.36
CA ILE L 284 44.83 40.59 40.30
C ILE L 284 43.61 40.96 39.48
N GLU L 285 43.79 41.04 38.17
CA GLU L 285 42.70 41.37 37.27
C GLU L 285 41.82 40.15 37.11
N TYR L 286 40.53 40.33 37.34
CA TYR L 286 39.55 39.22 37.25
C TYR L 286 38.25 39.61 36.55
N LYS L 287 37.50 38.61 36.14
CA LYS L 287 36.11 38.77 35.72
C LYS L 287 35.30 37.66 36.41
N VAL L 288 34.11 37.96 36.94
CA VAL L 288 33.23 36.85 37.37
C VAL L 288 32.39 36.34 36.20
N ASP L 289 32.56 35.06 35.86
CA ASP L 289 31.89 34.51 34.70
C ASP L 289 30.79 33.52 34.94
N ILE L 290 29.96 33.35 33.91
CA ILE L 290 28.97 32.29 33.88
C ILE L 290 29.24 31.45 32.67
N TYR L 291 29.54 30.16 32.87
CA TYR L 291 29.77 29.21 31.79
C TYR L 291 28.55 28.33 31.50
N PRO L 292 27.72 28.71 30.52
CA PRO L 292 26.50 27.95 30.22
C PRO L 292 26.71 26.54 29.65
N TYR L 293 27.97 26.17 29.38
CA TYR L 293 28.35 24.82 28.92
C TYR L 293 29.48 24.32 29.82
N TYR L 294 29.12 23.45 30.78
CA TYR L 294 30.06 22.89 31.78
C TYR L 294 29.33 22.58 33.08
N ARG L 303 30.75 13.58 40.13
CA ARG L 303 31.01 14.96 40.51
C ARG L 303 29.98 15.45 41.56
N ALA L 304 30.47 16.31 42.46
CA ALA L 304 29.67 16.90 43.56
C ALA L 304 28.55 15.98 44.07
N GLY L 305 28.98 14.93 44.79
CA GLY L 305 28.19 14.09 45.74
C GLY L 305 29.14 13.78 46.92
N PHE L 306 29.97 14.77 47.24
CA PHE L 306 31.08 14.73 48.19
C PHE L 306 30.83 15.97 49.05
N ASP L 307 30.99 15.88 50.38
CA ASP L 307 30.76 17.07 51.20
C ASP L 307 31.91 18.09 51.19
N VAL L 308 31.88 18.96 50.18
CA VAL L 308 32.96 19.84 49.87
C VAL L 308 32.42 21.18 49.31
N LYS L 309 33.07 22.29 49.67
CA LYS L 309 32.83 23.60 49.04
C LYS L 309 33.49 23.74 47.65
N HIS L 310 32.72 24.20 46.67
CA HIS L 310 33.13 24.09 45.28
C HIS L 310 33.45 25.37 44.62
N ALA L 311 34.55 25.36 43.89
CA ALA L 311 34.89 26.51 43.10
C ALA L 311 35.51 26.08 41.81
N LEU L 312 35.52 27.01 40.87
CA LEU L 312 36.12 26.80 39.55
C LEU L 312 36.67 28.14 39.10
N ILE L 313 37.98 28.21 38.86
CA ILE L 313 38.55 29.34 38.11
C ILE L 313 39.41 28.83 36.96
N GLY L 314 40.03 29.74 36.21
CA GLY L 314 40.69 29.36 34.96
C GLY L 314 40.91 30.61 34.14
N ALA L 315 41.91 30.55 33.25
CA ALA L 315 42.22 31.61 32.31
C ALA L 315 41.09 31.75 31.32
N GLY L 316 40.95 32.94 30.77
CA GLY L 316 39.92 33.24 29.80
C GLY L 316 40.34 32.70 28.46
N ILE L 317 39.45 32.00 27.81
CA ILE L 317 39.81 31.47 26.51
C ILE L 317 38.71 31.70 25.54
N ASP L 318 39.12 32.28 24.44
CA ASP L 318 38.27 32.67 23.36
C ASP L 318 38.07 31.49 22.42
N SER L 319 36.85 31.38 21.90
CA SER L 319 36.49 30.36 20.86
C SER L 319 36.65 28.93 21.41
N SER L 320 36.45 28.81 22.71
CA SER L 320 36.48 27.51 23.42
C SER L 320 35.96 26.30 22.64
N HIS L 321 36.79 25.23 22.61
CA HIS L 321 36.48 23.89 22.04
C HIS L 321 36.53 23.79 20.51
N ALA L 322 36.43 24.94 19.83
CA ALA L 322 36.81 25.05 18.43
C ALA L 322 38.30 25.44 18.40
N PHE L 323 38.59 26.72 18.15
CA PHE L 323 39.97 27.13 17.97
C PHE L 323 40.39 28.03 19.11
N GLU L 324 41.27 27.51 19.95
CA GLU L 324 41.42 28.08 21.26
C GLU L 324 42.58 29.10 21.29
N ARG L 325 42.38 30.17 22.05
CA ARG L 325 43.40 31.17 22.25
C ARG L 325 43.33 31.78 23.66
N THR L 326 44.48 31.99 24.28
CA THR L 326 44.49 32.88 25.43
C THR L 326 45.72 33.75 25.33
N HIS L 327 45.85 34.70 26.25
CA HIS L 327 47.01 35.58 26.27
C HIS L 327 47.78 35.39 27.54
N GLU L 328 49.10 35.59 27.48
CA GLU L 328 49.92 35.37 28.66
C GLU L 328 49.36 36.10 29.90
N SER L 329 48.82 37.31 29.74
CA SER L 329 48.29 38.08 30.86
C SER L 329 47.34 37.24 31.68
N SER L 330 46.39 36.60 31.02
CA SER L 330 45.44 35.73 31.70
C SER L 330 46.13 34.64 32.48
N ILE L 331 47.11 33.97 31.86
CA ILE L 331 47.80 32.88 32.60
C ILE L 331 48.42 33.40 33.90
N ALA L 332 49.02 34.58 33.81
CA ALA L 332 49.75 35.18 34.91
C ALA L 332 48.76 35.52 36.01
N HIS L 333 47.66 36.16 35.64
CA HIS L 333 46.62 36.44 36.63
C HIS L 333 46.09 35.12 37.25
N THR L 334 45.82 34.11 36.43
CA THR L 334 45.35 32.84 36.97
C THR L 334 46.34 32.27 37.97
N GLU L 335 47.61 32.20 37.55
CA GLU L 335 48.69 31.79 38.42
C GLU L 335 48.70 32.50 39.75
N ALA L 336 48.50 33.81 39.74
CA ALA L 336 48.50 34.58 40.95
C ALA L 336 47.33 34.16 41.87
N LEU L 337 46.13 34.12 41.32
CA LEU L 337 44.95 33.76 42.09
C LEU L 337 45.13 32.38 42.76
N VAL L 338 45.47 31.38 41.95
CA VAL L 338 45.71 30.05 42.45
C VAL L 338 46.77 30.06 43.58
N TYR L 339 47.80 30.91 43.46
CA TYR L 339 48.80 31.01 44.50
C TYR L 339 48.18 31.61 45.77
N ALA L 340 47.57 32.79 45.62
CA ALA L 340 47.02 33.53 46.74
C ALA L 340 45.95 32.74 47.43
N TYR L 341 45.17 31.95 46.67
CA TYR L 341 44.13 31.09 47.25
C TYR L 341 44.76 30.02 48.15
N VAL L 342 45.59 29.20 47.54
CA VAL L 342 46.33 28.19 48.22
C VAL L 342 47.06 28.68 49.51
N MSE L 343 47.34 29.97 49.56
CA MSE L 343 47.99 30.53 50.74
C MSE L 343 46.98 31.01 51.76
O MSE L 343 47.32 31.22 52.93
CB MSE L 343 48.91 31.71 50.33
CG MSE L 343 50.23 31.29 49.70
SE MSE L 343 51.30 30.02 50.79
CE MSE L 343 51.41 30.96 52.52
N SER L 344 45.74 31.17 51.32
CA SER L 344 44.70 31.72 52.18
C SER L 344 44.21 30.69 53.19
N ASN L 345 43.39 31.14 54.13
CA ASN L 345 42.77 30.29 55.16
C ASN L 345 41.42 29.70 54.67
N LEU L 346 40.99 28.59 55.24
CA LEU L 346 39.68 28.01 54.94
C LEU L 346 38.55 28.98 55.20
N ILE L 347 37.53 28.98 54.34
CA ILE L 347 36.42 29.94 54.43
C ILE L 347 35.80 30.08 55.82
N GLU L 348 35.70 31.36 56.22
CA GLU L 348 35.07 31.85 57.43
C GLU L 348 33.68 31.21 57.67
N ALA M 2 20.15 -60.11 7.12
CA ALA M 2 19.09 -60.12 8.16
C ALA M 2 18.66 -58.70 8.54
N HIS M 3 19.60 -57.74 8.59
CA HIS M 3 19.29 -56.33 8.91
C HIS M 3 17.99 -55.82 8.23
N HIS M 4 17.97 -55.94 6.91
CA HIS M 4 16.92 -55.41 6.04
C HIS M 4 16.03 -56.50 5.44
N THR M 5 16.46 -57.75 5.59
CA THR M 5 15.70 -58.92 5.14
C THR M 5 14.36 -59.01 5.89
N LYS M 6 14.43 -58.86 7.21
CA LYS M 6 13.27 -58.85 8.11
C LYS M 6 12.17 -57.85 7.71
N GLU M 7 12.61 -56.65 7.33
CA GLU M 7 11.72 -55.59 6.87
C GLU M 7 11.04 -56.01 5.58
N THR M 8 11.81 -56.59 4.67
CA THR M 8 11.22 -57.14 3.46
C THR M 8 10.11 -58.12 3.81
N MSE M 9 10.29 -58.95 4.84
CA MSE M 9 9.22 -59.87 5.25
C MSE M 9 8.04 -59.17 5.94
O MSE M 9 6.89 -59.56 5.74
CB MSE M 9 9.75 -61.03 6.07
CG MSE M 9 10.26 -62.13 5.17
SE MSE M 9 11.14 -63.69 6.02
CE MSE M 9 9.76 -64.57 7.09
N GLU M 10 8.34 -58.13 6.70
CA GLU M 10 7.32 -57.22 7.19
C GLU M 10 6.39 -56.81 6.05
N LEU M 11 6.97 -56.20 5.01
CA LEU M 11 6.21 -55.69 3.90
C LEU M 11 5.36 -56.79 3.30
N ILE M 12 5.98 -57.94 3.00
CA ILE M 12 5.27 -59.05 2.41
C ILE M 12 3.98 -59.37 3.19
N LYS M 13 4.12 -59.66 4.48
CA LYS M 13 2.96 -59.87 5.36
C LYS M 13 1.96 -58.70 5.28
N GLU M 14 2.46 -57.46 5.18
CA GLU M 14 1.55 -56.34 5.03
C GLU M 14 0.70 -56.45 3.75
N LEU M 15 1.37 -56.69 2.62
CA LEU M 15 0.68 -56.89 1.34
C LEU M 15 -0.23 -58.12 1.33
N VAL M 16 0.28 -59.24 1.79
CA VAL M 16 -0.52 -60.47 1.81
C VAL M 16 -1.81 -60.26 2.60
N SER M 17 -1.79 -59.29 3.50
CA SER M 17 -2.92 -59.03 4.37
C SER M 17 -3.94 -58.11 3.75
N ILE M 18 -3.65 -57.61 2.56
CA ILE M 18 -4.66 -56.82 1.88
C ILE M 18 -5.15 -57.71 0.78
N PRO M 19 -6.42 -58.07 0.83
CA PRO M 19 -6.97 -58.98 -0.17
C PRO M 19 -6.85 -58.37 -1.56
N SER M 20 -6.54 -59.17 -2.57
CA SER M 20 -6.47 -58.58 -3.89
C SER M 20 -6.69 -59.56 -4.99
N PRO M 21 -7.88 -60.17 -5.07
CA PRO M 21 -7.92 -61.10 -6.18
C PRO M 21 -7.97 -60.41 -7.53
N SER M 22 -7.41 -61.10 -8.50
CA SER M 22 -7.45 -60.68 -9.88
C SER M 22 -8.87 -60.18 -10.19
N GLY M 23 -8.93 -58.95 -10.71
CA GLY M 23 -10.16 -58.22 -10.99
C GLY M 23 -10.49 -57.15 -9.96
N ASN M 24 -9.94 -57.30 -8.77
CA ASN M 24 -10.24 -56.40 -7.68
C ASN M 24 -9.01 -56.11 -6.85
N THR M 25 -8.10 -55.37 -7.44
CA THR M 25 -6.80 -55.03 -6.91
C THR M 25 -6.67 -53.54 -6.54
N ALA M 26 -7.70 -52.74 -6.77
CA ALA M 26 -7.57 -51.33 -6.45
C ALA M 26 -7.00 -51.03 -5.04
N LYS M 27 -7.52 -51.69 -4.01
CA LYS M 27 -7.17 -51.31 -2.65
C LYS M 27 -5.66 -51.46 -2.40
N ILE M 28 -5.07 -52.50 -2.94
CA ILE M 28 -3.64 -52.72 -2.78
C ILE M 28 -2.84 -51.80 -3.68
N ILE M 29 -3.29 -51.56 -4.91
CA ILE M 29 -2.54 -50.71 -5.79
C ILE M 29 -2.50 -49.32 -5.13
N ASN M 30 -3.61 -48.92 -4.52
CA ASN M 30 -3.59 -47.71 -3.71
C ASN M 30 -2.55 -47.75 -2.61
N PHE M 31 -2.56 -48.85 -1.86
CA PHE M 31 -1.67 -48.97 -0.73
C PHE M 31 -0.26 -48.77 -1.17
N ILE M 32 0.04 -49.34 -2.32
CA ILE M 32 1.37 -49.18 -2.92
C ILE M 32 1.69 -47.76 -3.42
N GLU M 33 0.76 -47.07 -4.09
CA GLU M 33 1.06 -45.69 -4.49
C GLU M 33 1.35 -44.87 -3.24
N ASN M 34 0.53 -45.01 -2.23
CA ASN M 34 0.74 -44.26 -0.99
C ASN M 34 1.70 -44.92 0.00
N TYR M 35 2.76 -45.53 -0.57
CA TYR M 35 3.84 -46.18 0.17
C TYR M 35 5.13 -45.67 -0.46
N VAL M 36 5.04 -45.30 -1.74
CA VAL M 36 6.15 -44.79 -2.51
C VAL M 36 5.95 -43.33 -2.85
N SER M 37 4.85 -42.76 -2.38
CA SER M 37 4.52 -41.39 -2.72
C SER M 37 5.61 -40.41 -2.26
N GLU M 38 6.47 -40.80 -1.30
CA GLU M 38 7.51 -39.89 -0.77
C GLU M 38 8.82 -39.99 -1.53
N TRP M 39 8.96 -41.11 -2.23
CA TRP M 39 10.20 -41.49 -2.89
C TRP M 39 10.47 -40.63 -4.10
N ASN M 40 11.70 -40.63 -4.56
CA ASN M 40 11.93 -39.88 -5.78
C ASN M 40 11.60 -40.64 -7.05
N VAL M 41 11.08 -41.85 -6.90
CA VAL M 41 10.71 -42.62 -8.06
C VAL M 41 9.47 -42.02 -8.72
N GLU M 42 9.37 -42.19 -10.04
CA GLU M 42 8.24 -41.67 -10.80
C GLU M 42 7.20 -42.75 -10.96
N THR M 43 5.94 -42.37 -10.74
CA THR M 43 4.83 -43.29 -10.48
C THR M 43 3.70 -43.06 -11.46
N LYS M 44 3.34 -44.08 -12.23
CA LYS M 44 2.32 -43.89 -13.27
C LYS M 44 1.28 -45.01 -13.30
N ARG M 45 0.03 -44.67 -12.96
CA ARG M 45 -1.08 -45.61 -13.07
C ARG M 45 -1.49 -45.75 -14.52
N ASN M 46 -2.37 -46.69 -14.76
CA ASN M 46 -2.48 -47.39 -16.01
C ASN M 46 -3.95 -47.30 -16.36
N ASN M 47 -4.34 -47.60 -17.58
CA ASN M 47 -5.77 -47.79 -17.78
C ASN M 47 -6.37 -49.03 -17.07
N LYS M 48 -5.65 -50.13 -17.07
CA LYS M 48 -6.12 -51.33 -16.41
C LYS M 48 -5.92 -51.27 -14.89
N GLY M 49 -5.42 -50.15 -14.36
CA GLY M 49 -5.12 -50.06 -12.93
C GLY M 49 -3.76 -50.52 -12.40
N ALA M 50 -2.81 -50.85 -13.27
CA ALA M 50 -1.48 -51.28 -12.84
C ALA M 50 -0.53 -50.11 -12.59
N LEU M 51 0.61 -50.37 -11.94
CA LEU M 51 1.62 -49.31 -11.75
C LEU M 51 2.88 -49.49 -12.57
N ILE M 52 3.48 -48.40 -13.01
CA ILE M 52 4.82 -48.42 -13.60
C ILE M 52 5.61 -47.44 -12.78
N LEU M 53 6.69 -47.91 -12.19
CA LEU M 53 7.56 -47.04 -11.44
C LEU M 53 8.81 -47.01 -12.30
N THR M 54 9.28 -45.82 -12.60
CA THR M 54 10.36 -45.69 -13.53
C THR M 54 11.52 -45.03 -12.80
N VAL M 55 12.73 -45.55 -13.02
CA VAL M 55 13.95 -44.90 -12.50
C VAL M 55 14.89 -44.71 -13.68
N LYS M 56 15.18 -43.46 -14.05
CA LYS M 56 16.05 -43.16 -15.19
C LYS M 56 17.48 -43.56 -14.89
N GLY M 57 18.14 -44.20 -15.84
CA GLY M 57 19.55 -44.53 -15.69
C GLY M 57 20.52 -43.53 -16.34
N LYS M 58 21.70 -44.01 -16.73
CA LYS M 58 22.59 -43.22 -17.56
C LYS M 58 22.06 -43.28 -18.97
N ASN M 59 21.84 -44.49 -19.47
CA ASN M 59 21.41 -44.68 -20.82
C ASN M 59 19.90 -44.63 -20.83
N ASP M 60 19.35 -43.75 -21.66
CA ASP M 60 17.91 -43.63 -21.81
C ASP M 60 17.35 -44.01 -23.21
N ALA M 61 18.17 -44.60 -24.08
CA ALA M 61 17.67 -45.11 -25.37
C ALA M 61 17.53 -46.63 -25.37
N GLN M 62 17.83 -47.24 -24.23
CA GLN M 62 17.80 -48.68 -24.07
C GLN M 62 17.28 -48.93 -22.68
N HIS M 63 16.00 -49.26 -22.58
CA HIS M 63 15.37 -49.46 -21.28
C HIS M 63 15.33 -50.91 -20.83
N ARG M 64 15.14 -51.06 -19.52
CA ARG M 64 14.93 -52.35 -18.85
C ARG M 64 13.58 -52.32 -18.12
N LEU M 65 13.01 -53.50 -17.89
CA LEU M 65 11.69 -53.61 -17.25
C LEU M 65 11.71 -54.79 -16.26
N LEU M 66 11.38 -54.53 -14.99
CA LEU M 66 11.12 -55.63 -14.05
C LEU M 66 9.65 -55.67 -13.80
N THR M 67 9.12 -56.86 -13.56
CA THR M 67 7.71 -56.96 -13.27
C THR M 67 7.41 -57.97 -12.16
N ALA M 68 6.37 -57.67 -11.39
CA ALA M 68 5.76 -58.60 -10.42
C ALA M 68 4.28 -58.26 -10.27
N HIS M 69 3.42 -59.25 -10.10
CA HIS M 69 2.00 -59.00 -10.06
C HIS M 69 1.53 -59.06 -8.62
N VAL M 70 0.47 -58.28 -8.30
CA VAL M 70 -0.18 -58.18 -6.98
C VAL M 70 -1.51 -58.89 -6.94
N ASP M 71 -2.04 -59.24 -8.09
CA ASP M 71 -3.27 -60.03 -8.07
C ASP M 71 -2.98 -61.48 -7.61
N THR M 72 -4.04 -62.16 -7.23
CA THR M 72 -4.00 -63.30 -6.34
C THR M 72 -5.12 -64.26 -6.78
N LEU M 73 -5.00 -65.54 -6.40
CA LEU M 73 -6.10 -66.50 -6.54
C LEU M 73 -7.27 -65.97 -5.76
N GLY M 74 -8.48 -66.13 -6.26
CA GLY M 74 -9.63 -65.85 -5.42
C GLY M 74 -10.82 -66.54 -6.01
N ALA M 75 -11.98 -66.01 -5.68
CA ALA M 75 -13.22 -66.48 -6.26
C ALA M 75 -14.22 -65.36 -6.43
N MSE M 76 -15.37 -65.70 -7.00
CA MSE M 76 -16.42 -64.77 -7.26
C MSE M 76 -17.71 -65.50 -7.08
O MSE M 76 -17.84 -66.67 -7.47
CB MSE M 76 -16.31 -64.24 -8.69
CG MSE M 76 -17.50 -63.38 -9.15
SE MSE M 76 -17.19 -62.38 -10.83
CE MSE M 76 -15.62 -61.26 -10.37
N VAL M 77 -18.69 -64.78 -6.53
CA VAL M 77 -20.01 -65.32 -6.27
C VAL M 77 -20.70 -65.64 -7.61
N LYS M 78 -21.08 -66.91 -7.81
CA LYS M 78 -21.61 -67.41 -9.08
C LYS M 78 -23.10 -67.55 -9.02
N GLU M 79 -23.60 -68.02 -7.89
CA GLU M 79 -25.04 -68.05 -7.65
C GLU M 79 -25.32 -68.01 -6.18
N ILE M 80 -26.38 -67.31 -5.80
CA ILE M 80 -26.89 -67.41 -4.42
C ILE M 80 -27.92 -68.55 -4.37
N LYS M 81 -27.63 -69.56 -3.56
CA LYS M 81 -28.44 -70.77 -3.57
C LYS M 81 -29.66 -70.64 -2.65
N PRO M 82 -30.78 -71.30 -2.98
CA PRO M 82 -32.04 -71.16 -2.22
C PRO M 82 -31.91 -71.19 -0.70
N ASP M 83 -31.02 -72.03 -0.19
CA ASP M 83 -30.72 -72.08 1.26
C ASP M 83 -29.81 -70.92 1.70
N GLY M 84 -29.30 -70.10 0.79
CA GLY M 84 -28.50 -68.95 1.21
C GLY M 84 -27.01 -69.24 1.21
N ARG M 85 -26.63 -70.49 0.97
CA ARG M 85 -25.22 -70.79 0.70
C ARG M 85 -24.91 -70.10 -0.63
N LEU M 86 -23.67 -69.64 -0.80
CA LEU M 86 -23.17 -69.00 -2.00
C LEU M 86 -22.40 -70.00 -2.84
N SER M 87 -22.48 -69.92 -4.17
CA SER M 87 -21.64 -70.78 -4.97
C SER M 87 -20.66 -69.94 -5.77
N LEU M 88 -19.48 -70.48 -5.99
CA LEU M 88 -18.34 -69.71 -6.48
C LEU M 88 -17.88 -70.05 -7.87
N SER M 89 -17.29 -69.05 -8.51
CA SER M 89 -16.48 -69.30 -9.69
C SER M 89 -15.02 -69.00 -9.34
N MSE M 90 -14.11 -69.82 -9.82
CA MSE M 90 -12.70 -69.67 -9.55
C MSE M 90 -12.05 -68.42 -10.19
O MSE M 90 -12.21 -68.20 -11.41
CB MSE M 90 -12.02 -70.93 -10.05
CG MSE M 90 -10.54 -70.94 -9.92
SE MSE M 90 -9.70 -72.65 -10.48
CE MSE M 90 -10.54 -73.86 -9.14
N ILE M 91 -11.34 -67.59 -9.40
CA ILE M 91 -10.48 -66.57 -10.02
C ILE M 91 -9.08 -67.17 -9.98
N GLY M 92 -8.48 -67.37 -11.16
CA GLY M 92 -7.14 -67.96 -11.26
C GLY M 92 -7.19 -69.45 -11.55
N GLY M 93 -6.06 -70.13 -11.45
CA GLY M 93 -6.00 -71.56 -11.73
C GLY M 93 -5.33 -72.33 -10.62
N PHE M 94 -6.11 -73.17 -9.92
CA PHE M 94 -5.67 -74.00 -8.80
C PHE M 94 -6.67 -75.15 -8.64
N ARG M 95 -6.41 -76.10 -7.76
CA ARG M 95 -7.41 -77.14 -7.49
C ARG M 95 -8.30 -76.73 -6.34
N TRP M 96 -9.60 -77.03 -6.41
CA TRP M 96 -10.53 -76.64 -5.30
C TRP M 96 -10.24 -77.42 -4.00
N ASN M 97 -9.75 -78.66 -4.10
CA ASN M 97 -9.32 -79.42 -2.92
C ASN M 97 -8.68 -78.51 -1.92
N SER M 98 -7.71 -77.73 -2.42
CA SER M 98 -6.77 -76.97 -1.62
C SER M 98 -7.34 -75.72 -0.95
N VAL M 99 -8.62 -75.43 -1.12
CA VAL M 99 -9.21 -74.27 -0.41
C VAL M 99 -10.37 -74.70 0.49
N GLU M 100 -10.54 -76.01 0.64
CA GLU M 100 -11.66 -76.50 1.41
C GLU M 100 -11.49 -76.21 2.90
N GLY M 101 -12.55 -75.70 3.52
CA GLY M 101 -12.52 -75.27 4.93
C GLY M 101 -11.74 -73.99 5.21
N GLU M 102 -11.27 -73.29 4.17
CA GLU M 102 -10.59 -72.01 4.34
C GLU M 102 -11.58 -70.89 4.65
N TYR M 103 -11.16 -69.96 5.52
CA TYR M 103 -12.01 -68.83 5.83
C TYR M 103 -11.90 -67.84 4.68
N CYS M 104 -12.91 -67.01 4.52
CA CYS M 104 -12.93 -66.12 3.36
C CYS M 104 -13.73 -64.86 3.69
N GLU M 105 -13.66 -63.90 2.76
CA GLU M 105 -14.37 -62.62 2.86
C GLU M 105 -15.14 -62.35 1.57
N ILE M 106 -16.32 -61.79 1.74
CA ILE M 106 -17.11 -61.42 0.60
C ILE M 106 -17.23 -59.94 0.67
N GLU M 107 -16.96 -59.27 -0.44
CA GLU M 107 -17.04 -57.85 -0.50
C GLU M 107 -18.21 -57.53 -1.42
N THR M 108 -19.03 -56.55 -1.00
CA THR M 108 -20.22 -56.10 -1.76
C THR M 108 -19.83 -54.95 -2.64
N SER M 109 -20.68 -54.72 -3.63
CA SER M 109 -20.60 -53.54 -4.46
C SER M 109 -20.37 -52.28 -3.64
N SER M 110 -21.04 -52.17 -2.50
CA SER M 110 -20.95 -50.96 -1.71
C SER M 110 -19.73 -50.95 -0.78
N GLY M 111 -18.99 -52.05 -0.75
CA GLY M 111 -17.75 -52.12 0.01
C GLY M 111 -17.91 -52.81 1.35
N LYS M 112 -19.13 -53.20 1.68
CA LYS M 112 -19.35 -53.99 2.91
C LYS M 112 -18.72 -55.40 2.74
N THR M 113 -18.20 -55.95 3.83
CA THR M 113 -17.49 -57.23 3.81
C THR M 113 -18.02 -58.23 4.85
N TYR M 114 -18.24 -59.45 4.42
CA TYR M 114 -18.73 -60.45 5.32
C TYR M 114 -17.74 -61.60 5.32
N THR M 115 -17.64 -62.27 6.46
CA THR M 115 -16.73 -63.39 6.50
C THR M 115 -17.47 -64.70 6.17
N GLY M 116 -16.73 -65.76 5.92
CA GLY M 116 -17.30 -67.03 5.47
C GLY M 116 -16.30 -68.18 5.51
N THR M 117 -16.78 -69.37 5.21
CA THR M 117 -15.97 -70.58 5.07
C THR M 117 -16.33 -71.26 3.76
N ILE M 118 -15.31 -71.69 3.02
CA ILE M 118 -15.51 -72.51 1.84
C ILE M 118 -15.65 -73.95 2.25
N LEU M 119 -16.69 -74.59 1.71
CA LEU M 119 -16.90 -76.02 1.93
C LEU M 119 -17.36 -76.66 0.63
N MSE M 120 -17.25 -77.98 0.53
CA MSE M 120 -17.94 -78.72 -0.57
C MSE M 120 -18.68 -79.98 -0.13
O MSE M 120 -18.32 -80.58 0.86
CB MSE M 120 -16.99 -79.03 -1.72
CG MSE M 120 -15.98 -80.12 -1.42
SE MSE M 120 -14.22 -79.57 -2.10
CE MSE M 120 -13.42 -81.37 -2.40
N ILE M 141 -19.05 -77.13 -4.05
CA ILE M 141 -18.20 -75.99 -3.69
C ILE M 141 -18.99 -74.70 -3.44
N GLU M 142 -19.29 -74.45 -2.17
CA GLU M 142 -20.10 -73.29 -1.71
C GLU M 142 -19.38 -72.50 -0.63
N VAL M 143 -20.00 -71.39 -0.26
CA VAL M 143 -19.64 -70.59 0.88
C VAL M 143 -20.79 -70.54 1.88
N ARG M 144 -20.53 -71.08 3.07
CA ARG M 144 -21.34 -70.83 4.27
C ARG M 144 -20.93 -69.47 4.87
N ILE M 145 -21.90 -68.53 4.88
CA ILE M 145 -21.70 -67.15 5.35
C ILE M 145 -21.87 -67.01 6.88
N ASP M 146 -21.00 -66.25 7.55
CA ASP M 146 -21.21 -66.02 8.98
C ASP M 146 -22.31 -64.97 9.30
N GLU M 147 -23.51 -65.24 8.77
CA GLU M 147 -24.74 -64.56 9.16
C GLU M 147 -25.96 -65.46 9.16
N ARG M 148 -26.89 -65.12 10.05
CA ARG M 148 -28.15 -65.84 10.16
C ARG M 148 -29.08 -65.57 8.99
N VAL M 149 -28.67 -66.03 7.80
CA VAL M 149 -29.44 -65.90 6.53
C VAL M 149 -29.84 -67.29 6.04
N PHE M 150 -31.05 -67.44 5.54
CA PHE M 150 -31.55 -68.77 5.26
C PHE M 150 -32.12 -68.85 3.85
N SER M 151 -31.94 -67.79 3.07
CA SER M 151 -32.54 -67.76 1.75
C SER M 151 -31.90 -66.71 0.88
N ALA M 152 -32.03 -66.90 -0.42
CA ALA M 152 -31.60 -65.93 -1.40
C ALA M 152 -31.95 -64.49 -1.02
N ASP M 153 -33.23 -64.21 -0.79
CA ASP M 153 -33.70 -62.88 -0.43
C ASP M 153 -32.96 -62.29 0.76
N GLU M 154 -32.63 -63.13 1.73
CA GLU M 154 -32.00 -62.65 2.94
C GLU M 154 -30.55 -62.35 2.73
N VAL M 155 -29.91 -63.17 1.89
CA VAL M 155 -28.53 -62.94 1.48
C VAL M 155 -28.43 -61.65 0.69
N ARG M 156 -29.30 -61.44 -0.28
CA ARG M 156 -29.28 -60.21 -1.07
C ARG M 156 -29.52 -59.03 -0.16
N GLU M 157 -30.36 -59.20 0.86
CA GLU M 157 -30.64 -58.13 1.82
C GLU M 157 -29.36 -57.59 2.52
N LEU M 158 -28.35 -58.45 2.61
CA LEU M 158 -27.00 -58.08 3.02
C LEU M 158 -26.22 -57.25 1.96
N GLY M 159 -26.72 -57.22 0.73
CA GLY M 159 -26.00 -56.55 -0.33
C GLY M 159 -25.04 -57.45 -1.12
N ILE M 160 -24.98 -58.72 -0.74
CA ILE M 160 -24.25 -59.70 -1.54
C ILE M 160 -25.00 -59.90 -2.86
N GLU M 161 -24.29 -59.83 -3.99
CA GLU M 161 -24.89 -60.10 -5.31
C GLU M 161 -23.97 -61.08 -6.02
N VAL M 162 -24.53 -61.85 -6.98
CA VAL M 162 -23.76 -62.55 -8.00
C VAL M 162 -22.80 -61.50 -8.52
N GLY M 163 -21.52 -61.83 -8.62
CA GLY M 163 -20.49 -60.90 -9.10
C GLY M 163 -19.57 -60.36 -8.01
N ASP M 164 -20.00 -60.42 -6.75
CA ASP M 164 -19.12 -60.05 -5.60
C ASP M 164 -17.83 -60.86 -5.59
N PHE M 165 -16.71 -60.22 -5.26
CA PHE M 165 -15.43 -60.92 -5.14
C PHE M 165 -15.31 -61.60 -3.81
N VAL M 166 -14.63 -62.73 -3.79
CA VAL M 166 -14.40 -63.48 -2.52
C VAL M 166 -12.89 -63.74 -2.42
N SER M 167 -12.33 -63.62 -1.22
CA SER M 167 -10.90 -63.85 -1.10
C SER M 167 -10.69 -64.85 -0.02
N PHE M 168 -9.54 -65.51 -0.02
CA PHE M 168 -9.24 -66.53 0.97
C PHE M 168 -8.32 -65.98 1.99
N ASP M 169 -8.65 -66.19 3.25
CA ASP M 169 -7.83 -65.68 4.33
C ASP M 169 -6.43 -66.21 4.12
N PRO M 170 -5.41 -65.36 4.20
CA PRO M 170 -4.13 -65.95 3.84
C PRO M 170 -3.44 -66.80 4.90
N ARG M 171 -3.88 -66.71 6.15
CA ARG M 171 -3.20 -67.38 7.26
C ARG M 171 -1.71 -67.24 7.12
N VAL M 172 -1.24 -66.02 7.12
CA VAL M 172 0.17 -65.77 6.91
C VAL M 172 0.93 -65.77 8.25
N GLN M 173 2.08 -66.44 8.30
CA GLN M 173 2.88 -66.50 9.56
C GLN M 173 4.36 -66.39 9.22
N ILE M 174 5.09 -65.65 10.04
CA ILE M 174 6.52 -65.57 9.97
C ILE M 174 7.05 -66.24 11.24
N THR M 175 7.78 -67.34 11.05
CA THR M 175 8.25 -68.16 12.15
C THR M 175 9.55 -67.65 12.66
N GLU M 176 9.78 -67.92 13.95
CA GLU M 176 11.02 -67.46 14.53
C GLU M 176 12.21 -67.98 13.75
N SER M 177 12.16 -69.22 13.26
CA SER M 177 13.28 -69.79 12.50
C SER M 177 13.37 -69.27 11.02
N GLY M 178 12.59 -68.24 10.69
CA GLY M 178 12.77 -67.56 9.41
C GLY M 178 11.97 -68.01 8.19
N TYR M 179 10.99 -68.90 8.36
CA TYR M 179 10.11 -69.19 7.23
C TYR M 179 9.02 -68.18 7.21
N ILE M 180 8.55 -67.86 6.01
CA ILE M 180 7.23 -67.25 5.87
C ILE M 180 6.25 -68.25 5.22
N LYS M 181 5.12 -68.49 5.85
CA LYS M 181 4.10 -69.27 5.19
C LYS M 181 2.77 -68.63 5.23
N SER M 182 2.11 -68.77 4.11
CA SER M 182 0.73 -68.40 3.96
C SER M 182 0.27 -69.25 2.83
N ARG M 183 -0.94 -69.81 2.94
CA ARG M 183 -1.69 -70.28 1.76
C ARG M 183 -1.54 -69.42 0.47
N HIS M 184 -1.46 -68.08 0.58
CA HIS M 184 -1.31 -67.28 -0.61
C HIS M 184 0.11 -67.16 -1.03
N LEU M 185 0.79 -66.16 -0.46
CA LEU M 185 2.05 -65.62 -0.99
C LEU M 185 1.83 -65.25 -2.45
N ASP M 186 1.91 -66.28 -3.29
CA ASP M 186 1.56 -66.23 -4.70
C ASP M 186 1.95 -64.94 -5.35
N ASP M 187 3.20 -64.55 -5.13
CA ASP M 187 3.88 -63.42 -5.85
C ASP M 187 3.98 -62.08 -5.22
N LYS M 188 3.37 -61.91 -4.05
CA LYS M 188 3.58 -60.71 -3.26
C LYS M 188 5.00 -60.59 -2.65
N VAL M 189 5.71 -61.70 -2.56
CA VAL M 189 7.10 -61.72 -2.15
C VAL M 189 7.82 -60.86 -3.18
N SER M 190 7.63 -61.21 -4.47
CA SER M 190 8.36 -60.47 -5.50
C SER M 190 7.94 -59.00 -5.46
N VAL M 191 6.65 -58.73 -5.29
CA VAL M 191 6.22 -57.35 -5.17
C VAL M 191 7.08 -56.64 -4.15
N ALA M 192 7.28 -57.24 -2.98
CA ALA M 192 8.05 -56.56 -1.92
C ALA M 192 9.52 -56.40 -2.24
N ILE M 193 10.08 -57.41 -2.91
CA ILE M 193 11.45 -57.28 -3.39
C ILE M 193 11.56 -56.07 -4.29
N LEU M 194 10.66 -55.94 -5.26
CA LEU M 194 10.85 -54.84 -6.22
C LEU M 194 10.71 -53.52 -5.50
N LEU M 195 9.68 -53.42 -4.66
CA LEU M 195 9.47 -52.23 -3.87
C LEU M 195 10.70 -51.87 -3.05
N LYS M 196 11.38 -52.86 -2.46
CA LYS M 196 12.45 -52.49 -1.53
C LYS M 196 13.76 -52.17 -2.21
N LEU M 197 13.99 -52.81 -3.35
CA LEU M 197 15.11 -52.45 -4.22
C LEU M 197 14.98 -50.99 -4.71
N ILE M 198 13.81 -50.60 -5.25
CA ILE M 198 13.59 -49.20 -5.68
C ILE M 198 13.99 -48.22 -4.58
N LYS M 199 13.54 -48.52 -3.36
CA LYS M 199 13.92 -47.76 -2.17
C LYS M 199 15.43 -47.78 -1.87
N ARG M 200 16.09 -48.90 -2.13
CA ARG M 200 17.51 -49.07 -1.87
C ARG M 200 18.31 -48.19 -2.80
N LEU M 201 17.96 -48.23 -4.08
CA LEU M 201 18.59 -47.37 -5.06
C LEU M 201 18.39 -45.89 -4.78
N GLN M 202 17.37 -45.52 -4.00
CA GLN M 202 17.18 -44.10 -3.63
C GLN M 202 18.14 -43.73 -2.52
N ASP M 203 18.21 -44.60 -1.53
CA ASP M 203 19.09 -44.42 -0.39
C ASP M 203 20.53 -44.63 -0.88
N GLU M 204 20.86 -45.87 -1.25
CA GLU M 204 22.17 -46.29 -1.76
C GLU M 204 22.96 -45.18 -2.42
N ASN M 205 22.26 -44.39 -3.24
CA ASN M 205 22.85 -43.28 -4.00
C ASN M 205 23.34 -43.58 -5.40
N VAL M 206 23.18 -44.83 -5.84
CA VAL M 206 23.75 -45.27 -7.12
C VAL M 206 22.89 -44.89 -8.31
N THR M 207 23.51 -44.91 -9.48
CA THR M 207 22.83 -44.60 -10.70
C THR M 207 22.73 -45.91 -11.47
N LEU M 208 21.51 -46.37 -11.60
CA LEU M 208 21.18 -47.36 -12.59
C LEU M 208 21.91 -47.00 -13.89
N PRO M 209 22.46 -48.01 -14.58
CA PRO M 209 23.02 -47.70 -15.87
C PRO M 209 21.93 -47.51 -16.94
N TYR M 210 20.72 -47.99 -16.67
CA TYR M 210 19.65 -47.90 -17.66
C TYR M 210 18.32 -47.48 -17.11
N THR M 211 17.60 -46.66 -17.88
CA THR M 211 16.22 -46.37 -17.55
C THR M 211 15.50 -47.70 -17.31
N THR M 212 14.95 -47.85 -16.11
CA THR M 212 14.36 -49.10 -15.70
C THR M 212 12.98 -48.91 -15.11
N HIS M 213 12.04 -49.64 -15.71
CA HIS M 213 10.66 -49.61 -15.32
C HIS M 213 10.38 -50.79 -14.39
N PHE M 214 9.57 -50.55 -13.36
CA PHE M 214 9.16 -51.59 -12.43
C PHE M 214 7.67 -51.67 -12.49
N LEU M 215 7.17 -52.72 -13.11
CA LEU M 215 5.75 -52.81 -13.42
C LEU M 215 5.07 -53.67 -12.38
N ILE M 216 4.22 -53.07 -11.56
CA ILE M 216 3.47 -53.90 -10.67
C ILE M 216 2.17 -54.28 -11.36
N SER M 217 2.09 -55.44 -12.02
CA SER M 217 0.86 -55.74 -12.75
C SER M 217 -0.22 -56.31 -11.85
N ASN M 218 -1.45 -56.29 -12.34
CA ASN M 218 -2.62 -56.66 -11.56
C ASN M 218 -3.51 -57.73 -12.24
N ASN M 219 -2.98 -58.37 -13.28
CA ASN M 219 -3.73 -59.29 -14.14
C ASN M 219 -3.01 -60.56 -14.65
N GLU M 220 -1.83 -60.91 -14.12
CA GLU M 220 -1.28 -62.27 -14.39
C GLU M 220 -2.33 -63.11 -13.68
N GLU M 221 -2.18 -64.44 -13.68
CA GLU M 221 -3.31 -65.33 -13.27
C GLU M 221 -4.48 -65.14 -14.25
N ILE M 222 -4.28 -64.25 -15.24
CA ILE M 222 -5.26 -63.82 -16.29
C ILE M 222 -6.49 -63.04 -15.77
N ASN M 229 1.63 -51.70 -21.73
CA ASN M 229 2.54 -50.68 -22.28
C ASN M 229 3.98 -51.11 -21.97
N ILE M 230 4.77 -51.29 -23.01
CA ILE M 230 6.18 -51.63 -22.85
C ILE M 230 6.94 -50.66 -23.75
N PRO M 231 7.54 -49.61 -23.15
CA PRO M 231 8.25 -48.56 -23.86
C PRO M 231 8.99 -49.15 -25.05
N GLU M 232 8.70 -48.66 -26.26
CA GLU M 232 9.40 -49.08 -27.48
C GLU M 232 10.88 -49.46 -27.27
N GLU M 233 11.51 -48.89 -26.26
CA GLU M 233 12.97 -48.95 -26.07
C GLU M 233 13.45 -49.99 -25.07
N THR M 234 12.50 -50.77 -24.58
CA THR M 234 12.76 -51.84 -23.64
C THR M 234 13.50 -52.98 -24.35
N VAL M 235 14.71 -53.29 -23.90
CA VAL M 235 15.56 -54.35 -24.49
C VAL M 235 15.41 -55.71 -23.78
N GLU M 236 15.39 -55.69 -22.45
CA GLU M 236 15.31 -56.89 -21.63
C GLU M 236 14.14 -56.83 -20.67
N TYR M 237 13.53 -57.99 -20.39
CA TYR M 237 12.30 -58.07 -19.60
C TYR M 237 12.45 -59.18 -18.59
N LEU M 238 12.61 -58.82 -17.32
CA LEU M 238 12.69 -59.82 -16.27
C LEU M 238 11.35 -59.91 -15.47
N ALA M 239 10.79 -61.10 -15.36
CA ALA M 239 9.64 -61.33 -14.47
C ALA M 239 10.19 -61.85 -13.17
N VAL M 240 9.63 -61.38 -12.05
CA VAL M 240 9.97 -61.88 -10.72
C VAL M 240 8.74 -62.57 -10.14
N ASP M 241 8.75 -63.88 -10.19
CA ASP M 241 7.56 -64.67 -9.95
C ASP M 241 8.10 -66.02 -9.51
N MSE M 242 7.22 -66.92 -9.14
CA MSE M 242 7.62 -68.21 -8.60
C MSE M 242 6.73 -69.24 -9.24
O MSE M 242 5.52 -68.98 -9.43
CB MSE M 242 7.44 -68.19 -7.07
CG MSE M 242 7.90 -66.84 -6.40
SE MSE M 242 7.61 -66.48 -4.41
CE MSE M 242 5.60 -66.38 -4.36
N GLY M 243 7.31 -70.38 -9.61
CA GLY M 243 6.59 -71.57 -10.11
C GLY M 243 6.78 -72.82 -9.26
N ALA M 244 5.82 -73.77 -9.35
CA ALA M 244 5.94 -75.13 -8.77
C ALA M 244 6.63 -76.07 -9.76
N LEU M 245 7.54 -76.91 -9.25
CA LEU M 245 8.32 -77.87 -10.07
C LEU M 245 7.63 -79.26 -10.16
N GLY M 246 8.09 -80.10 -11.10
CA GLY M 246 7.57 -81.47 -11.30
C GLY M 246 7.44 -82.30 -10.02
N ASP M 247 8.43 -82.16 -9.13
CA ASP M 247 8.42 -82.64 -7.72
C ASP M 247 9.18 -81.66 -6.77
N GLY M 248 8.40 -80.85 -6.05
CA GLY M 248 8.90 -79.80 -5.14
C GLY M 248 8.58 -78.40 -5.64
N SER M 251 11.84 -79.13 -4.01
CA SER M 251 11.92 -77.66 -4.09
C SER M 251 13.07 -77.11 -3.27
N ASP M 252 13.56 -75.92 -3.65
CA ASP M 252 14.50 -75.22 -2.81
C ASP M 252 14.01 -73.88 -2.30
N GLU M 253 13.64 -73.88 -1.02
CA GLU M 253 13.28 -72.65 -0.34
C GLU M 253 14.47 -71.84 0.19
N TYR M 254 15.70 -72.06 -0.30
CA TYR M 254 16.86 -71.36 0.30
C TYR M 254 17.76 -70.65 -0.72
N THR M 255 17.28 -70.63 -1.96
CA THR M 255 18.09 -70.15 -3.06
C THR M 255 17.24 -69.27 -3.96
N VAL M 256 17.86 -68.57 -4.89
CA VAL M 256 17.08 -67.85 -5.86
C VAL M 256 16.88 -68.82 -7.03
N SER M 257 15.67 -68.95 -7.59
CA SER M 257 15.61 -69.77 -8.81
C SER M 257 15.64 -68.95 -10.04
N ILE M 258 16.49 -69.34 -10.98
CA ILE M 258 16.51 -68.80 -12.33
C ILE M 258 15.81 -69.81 -13.21
N CYS M 259 14.82 -69.34 -13.97
CA CYS M 259 14.04 -70.25 -14.80
C CYS M 259 14.70 -70.46 -16.14
N ALA M 260 14.93 -71.71 -16.51
CA ALA M 260 15.51 -71.96 -17.81
C ALA M 260 14.37 -72.07 -18.80
N LYS M 261 13.20 -72.53 -18.34
CA LYS M 261 12.15 -72.84 -19.28
C LYS M 261 10.90 -73.01 -18.49
N ASP M 262 9.79 -72.63 -19.10
CA ASP M 262 8.48 -72.90 -18.49
C ASP M 262 7.51 -73.39 -19.54
N SER M 263 6.31 -73.76 -19.11
CA SER M 263 5.18 -74.14 -19.97
C SER M 263 5.20 -73.53 -21.35
N SER M 264 5.49 -72.25 -21.42
CA SER M 264 5.51 -71.61 -22.74
C SER M 264 6.91 -71.41 -23.29
N GLY M 265 7.75 -72.42 -23.18
CA GLY M 265 9.07 -72.38 -23.81
C GLY M 265 10.28 -71.91 -23.00
N PRO M 266 11.48 -72.17 -23.53
CA PRO M 266 12.74 -71.66 -22.95
C PRO M 266 12.76 -70.14 -22.83
N TYR M 267 13.33 -69.66 -21.73
CA TYR M 267 13.59 -68.24 -21.59
C TYR M 267 14.83 -67.95 -22.39
N HIS M 268 15.06 -66.68 -22.72
CA HIS M 268 16.24 -66.31 -23.48
C HIS M 268 17.49 -66.93 -22.83
N TYR M 269 18.31 -67.55 -23.66
CA TYR M 269 19.41 -68.40 -23.17
C TYR M 269 20.61 -67.57 -22.76
N ALA M 270 20.97 -66.62 -23.61
CA ALA M 270 22.00 -65.65 -23.31
C ALA M 270 21.65 -64.86 -22.03
N LEU M 271 20.44 -64.35 -21.93
CA LEU M 271 20.09 -63.61 -20.73
C LEU M 271 20.12 -64.48 -19.44
N ARG M 272 19.74 -65.76 -19.56
CA ARG M 272 19.74 -66.65 -18.42
C ARG M 272 21.15 -67.05 -18.00
N LYS M 273 22.02 -67.34 -18.96
CA LYS M 273 23.43 -67.59 -18.63
C LYS M 273 24.05 -66.39 -17.90
N HIS M 274 23.62 -65.21 -18.32
CA HIS M 274 24.01 -63.97 -17.68
C HIS M 274 23.67 -64.00 -16.18
N LEU M 275 22.40 -64.27 -15.84
CA LEU M 275 21.95 -64.22 -14.44
C LEU M 275 22.68 -65.22 -13.57
N VAL M 276 22.94 -66.40 -14.15
CA VAL M 276 23.68 -67.46 -13.48
C VAL M 276 25.09 -66.99 -13.18
N GLU M 277 25.72 -66.35 -14.17
CA GLU M 277 27.06 -65.86 -13.97
C GLU M 277 27.05 -64.71 -12.98
N LEU M 278 26.01 -63.90 -13.06
CA LEU M 278 25.77 -62.86 -12.08
C LEU M 278 25.62 -63.42 -10.65
N ALA M 279 25.05 -64.60 -10.51
CA ALA M 279 24.86 -65.17 -9.19
C ALA M 279 26.21 -65.62 -8.68
N LYS M 280 26.95 -66.32 -9.56
CA LYS M 280 28.27 -66.85 -9.24
C LYS M 280 29.24 -65.79 -8.77
N THR M 281 29.24 -64.70 -9.51
CA THR M 281 30.04 -63.51 -9.29
C THR M 281 29.80 -62.87 -7.92
N ASN M 282 28.55 -62.84 -7.47
CA ASN M 282 28.21 -62.19 -6.23
C ASN M 282 27.86 -63.20 -5.17
N HIS M 283 28.22 -64.46 -5.42
CA HIS M 283 28.15 -65.49 -4.39
C HIS M 283 26.73 -65.69 -3.85
N ILE M 284 25.76 -65.46 -4.72
CA ILE M 284 24.36 -65.68 -4.39
C ILE M 284 24.04 -67.15 -4.68
N GLU M 285 23.51 -67.84 -3.67
CA GLU M 285 23.04 -69.22 -3.81
C GLU M 285 21.87 -69.32 -4.76
N TYR M 286 22.06 -70.00 -5.89
CA TYR M 286 21.03 -70.06 -6.91
C TYR M 286 20.74 -71.47 -7.26
N LYS M 287 19.73 -71.71 -8.09
CA LYS M 287 19.42 -73.02 -8.63
C LYS M 287 18.75 -72.85 -10.01
N VAL M 288 19.18 -73.54 -11.06
CA VAL M 288 18.42 -73.27 -12.29
C VAL M 288 17.28 -74.29 -12.46
N ASP M 289 16.14 -73.83 -12.95
CA ASP M 289 14.90 -74.59 -12.82
C ASP M 289 13.97 -74.66 -13.99
N ILE M 290 13.24 -75.76 -14.08
CA ILE M 290 12.15 -75.82 -15.02
C ILE M 290 10.83 -75.84 -14.29
N TYR M 291 10.03 -74.80 -14.54
CA TYR M 291 8.65 -74.72 -14.05
C TYR M 291 7.73 -75.32 -15.10
N PRO M 292 7.28 -76.58 -14.92
CA PRO M 292 6.44 -77.21 -15.95
C PRO M 292 5.05 -76.62 -16.12
N TYR M 293 4.57 -75.82 -15.16
CA TYR M 293 3.21 -75.23 -15.29
C TYR M 293 3.12 -73.67 -15.27
N TYR M 294 4.07 -72.95 -15.90
CA TYR M 294 3.98 -71.45 -15.96
C TYR M 294 3.65 -70.90 -17.34
N ARG M 303 4.03 -64.25 -22.38
CA ARG M 303 4.88 -63.06 -22.23
C ARG M 303 5.32 -62.44 -23.59
N ALA M 304 6.12 -63.18 -24.37
CA ALA M 304 6.64 -62.66 -25.63
C ALA M 304 5.61 -62.60 -26.77
N GLY M 305 5.18 -61.38 -27.07
CA GLY M 305 4.64 -61.02 -28.41
C GLY M 305 5.27 -59.67 -28.76
N PHE M 306 6.20 -59.25 -27.89
CA PHE M 306 6.98 -58.02 -28.02
C PHE M 306 8.43 -58.36 -28.37
N ASP M 307 9.14 -57.40 -28.96
CA ASP M 307 10.48 -57.58 -29.54
C ASP M 307 11.60 -57.41 -28.49
N VAL M 308 11.56 -58.23 -27.43
CA VAL M 308 12.33 -57.99 -26.19
C VAL M 308 12.97 -59.29 -25.63
N LYS M 309 14.05 -59.18 -24.85
CA LYS M 309 14.68 -60.38 -24.27
C LYS M 309 14.14 -60.74 -22.89
N HIS M 310 13.58 -61.96 -22.77
CA HIS M 310 12.84 -62.39 -21.56
C HIS M 310 13.60 -63.25 -20.56
N ALA M 311 13.35 -63.02 -19.28
CA ALA M 311 13.86 -63.82 -18.15
C ALA M 311 12.86 -63.95 -17.01
N LEU M 312 13.05 -64.98 -16.19
CA LEU M 312 12.20 -65.21 -15.03
C LEU M 312 13.07 -65.71 -13.89
N ILE M 313 13.04 -64.99 -12.79
CA ILE M 313 13.64 -65.49 -11.54
C ILE M 313 12.57 -65.38 -10.45
N GLY M 314 12.87 -65.94 -9.27
CA GLY M 314 12.09 -65.67 -8.06
C GLY M 314 12.58 -66.44 -6.86
N ALA M 315 12.18 -66.04 -5.66
CA ALA M 315 12.30 -66.90 -4.48
C ALA M 315 11.77 -68.31 -4.78
N GLY M 316 12.46 -69.33 -4.28
CA GLY M 316 11.95 -70.67 -4.43
C GLY M 316 10.89 -70.90 -3.36
N ILE M 317 9.65 -71.17 -3.75
CA ILE M 317 8.62 -71.48 -2.76
C ILE M 317 8.27 -72.92 -2.84
N ASP M 318 8.04 -73.53 -1.69
CA ASP M 318 7.47 -74.85 -1.63
C ASP M 318 5.94 -74.82 -1.73
N SER M 319 5.41 -75.91 -2.30
CA SER M 319 3.98 -76.34 -2.19
C SER M 319 3.08 -75.20 -2.68
N SER M 320 3.38 -74.71 -3.88
CA SER M 320 2.90 -73.42 -4.33
C SER M 320 1.39 -73.31 -4.64
N PHE M 323 -0.63 -74.48 -0.20
CA PHE M 323 -0.16 -73.97 1.09
C PHE M 323 1.33 -73.76 1.02
N GLU M 324 1.75 -72.50 0.85
CA GLU M 324 3.10 -72.23 0.37
C GLU M 324 4.04 -71.59 1.38
N ARG M 325 5.33 -71.79 1.15
CA ARG M 325 6.30 -71.35 2.09
C ARG M 325 7.64 -71.08 1.43
N THR M 326 8.43 -70.21 2.05
CA THR M 326 9.78 -70.00 1.60
C THR M 326 10.57 -69.56 2.82
N HIS M 327 11.90 -69.64 2.76
CA HIS M 327 12.74 -69.14 3.84
C HIS M 327 13.34 -67.71 3.62
N GLU M 328 13.58 -66.95 4.71
CA GLU M 328 14.16 -65.59 4.51
C GLU M 328 15.43 -65.63 3.65
N SER M 329 16.24 -66.68 3.77
CA SER M 329 17.50 -66.75 3.04
C SER M 329 17.31 -66.74 1.51
N SER M 330 16.19 -67.26 1.04
CA SER M 330 15.96 -67.27 -0.39
C SER M 330 15.48 -65.92 -0.88
N ILE M 331 14.86 -65.16 0.03
CA ILE M 331 14.49 -63.77 -0.27
C ILE M 331 15.76 -62.92 -0.35
N ALA M 332 16.61 -63.06 0.66
CA ALA M 332 17.93 -62.46 0.65
C ALA M 332 18.63 -62.71 -0.68
N HIS M 333 18.75 -63.98 -1.08
CA HIS M 333 19.37 -64.26 -2.37
C HIS M 333 18.69 -63.59 -3.59
N THR M 334 17.37 -63.67 -3.64
CA THR M 334 16.63 -63.09 -4.75
C THR M 334 16.84 -61.58 -4.80
N GLU M 335 16.91 -60.99 -3.61
CA GLU M 335 17.10 -59.56 -3.49
C GLU M 335 18.46 -59.13 -4.03
N ALA M 336 19.50 -59.89 -3.68
CA ALA M 336 20.82 -59.60 -4.20
C ALA M 336 20.87 -59.77 -5.74
N LEU M 337 20.24 -60.82 -6.26
CA LEU M 337 20.27 -61.10 -7.69
C LEU M 337 19.58 -60.00 -8.48
N VAL M 338 18.38 -59.62 -8.06
CA VAL M 338 17.68 -58.59 -8.77
C VAL M 338 18.49 -57.31 -8.75
N TYR M 339 19.15 -57.02 -7.62
CA TYR M 339 20.05 -55.86 -7.55
C TYR M 339 21.27 -55.97 -8.48
N ALA M 340 22.01 -57.08 -8.41
CA ALA M 340 23.15 -57.21 -9.30
C ALA M 340 22.68 -57.11 -10.76
N TYR M 341 21.57 -57.78 -11.08
CA TYR M 341 21.08 -57.76 -12.45
C TYR M 341 20.83 -56.34 -12.93
N VAL M 342 20.13 -55.58 -12.12
CA VAL M 342 19.80 -54.20 -12.46
C VAL M 342 21.05 -53.36 -12.72
N MSE M 343 22.15 -53.66 -12.03
CA MSE M 343 23.44 -52.93 -12.17
C MSE M 343 24.32 -53.38 -13.32
O MSE M 343 25.19 -52.67 -13.75
CB MSE M 343 24.27 -53.02 -10.87
CG MSE M 343 23.69 -52.26 -9.69
SE MSE M 343 23.23 -50.39 -10.10
CE MSE M 343 25.05 -49.66 -10.36
N SER M 344 24.09 -54.59 -13.81
CA SER M 344 24.83 -55.17 -14.91
C SER M 344 24.59 -54.43 -16.24
N ASN M 345 25.51 -54.53 -17.20
CA ASN M 345 25.23 -54.00 -18.54
C ASN M 345 24.44 -54.99 -19.38
N LEU M 346 23.76 -54.49 -20.41
CA LEU M 346 22.95 -55.33 -21.31
C LEU M 346 23.82 -56.37 -22.03
N ILE M 347 23.19 -57.46 -22.49
CA ILE M 347 23.96 -58.48 -23.17
C ILE M 347 24.05 -58.22 -24.70
N GLU M 348 25.28 -58.11 -25.23
CA GLU M 348 25.47 -57.86 -26.69
C GLU M 348 25.29 -59.15 -27.48
N HIS N 3 -21.64 -60.51 28.84
CA HIS N 3 -22.62 -61.44 29.50
C HIS N 3 -22.33 -62.91 29.19
N HIS N 4 -22.50 -63.75 30.21
CA HIS N 4 -23.10 -65.06 30.12
C HIS N 4 -22.78 -65.85 28.85
N THR N 5 -23.71 -65.90 27.90
CA THR N 5 -23.48 -66.72 26.69
C THR N 5 -22.14 -66.36 26.03
N LYS N 6 -21.85 -65.08 25.88
CA LYS N 6 -20.57 -64.66 25.32
C LYS N 6 -19.38 -65.01 26.23
N GLU N 7 -19.57 -64.94 27.54
CA GLU N 7 -18.53 -65.50 28.42
C GLU N 7 -18.30 -67.03 28.24
N THR N 8 -19.38 -67.81 28.08
CA THR N 8 -19.26 -69.22 27.72
C THR N 8 -18.36 -69.40 26.50
N MSE N 9 -18.58 -68.61 25.47
CA MSE N 9 -17.82 -68.72 24.24
C MSE N 9 -16.34 -68.49 24.46
O MSE N 9 -15.50 -69.28 24.02
CB MSE N 9 -18.36 -67.75 23.19
CG MSE N 9 -19.84 -67.97 22.89
SE MSE N 9 -20.39 -67.93 20.98
CE MSE N 9 -21.84 -69.18 21.29
N GLU N 10 -16.02 -67.42 25.18
CA GLU N 10 -14.64 -67.14 25.54
C GLU N 10 -13.93 -68.34 26.17
N LEU N 11 -14.59 -69.00 27.11
CA LEU N 11 -14.09 -70.23 27.69
C LEU N 11 -13.81 -71.32 26.60
N ILE N 12 -14.73 -71.46 25.65
CA ILE N 12 -14.53 -72.40 24.58
C ILE N 12 -13.23 -72.05 23.87
N LYS N 13 -13.07 -70.78 23.55
CA LYS N 13 -11.94 -70.33 22.82
C LYS N 13 -10.67 -70.68 23.63
N GLU N 14 -10.67 -70.31 24.91
CA GLU N 14 -9.53 -70.63 25.78
C GLU N 14 -9.26 -72.12 25.66
N LEU N 15 -10.32 -72.95 25.77
CA LEU N 15 -10.14 -74.38 25.76
C LEU N 15 -9.64 -74.96 24.42
N VAL N 16 -10.18 -74.52 23.29
CA VAL N 16 -9.70 -75.12 22.06
C VAL N 16 -8.25 -74.64 21.81
N SER N 17 -7.88 -73.51 22.41
CA SER N 17 -6.57 -72.96 22.21
C SER N 17 -5.51 -73.76 22.93
N ILE N 18 -5.92 -74.61 23.86
CA ILE N 18 -4.97 -75.57 24.45
C ILE N 18 -5.02 -76.90 23.70
N PRO N 19 -3.92 -77.32 23.05
CA PRO N 19 -3.90 -78.67 22.41
C PRO N 19 -4.21 -79.81 23.36
N SER N 20 -5.07 -80.76 22.98
CA SER N 20 -5.31 -81.92 23.85
C SER N 20 -5.82 -83.12 23.07
N PRO N 21 -4.97 -83.68 22.18
CA PRO N 21 -5.41 -84.84 21.42
C PRO N 21 -5.44 -86.06 22.35
N SER N 22 -6.39 -86.98 22.11
CA SER N 22 -6.48 -88.20 22.91
C SER N 22 -5.10 -88.80 23.14
N GLY N 23 -4.80 -89.01 24.40
CA GLY N 23 -3.51 -89.57 24.80
C GLY N 23 -2.64 -88.56 25.50
N ASN N 24 -2.83 -87.29 25.16
CA ASN N 24 -2.00 -86.23 25.71
C ASN N 24 -2.92 -85.17 26.25
N THR N 25 -3.72 -85.47 27.26
CA THR N 25 -4.60 -84.44 27.76
C THR N 25 -4.14 -83.78 29.06
N ALA N 26 -3.04 -84.22 29.66
CA ALA N 26 -2.55 -83.54 30.89
C ALA N 26 -2.66 -81.98 30.98
N LYS N 27 -2.06 -81.24 30.05
CA LYS N 27 -2.07 -79.76 30.16
C LYS N 27 -3.50 -79.25 30.33
N ILE N 28 -4.46 -79.80 29.60
CA ILE N 28 -5.79 -79.22 29.58
C ILE N 28 -6.58 -79.59 30.85
N ILE N 29 -6.40 -80.80 31.34
CA ILE N 29 -7.03 -81.25 32.55
C ILE N 29 -6.43 -80.46 33.74
N ASN N 30 -5.13 -80.17 33.71
CA ASN N 30 -4.58 -79.25 34.69
C ASN N 30 -5.14 -77.88 34.64
N PHE N 31 -5.29 -77.35 33.44
CA PHE N 31 -5.94 -76.06 33.28
C PHE N 31 -7.37 -76.08 33.88
N ILE N 32 -8.13 -77.14 33.62
CA ILE N 32 -9.48 -77.19 34.10
C ILE N 32 -9.47 -77.33 35.62
N GLU N 33 -8.43 -77.97 36.14
CA GLU N 33 -8.34 -78.21 37.56
C GLU N 33 -8.19 -76.89 38.22
N ASN N 34 -7.35 -76.02 37.65
CA ASN N 34 -7.08 -74.69 38.23
C ASN N 34 -8.30 -73.80 38.18
N TYR N 35 -8.88 -73.69 37.00
CA TYR N 35 -10.04 -72.89 36.73
C TYR N 35 -11.12 -73.00 37.81
N VAL N 36 -11.24 -74.18 38.42
CA VAL N 36 -12.27 -74.44 39.42
C VAL N 36 -11.69 -74.62 40.84
N SER N 37 -10.41 -74.38 41.04
CA SER N 37 -9.77 -74.76 42.30
C SER N 37 -10.35 -74.01 43.46
N GLU N 38 -10.80 -72.78 43.20
CA GLU N 38 -11.42 -71.95 44.28
C GLU N 38 -12.89 -72.24 44.44
N TRP N 39 -13.48 -73.00 43.55
CA TRP N 39 -14.93 -73.19 43.54
C TRP N 39 -15.40 -74.18 44.59
N ASN N 40 -16.68 -74.22 44.86
CA ASN N 40 -17.15 -75.14 45.88
C ASN N 40 -17.16 -76.60 45.46
N VAL N 41 -17.23 -76.85 44.16
CA VAL N 41 -17.32 -78.19 43.62
C VAL N 41 -16.16 -79.10 44.09
N GLU N 42 -16.47 -80.32 44.51
CA GLU N 42 -15.37 -81.24 44.80
C GLU N 42 -14.78 -81.90 43.51
N THR N 43 -13.47 -82.15 43.53
CA THR N 43 -12.68 -82.55 42.36
C THR N 43 -11.92 -83.83 42.61
N LYS N 44 -11.97 -84.74 41.66
CA LYS N 44 -11.31 -86.03 41.78
C LYS N 44 -10.66 -86.29 40.43
N ARG N 45 -9.35 -86.53 40.43
CA ARG N 45 -8.67 -87.05 39.23
C ARG N 45 -8.73 -88.52 39.29
N ASN N 46 -8.42 -89.18 38.22
CA ASN N 46 -8.60 -90.60 38.27
C ASN N 46 -7.32 -91.28 37.71
N ASN N 47 -7.27 -92.61 37.70
CA ASN N 47 -6.05 -93.29 37.33
C ASN N 47 -5.66 -93.03 35.90
N LYS N 48 -6.68 -92.70 35.11
CA LYS N 48 -6.56 -92.51 33.69
C LYS N 48 -6.25 -91.02 33.40
N GLY N 49 -6.40 -90.17 34.40
CA GLY N 49 -6.24 -88.74 34.20
C GLY N 49 -7.47 -87.92 33.85
N ALA N 50 -8.63 -88.58 33.68
CA ALA N 50 -9.89 -87.87 33.52
C ALA N 50 -10.31 -87.22 34.83
N LEU N 51 -11.18 -86.24 34.74
CA LEU N 51 -11.57 -85.44 35.88
C LEU N 51 -13.01 -85.68 36.23
N ILE N 52 -13.31 -85.82 37.51
CA ILE N 52 -14.72 -85.96 37.97
C ILE N 52 -15.06 -84.86 38.97
N LEU N 53 -15.95 -83.98 38.55
CA LEU N 53 -16.39 -82.89 39.40
C LEU N 53 -17.80 -83.13 39.97
N THR N 54 -17.90 -83.11 41.30
CA THR N 54 -19.15 -83.50 41.98
C THR N 54 -19.73 -82.34 42.78
N VAL N 55 -21.03 -82.15 42.60
CA VAL N 55 -21.80 -81.18 43.32
C VAL N 55 -22.84 -82.00 44.07
N LYS N 56 -22.78 -81.95 45.41
CA LYS N 56 -23.72 -82.67 46.26
C LYS N 56 -25.11 -82.10 46.05
N GLY N 57 -26.11 -82.97 46.01
CA GLY N 57 -27.51 -82.57 45.95
C GLY N 57 -28.29 -82.98 47.19
N LYS N 58 -29.52 -82.49 47.31
CA LYS N 58 -30.35 -82.85 48.43
C LYS N 58 -30.37 -84.35 48.62
N ASN N 59 -30.69 -85.04 47.53
CA ASN N 59 -30.72 -86.49 47.53
C ASN N 59 -29.44 -87.11 47.03
N ASP N 60 -28.66 -87.63 47.98
CA ASP N 60 -27.34 -88.28 47.77
C ASP N 60 -27.40 -89.83 47.75
N ALA N 61 -28.60 -90.40 47.59
CA ALA N 61 -28.78 -91.85 47.44
C ALA N 61 -28.96 -92.21 45.97
N GLN N 62 -29.41 -91.24 45.18
CA GLN N 62 -29.53 -91.44 43.76
C GLN N 62 -28.85 -90.25 43.09
N HIS N 63 -28.06 -90.59 42.08
CA HIS N 63 -27.13 -89.67 41.43
C HIS N 63 -27.37 -89.56 39.93
N ARG N 64 -27.02 -88.42 39.42
CA ARG N 64 -27.16 -88.13 38.02
C ARG N 64 -25.69 -87.97 37.56
N LEU N 65 -25.39 -88.30 36.29
CA LEU N 65 -24.05 -88.15 35.71
C LEU N 65 -24.15 -87.45 34.36
N LEU N 66 -23.31 -86.42 34.20
CA LEU N 66 -23.18 -85.63 32.98
C LEU N 66 -21.76 -85.78 32.51
N THR N 67 -21.61 -85.94 31.21
CA THR N 67 -20.29 -86.09 30.69
C THR N 67 -20.00 -85.21 29.48
N ALA N 68 -18.75 -84.78 29.32
CA ALA N 68 -18.32 -84.10 28.10
C ALA N 68 -16.86 -84.44 27.91
N HIS N 69 -16.34 -84.59 26.70
CA HIS N 69 -14.94 -85.01 26.60
C HIS N 69 -14.01 -83.88 26.20
N VAL N 70 -12.80 -83.80 26.79
CA VAL N 70 -11.76 -82.84 26.32
C VAL N 70 -10.67 -83.34 25.37
N ASP N 71 -10.61 -84.63 25.10
CA ASP N 71 -9.62 -85.07 24.18
C ASP N 71 -10.15 -84.67 22.81
N THR N 72 -9.28 -84.47 21.83
CA THR N 72 -9.67 -84.07 20.51
C THR N 72 -8.97 -85.01 19.50
N LEU N 73 -9.28 -84.84 18.21
CA LEU N 73 -8.55 -85.50 17.15
C LEU N 73 -7.13 -84.98 17.20
N GLY N 74 -6.22 -85.70 16.58
CA GLY N 74 -4.84 -85.28 16.43
C GLY N 74 -4.04 -86.37 15.70
N ALA N 75 -2.72 -86.29 15.80
CA ALA N 75 -1.90 -87.26 15.15
C ALA N 75 -0.69 -87.60 15.99
N MSE N 76 0.02 -88.66 15.63
CA MSE N 76 1.26 -89.02 16.27
C MSE N 76 2.30 -89.33 15.23
O MSE N 76 1.98 -89.92 14.19
CB MSE N 76 1.05 -90.26 17.09
CG MSE N 76 2.18 -90.63 17.97
SE MSE N 76 1.67 -92.22 19.01
CE MSE N 76 0.72 -91.32 20.50
N VAL N 77 3.54 -88.97 15.51
CA VAL N 77 4.64 -89.26 14.64
C VAL N 77 4.90 -90.76 14.61
N LYS N 78 4.73 -91.39 13.44
CA LYS N 78 4.94 -92.84 13.36
C LYS N 78 6.23 -93.13 12.67
N GLU N 79 6.79 -92.12 12.04
CA GLU N 79 8.01 -92.30 11.31
C GLU N 79 8.62 -90.96 10.93
N ILE N 80 9.92 -90.84 11.22
CA ILE N 80 10.72 -89.74 10.70
C ILE N 80 11.32 -90.19 9.36
N LYS N 81 10.97 -89.49 8.29
CA LYS N 81 11.44 -89.85 6.98
C LYS N 81 12.83 -89.29 6.71
N PRO N 82 13.56 -89.89 5.74
CA PRO N 82 14.97 -89.55 5.53
C PRO N 82 15.16 -88.15 4.97
N ASP N 83 14.14 -87.61 4.30
CA ASP N 83 14.19 -86.23 3.80
C ASP N 83 13.94 -85.27 4.95
N GLY N 84 13.59 -85.77 6.13
CA GLY N 84 13.38 -84.91 7.29
C GLY N 84 11.93 -84.67 7.60
N ARG N 85 11.06 -84.98 6.65
CA ARG N 85 9.61 -84.72 6.79
C ARG N 85 9.07 -85.81 7.72
N LEU N 86 7.91 -85.63 8.34
CA LEU N 86 7.41 -86.64 9.27
C LEU N 86 6.19 -87.31 8.74
N SER N 87 6.00 -88.55 9.19
CA SER N 87 4.86 -89.34 8.79
C SER N 87 3.96 -89.51 10.01
N LEU N 88 2.65 -89.66 9.81
CA LEU N 88 1.71 -89.57 10.94
C LEU N 88 0.73 -90.70 11.07
N SER N 89 0.37 -91.03 12.31
CA SER N 89 -0.70 -91.93 12.59
C SER N 89 -1.81 -91.05 13.14
N MSE N 90 -3.03 -91.33 12.76
CA MSE N 90 -4.16 -90.51 13.16
C MSE N 90 -4.63 -90.90 14.58
O MSE N 90 -4.77 -92.10 14.87
CB MSE N 90 -5.26 -90.74 12.11
CG MSE N 90 -6.70 -90.44 12.49
SE MSE N 90 -8.07 -91.10 11.14
CE MSE N 90 -7.34 -90.14 9.53
N ILE N 91 -4.83 -89.90 15.47
CA ILE N 91 -5.62 -90.08 16.69
C ILE N 91 -7.06 -89.63 16.44
N GLY N 92 -8.02 -90.53 16.53
CA GLY N 92 -9.44 -90.15 16.35
C GLY N 92 -9.98 -90.59 14.99
N GLY N 93 -11.24 -90.27 14.67
CA GLY N 93 -11.89 -90.74 13.43
C GLY N 93 -12.31 -89.72 12.38
N PHE N 94 -11.36 -89.09 11.69
CA PHE N 94 -11.65 -88.12 10.59
C PHE N 94 -11.11 -88.56 9.17
N ARG N 95 -11.38 -87.76 8.13
CA ARG N 95 -10.69 -87.95 6.87
C ARG N 95 -9.48 -87.03 6.78
N TRP N 96 -8.33 -87.57 6.40
CA TRP N 96 -7.13 -86.73 6.26
C TRP N 96 -7.41 -85.54 5.35
N ASN N 97 -8.09 -85.78 4.22
CA ASN N 97 -8.52 -84.74 3.30
C ASN N 97 -8.88 -83.42 4.01
N SER N 98 -9.49 -83.54 5.18
CA SER N 98 -9.97 -82.40 5.91
C SER N 98 -8.86 -81.67 6.68
N VAL N 99 -7.61 -82.14 6.58
CA VAL N 99 -6.49 -81.52 7.28
C VAL N 99 -5.28 -81.27 6.39
N GLU N 100 -5.40 -81.49 5.09
CA GLU N 100 -4.33 -81.06 4.23
C GLU N 100 -4.16 -79.52 4.36
N GLY N 101 -2.92 -79.09 4.57
CA GLY N 101 -2.57 -77.68 4.67
C GLY N 101 -2.72 -77.06 6.05
N GLU N 102 -3.32 -77.81 6.97
CA GLU N 102 -3.52 -77.33 8.32
C GLU N 102 -2.14 -77.10 8.97
N TYR N 103 -2.04 -76.10 9.83
CA TYR N 103 -0.80 -75.94 10.55
C TYR N 103 -0.88 -76.80 11.82
N CYS N 104 0.26 -77.20 12.36
CA CYS N 104 0.24 -78.12 13.49
C CYS N 104 1.42 -77.87 14.43
N GLU N 105 1.29 -78.30 15.69
CA GLU N 105 2.40 -78.26 16.63
C GLU N 105 2.81 -79.67 16.90
N ILE N 106 4.12 -79.94 16.90
CA ILE N 106 4.69 -81.22 17.29
C ILE N 106 5.27 -81.01 18.69
N GLU N 107 4.97 -81.93 19.59
CA GLU N 107 5.42 -81.81 20.95
C GLU N 107 6.36 -82.94 21.26
N THR N 108 7.49 -82.57 21.80
CA THR N 108 8.57 -83.47 22.09
C THR N 108 8.40 -84.11 23.50
N SER N 109 9.01 -85.27 23.74
CA SER N 109 9.03 -85.84 25.10
C SER N 109 9.34 -84.82 26.17
N SER N 110 10.51 -84.19 26.06
CA SER N 110 10.91 -83.18 27.02
C SER N 110 9.93 -81.99 27.07
N GLY N 111 8.91 -82.00 26.21
CA GLY N 111 7.95 -80.92 26.17
C GLY N 111 8.28 -79.71 25.30
N LYS N 112 9.37 -79.75 24.50
CA LYS N 112 9.63 -78.74 23.45
C LYS N 112 8.57 -78.84 22.37
N THR N 113 8.30 -77.70 21.75
CA THR N 113 7.29 -77.51 20.72
C THR N 113 7.89 -77.03 19.41
N TYR N 114 7.40 -77.56 18.28
CA TYR N 114 7.79 -77.11 16.95
C TYR N 114 6.54 -76.95 16.09
N THR N 115 6.61 -76.19 15.01
CA THR N 115 5.43 -75.96 14.20
C THR N 115 5.68 -76.59 12.87
N GLY N 116 4.59 -76.84 12.16
CA GLY N 116 4.64 -77.51 10.91
C GLY N 116 3.38 -77.25 10.14
N THR N 117 3.37 -77.81 8.93
CA THR N 117 2.18 -77.90 8.09
C THR N 117 1.95 -79.35 7.67
N ILE N 118 0.69 -79.72 7.61
CA ILE N 118 0.37 -81.04 7.17
C ILE N 118 0.21 -80.94 5.68
N LEU N 119 0.93 -81.80 4.98
CA LEU N 119 0.85 -81.88 3.53
C LEU N 119 0.44 -83.28 3.18
N MSE N 120 -0.34 -83.40 2.11
CA MSE N 120 -0.91 -84.67 1.71
C MSE N 120 -0.91 -84.83 0.18
O MSE N 120 0.07 -84.49 -0.49
CB MSE N 120 -2.32 -84.79 2.31
CG MSE N 120 -3.00 -86.12 2.13
SE MSE N 120 -4.83 -85.82 1.41
CE MSE N 120 -4.70 -86.55 -0.44
N ILE N 141 0.57 -88.99 3.64
CA ILE N 141 0.36 -87.76 4.42
C ILE N 141 1.50 -87.45 5.42
N GLU N 142 2.01 -86.22 5.37
CA GLU N 142 3.24 -85.87 6.09
C GLU N 142 3.21 -84.50 6.83
N VAL N 143 4.19 -84.27 7.71
CA VAL N 143 4.42 -82.94 8.24
C VAL N 143 5.72 -82.35 7.70
N ARG N 144 5.63 -81.14 7.15
CA ARG N 144 6.78 -80.27 6.81
C ARG N 144 7.14 -79.43 8.05
N ILE N 145 8.21 -79.78 8.76
CA ILE N 145 8.46 -79.05 10.00
C ILE N 145 9.13 -77.67 9.79
N ASP N 146 8.61 -76.63 10.42
CA ASP N 146 9.16 -75.27 10.17
C ASP N 146 10.54 -75.08 10.84
N GLU N 147 11.50 -75.91 10.44
CA GLU N 147 12.92 -75.75 10.77
C GLU N 147 13.84 -76.27 9.65
N ARG N 148 15.08 -75.80 9.62
CA ARG N 148 15.96 -76.19 8.55
C ARG N 148 16.53 -77.50 8.93
N VAL N 149 15.83 -78.54 8.58
CA VAL N 149 16.18 -79.86 8.97
C VAL N 149 16.06 -80.74 7.74
N PHE N 150 17.09 -81.52 7.45
CA PHE N 150 17.13 -82.16 6.15
C PHE N 150 17.24 -83.64 6.19
N SER N 151 17.31 -84.20 7.40
CA SER N 151 17.55 -85.62 7.55
C SER N 151 16.93 -86.11 8.83
N ALA N 152 16.75 -87.41 8.91
CA ALA N 152 16.14 -87.99 10.06
C ALA N 152 16.95 -87.65 11.30
N ASP N 153 18.27 -87.62 11.17
CA ASP N 153 19.14 -87.32 12.32
C ASP N 153 19.00 -85.91 12.77
N GLU N 154 18.98 -84.99 11.81
CA GLU N 154 18.69 -83.60 12.08
C GLU N 154 17.35 -83.37 12.81
N VAL N 155 16.33 -84.13 12.45
CA VAL N 155 15.05 -84.09 13.19
C VAL N 155 15.15 -84.61 14.62
N ARG N 156 15.91 -85.71 14.83
CA ARG N 156 16.18 -86.31 16.14
C ARG N 156 16.86 -85.27 17.06
N GLU N 157 17.75 -84.45 16.48
CA GLU N 157 18.54 -83.49 17.27
C GLU N 157 17.65 -82.40 17.85
N LEU N 158 16.47 -82.26 17.26
CA LEU N 158 15.43 -81.40 17.75
C LEU N 158 14.65 -82.03 18.93
N GLY N 159 14.80 -83.34 19.13
CA GLY N 159 14.11 -84.04 20.21
C GLY N 159 12.85 -84.75 19.75
N ILE N 160 12.51 -84.55 18.49
CA ILE N 160 11.36 -85.18 17.87
C ILE N 160 11.66 -86.66 17.68
N GLU N 161 10.66 -87.49 17.89
CA GLU N 161 10.85 -88.93 17.98
C GLU N 161 9.52 -89.63 17.68
N VAL N 162 9.56 -90.81 17.07
CA VAL N 162 8.35 -91.64 16.87
C VAL N 162 7.73 -91.73 18.25
N GLY N 163 6.41 -91.58 18.32
CA GLY N 163 5.72 -91.48 19.59
C GLY N 163 5.17 -90.09 19.95
N ASP N 164 5.70 -89.04 19.34
CA ASP N 164 5.34 -87.68 19.72
C ASP N 164 3.94 -87.26 19.30
N PHE N 165 3.29 -86.45 20.11
CA PHE N 165 1.93 -86.08 19.77
C PHE N 165 1.95 -84.89 18.86
N VAL N 166 1.02 -84.88 17.89
CA VAL N 166 0.83 -83.77 16.96
C VAL N 166 -0.58 -83.23 17.03
N SER N 167 -0.70 -81.93 17.14
CA SER N 167 -2.00 -81.33 17.25
C SER N 167 -2.18 -80.43 16.05
N PHE N 168 -3.44 -80.25 15.63
CA PHE N 168 -3.80 -79.48 14.46
C PHE N 168 -4.32 -78.11 14.91
N ASP N 169 -3.86 -77.04 14.30
CA ASP N 169 -4.17 -75.74 14.86
C ASP N 169 -5.63 -75.42 14.65
N PRO N 170 -6.32 -75.04 15.72
CA PRO N 170 -7.78 -75.05 15.61
C PRO N 170 -8.36 -73.88 14.81
N ARG N 171 -7.57 -72.83 14.57
CA ARG N 171 -8.08 -71.68 13.80
C ARG N 171 -9.42 -71.14 14.36
N VAL N 172 -9.47 -70.91 15.66
CA VAL N 172 -10.72 -70.53 16.29
C VAL N 172 -11.07 -69.03 16.21
N GLN N 173 -12.29 -68.75 15.78
CA GLN N 173 -12.73 -67.38 15.69
C GLN N 173 -14.16 -67.27 16.18
N ILE N 174 -14.43 -66.15 16.86
CA ILE N 174 -15.73 -65.73 17.32
C ILE N 174 -16.21 -64.53 16.49
N THR N 175 -17.33 -64.70 15.83
CA THR N 175 -17.88 -63.70 14.93
C THR N 175 -18.75 -62.77 15.74
N GLU N 176 -18.80 -61.53 15.32
CA GLU N 176 -19.64 -60.54 15.93
C GLU N 176 -21.06 -60.84 15.67
N SER N 177 -21.33 -61.57 14.59
CA SER N 177 -22.66 -62.10 14.35
C SER N 177 -23.01 -63.27 15.29
N GLY N 178 -22.09 -63.63 16.19
CA GLY N 178 -22.38 -64.65 17.16
C GLY N 178 -22.10 -66.13 16.87
N TYR N 179 -21.30 -66.43 15.84
CA TYR N 179 -20.87 -67.80 15.55
C TYR N 179 -19.49 -68.04 16.13
N ILE N 180 -19.26 -69.28 16.55
CA ILE N 180 -17.93 -69.71 16.85
C ILE N 180 -17.54 -70.76 15.86
N LYS N 181 -16.38 -70.56 15.27
CA LYS N 181 -15.93 -71.50 14.30
C LYS N 181 -14.46 -71.79 14.47
N SER N 182 -14.14 -72.99 14.08
CA SER N 182 -12.87 -73.55 14.33
C SER N 182 -12.90 -74.83 13.53
N ARG N 183 -11.85 -75.12 12.76
CA ARG N 183 -11.56 -76.52 12.41
C ARG N 183 -11.42 -77.29 13.74
N HIS N 184 -12.07 -78.41 13.86
CA HIS N 184 -12.21 -79.04 15.19
C HIS N 184 -12.49 -78.14 16.42
N LEU N 185 -13.76 -78.20 16.85
CA LEU N 185 -14.21 -77.74 18.14
C LEU N 185 -14.22 -78.96 19.00
N ASP N 186 -14.36 -80.11 18.34
CA ASP N 186 -14.56 -81.40 19.00
C ASP N 186 -15.63 -81.16 19.99
N ASP N 187 -15.42 -81.68 21.21
CA ASP N 187 -16.43 -81.52 22.24
C ASP N 187 -16.18 -80.46 23.31
N LYS N 188 -15.29 -79.51 23.04
CA LYS N 188 -14.98 -78.48 23.99
C LYS N 188 -16.08 -77.47 24.13
N VAL N 189 -16.98 -77.36 23.18
CA VAL N 189 -18.19 -76.60 23.47
C VAL N 189 -18.90 -77.17 24.71
N SER N 190 -19.11 -78.47 24.80
CA SER N 190 -19.87 -78.97 25.97
C SER N 190 -19.12 -78.89 27.33
N VAL N 191 -17.79 -79.05 27.28
CA VAL N 191 -16.94 -78.93 28.48
C VAL N 191 -17.17 -77.55 29.09
N ALA N 192 -17.14 -76.53 28.26
CA ALA N 192 -17.40 -75.17 28.71
C ALA N 192 -18.78 -75.06 29.27
N ILE N 193 -19.76 -75.63 28.56
CA ILE N 193 -21.15 -75.60 29.03
C ILE N 193 -21.23 -76.20 30.43
N LEU N 194 -20.64 -77.38 30.65
CA LEU N 194 -20.71 -77.98 32.01
C LEU N 194 -20.03 -77.09 33.08
N LEU N 195 -18.88 -76.53 32.73
CA LEU N 195 -18.15 -75.69 33.65
C LEU N 195 -18.96 -74.44 34.07
N LYS N 196 -19.64 -73.83 33.12
CA LYS N 196 -20.38 -72.63 33.42
C LYS N 196 -21.55 -73.02 34.27
N LEU N 197 -22.10 -74.19 33.99
CA LEU N 197 -23.20 -74.66 34.79
C LEU N 197 -22.77 -74.81 36.27
N ILE N 198 -21.60 -75.41 36.50
CA ILE N 198 -21.18 -75.69 37.88
C ILE N 198 -21.05 -74.37 38.61
N LYS N 199 -20.39 -73.45 37.95
CA LYS N 199 -20.17 -72.11 38.52
C LYS N 199 -21.51 -71.43 38.81
N ARG N 200 -22.48 -71.63 37.92
CA ARG N 200 -23.75 -70.93 38.09
C ARG N 200 -24.54 -71.46 39.30
N LEU N 201 -24.52 -72.79 39.50
CA LEU N 201 -25.10 -73.37 40.70
C LEU N 201 -24.51 -72.68 41.91
N GLN N 202 -23.23 -72.32 41.81
CA GLN N 202 -22.56 -71.74 42.95
C GLN N 202 -22.94 -70.28 43.17
N ASP N 203 -22.66 -69.40 42.20
CA ASP N 203 -23.09 -67.99 42.27
C ASP N 203 -24.53 -67.84 42.76
N GLU N 204 -25.47 -68.45 42.05
CA GLU N 204 -26.90 -68.28 42.29
C GLU N 204 -27.41 -69.04 43.50
N ASN N 205 -26.48 -69.72 44.16
CA ASN N 205 -26.74 -70.37 45.41
C ASN N 205 -27.99 -71.28 45.30
N VAL N 206 -28.03 -72.12 44.27
CA VAL N 206 -29.15 -73.03 44.07
C VAL N 206 -28.77 -74.48 44.47
N THR N 207 -29.77 -75.26 44.82
CA THR N 207 -29.54 -76.62 45.28
C THR N 207 -30.03 -77.68 44.29
N LEU N 208 -29.10 -78.53 43.87
CA LEU N 208 -29.40 -79.67 43.05
C LEU N 208 -30.34 -80.65 43.78
N PRO N 209 -31.36 -81.19 43.07
CA PRO N 209 -32.16 -82.14 43.83
C PRO N 209 -31.37 -83.47 44.11
N TYR N 210 -30.41 -83.80 43.23
CA TYR N 210 -29.56 -85.01 43.36
C TYR N 210 -28.06 -84.74 43.27
N THR N 211 -27.26 -85.52 43.99
CA THR N 211 -25.84 -85.45 43.75
C THR N 211 -25.62 -85.74 42.27
N THR N 212 -24.88 -84.83 41.62
CA THR N 212 -24.63 -84.87 40.18
C THR N 212 -23.14 -84.82 39.95
N HIS N 213 -22.64 -85.78 39.18
CA HIS N 213 -21.27 -85.85 38.85
C HIS N 213 -21.08 -85.33 37.41
N PHE N 214 -20.07 -84.48 37.24
CA PHE N 214 -19.69 -84.04 35.94
C PHE N 214 -18.33 -84.62 35.57
N LEU N 215 -18.33 -85.47 34.54
CA LEU N 215 -17.15 -86.23 34.23
C LEU N 215 -16.54 -85.61 32.99
N ILE N 216 -15.36 -85.05 33.15
CA ILE N 216 -14.61 -84.45 32.06
C ILE N 216 -13.63 -85.53 31.61
N SER N 217 -14.04 -86.38 30.67
CA SER N 217 -13.23 -87.48 30.20
C SER N 217 -12.13 -87.07 29.23
N ASN N 218 -11.20 -87.98 29.01
CA ASN N 218 -9.98 -87.63 28.33
C ASN N 218 -9.65 -88.65 27.27
N ASN N 219 -10.54 -89.60 27.02
CA ASN N 219 -10.19 -90.60 26.04
C ASN N 219 -11.35 -91.19 25.27
N GLU N 220 -12.23 -90.36 24.67
CA GLU N 220 -13.12 -90.90 23.64
C GLU N 220 -13.26 -90.06 22.35
N SER N 228 -15.10 -97.56 34.48
CA SER N 228 -15.11 -96.27 33.77
C SER N 228 -15.46 -95.12 34.73
N ASN N 229 -15.78 -95.49 35.99
CA ASN N 229 -15.77 -94.59 37.19
C ASN N 229 -17.11 -93.99 37.66
N ILE N 230 -18.18 -94.72 37.42
CA ILE N 230 -19.55 -94.30 37.69
C ILE N 230 -19.93 -94.77 39.11
N PRO N 231 -20.17 -93.84 40.05
CA PRO N 231 -20.57 -94.28 41.41
C PRO N 231 -21.80 -95.17 41.35
N GLU N 232 -21.85 -96.21 42.18
CA GLU N 232 -22.92 -97.22 42.08
C GLU N 232 -24.34 -96.61 42.12
N GLU N 233 -24.51 -95.41 42.66
CA GLU N 233 -25.86 -94.89 42.80
C GLU N 233 -26.30 -93.93 41.69
N THR N 234 -25.58 -93.95 40.59
CA THR N 234 -25.94 -93.20 39.41
C THR N 234 -27.14 -93.84 38.69
N VAL N 235 -28.19 -93.09 38.46
CA VAL N 235 -29.42 -93.62 37.89
C VAL N 235 -29.62 -93.18 36.45
N GLU N 236 -29.13 -91.99 36.13
CA GLU N 236 -29.30 -91.38 34.80
C GLU N 236 -27.95 -90.88 34.27
N TYR N 237 -27.70 -91.02 32.99
CA TYR N 237 -26.40 -90.68 32.44
C TYR N 237 -26.67 -89.82 31.24
N LEU N 238 -26.24 -88.56 31.30
CA LEU N 238 -26.39 -87.68 30.11
C LEU N 238 -25.06 -87.32 29.48
N ALA N 239 -24.82 -87.75 28.25
CA ALA N 239 -23.63 -87.31 27.50
C ALA N 239 -23.98 -85.95 26.90
N VAL N 240 -23.12 -84.97 27.07
CA VAL N 240 -23.25 -83.73 26.31
C VAL N 240 -22.19 -83.66 25.21
N ASP N 241 -22.63 -83.63 23.96
CA ASP N 241 -21.77 -83.90 22.82
C ASP N 241 -22.57 -83.57 21.57
N MSE N 242 -21.96 -83.70 20.40
CA MSE N 242 -22.52 -83.16 19.16
C MSE N 242 -22.29 -84.10 18.00
O MSE N 242 -21.26 -84.78 17.95
CB MSE N 242 -21.90 -81.80 18.90
CG MSE N 242 -21.93 -80.80 20.11
SE MSE N 242 -20.73 -79.17 19.86
CE MSE N 242 -19.27 -79.71 21.09
N GLY N 243 -23.19 -84.12 17.02
CA GLY N 243 -23.03 -85.01 15.82
C GLY N 243 -23.44 -84.47 14.45
N ALA N 244 -22.91 -85.08 13.39
CA ALA N 244 -23.34 -84.78 12.02
C ALA N 244 -24.72 -85.38 11.81
N LEU N 245 -25.56 -84.70 11.03
CA LEU N 245 -26.94 -85.15 10.82
C LEU N 245 -27.13 -86.37 9.89
N GLY N 246 -26.10 -86.69 9.10
CA GLY N 246 -26.17 -87.80 8.16
C GLY N 246 -27.33 -87.69 7.19
N SER N 251 -28.13 -79.60 9.14
CA SER N 251 -27.78 -79.53 10.59
C SER N 251 -28.11 -78.12 11.10
N ASP N 252 -28.71 -78.03 12.31
CA ASP N 252 -29.15 -76.77 12.86
C ASP N 252 -28.31 -76.23 14.03
N GLU N 253 -27.71 -75.06 13.82
CA GLU N 253 -26.83 -74.50 14.83
C GLU N 253 -27.45 -73.38 15.65
N TYR N 254 -28.78 -73.39 15.75
CA TYR N 254 -29.53 -72.39 16.52
C TYR N 254 -30.45 -72.93 17.61
N THR N 255 -30.39 -74.23 17.84
CA THR N 255 -31.32 -74.92 18.73
C THR N 255 -30.49 -75.92 19.45
N VAL N 256 -31.00 -76.47 20.55
CA VAL N 256 -30.32 -77.58 21.18
C VAL N 256 -30.75 -78.90 20.53
N SER N 257 -29.77 -79.78 20.35
CA SER N 257 -29.98 -81.05 19.68
C SER N 257 -30.20 -82.14 20.74
N ILE N 258 -31.30 -82.87 20.62
CA ILE N 258 -31.64 -83.99 21.51
C ILE N 258 -31.60 -85.26 20.71
N CYS N 259 -30.68 -86.15 21.04
CA CYS N 259 -30.47 -87.35 20.22
C CYS N 259 -31.47 -88.46 20.51
N ALA N 260 -32.17 -88.98 19.51
CA ALA N 260 -33.03 -90.13 19.76
C ALA N 260 -32.33 -91.41 19.42
N LYS N 261 -31.25 -91.35 18.66
CA LYS N 261 -30.53 -92.55 18.24
C LYS N 261 -29.18 -92.19 17.59
N ASP N 262 -28.19 -93.03 17.86
CA ASP N 262 -26.93 -92.92 17.16
C ASP N 262 -26.60 -94.29 16.67
N SER N 263 -25.35 -94.54 16.29
CA SER N 263 -25.04 -95.84 15.69
C SER N 263 -25.04 -97.02 16.69
N SER N 264 -25.09 -96.72 17.99
CA SER N 264 -25.21 -97.78 18.93
C SER N 264 -26.68 -98.11 19.27
N GLY N 265 -27.65 -97.49 18.63
CA GLY N 265 -29.03 -97.83 18.94
C GLY N 265 -29.76 -96.63 19.50
N PRO N 266 -31.09 -96.74 19.64
CA PRO N 266 -31.94 -95.70 20.23
C PRO N 266 -31.46 -95.36 21.63
N TYR N 267 -31.68 -94.13 22.03
CA TYR N 267 -31.43 -93.67 23.40
C TYR N 267 -32.66 -93.85 24.30
N HIS N 268 -32.45 -93.92 25.60
CA HIS N 268 -33.60 -94.24 26.50
C HIS N 268 -34.83 -93.40 26.15
N TYR N 269 -35.88 -94.07 25.72
CA TYR N 269 -37.00 -93.36 25.16
C TYR N 269 -37.65 -92.46 26.21
N ALA N 270 -38.10 -93.03 27.31
CA ALA N 270 -38.75 -92.21 28.30
C ALA N 270 -37.87 -91.00 28.67
N LEU N 271 -36.54 -91.17 28.78
CA LEU N 271 -35.71 -90.08 29.27
C LEU N 271 -35.65 -89.01 28.23
N ARG N 272 -35.66 -89.45 26.97
CA ARG N 272 -35.60 -88.56 25.85
C ARG N 272 -36.93 -87.78 25.76
N LYS N 273 -38.05 -88.49 25.95
CA LYS N 273 -39.34 -87.80 25.97
C LYS N 273 -39.36 -86.77 27.11
N HIS N 274 -38.64 -87.07 28.19
CA HIS N 274 -38.55 -86.14 29.31
C HIS N 274 -37.81 -84.87 28.92
N LEU N 275 -36.72 -85.05 28.16
CA LEU N 275 -35.93 -83.91 27.81
C LEU N 275 -36.70 -83.04 26.86
N VAL N 276 -37.47 -83.65 25.96
CA VAL N 276 -38.24 -82.84 25.02
C VAL N 276 -39.27 -82.02 25.80
N GLU N 277 -39.85 -82.60 26.84
CA GLU N 277 -40.81 -81.89 27.67
C GLU N 277 -40.16 -80.72 28.34
N LEU N 278 -38.95 -80.93 28.85
CA LEU N 278 -38.25 -79.85 29.55
C LEU N 278 -38.05 -78.70 28.62
N ALA N 279 -37.64 -79.01 27.39
CA ALA N 279 -37.42 -77.94 26.40
C ALA N 279 -38.70 -77.14 26.16
N LYS N 280 -39.84 -77.85 26.09
CA LYS N 280 -41.14 -77.21 25.76
C LYS N 280 -41.62 -76.36 26.87
N THR N 281 -41.57 -76.89 28.08
CA THR N 281 -41.94 -76.18 29.28
C THR N 281 -41.13 -74.89 29.44
N ASN N 282 -39.86 -74.92 29.05
CA ASN N 282 -39.01 -73.75 29.26
C ASN N 282 -38.84 -72.93 28.00
N HIS N 283 -39.61 -73.26 26.95
CA HIS N 283 -39.47 -72.55 25.66
C HIS N 283 -38.03 -72.52 25.17
N ILE N 284 -37.38 -73.67 25.21
CA ILE N 284 -36.05 -73.81 24.67
C ILE N 284 -36.24 -74.35 23.26
N GLU N 285 -35.65 -73.70 22.28
CA GLU N 285 -35.71 -74.19 20.91
C GLU N 285 -34.88 -75.46 20.85
N TYR N 286 -35.44 -76.52 20.29
CA TYR N 286 -34.76 -77.82 20.24
C TYR N 286 -35.00 -78.54 18.93
N LYS N 287 -34.24 -79.58 18.68
CA LYS N 287 -34.45 -80.40 17.53
C LYS N 287 -34.14 -81.80 18.00
N VAL N 288 -34.99 -82.74 17.61
CA VAL N 288 -34.81 -84.13 17.92
C VAL N 288 -34.13 -84.77 16.72
N ASP N 289 -33.00 -85.42 16.96
CA ASP N 289 -32.10 -85.83 15.91
C ASP N 289 -31.63 -87.28 15.98
N ILE N 290 -31.35 -87.84 14.80
CA ILE N 290 -30.54 -89.06 14.69
C ILE N 290 -29.12 -88.77 14.25
N TYR N 291 -28.14 -89.19 15.04
CA TYR N 291 -26.73 -89.07 14.64
C TYR N 291 -26.20 -90.42 14.13
N PRO N 292 -26.09 -90.62 12.82
CA PRO N 292 -25.51 -91.87 12.29
C PRO N 292 -24.04 -92.25 12.66
N TYR N 293 -23.28 -91.41 13.37
CA TYR N 293 -22.00 -91.90 14.06
C TYR N 293 -22.08 -92.15 15.62
N TYR N 294 -21.68 -93.34 16.07
CA TYR N 294 -21.66 -93.76 17.49
C TYR N 294 -21.41 -92.64 18.48
N ARG N 303 -22.44 -95.89 25.61
CA ARG N 303 -22.34 -97.35 25.54
C ARG N 303 -22.65 -98.09 26.86
N ALA N 304 -23.33 -99.22 26.71
CA ALA N 304 -23.96 -99.93 27.82
C ALA N 304 -23.17 -101.15 28.39
N GLY N 305 -23.58 -101.57 29.60
CA GLY N 305 -22.78 -102.37 30.56
C GLY N 305 -23.07 -101.92 32.01
N PHE N 306 -23.30 -100.62 32.21
CA PHE N 306 -23.73 -100.05 33.51
C PHE N 306 -25.28 -99.87 33.50
N ASP N 307 -25.96 -100.22 34.58
CA ASP N 307 -27.42 -100.16 34.60
C ASP N 307 -27.89 -98.77 34.92
N VAL N 308 -28.28 -98.05 33.88
CA VAL N 308 -28.38 -96.62 33.92
C VAL N 308 -29.07 -96.16 32.65
N LYS N 309 -29.93 -95.17 32.78
CA LYS N 309 -30.68 -94.61 31.65
C LYS N 309 -29.82 -93.58 30.95
N HIS N 310 -29.60 -93.74 29.65
CA HIS N 310 -28.74 -92.88 28.84
C HIS N 310 -29.47 -91.83 28.01
N ALA N 311 -28.91 -90.66 27.89
CA ALA N 311 -29.40 -89.66 26.94
C ALA N 311 -28.18 -88.94 26.37
N LEU N 312 -28.41 -88.17 25.30
CA LEU N 312 -27.38 -87.42 24.61
C LEU N 312 -28.02 -86.15 24.13
N ILE N 313 -27.49 -85.00 24.56
CA ILE N 313 -27.85 -83.76 23.91
C ILE N 313 -26.59 -82.97 23.53
N GLY N 314 -26.71 -81.93 22.72
CA GLY N 314 -25.62 -81.01 22.59
C GLY N 314 -26.02 -79.87 21.71
N ALA N 315 -25.12 -78.89 21.58
CA ALA N 315 -25.34 -77.76 20.71
C ALA N 315 -25.28 -78.28 19.30
N GLY N 316 -26.01 -77.65 18.40
CA GLY N 316 -25.93 -78.00 16.99
C GLY N 316 -24.64 -77.53 16.35
N ILE N 317 -23.93 -78.48 15.76
CA ILE N 317 -22.68 -78.27 15.07
C ILE N 317 -22.92 -78.39 13.61
N ASP N 318 -22.13 -77.69 12.80
CA ASP N 318 -22.22 -77.84 11.38
C ASP N 318 -20.88 -78.36 11.03
N SER N 319 -20.87 -79.20 9.99
CA SER N 319 -19.66 -79.81 9.44
C SER N 319 -18.78 -80.51 10.51
N SER N 320 -19.41 -81.24 11.43
CA SER N 320 -18.72 -82.13 12.42
C SER N 320 -17.45 -82.90 11.93
N HIS N 321 -16.34 -82.78 12.68
CA HIS N 321 -15.00 -83.44 12.39
C HIS N 321 -14.19 -82.80 11.25
N ALA N 322 -14.68 -81.71 10.66
CA ALA N 322 -13.88 -80.99 9.63
C ALA N 322 -13.67 -79.52 10.03
N PHE N 323 -14.41 -78.65 9.35
CA PHE N 323 -14.36 -77.24 9.64
C PHE N 323 -15.61 -76.87 10.35
N GLU N 324 -15.52 -76.64 11.67
CA GLU N 324 -16.72 -76.74 12.52
C GLU N 324 -17.30 -75.42 12.98
N ARG N 325 -18.60 -75.35 13.14
CA ARG N 325 -19.25 -74.10 13.52
C ARG N 325 -20.56 -74.31 14.29
N THR N 326 -20.88 -73.39 15.19
CA THR N 326 -22.22 -73.36 15.80
C THR N 326 -22.50 -71.91 16.15
N HIS N 327 -23.69 -71.61 16.62
CA HIS N 327 -24.06 -70.20 16.88
C HIS N 327 -24.44 -70.01 18.31
N GLU N 328 -24.29 -68.81 18.84
CA GLU N 328 -24.53 -68.68 20.27
C GLU N 328 -25.93 -69.06 20.73
N SER N 329 -26.92 -68.81 19.90
CA SER N 329 -28.28 -69.16 20.23
C SER N 329 -28.34 -70.66 20.56
N SER N 330 -27.65 -71.49 19.79
CA SER N 330 -27.61 -72.93 20.07
C SER N 330 -27.00 -73.24 21.42
N ILE N 331 -25.91 -72.54 21.74
CA ILE N 331 -25.22 -72.73 22.99
C ILE N 331 -26.11 -72.29 24.15
N ALA N 332 -26.73 -71.13 24.04
CA ALA N 332 -27.67 -70.67 25.06
C ALA N 332 -28.79 -71.69 25.28
N HIS N 333 -29.37 -72.21 24.20
CA HIS N 333 -30.42 -73.17 24.35
C HIS N 333 -29.88 -74.43 25.01
N THR N 334 -28.62 -74.77 24.78
CA THR N 334 -28.09 -76.00 25.34
C THR N 334 -27.85 -75.79 26.84
N GLU N 335 -27.24 -74.63 27.19
CA GLU N 335 -27.07 -74.29 28.61
C GLU N 335 -28.43 -74.34 29.30
N ALA N 336 -29.47 -73.83 28.64
CA ALA N 336 -30.75 -73.78 29.27
C ALA N 336 -31.25 -75.20 29.44
N LEU N 337 -30.96 -76.10 28.52
CA LEU N 337 -31.53 -77.43 28.71
C LEU N 337 -30.86 -78.23 29.84
N VAL N 338 -29.52 -78.24 29.83
CA VAL N 338 -28.74 -78.93 30.83
C VAL N 338 -29.19 -78.46 32.21
N TYR N 339 -29.39 -77.15 32.36
CA TYR N 339 -29.88 -76.64 33.64
C TYR N 339 -31.28 -77.12 34.03
N ALA N 340 -32.23 -77.06 33.11
CA ALA N 340 -33.58 -77.61 33.36
C ALA N 340 -33.51 -79.12 33.65
N TYR N 341 -32.62 -79.82 32.95
CA TYR N 341 -32.48 -81.24 33.21
C TYR N 341 -31.96 -81.52 34.62
N VAL N 342 -30.83 -80.93 34.93
CA VAL N 342 -30.18 -81.20 36.19
C VAL N 342 -31.06 -80.83 37.37
N MSE N 343 -32.08 -79.99 37.14
CA MSE N 343 -32.98 -79.58 38.22
C MSE N 343 -34.25 -80.40 38.20
O MSE N 343 -35.08 -80.19 39.05
CB MSE N 343 -33.40 -78.12 38.06
CG MSE N 343 -32.32 -77.07 38.23
SE MSE N 343 -31.59 -77.02 40.07
CE MSE N 343 -33.02 -76.04 41.02
N SER N 344 -34.43 -81.31 37.27
CA SER N 344 -35.72 -82.01 37.17
C SER N 344 -35.73 -83.23 38.09
N ASN N 345 -36.87 -83.84 38.33
CA ASN N 345 -36.88 -85.09 39.07
C ASN N 345 -36.37 -86.25 38.22
N LEU N 346 -35.80 -87.27 38.83
CA LEU N 346 -35.53 -88.50 38.10
C LEU N 346 -36.77 -89.06 37.44
N ILE N 347 -36.59 -89.70 36.30
CA ILE N 347 -37.67 -90.25 35.52
C ILE N 347 -38.45 -91.38 36.23
N GLU N 348 -39.78 -91.34 36.07
CA GLU N 348 -40.73 -92.20 36.82
C GLU N 348 -40.16 -93.55 37.22
N THR O 5 -44.48 -88.14 -61.51
CA THR O 5 -43.90 -86.97 -62.19
C THR O 5 -43.42 -86.01 -61.09
N LYS O 6 -44.06 -84.84 -61.06
CA LYS O 6 -43.63 -83.63 -60.38
C LYS O 6 -44.84 -83.11 -59.62
N GLU O 7 -45.99 -83.35 -60.24
CA GLU O 7 -47.31 -83.11 -59.68
C GLU O 7 -47.49 -83.97 -58.43
N THR O 8 -46.89 -85.17 -58.46
CA THR O 8 -46.85 -86.06 -57.32
C THR O 8 -46.12 -85.41 -56.13
N MSE O 9 -44.92 -84.90 -56.38
CA MSE O 9 -44.14 -84.30 -55.31
C MSE O 9 -44.76 -83.00 -54.74
O MSE O 9 -44.64 -82.72 -53.55
CB MSE O 9 -42.73 -84.06 -55.76
CG MSE O 9 -41.94 -85.35 -55.81
SE MSE O 9 -40.02 -85.00 -55.96
CE MSE O 9 -40.02 -83.97 -57.68
N GLU O 10 -45.45 -82.24 -55.58
CA GLU O 10 -46.30 -81.16 -55.08
C GLU O 10 -47.42 -81.67 -54.13
N LEU O 11 -47.93 -82.88 -54.37
CA LEU O 11 -48.93 -83.49 -53.49
C LEU O 11 -48.32 -84.09 -52.23
N ILE O 12 -47.11 -84.64 -52.35
CA ILE O 12 -46.41 -85.12 -51.16
C ILE O 12 -46.20 -83.94 -50.20
N LYS O 13 -45.65 -82.85 -50.75
CA LYS O 13 -45.40 -81.57 -50.09
C LYS O 13 -46.61 -81.10 -49.32
N GLU O 14 -47.77 -81.07 -49.99
CA GLU O 14 -49.02 -80.68 -49.32
C GLU O 14 -49.30 -81.58 -48.10
N LEU O 15 -49.23 -82.89 -48.30
CA LEU O 15 -49.54 -83.84 -47.26
C LEU O 15 -48.60 -83.73 -46.05
N VAL O 16 -47.32 -83.75 -46.32
CA VAL O 16 -46.27 -83.60 -45.33
C VAL O 16 -46.45 -82.30 -44.54
N SER O 17 -47.20 -81.37 -45.10
CA SER O 17 -47.43 -80.08 -44.47
C SER O 17 -48.64 -80.07 -43.56
N ILE O 18 -49.52 -81.08 -43.62
CA ILE O 18 -50.50 -81.25 -42.56
C ILE O 18 -49.86 -82.10 -41.43
N PRO O 19 -49.65 -81.52 -40.24
CA PRO O 19 -49.29 -82.44 -39.16
C PRO O 19 -50.32 -83.58 -38.98
N SER O 20 -49.86 -84.83 -38.93
CA SER O 20 -50.72 -85.94 -38.56
C SER O 20 -49.94 -87.00 -37.76
N PRO O 21 -49.54 -86.68 -36.53
CA PRO O 21 -48.94 -87.76 -35.72
C PRO O 21 -49.97 -88.88 -35.42
N SER O 22 -49.53 -90.14 -35.31
CA SER O 22 -50.46 -91.27 -35.04
C SER O 22 -51.35 -90.95 -33.89
N GLY O 23 -52.64 -91.04 -34.08
CA GLY O 23 -53.55 -90.74 -32.99
C GLY O 23 -54.25 -89.43 -33.19
N ASN O 24 -53.74 -88.62 -34.11
CA ASN O 24 -54.37 -87.36 -34.46
C ASN O 24 -54.31 -87.10 -35.97
N THR O 25 -55.19 -87.73 -36.72
CA THR O 25 -55.14 -87.75 -38.18
C THR O 25 -56.43 -87.32 -38.88
N ALA O 26 -57.49 -87.04 -38.12
CA ALA O 26 -58.73 -86.55 -38.70
C ALA O 26 -58.49 -85.53 -39.80
N LYS O 27 -57.68 -84.52 -39.51
CA LYS O 27 -57.58 -83.33 -40.35
C LYS O 27 -56.89 -83.61 -41.69
N ILE O 28 -55.98 -84.54 -41.74
CA ILE O 28 -55.38 -84.85 -43.03
C ILE O 28 -56.34 -85.73 -43.84
N ILE O 29 -56.95 -86.69 -43.15
CA ILE O 29 -57.90 -87.63 -43.74
C ILE O 29 -58.96 -86.89 -44.53
N ASN O 30 -59.65 -85.94 -43.89
CA ASN O 30 -60.67 -85.13 -44.55
C ASN O 30 -60.10 -84.48 -45.78
N PHE O 31 -58.91 -83.93 -45.61
CA PHE O 31 -58.22 -83.30 -46.71
C PHE O 31 -58.22 -84.27 -47.88
N ILE O 32 -57.80 -85.51 -47.62
CA ILE O 32 -57.78 -86.55 -48.65
C ILE O 32 -59.20 -86.80 -49.16
N GLU O 33 -60.13 -86.97 -48.22
CA GLU O 33 -61.56 -87.10 -48.51
C GLU O 33 -61.97 -86.06 -49.54
N ASN O 34 -61.92 -84.78 -49.17
CA ASN O 34 -62.12 -83.70 -50.12
C ASN O 34 -61.41 -83.89 -51.46
N TYR O 35 -60.11 -84.07 -51.41
CA TYR O 35 -59.28 -84.21 -52.61
C TYR O 35 -59.85 -85.09 -53.73
N VAL O 36 -60.43 -86.24 -53.36
CA VAL O 36 -60.84 -87.31 -54.30
C VAL O 36 -62.35 -87.28 -54.58
N SER O 37 -63.04 -86.31 -53.98
CA SER O 37 -64.49 -86.39 -53.86
C SER O 37 -65.25 -86.28 -55.18
N GLU O 38 -64.71 -85.55 -56.17
CA GLU O 38 -65.35 -85.43 -57.49
C GLU O 38 -65.09 -86.66 -58.41
N TRP O 39 -64.00 -87.36 -58.14
CA TRP O 39 -63.62 -88.59 -58.84
C TRP O 39 -64.65 -89.68 -58.71
N ASN O 40 -64.48 -90.73 -59.51
CA ASN O 40 -65.43 -91.84 -59.51
C ASN O 40 -65.19 -92.89 -58.44
N VAL O 41 -64.05 -92.81 -57.75
CA VAL O 41 -63.79 -93.67 -56.60
C VAL O 41 -64.90 -93.67 -55.54
N GLU O 42 -65.43 -94.87 -55.34
CA GLU O 42 -66.24 -95.15 -54.19
C GLU O 42 -65.35 -94.97 -52.96
N THR O 43 -65.84 -94.13 -52.04
CA THR O 43 -65.12 -93.76 -50.82
C THR O 43 -65.89 -94.18 -49.57
N LYS O 44 -65.19 -94.77 -48.60
CA LYS O 44 -65.78 -95.22 -47.32
C LYS O 44 -64.87 -94.80 -46.14
N ARG O 45 -65.29 -95.07 -44.89
CA ARG O 45 -64.48 -94.74 -43.70
C ARG O 45 -64.54 -95.73 -42.51
N ASN O 46 -63.39 -96.01 -41.87
CA ASN O 46 -63.30 -96.86 -40.67
C ASN O 46 -63.96 -96.28 -39.41
N ASN O 47 -64.24 -97.15 -38.44
CA ASN O 47 -64.53 -96.69 -37.09
C ASN O 47 -63.30 -95.99 -36.52
N LYS O 48 -62.14 -96.51 -36.91
CA LYS O 48 -60.84 -96.03 -36.47
C LYS O 48 -60.44 -94.70 -37.16
N GLY O 49 -61.02 -94.44 -38.33
CA GLY O 49 -60.73 -93.24 -39.08
C GLY O 49 -59.99 -93.40 -40.40
N ALA O 50 -59.73 -94.62 -40.85
CA ALA O 50 -59.05 -94.77 -42.13
C ALA O 50 -60.01 -94.67 -43.32
N LEU O 51 -59.46 -94.38 -44.50
CA LEU O 51 -60.23 -94.31 -45.72
C LEU O 51 -59.96 -95.56 -46.56
N ILE O 52 -61.01 -96.24 -46.97
CA ILE O 52 -60.91 -97.29 -47.98
C ILE O 52 -61.38 -96.73 -49.33
N LEU O 53 -60.52 -96.74 -50.32
CA LEU O 53 -60.90 -96.23 -51.62
C LEU O 53 -60.88 -97.35 -52.63
N THR O 54 -62.03 -97.52 -53.30
CA THR O 54 -62.35 -98.74 -54.07
C THR O 54 -62.75 -98.43 -55.52
N VAL O 55 -61.99 -99.00 -56.46
CA VAL O 55 -62.31 -98.94 -57.90
C VAL O 55 -62.65 -100.34 -58.40
N LYS O 56 -63.90 -100.51 -58.82
CA LYS O 56 -64.43 -101.81 -59.28
C LYS O 56 -63.70 -102.28 -60.53
N GLY O 57 -63.34 -103.55 -60.57
CA GLY O 57 -62.61 -104.14 -61.70
C GLY O 57 -63.42 -105.26 -62.32
N LYS O 58 -63.06 -105.72 -63.52
CA LYS O 58 -63.88 -106.71 -64.24
C LYS O 58 -64.21 -107.91 -63.36
N ASN O 59 -63.16 -108.53 -62.81
CA ASN O 59 -63.30 -109.62 -61.85
C ASN O 59 -63.52 -109.06 -60.45
N ASP O 60 -64.77 -109.14 -60.00
CA ASP O 60 -65.22 -108.63 -58.70
C ASP O 60 -65.35 -109.77 -57.67
N ALA O 61 -64.78 -110.93 -57.99
CA ALA O 61 -64.78 -112.10 -57.10
C ALA O 61 -63.48 -112.24 -56.31
N GLN O 62 -62.37 -111.93 -56.97
CA GLN O 62 -61.09 -111.94 -56.30
C GLN O 62 -60.57 -110.53 -56.40
N HIS O 63 -60.03 -110.05 -55.28
CA HIS O 63 -59.72 -108.64 -55.07
C HIS O 63 -58.24 -108.41 -54.68
N ARG O 64 -57.74 -107.25 -55.06
CA ARG O 64 -56.39 -106.86 -54.78
C ARG O 64 -56.53 -105.78 -53.68
N LEU O 65 -55.61 -105.75 -52.70
CA LEU O 65 -55.54 -104.60 -51.79
C LEU O 65 -54.17 -103.89 -51.75
N LEU O 66 -54.21 -102.60 -52.11
CA LEU O 66 -53.08 -101.70 -51.86
C LEU O 66 -53.31 -100.78 -50.65
N THR O 67 -52.26 -100.63 -49.83
CA THR O 67 -52.25 -99.73 -48.67
C THR O 67 -51.04 -98.76 -48.50
N ALA O 68 -51.35 -97.60 -47.96
CA ALA O 68 -50.32 -96.67 -47.48
C ALA O 68 -50.85 -95.92 -46.24
N HIS O 69 -49.97 -95.44 -45.38
CA HIS O 69 -50.45 -94.76 -44.17
C HIS O 69 -50.14 -93.27 -44.16
N VAL O 70 -50.95 -92.51 -43.42
CA VAL O 70 -50.77 -91.07 -43.32
C VAL O 70 -50.27 -90.61 -41.98
N ASP O 71 -50.35 -91.48 -40.99
CA ASP O 71 -49.84 -91.12 -39.67
C ASP O 71 -48.32 -91.09 -39.72
N THR O 72 -47.76 -90.21 -38.90
CA THR O 72 -46.33 -90.00 -38.79
C THR O 72 -45.85 -90.18 -37.35
N LEU O 73 -44.52 -90.11 -37.18
CA LEU O 73 -43.89 -90.00 -35.87
C LEU O 73 -44.35 -88.71 -35.26
N GLY O 74 -44.17 -88.58 -33.96
CA GLY O 74 -44.50 -87.36 -33.25
C GLY O 74 -44.36 -87.62 -31.76
N ALA O 75 -45.00 -86.77 -30.98
CA ALA O 75 -44.92 -86.84 -29.53
C ALA O 75 -46.19 -86.34 -28.87
N MSE O 76 -46.22 -86.41 -27.56
CA MSE O 76 -47.37 -86.05 -26.79
C MSE O 76 -46.89 -85.57 -25.43
O MSE O 76 -45.95 -86.15 -24.86
CB MSE O 76 -48.27 -87.26 -26.60
CG MSE O 76 -49.43 -87.03 -25.66
SE MSE O 76 -50.59 -88.62 -25.58
CE MSE O 76 -51.36 -88.53 -27.39
N VAL O 77 -47.57 -84.54 -24.90
CA VAL O 77 -47.16 -83.99 -23.62
C VAL O 77 -47.48 -84.95 -22.48
N LYS O 78 -46.44 -85.37 -21.74
CA LYS O 78 -46.67 -86.17 -20.53
C LYS O 78 -46.71 -85.43 -19.19
N GLU O 79 -46.19 -84.22 -19.11
CA GLU O 79 -46.09 -83.54 -17.82
C GLU O 79 -45.75 -82.09 -18.08
N ILE O 80 -46.32 -81.17 -17.30
CA ILE O 80 -45.92 -79.77 -17.39
C ILE O 80 -44.94 -79.58 -16.26
N LYS O 81 -43.66 -79.38 -16.56
CA LYS O 81 -42.72 -79.25 -15.46
C LYS O 81 -42.96 -77.87 -14.78
N PRO O 82 -42.51 -77.70 -13.50
CA PRO O 82 -42.77 -76.45 -12.76
C PRO O 82 -42.24 -75.22 -13.48
N ASP O 83 -41.09 -75.36 -14.11
CA ASP O 83 -40.40 -74.25 -14.72
C ASP O 83 -41.10 -73.68 -15.97
N GLY O 84 -42.07 -74.40 -16.54
CA GLY O 84 -42.80 -73.90 -17.69
C GLY O 84 -42.66 -74.82 -18.90
N ARG O 85 -41.53 -75.50 -18.91
CA ARG O 85 -41.15 -76.36 -20.00
C ARG O 85 -42.04 -77.59 -20.02
N LEU O 86 -42.19 -78.20 -21.19
CA LEU O 86 -43.02 -79.42 -21.33
C LEU O 86 -42.20 -80.67 -21.50
N SER O 87 -42.64 -81.74 -20.83
CA SER O 87 -42.08 -83.09 -20.96
C SER O 87 -42.81 -83.90 -22.03
N LEU O 88 -42.10 -84.79 -22.73
CA LEU O 88 -42.71 -85.53 -23.87
C LEU O 88 -42.73 -87.07 -23.86
N SER O 89 -43.80 -87.63 -24.42
CA SER O 89 -43.85 -89.04 -24.72
C SER O 89 -43.72 -89.29 -26.22
N MSE O 90 -42.87 -90.22 -26.60
CA MSE O 90 -42.59 -90.54 -27.99
C MSE O 90 -43.78 -91.20 -28.68
O MSE O 90 -44.36 -92.14 -28.12
CB MSE O 90 -41.43 -91.52 -28.00
CG MSE O 90 -40.64 -91.52 -29.27
SE MSE O 90 -39.39 -93.07 -29.59
CE MSE O 90 -37.81 -91.99 -30.02
N ILE O 91 -44.16 -90.74 -29.87
CA ILE O 91 -45.12 -91.49 -30.73
C ILE O 91 -44.42 -92.13 -31.94
N GLY O 92 -44.47 -93.46 -32.05
CA GLY O 92 -43.75 -94.20 -33.10
C GLY O 92 -42.35 -94.61 -32.66
N GLY O 93 -41.58 -95.23 -33.57
CA GLY O 93 -40.20 -95.65 -33.28
C GLY O 93 -39.11 -94.86 -34.02
N PHE O 94 -38.54 -93.88 -33.35
CA PHE O 94 -37.33 -93.22 -33.83
C PHE O 94 -36.30 -93.10 -32.70
N ARG O 95 -35.32 -92.21 -32.84
CA ARG O 95 -34.31 -91.96 -31.80
C ARG O 95 -34.39 -90.49 -31.43
N TRP O 96 -34.46 -90.18 -30.14
CA TRP O 96 -34.70 -88.81 -29.69
C TRP O 96 -33.67 -87.80 -30.21
N ASN O 97 -32.37 -88.17 -30.20
CA ASN O 97 -31.33 -87.45 -30.92
C ASN O 97 -31.91 -86.74 -32.11
N SER O 98 -32.35 -87.56 -33.06
CA SER O 98 -32.83 -87.12 -34.34
C SER O 98 -33.78 -85.93 -34.29
N VAL O 99 -34.21 -85.50 -33.11
CA VAL O 99 -35.10 -84.35 -33.06
C VAL O 99 -34.70 -83.26 -32.13
N GLU O 100 -33.52 -83.37 -31.50
CA GLU O 100 -33.07 -82.27 -30.68
C GLU O 100 -33.02 -80.96 -31.52
N GLY O 101 -33.70 -79.92 -31.04
CA GLY O 101 -33.65 -78.61 -31.69
C GLY O 101 -34.72 -78.39 -32.77
N GLU O 102 -35.46 -79.43 -33.12
CA GLU O 102 -36.47 -79.28 -34.10
C GLU O 102 -37.57 -78.34 -33.56
N TYR O 103 -38.17 -77.54 -34.45
CA TYR O 103 -39.35 -76.76 -34.09
C TYR O 103 -40.56 -77.66 -34.06
N CYS O 104 -41.53 -77.32 -33.22
CA CYS O 104 -42.71 -78.17 -33.14
C CYS O 104 -43.98 -77.39 -32.92
N GLU O 105 -45.10 -78.10 -32.99
CA GLU O 105 -46.35 -77.45 -32.79
C GLU O 105 -47.08 -78.16 -31.70
N ILE O 106 -47.80 -77.42 -30.90
CA ILE O 106 -48.57 -78.07 -29.86
C ILE O 106 -50.03 -77.78 -30.15
N GLU O 107 -50.82 -78.85 -30.19
CA GLU O 107 -52.24 -78.73 -30.41
C GLU O 107 -53.03 -78.97 -29.14
N THR O 108 -53.91 -78.01 -28.89
CA THR O 108 -54.68 -77.96 -27.69
C THR O 108 -55.94 -78.70 -27.95
N SER O 109 -56.52 -79.19 -26.87
CA SER O 109 -57.76 -79.95 -26.91
C SER O 109 -58.82 -79.21 -27.72
N SER O 110 -58.71 -77.89 -27.71
CA SER O 110 -59.71 -77.00 -28.28
C SER O 110 -59.29 -76.46 -29.64
N GLY O 111 -58.17 -76.96 -30.17
CA GLY O 111 -57.75 -76.61 -31.52
C GLY O 111 -56.69 -75.51 -31.63
N LYS O 112 -56.40 -74.84 -30.51
CA LYS O 112 -55.37 -73.79 -30.52
C LYS O 112 -53.99 -74.41 -30.66
N THR O 113 -53.18 -73.83 -31.53
CA THR O 113 -51.85 -74.35 -31.76
C THR O 113 -50.78 -73.39 -31.25
N TYR O 114 -49.65 -73.94 -30.82
CA TYR O 114 -48.55 -73.08 -30.39
C TYR O 114 -47.25 -73.64 -30.86
N THR O 115 -46.28 -72.76 -31.03
CA THR O 115 -44.99 -73.21 -31.50
C THR O 115 -44.00 -73.45 -30.36
N GLY O 116 -43.01 -74.27 -30.61
CA GLY O 116 -42.03 -74.63 -29.61
C GLY O 116 -40.75 -75.16 -30.24
N THR O 117 -39.83 -75.57 -29.37
CA THR O 117 -38.62 -76.23 -29.79
C THR O 117 -38.33 -77.36 -28.81
N ILE O 118 -37.99 -78.53 -29.37
CA ILE O 118 -37.55 -79.71 -28.65
C ILE O 118 -36.14 -79.49 -28.12
N LEU O 119 -35.86 -79.85 -26.87
CA LEU O 119 -34.47 -79.75 -26.37
C LEU O 119 -34.02 -80.86 -25.41
N MSE O 120 -32.69 -81.04 -25.30
CA MSE O 120 -31.94 -81.74 -24.18
C MSE O 120 -31.16 -82.99 -24.60
O MSE O 120 -31.73 -84.07 -24.85
CB MSE O 120 -32.82 -82.06 -22.94
N ASN O 140 -35.91 -87.48 -20.90
CA ASN O 140 -35.42 -86.15 -20.49
C ASN O 140 -35.15 -85.18 -21.66
N ILE O 141 -36.09 -85.15 -22.62
CA ILE O 141 -36.13 -84.12 -23.67
C ILE O 141 -37.37 -83.27 -23.40
N GLU O 142 -37.30 -81.97 -23.68
CA GLU O 142 -38.45 -81.12 -23.39
C GLU O 142 -38.85 -80.19 -24.51
N VAL O 143 -39.95 -79.46 -24.30
CA VAL O 143 -40.37 -78.41 -25.23
C VAL O 143 -40.19 -77.04 -24.59
N ARG O 144 -39.57 -76.13 -25.34
CA ARG O 144 -39.51 -74.73 -24.94
C ARG O 144 -40.60 -74.06 -25.76
N ILE O 145 -41.72 -73.74 -25.11
CA ILE O 145 -42.83 -73.05 -25.77
C ILE O 145 -42.51 -71.58 -26.10
N ASP O 146 -42.91 -71.11 -27.28
CA ASP O 146 -42.61 -69.74 -27.72
C ASP O 146 -43.69 -68.83 -27.23
N GLU O 147 -43.74 -68.68 -25.93
CA GLU O 147 -44.83 -68.04 -25.29
C GLU O 147 -44.25 -67.66 -23.92
N ARG O 148 -44.58 -66.45 -23.46
CA ARG O 148 -44.11 -65.89 -22.21
C ARG O 148 -44.76 -66.53 -20.95
N VAL O 149 -44.42 -67.79 -20.66
CA VAL O 149 -44.99 -68.49 -19.50
C VAL O 149 -43.91 -69.14 -18.65
N PHE O 150 -44.07 -69.09 -17.34
CA PHE O 150 -43.01 -69.48 -16.43
C PHE O 150 -43.45 -70.36 -15.30
N SER O 151 -44.55 -71.07 -15.50
CA SER O 151 -44.98 -72.06 -14.54
C SER O 151 -45.95 -73.04 -15.20
N ALA O 152 -46.28 -74.11 -14.49
CA ALA O 152 -47.28 -75.07 -14.94
C ALA O 152 -48.65 -74.41 -15.18
N ASP O 153 -49.15 -73.65 -14.20
CA ASP O 153 -50.47 -73.02 -14.28
C ASP O 153 -50.57 -72.09 -15.48
N GLU O 154 -49.50 -71.32 -15.73
CA GLU O 154 -49.47 -70.37 -16.85
C GLU O 154 -49.59 -71.08 -18.18
N VAL O 155 -49.03 -72.29 -18.24
CA VAL O 155 -49.12 -73.12 -19.41
C VAL O 155 -50.55 -73.70 -19.52
N ARG O 156 -51.09 -74.20 -18.41
CA ARG O 156 -52.51 -74.57 -18.40
C ARG O 156 -53.37 -73.42 -18.92
N GLU O 157 -53.08 -72.18 -18.52
CA GLU O 157 -53.83 -71.01 -18.98
C GLU O 157 -53.89 -70.85 -20.51
N LEU O 158 -52.85 -71.26 -21.21
CA LEU O 158 -52.88 -71.37 -22.66
C LEU O 158 -53.86 -72.45 -23.20
N GLY O 159 -54.31 -73.37 -22.34
CA GLY O 159 -55.16 -74.49 -22.79
C GLY O 159 -54.37 -75.78 -22.98
N ILE O 160 -53.05 -75.65 -22.89
CA ILE O 160 -52.20 -76.82 -22.99
C ILE O 160 -52.36 -77.76 -21.78
N GLU O 161 -52.56 -79.04 -22.09
CA GLU O 161 -52.74 -80.09 -21.11
C GLU O 161 -51.95 -81.36 -21.42
N VAL O 162 -51.84 -82.27 -20.44
CA VAL O 162 -51.25 -83.60 -20.64
C VAL O 162 -52.11 -84.34 -21.65
N GLY O 163 -51.49 -84.91 -22.68
CA GLY O 163 -52.25 -85.55 -23.75
C GLY O 163 -52.31 -84.78 -25.06
N ASP O 164 -51.74 -83.58 -25.13
CA ASP O 164 -51.73 -82.81 -26.38
C ASP O 164 -50.73 -83.40 -27.36
N PHE O 165 -51.13 -83.57 -28.61
CA PHE O 165 -50.19 -83.95 -29.68
C PHE O 165 -49.21 -82.84 -30.06
N VAL O 166 -47.93 -83.19 -30.02
CA VAL O 166 -46.88 -82.32 -30.51
C VAL O 166 -46.47 -82.92 -31.83
N SER O 167 -46.37 -82.11 -32.88
CA SER O 167 -45.91 -82.59 -34.21
C SER O 167 -44.58 -81.90 -34.45
N PHE O 168 -43.67 -82.54 -35.17
CA PHE O 168 -42.38 -81.93 -35.51
C PHE O 168 -42.47 -81.19 -36.85
N ASP O 169 -41.88 -80.00 -36.92
CA ASP O 169 -41.88 -79.25 -38.14
C ASP O 169 -41.06 -80.05 -39.12
N PRO O 170 -41.62 -80.34 -40.29
CA PRO O 170 -41.11 -81.31 -41.25
C PRO O 170 -40.00 -80.75 -42.13
N ARG O 171 -39.97 -79.44 -42.31
CA ARG O 171 -38.87 -78.81 -43.01
C ARG O 171 -38.76 -79.37 -44.43
N VAL O 172 -39.86 -79.40 -45.16
CA VAL O 172 -39.89 -80.10 -46.43
C VAL O 172 -39.30 -79.24 -47.60
N GLN O 173 -38.48 -79.82 -48.46
CA GLN O 173 -37.90 -79.07 -49.57
C GLN O 173 -37.88 -79.92 -50.82
N ILE O 174 -38.27 -79.33 -51.94
CA ILE O 174 -38.09 -79.98 -53.21
C ILE O 174 -36.97 -79.16 -53.87
N THR O 175 -36.00 -79.82 -54.45
CA THR O 175 -34.79 -79.15 -54.90
C THR O 175 -34.72 -79.03 -56.41
N GLU O 176 -33.91 -78.06 -56.88
CA GLU O 176 -33.60 -77.87 -58.32
C GLU O 176 -33.42 -79.23 -58.98
N SER O 177 -32.61 -80.07 -58.33
CA SER O 177 -32.08 -81.28 -58.89
C SER O 177 -32.98 -82.51 -58.70
N GLY O 178 -34.13 -82.35 -58.04
CA GLY O 178 -35.17 -83.34 -58.14
C GLY O 178 -35.48 -84.04 -56.85
N TYR O 179 -34.71 -83.70 -55.82
CA TYR O 179 -34.81 -84.39 -54.55
C TYR O 179 -35.96 -83.79 -53.79
N ILE O 180 -36.64 -84.63 -53.04
CA ILE O 180 -37.52 -84.15 -52.00
C ILE O 180 -36.96 -84.57 -50.68
N LYS O 181 -36.67 -83.59 -49.84
CA LYS O 181 -36.15 -83.91 -48.51
C LYS O 181 -36.97 -83.35 -47.41
N SER O 182 -37.13 -84.12 -46.36
CA SER O 182 -38.00 -83.75 -45.29
C SER O 182 -37.61 -84.48 -44.06
N ARG O 183 -38.52 -85.34 -43.62
CA ARG O 183 -38.54 -85.72 -42.20
C ARG O 183 -39.75 -86.53 -41.89
N HIS O 184 -40.79 -86.37 -42.69
CA HIS O 184 -41.98 -87.17 -42.48
C HIS O 184 -42.32 -88.07 -43.63
N LEU O 185 -41.86 -87.67 -44.81
CA LEU O 185 -41.89 -88.50 -45.98
C LEU O 185 -42.53 -89.84 -45.69
N ASP O 186 -41.96 -90.49 -44.67
CA ASP O 186 -42.34 -91.85 -44.35
C ASP O 186 -43.82 -92.01 -44.31
N ASP O 187 -44.20 -92.93 -45.17
CA ASP O 187 -45.45 -93.04 -45.87
C ASP O 187 -46.16 -91.98 -46.63
N LYS O 188 -46.00 -90.72 -46.27
CA LYS O 188 -46.66 -89.69 -47.08
C LYS O 188 -46.31 -89.77 -48.57
N VAL O 189 -45.10 -90.21 -48.90
CA VAL O 189 -44.68 -90.46 -50.30
C VAL O 189 -45.57 -91.49 -51.00
N SER O 190 -45.78 -92.64 -50.37
CA SER O 190 -46.67 -93.68 -50.91
C SER O 190 -48.14 -93.25 -51.06
N VAL O 191 -48.65 -92.46 -50.11
CA VAL O 191 -50.03 -91.93 -50.17
C VAL O 191 -50.28 -91.12 -51.47
N ALA O 192 -49.34 -90.27 -51.83
CA ALA O 192 -49.47 -89.55 -53.07
C ALA O 192 -49.40 -90.52 -54.26
N ILE O 193 -48.43 -91.43 -54.27
CA ILE O 193 -48.42 -92.45 -55.30
C ILE O 193 -49.81 -93.06 -55.46
N LEU O 194 -50.35 -93.65 -54.38
CA LEU O 194 -51.67 -94.28 -54.47
C LEU O 194 -52.70 -93.29 -55.00
N LEU O 195 -52.76 -92.12 -54.35
CA LEU O 195 -53.75 -91.12 -54.68
C LEU O 195 -53.69 -90.74 -56.16
N LYS O 196 -52.48 -90.53 -56.68
CA LYS O 196 -52.33 -90.14 -58.08
C LYS O 196 -52.65 -91.31 -58.98
N LEU O 197 -52.16 -92.48 -58.65
CA LEU O 197 -52.38 -93.64 -59.50
C LEU O 197 -53.85 -94.01 -59.65
N ILE O 198 -54.69 -93.64 -58.69
CA ILE O 198 -56.13 -93.88 -58.82
C ILE O 198 -56.71 -93.04 -59.99
N LYS O 199 -56.19 -91.82 -60.11
CA LYS O 199 -56.67 -90.93 -61.12
C LYS O 199 -55.95 -91.16 -62.44
N ARG O 200 -54.63 -91.38 -62.40
CA ARG O 200 -53.94 -91.67 -63.68
C ARG O 200 -54.21 -93.11 -64.13
N LEU O 201 -55.49 -93.37 -64.44
CA LEU O 201 -56.10 -94.72 -64.51
C LEU O 201 -57.59 -94.55 -64.76
N GLN O 202 -58.25 -93.92 -63.79
CA GLN O 202 -59.64 -93.48 -63.96
C GLN O 202 -59.72 -92.56 -65.17
N ASP O 203 -58.68 -91.73 -65.34
CA ASP O 203 -58.57 -90.88 -66.53
C ASP O 203 -58.53 -91.70 -67.82
N GLU O 204 -57.65 -92.71 -67.86
CA GLU O 204 -57.39 -93.45 -69.10
C GLU O 204 -58.55 -94.31 -69.57
N ASN O 205 -59.70 -94.18 -68.88
CA ASN O 205 -60.95 -94.84 -69.28
C ASN O 205 -60.75 -96.33 -69.37
N VAL O 206 -59.73 -96.83 -68.67
CA VAL O 206 -59.40 -98.25 -68.74
C VAL O 206 -59.54 -98.96 -67.40
N THR O 207 -59.92 -100.23 -67.50
CA THR O 207 -60.55 -100.98 -66.43
C THR O 207 -59.53 -101.88 -65.71
N LEU O 208 -59.55 -101.86 -64.39
CA LEU O 208 -58.77 -102.79 -63.61
C LEU O 208 -59.21 -104.23 -63.87
N PRO O 209 -58.25 -105.16 -64.01
CA PRO O 209 -58.58 -106.58 -64.21
C PRO O 209 -59.31 -107.18 -63.00
N TYR O 210 -59.08 -106.61 -61.81
CA TYR O 210 -59.66 -107.04 -60.53
C TYR O 210 -60.18 -105.82 -59.75
N THR O 211 -61.13 -106.04 -58.83
CA THR O 211 -61.58 -104.98 -57.90
C THR O 211 -60.48 -104.69 -56.86
N THR O 212 -59.89 -103.51 -56.93
CA THR O 212 -58.73 -103.15 -56.13
C THR O 212 -59.09 -102.12 -55.07
N HIS O 213 -58.66 -102.37 -53.82
CA HIS O 213 -58.95 -101.46 -52.72
C HIS O 213 -57.70 -100.74 -52.27
N PHE O 214 -57.83 -99.43 -52.10
CA PHE O 214 -56.72 -98.60 -51.71
C PHE O 214 -56.96 -98.14 -50.27
N LEU O 215 -56.27 -98.76 -49.34
CA LEU O 215 -56.54 -98.49 -47.94
C LEU O 215 -55.64 -97.36 -47.44
N ILE O 216 -56.23 -96.21 -47.12
CA ILE O 216 -55.45 -95.11 -46.52
C ILE O 216 -55.41 -95.25 -45.01
N SER O 217 -54.52 -96.13 -44.57
CA SER O 217 -54.31 -96.48 -43.17
C SER O 217 -53.87 -95.24 -42.35
N ASN O 218 -54.07 -95.32 -41.04
CA ASN O 218 -53.78 -94.19 -40.18
C ASN O 218 -53.29 -94.59 -38.80
N ASN O 219 -53.04 -95.89 -38.64
CA ASN O 219 -52.59 -96.49 -37.36
C ASN O 219 -51.18 -97.09 -37.45
N GLU O 220 -50.67 -97.23 -38.67
CA GLU O 220 -49.51 -98.10 -38.98
C GLU O 220 -48.31 -97.94 -38.08
N GLU O 221 -48.09 -96.72 -37.59
CA GLU O 221 -46.94 -96.44 -36.72
C GLU O 221 -47.13 -96.71 -35.22
N ILE O 222 -48.37 -97.03 -34.81
CA ILE O 222 -48.67 -97.36 -33.42
C ILE O 222 -49.00 -98.86 -33.26
N ILE O 230 -60.66 -104.29 -45.26
CA ILE O 230 -60.07 -105.59 -45.62
C ILE O 230 -61.14 -106.69 -45.98
N PRO O 231 -61.96 -106.43 -47.03
CA PRO O 231 -63.07 -107.35 -47.40
C PRO O 231 -62.64 -108.79 -47.73
N GLU O 232 -63.57 -109.74 -47.56
CA GLU O 232 -63.27 -111.20 -47.58
C GLU O 232 -62.51 -111.70 -48.82
N GLU O 233 -62.82 -111.11 -49.97
CA GLU O 233 -62.37 -111.64 -51.28
C GLU O 233 -60.97 -111.19 -51.74
N THR O 234 -60.28 -110.44 -50.88
CA THR O 234 -58.91 -110.01 -51.09
C THR O 234 -57.94 -111.18 -51.16
N VAL O 235 -57.32 -111.38 -52.32
CA VAL O 235 -56.29 -112.42 -52.45
C VAL O 235 -54.87 -111.90 -52.24
N GLU O 236 -54.65 -110.63 -52.54
CA GLU O 236 -53.29 -110.08 -52.62
C GLU O 236 -53.16 -108.73 -51.94
N TYR O 237 -52.18 -108.59 -51.10
CA TYR O 237 -52.14 -107.41 -50.28
C TYR O 237 -50.75 -106.87 -50.43
N LEU O 238 -50.67 -105.68 -51.04
CA LEU O 238 -49.41 -104.94 -51.21
C LEU O 238 -49.32 -103.65 -50.37
N ALA O 239 -48.47 -103.65 -49.37
CA ALA O 239 -48.17 -102.40 -48.70
C ALA O 239 -47.24 -101.64 -49.61
N VAL O 240 -47.55 -100.38 -49.82
CA VAL O 240 -46.55 -99.51 -50.43
C VAL O 240 -46.12 -98.50 -49.39
N ASP O 241 -44.86 -98.66 -48.98
CA ASP O 241 -44.30 -98.10 -47.75
C ASP O 241 -42.80 -98.11 -47.96
N MSE O 242 -41.99 -97.56 -47.05
CA MSE O 242 -40.54 -97.41 -47.30
C MSE O 242 -39.75 -97.58 -46.02
O MSE O 242 -40.20 -97.14 -44.98
CB MSE O 242 -40.20 -96.03 -47.93
CG MSE O 242 -41.31 -95.30 -48.74
SE MSE O 242 -40.97 -93.36 -49.18
CE MSE O 242 -41.18 -92.56 -47.41
N GLY O 243 -38.55 -98.19 -46.12
CA GLY O 243 -37.67 -98.41 -44.94
C GLY O 243 -36.14 -98.34 -45.08
N ALA O 244 -35.45 -98.42 -43.91
CA ALA O 244 -33.99 -98.41 -43.75
C ALA O 244 -33.26 -99.74 -44.11
N LEU O 245 -31.91 -99.75 -44.14
CA LEU O 245 -31.10 -100.97 -44.44
C LEU O 245 -29.87 -101.25 -43.48
N GLY O 246 -29.15 -100.20 -43.06
CA GLY O 246 -27.98 -100.35 -42.13
C GLY O 246 -26.59 -100.48 -42.78
N ASP O 247 -26.54 -101.06 -43.97
CA ASP O 247 -25.31 -101.07 -44.81
C ASP O 247 -25.21 -99.86 -45.74
N GLY O 248 -26.34 -99.50 -46.37
CA GLY O 248 -26.45 -98.30 -47.20
C GLY O 248 -26.46 -98.60 -48.69
N ASP O 252 -30.14 -96.17 -52.16
CA ASP O 252 -30.56 -95.99 -53.55
C ASP O 252 -31.90 -95.24 -53.68
N GLU O 253 -31.78 -93.92 -53.82
CA GLU O 253 -32.92 -93.04 -53.90
C GLU O 253 -33.42 -92.90 -55.33
N TYR O 254 -32.83 -93.67 -56.24
CA TYR O 254 -33.14 -93.50 -57.66
C TYR O 254 -33.85 -94.67 -58.31
N THR O 255 -34.29 -95.65 -57.50
CA THR O 255 -35.05 -96.82 -57.99
C THR O 255 -36.18 -97.25 -57.03
N VAL O 256 -37.11 -98.05 -57.54
CA VAL O 256 -38.19 -98.52 -56.71
C VAL O 256 -37.72 -99.76 -55.96
N SER O 257 -38.04 -99.80 -54.68
CA SER O 257 -37.57 -100.81 -53.77
C SER O 257 -38.63 -101.91 -53.51
N ILE O 258 -38.32 -103.15 -53.89
CA ILE O 258 -39.19 -104.33 -53.70
C ILE O 258 -38.68 -105.19 -52.51
N CYS O 259 -39.52 -105.39 -51.49
CA CYS O 259 -39.05 -106.03 -50.27
C CYS O 259 -39.05 -107.53 -50.26
N ALA O 260 -37.90 -108.13 -50.01
CA ALA O 260 -37.89 -109.58 -49.97
C ALA O 260 -38.28 -110.02 -48.59
N LYS O 261 -38.01 -109.18 -47.59
CA LYS O 261 -38.13 -109.60 -46.22
C LYS O 261 -37.92 -108.41 -45.29
N ASP O 262 -38.56 -108.46 -44.14
CA ASP O 262 -38.34 -107.51 -43.10
C ASP O 262 -38.28 -108.21 -41.76
N SER O 263 -38.31 -107.46 -40.69
CA SER O 263 -38.05 -108.09 -39.38
C SER O 263 -39.11 -109.09 -38.98
N SER O 264 -40.23 -109.11 -39.69
CA SER O 264 -41.20 -110.17 -39.40
C SER O 264 -41.10 -111.33 -40.39
N GLY O 265 -40.09 -111.31 -41.27
CA GLY O 265 -39.88 -112.49 -42.11
C GLY O 265 -40.05 -112.23 -43.57
N PRO O 266 -39.91 -113.27 -44.39
CA PRO O 266 -39.99 -113.12 -45.85
C PRO O 266 -41.36 -112.75 -46.35
N TYR O 267 -41.42 -111.90 -47.36
CA TYR O 267 -42.65 -111.65 -48.08
C TYR O 267 -42.95 -112.78 -49.07
N HIS O 268 -44.21 -112.92 -49.48
CA HIS O 268 -44.62 -114.03 -50.31
C HIS O 268 -43.64 -114.08 -51.48
N TYR O 269 -42.92 -115.18 -51.56
CA TYR O 269 -41.97 -115.40 -52.64
C TYR O 269 -42.53 -115.27 -54.06
N ALA O 270 -43.53 -116.09 -54.40
CA ALA O 270 -44.08 -116.02 -55.75
C ALA O 270 -44.54 -114.59 -56.15
N LEU O 271 -45.23 -113.89 -55.23
CA LEU O 271 -45.71 -112.52 -55.47
C LEU O 271 -44.57 -111.54 -55.64
N ARG O 272 -43.54 -111.73 -54.82
CA ARG O 272 -42.25 -111.02 -54.88
C ARG O 272 -41.59 -111.22 -56.24
N LYS O 273 -41.42 -112.49 -56.64
CA LYS O 273 -40.83 -112.81 -57.95
C LYS O 273 -41.68 -112.25 -59.04
N HIS O 274 -42.99 -112.18 -58.82
CA HIS O 274 -43.86 -111.58 -59.83
C HIS O 274 -43.51 -110.11 -60.07
N LEU O 275 -43.39 -109.31 -59.02
CA LEU O 275 -43.12 -107.89 -59.21
C LEU O 275 -41.77 -107.65 -59.90
N VAL O 276 -40.77 -108.47 -59.57
CA VAL O 276 -39.49 -108.39 -60.24
C VAL O 276 -39.70 -108.56 -61.77
N GLU O 277 -40.39 -109.64 -62.15
CA GLU O 277 -40.77 -109.79 -63.55
C GLU O 277 -41.50 -108.57 -64.07
N LEU O 278 -42.45 -108.05 -63.30
CA LEU O 278 -43.14 -106.84 -63.72
C LEU O 278 -42.14 -105.74 -64.08
N ALA O 279 -41.16 -105.54 -63.20
CA ALA O 279 -40.18 -104.49 -63.38
C ALA O 279 -39.28 -104.81 -64.55
N LYS O 280 -38.67 -105.99 -64.50
CA LYS O 280 -37.85 -106.46 -65.62
C LYS O 280 -38.60 -106.31 -66.96
N THR O 281 -39.93 -106.29 -66.94
CA THR O 281 -40.71 -106.24 -68.18
C THR O 281 -41.06 -104.85 -68.65
N ASN O 282 -41.12 -103.89 -67.75
CA ASN O 282 -41.58 -102.56 -68.13
C ASN O 282 -40.44 -101.60 -68.09
N HIS O 283 -39.23 -102.16 -68.00
CA HIS O 283 -38.00 -101.36 -67.94
C HIS O 283 -38.04 -100.37 -66.78
N ILE O 284 -38.42 -100.92 -65.64
CA ILE O 284 -38.45 -100.20 -64.41
C ILE O 284 -37.17 -100.52 -63.65
N GLU O 285 -36.51 -99.48 -63.18
CA GLU O 285 -35.28 -99.63 -62.41
C GLU O 285 -35.68 -100.02 -61.00
N TYR O 286 -35.20 -101.16 -60.52
CA TYR O 286 -35.56 -101.67 -59.18
C TYR O 286 -34.36 -102.26 -58.45
N LYS O 287 -34.52 -102.39 -57.14
CA LYS O 287 -33.57 -103.06 -56.27
C LYS O 287 -34.40 -104.01 -55.40
N VAL O 288 -33.91 -105.23 -55.14
CA VAL O 288 -34.57 -106.08 -54.12
C VAL O 288 -33.91 -105.87 -52.77
N ASP O 289 -34.68 -105.47 -51.76
CA ASP O 289 -34.13 -105.15 -50.43
C ASP O 289 -34.53 -106.07 -49.28
N ILE O 290 -33.69 -106.08 -48.23
CA ILE O 290 -34.12 -106.51 -46.90
C ILE O 290 -34.25 -105.24 -46.10
N TYR O 291 -35.41 -105.04 -45.46
CA TYR O 291 -35.55 -103.99 -44.45
C TYR O 291 -35.50 -104.59 -43.06
N PRO O 292 -34.35 -104.43 -42.36
CA PRO O 292 -34.19 -105.04 -41.03
C PRO O 292 -35.04 -104.42 -39.91
N TYR O 293 -35.81 -103.35 -40.22
CA TYR O 293 -36.48 -102.60 -39.14
C TYR O 293 -37.96 -102.79 -38.83
N TYR O 294 -38.89 -102.45 -39.73
CA TYR O 294 -40.33 -102.72 -39.41
C TYR O 294 -41.38 -102.70 -40.56
N GLY O 295 -42.58 -103.23 -40.24
CA GLY O 295 -43.72 -103.30 -41.19
C GLY O 295 -44.77 -104.37 -40.89
N ARG O 303 -50.95 -107.76 -41.52
CA ARG O 303 -51.48 -109.09 -41.31
C ARG O 303 -51.65 -109.36 -39.84
N ALA O 304 -52.48 -110.36 -39.57
CA ALA O 304 -52.49 -111.17 -38.34
C ALA O 304 -53.29 -112.42 -38.76
N GLY O 305 -54.58 -112.46 -38.44
CA GLY O 305 -55.45 -113.52 -38.94
C GLY O 305 -55.96 -113.21 -40.33
N PHE O 306 -55.08 -113.18 -41.32
CA PHE O 306 -55.47 -112.84 -42.72
C PHE O 306 -54.89 -113.75 -43.81
N ASP O 307 -55.76 -114.49 -44.53
CA ASP O 307 -55.31 -115.35 -45.61
C ASP O 307 -55.15 -114.64 -46.96
N VAL O 308 -54.02 -113.97 -47.15
CA VAL O 308 -53.70 -113.20 -48.33
C VAL O 308 -52.21 -113.28 -48.67
N LYS O 309 -51.85 -113.15 -49.93
CA LYS O 309 -50.45 -113.08 -50.29
C LYS O 309 -49.90 -111.64 -50.12
N HIS O 310 -48.74 -111.53 -49.48
CA HIS O 310 -48.28 -110.25 -49.00
C HIS O 310 -47.02 -109.78 -49.68
N ALA O 311 -47.04 -108.49 -50.01
CA ALA O 311 -45.90 -107.83 -50.61
C ALA O 311 -45.74 -106.43 -50.03
N LEU O 312 -44.50 -105.95 -50.14
CA LEU O 312 -44.13 -104.60 -49.75
C LEU O 312 -43.20 -103.99 -50.81
N ILE O 313 -43.61 -102.87 -51.38
CA ILE O 313 -42.69 -102.04 -52.16
C ILE O 313 -42.81 -100.58 -51.75
N GLY O 314 -41.96 -99.76 -52.34
CA GLY O 314 -41.92 -98.34 -52.05
C GLY O 314 -40.67 -97.73 -52.65
N ALA O 315 -40.69 -96.40 -52.73
CA ALA O 315 -39.53 -95.61 -53.11
C ALA O 315 -38.40 -95.79 -52.10
N GLY O 316 -37.16 -95.64 -52.56
CA GLY O 316 -35.99 -95.88 -51.75
C GLY O 316 -35.77 -94.62 -50.99
N ILE O 317 -35.69 -94.74 -49.68
CA ILE O 317 -35.57 -93.58 -48.84
C ILE O 317 -34.20 -93.61 -48.20
N ASP O 318 -33.50 -92.48 -48.17
CA ASP O 318 -32.23 -92.41 -47.48
C ASP O 318 -32.40 -91.82 -46.11
N SER O 319 -31.70 -92.43 -45.15
CA SER O 319 -31.64 -91.92 -43.77
C SER O 319 -33.03 -91.97 -43.07
N SER O 320 -33.74 -93.05 -43.34
CA SER O 320 -35.08 -93.33 -42.78
C SER O 320 -35.26 -92.99 -41.29
N HIS O 321 -36.45 -92.44 -40.97
CA HIS O 321 -36.88 -92.01 -39.59
C HIS O 321 -36.11 -90.82 -39.03
N ALA O 322 -35.37 -90.10 -39.88
CA ALA O 322 -34.44 -89.07 -39.45
C ALA O 322 -33.97 -88.30 -40.66
N PHE O 323 -34.62 -87.20 -41.02
CA PHE O 323 -34.15 -86.37 -42.15
C PHE O 323 -34.07 -87.20 -43.43
N GLU O 324 -35.24 -87.51 -43.94
CA GLU O 324 -35.38 -88.46 -45.00
C GLU O 324 -35.14 -87.76 -46.37
N ARG O 325 -34.59 -88.49 -47.33
CA ARG O 325 -34.55 -87.99 -48.67
C ARG O 325 -34.93 -89.08 -49.68
N THR O 326 -35.56 -88.68 -50.78
CA THR O 326 -35.61 -89.56 -51.94
C THR O 326 -35.55 -88.72 -53.16
N HIS O 327 -35.40 -89.37 -54.31
CA HIS O 327 -35.31 -88.63 -55.54
C HIS O 327 -36.46 -88.91 -56.47
N GLU O 328 -36.83 -87.88 -57.22
CA GLU O 328 -37.92 -87.90 -58.16
C GLU O 328 -37.98 -89.18 -59.00
N SER O 329 -36.84 -89.62 -59.52
CA SER O 329 -36.73 -90.89 -60.25
C SER O 329 -37.34 -92.05 -59.48
N SER O 330 -36.96 -92.21 -58.21
CA SER O 330 -37.48 -93.33 -57.43
C SER O 330 -39.00 -93.23 -57.41
N ILE O 331 -39.53 -92.03 -57.17
CA ILE O 331 -41.00 -91.86 -57.23
C ILE O 331 -41.66 -92.38 -58.54
N ALA O 332 -41.00 -92.11 -59.67
CA ALA O 332 -41.49 -92.45 -60.99
C ALA O 332 -41.42 -93.94 -61.18
N HIS O 333 -40.30 -94.55 -60.80
CA HIS O 333 -40.19 -95.99 -60.90
C HIS O 333 -41.26 -96.69 -60.01
N THR O 334 -41.36 -96.26 -58.75
CA THR O 334 -42.42 -96.76 -57.89
C THR O 334 -43.82 -96.60 -58.51
N GLU O 335 -44.14 -95.41 -58.99
CA GLU O 335 -45.43 -95.20 -59.68
C GLU O 335 -45.61 -96.22 -60.77
N ALA O 336 -44.58 -96.42 -61.58
CA ALA O 336 -44.64 -97.37 -62.69
C ALA O 336 -44.84 -98.82 -62.19
N LEU O 337 -44.08 -99.24 -61.20
CA LEU O 337 -44.31 -100.58 -60.68
C LEU O 337 -45.75 -100.74 -60.20
N VAL O 338 -46.28 -99.79 -59.44
CA VAL O 338 -47.57 -100.02 -58.88
C VAL O 338 -48.65 -100.15 -59.98
N TYR O 339 -48.51 -99.36 -61.05
CA TYR O 339 -49.51 -99.36 -62.10
C TYR O 339 -49.56 -100.73 -62.76
N ALA O 340 -48.40 -101.15 -63.25
CA ALA O 340 -48.18 -102.43 -63.89
C ALA O 340 -48.67 -103.59 -63.05
N TYR O 341 -48.38 -103.54 -61.75
CA TYR O 341 -48.87 -104.54 -60.81
C TYR O 341 -50.38 -104.61 -60.85
N VAL O 342 -51.01 -103.47 -60.63
CA VAL O 342 -52.43 -103.37 -60.44
C VAL O 342 -53.19 -103.83 -61.70
N MSE O 343 -52.42 -104.00 -62.78
CA MSE O 343 -52.91 -104.40 -64.11
C MSE O 343 -52.64 -105.86 -64.43
O MSE O 343 -53.24 -106.43 -65.34
CB MSE O 343 -52.22 -103.56 -65.19
CG MSE O 343 -52.44 -102.07 -65.09
SE MSE O 343 -54.21 -101.52 -65.71
CE MSE O 343 -55.31 -101.65 -64.10
N SER O 344 -51.70 -106.46 -63.70
CA SER O 344 -51.30 -107.82 -63.94
C SER O 344 -52.38 -108.80 -63.45
N ASN O 345 -52.26 -110.05 -63.87
CA ASN O 345 -53.10 -111.15 -63.37
C ASN O 345 -52.62 -111.57 -61.98
N LEU O 346 -53.52 -112.16 -61.20
CA LEU O 346 -53.19 -112.82 -59.94
C LEU O 346 -52.23 -113.97 -60.12
N ILE O 347 -51.47 -114.25 -59.08
CA ILE O 347 -50.60 -115.43 -59.04
C ILE O 347 -51.47 -116.69 -59.00
N GLU O 348 -51.39 -117.52 -60.03
CA GLU O 348 -52.24 -118.73 -60.04
C GLU O 348 -51.52 -119.97 -59.46
N HIS P 3 -41.56 -51.71 -31.79
CA HIS P 3 -41.79 -50.69 -32.88
C HIS P 3 -40.46 -50.18 -33.52
N HIS P 4 -39.62 -49.52 -32.71
CA HIS P 4 -38.21 -49.41 -33.06
C HIS P 4 -37.53 -50.77 -32.88
N THR P 5 -38.02 -51.54 -31.91
CA THR P 5 -37.45 -52.86 -31.60
C THR P 5 -37.85 -53.91 -32.61
N LYS P 6 -39.10 -53.85 -33.07
CA LYS P 6 -39.55 -54.72 -34.13
C LYS P 6 -38.59 -54.56 -35.35
N GLU P 7 -38.23 -53.33 -35.67
CA GLU P 7 -37.29 -53.05 -36.77
C GLU P 7 -35.86 -53.53 -36.52
N THR P 8 -35.37 -53.35 -35.29
CA THR P 8 -34.10 -53.94 -34.92
C THR P 8 -34.11 -55.43 -35.31
N MSE P 9 -35.22 -56.09 -35.02
CA MSE P 9 -35.36 -57.52 -35.28
C MSE P 9 -35.52 -57.81 -36.75
O MSE P 9 -35.12 -58.86 -37.20
CB MSE P 9 -36.51 -58.10 -34.48
CG MSE P 9 -36.10 -58.45 -33.10
SE MSE P 9 -37.56 -59.18 -32.02
CE MSE P 9 -37.81 -61.00 -32.68
N GLU P 10 -36.09 -56.88 -37.49
CA GLU P 10 -36.20 -57.06 -38.93
C GLU P 10 -34.80 -57.14 -39.49
N LEU P 11 -33.94 -56.27 -38.96
CA LEU P 11 -32.54 -56.27 -39.34
C LEU P 11 -31.78 -57.52 -38.85
N ILE P 12 -32.01 -57.97 -37.62
CA ILE P 12 -31.38 -59.21 -37.18
C ILE P 12 -31.66 -60.32 -38.21
N LYS P 13 -32.93 -60.42 -38.62
CA LYS P 13 -33.35 -61.36 -39.64
C LYS P 13 -32.65 -61.16 -41.02
N GLU P 14 -32.49 -59.92 -41.46
CA GLU P 14 -31.74 -59.69 -42.71
C GLU P 14 -30.31 -60.24 -42.56
N LEU P 15 -29.69 -59.90 -41.42
CA LEU P 15 -28.32 -60.26 -41.17
C LEU P 15 -28.18 -61.78 -41.02
N VAL P 16 -28.99 -62.39 -40.14
CA VAL P 16 -28.96 -63.83 -39.91
C VAL P 16 -29.12 -64.58 -41.25
N SER P 17 -29.91 -63.99 -42.15
CA SER P 17 -30.25 -64.61 -43.44
C SER P 17 -29.15 -64.53 -44.48
N ILE P 18 -27.98 -64.00 -44.12
CA ILE P 18 -26.87 -63.90 -45.09
C ILE P 18 -25.65 -64.66 -44.55
N PRO P 19 -25.36 -65.84 -45.12
CA PRO P 19 -24.30 -66.70 -44.60
C PRO P 19 -23.00 -65.97 -44.41
N SER P 20 -22.38 -66.11 -43.25
CA SER P 20 -21.11 -65.44 -43.02
C SER P 20 -20.26 -66.19 -42.04
N PRO P 21 -19.98 -67.48 -42.28
CA PRO P 21 -19.16 -68.17 -41.25
C PRO P 21 -17.74 -67.55 -41.27
N SER P 22 -16.95 -67.71 -40.20
CA SER P 22 -15.61 -67.08 -40.14
C SER P 22 -14.77 -67.54 -41.31
N GLY P 23 -14.10 -66.60 -41.95
CA GLY P 23 -13.27 -66.89 -43.11
C GLY P 23 -13.93 -66.46 -44.39
N ASN P 24 -15.26 -66.35 -44.37
CA ASN P 24 -16.06 -65.97 -45.55
C ASN P 24 -17.13 -64.95 -45.18
N THR P 25 -16.70 -63.74 -44.80
CA THR P 25 -17.65 -62.69 -44.43
C THR P 25 -17.71 -61.45 -45.39
N ALA P 26 -17.07 -61.53 -46.55
CA ALA P 26 -17.17 -60.41 -47.46
C ALA P 26 -18.59 -59.98 -47.89
N LYS P 27 -19.50 -60.91 -48.20
CA LYS P 27 -20.86 -60.53 -48.58
C LYS P 27 -21.51 -59.67 -47.49
N ILE P 28 -21.48 -60.19 -46.27
CA ILE P 28 -22.15 -59.56 -45.13
C ILE P 28 -21.54 -58.19 -44.83
N ILE P 29 -20.24 -58.08 -45.04
CA ILE P 29 -19.56 -56.86 -44.70
C ILE P 29 -19.87 -55.82 -45.76
N ASN P 30 -19.96 -56.25 -47.02
CA ASN P 30 -20.43 -55.36 -48.07
C ASN P 30 -21.86 -54.95 -47.82
N PHE P 31 -22.66 -55.88 -47.29
CA PHE P 31 -24.03 -55.55 -46.97
C PHE P 31 -24.11 -54.41 -45.94
N ILE P 32 -23.24 -54.47 -44.92
CA ILE P 32 -23.26 -53.49 -43.87
C ILE P 32 -22.77 -52.18 -44.50
N GLU P 33 -21.71 -52.30 -45.29
CA GLU P 33 -21.14 -51.14 -45.97
C GLU P 33 -22.22 -50.33 -46.72
N ASN P 34 -23.02 -50.98 -47.56
CA ASN P 34 -24.15 -50.30 -48.19
C ASN P 34 -25.11 -49.71 -47.21
N TYR P 35 -25.37 -50.43 -46.14
CA TYR P 35 -26.44 -50.11 -45.27
C TYR P 35 -26.18 -48.77 -44.61
N VAL P 36 -24.92 -48.49 -44.28
CA VAL P 36 -24.46 -47.23 -43.63
C VAL P 36 -23.93 -46.17 -44.62
N SER P 37 -24.24 -46.38 -45.90
CA SER P 37 -23.67 -45.66 -47.02
C SER P 37 -23.80 -44.14 -46.89
N GLU P 38 -25.06 -43.74 -46.69
CA GLU P 38 -25.49 -42.35 -46.67
C GLU P 38 -25.65 -41.88 -45.24
N TRP P 39 -25.05 -42.59 -44.28
CA TRP P 39 -25.08 -42.14 -42.90
C TRP P 39 -23.93 -41.17 -42.63
N ASN P 40 -24.10 -40.29 -41.69
CA ASN P 40 -23.01 -39.42 -41.26
C ASN P 40 -21.65 -40.08 -40.88
N VAL P 41 -21.76 -41.19 -40.19
CA VAL P 41 -20.68 -41.98 -39.67
C VAL P 41 -19.53 -42.33 -40.62
N GLU P 42 -18.31 -42.12 -40.14
CA GLU P 42 -17.08 -42.53 -40.83
C GLU P 42 -17.00 -44.07 -40.85
N THR P 43 -16.75 -44.67 -42.00
CA THR P 43 -16.68 -46.11 -41.98
C THR P 43 -15.42 -46.56 -42.68
N LYS P 44 -14.55 -47.24 -41.97
CA LYS P 44 -13.29 -47.60 -42.57
C LYS P 44 -13.16 -49.12 -42.47
N ARG P 45 -12.62 -49.75 -43.50
CA ARG P 45 -12.49 -51.20 -43.57
C ARG P 45 -11.04 -51.64 -43.49
N ASN P 46 -10.62 -52.37 -42.47
CA ASN P 46 -9.21 -52.79 -42.36
C ASN P 46 -8.76 -53.93 -43.31
N ASN P 47 -7.52 -54.39 -43.18
CA ASN P 47 -6.98 -55.45 -44.03
C ASN P 47 -7.63 -56.81 -43.88
N LYS P 48 -7.99 -57.15 -42.65
CA LYS P 48 -8.65 -58.41 -42.38
C LYS P 48 -10.12 -58.46 -42.87
N GLY P 49 -10.65 -57.33 -43.40
CA GLY P 49 -12.05 -57.25 -43.85
C GLY P 49 -13.15 -56.83 -42.86
N ALA P 50 -12.77 -56.43 -41.66
CA ALA P 50 -13.73 -55.90 -40.68
C ALA P 50 -14.06 -54.40 -40.94
N LEU P 51 -15.08 -53.86 -40.26
CA LEU P 51 -15.38 -52.43 -40.34
C LEU P 51 -15.20 -51.68 -39.01
N ILE P 52 -14.71 -50.45 -39.08
CA ILE P 52 -14.67 -49.60 -37.90
C ILE P 52 -15.56 -48.41 -38.18
N LEU P 53 -16.56 -48.23 -37.35
CA LEU P 53 -17.47 -47.15 -37.57
C LEU P 53 -17.25 -46.17 -36.44
N THR P 54 -16.86 -44.94 -36.79
CA THR P 54 -16.50 -43.91 -35.79
C THR P 54 -17.43 -42.71 -35.78
N VAL P 55 -18.10 -42.50 -34.66
CA VAL P 55 -18.80 -41.26 -34.42
C VAL P 55 -17.85 -40.38 -33.61
N LYS P 56 -17.46 -39.24 -34.17
CA LYS P 56 -16.70 -38.28 -33.38
C LYS P 56 -17.52 -37.64 -32.24
N GLY P 57 -16.87 -37.45 -31.09
CA GLY P 57 -17.49 -36.86 -29.91
C GLY P 57 -16.82 -35.58 -29.44
N LYS P 58 -17.38 -34.94 -28.44
CA LYS P 58 -16.82 -33.74 -27.91
C LYS P 58 -15.42 -33.96 -27.47
N ASN P 59 -15.20 -34.98 -26.69
CA ASN P 59 -13.84 -35.30 -26.33
C ASN P 59 -13.25 -36.28 -27.35
N ASP P 60 -12.36 -35.82 -28.19
CA ASP P 60 -11.73 -36.71 -29.14
C ASP P 60 -10.30 -37.08 -28.66
N ALA P 61 -10.00 -36.74 -27.41
CA ALA P 61 -8.72 -37.13 -26.80
C ALA P 61 -8.80 -38.54 -26.21
N GLN P 62 -9.96 -38.89 -25.68
CA GLN P 62 -10.13 -40.19 -25.06
C GLN P 62 -11.34 -40.90 -25.68
N HIS P 63 -11.09 -42.12 -26.20
CA HIS P 63 -12.09 -42.88 -26.96
C HIS P 63 -12.71 -44.05 -26.26
N ARG P 64 -13.85 -44.42 -26.82
CA ARG P 64 -14.67 -45.50 -26.36
C ARG P 64 -14.81 -46.41 -27.60
N LEU P 65 -14.69 -47.71 -27.38
CA LEU P 65 -14.85 -48.69 -28.47
C LEU P 65 -15.91 -49.72 -28.07
N LEU P 66 -16.94 -49.83 -28.89
CA LEU P 66 -17.94 -50.88 -28.80
C LEU P 66 -17.75 -51.92 -29.93
N THR P 67 -17.81 -53.20 -29.60
CA THR P 67 -17.64 -54.23 -30.64
C THR P 67 -18.74 -55.29 -30.64
N ALA P 68 -19.13 -55.68 -31.84
CA ALA P 68 -19.98 -56.85 -32.12
C ALA P 68 -19.42 -57.58 -33.37
N HIS P 69 -19.48 -58.91 -33.40
CA HIS P 69 -18.97 -59.68 -34.58
C HIS P 69 -20.04 -60.24 -35.55
N VAL P 70 -19.75 -60.21 -36.85
CA VAL P 70 -20.65 -60.79 -37.85
C VAL P 70 -20.33 -62.19 -38.28
N ASP P 71 -19.14 -62.68 -37.95
CA ASP P 71 -18.86 -64.07 -38.23
C ASP P 71 -19.67 -64.97 -37.33
N THR P 72 -19.93 -66.16 -37.86
CA THR P 72 -20.77 -67.21 -37.26
C THR P 72 -20.03 -68.57 -37.30
N LEU P 73 -20.56 -69.54 -36.55
CA LEU P 73 -20.31 -70.98 -36.71
C LEU P 73 -20.50 -71.42 -38.14
N GLY P 74 -19.65 -72.31 -38.61
CA GLY P 74 -19.84 -73.07 -39.84
C GLY P 74 -18.83 -74.22 -39.99
N ALA P 75 -18.62 -74.63 -41.23
CA ALA P 75 -17.69 -75.70 -41.49
C ALA P 75 -17.03 -75.52 -42.85
N MSE P 76 -15.98 -76.27 -43.07
CA MSE P 76 -15.33 -76.26 -44.33
C MSE P 76 -15.22 -77.67 -44.86
O MSE P 76 -15.16 -78.62 -44.08
CB MSE P 76 -13.98 -75.67 -44.16
CG MSE P 76 -13.29 -75.33 -45.44
SE MSE P 76 -11.60 -74.55 -44.93
CE MSE P 76 -10.63 -76.20 -44.62
N VAL P 77 -15.16 -77.82 -46.19
CA VAL P 77 -14.90 -79.14 -46.77
C VAL P 77 -13.48 -79.53 -46.47
N LYS P 78 -13.31 -80.73 -45.91
CA LYS P 78 -11.98 -81.19 -45.58
C LYS P 78 -11.53 -82.34 -46.44
N GLU P 79 -12.49 -83.11 -46.94
CA GLU P 79 -12.23 -84.19 -47.86
C GLU P 79 -13.48 -84.55 -48.65
N ILE P 80 -13.26 -84.89 -49.92
CA ILE P 80 -14.32 -85.40 -50.78
C ILE P 80 -14.16 -86.91 -50.83
N LYS P 81 -15.15 -87.61 -50.27
CA LYS P 81 -15.12 -89.05 -50.10
C LYS P 81 -15.49 -89.83 -51.38
N PRO P 82 -15.01 -91.08 -51.51
CA PRO P 82 -15.21 -91.85 -52.75
C PRO P 82 -16.68 -91.87 -53.20
N ASP P 83 -17.58 -92.11 -52.26
CA ASP P 83 -19.02 -92.18 -52.48
C ASP P 83 -19.71 -90.85 -52.86
N GLY P 84 -19.02 -89.71 -52.79
CA GLY P 84 -19.66 -88.46 -53.17
C GLY P 84 -20.03 -87.54 -52.03
N ARG P 85 -20.06 -88.08 -50.82
CA ARG P 85 -20.37 -87.26 -49.65
C ARG P 85 -19.09 -86.56 -49.16
N LEU P 86 -19.24 -85.51 -48.37
CA LEU P 86 -18.09 -84.70 -47.93
C LEU P 86 -17.87 -84.80 -46.44
N SER P 87 -16.61 -84.90 -46.01
CA SER P 87 -16.25 -84.73 -44.60
C SER P 87 -16.29 -83.26 -44.28
N LEU P 88 -16.32 -82.91 -43.01
CA LEU P 88 -16.21 -81.50 -42.66
C LEU P 88 -15.14 -81.23 -41.62
N SER P 89 -14.60 -80.01 -41.67
CA SER P 89 -13.80 -79.46 -40.60
C SER P 89 -14.64 -78.34 -39.99
N MSE P 90 -14.61 -78.25 -38.67
CA MSE P 90 -15.41 -77.29 -37.93
C MSE P 90 -14.87 -75.87 -38.03
O MSE P 90 -13.67 -75.67 -37.90
CB MSE P 90 -15.41 -77.73 -36.48
CG MSE P 90 -16.42 -77.04 -35.58
SE MSE P 90 -16.48 -77.70 -33.68
CE MSE P 90 -17.64 -79.28 -33.92
N ILE P 91 -15.73 -74.87 -38.26
CA ILE P 91 -15.35 -73.46 -38.03
C ILE P 91 -16.02 -72.99 -36.75
N GLY P 92 -15.22 -72.65 -35.75
CA GLY P 92 -15.76 -72.18 -34.46
C GLY P 92 -15.93 -73.35 -33.53
N GLY P 93 -16.37 -73.08 -32.31
CA GLY P 93 -16.45 -74.13 -31.31
C GLY P 93 -17.90 -74.40 -30.91
N PHE P 94 -18.38 -75.58 -31.27
CA PHE P 94 -19.71 -76.05 -30.91
C PHE P 94 -19.68 -77.58 -30.87
N ARG P 95 -20.81 -78.22 -30.62
CA ARG P 95 -20.93 -79.67 -30.69
C ARG P 95 -21.45 -80.09 -32.05
N TRP P 96 -20.76 -81.03 -32.68
CA TRP P 96 -21.19 -81.57 -33.99
C TRP P 96 -22.61 -82.14 -33.94
N ASN P 97 -23.00 -82.57 -32.75
CA ASN P 97 -24.32 -83.12 -32.48
C ASN P 97 -25.38 -82.06 -32.74
N SER P 98 -25.12 -80.86 -32.23
CA SER P 98 -26.03 -79.73 -32.34
C SER P 98 -26.33 -79.36 -33.79
N VAL P 99 -25.67 -79.99 -34.76
CA VAL P 99 -25.96 -79.71 -36.17
C VAL P 99 -26.46 -80.91 -37.01
N GLU P 100 -26.76 -82.01 -36.34
CA GLU P 100 -27.25 -83.17 -37.02
C GLU P 100 -28.51 -82.86 -37.77
N GLY P 101 -28.53 -83.24 -39.03
CA GLY P 101 -29.73 -83.15 -39.85
C GLY P 101 -30.06 -81.77 -40.36
N GLU P 102 -29.18 -80.83 -40.08
CA GLU P 102 -29.38 -79.46 -40.47
C GLU P 102 -29.15 -79.32 -42.00
N TYR P 103 -29.82 -78.34 -42.62
CA TYR P 103 -29.58 -78.05 -44.06
C TYR P 103 -28.39 -77.11 -44.17
N CYS P 104 -27.67 -77.18 -45.28
CA CYS P 104 -26.41 -76.50 -45.34
C CYS P 104 -26.19 -76.01 -46.74
N GLU P 105 -25.34 -74.99 -46.91
CA GLU P 105 -25.00 -74.51 -48.24
C GLU P 105 -23.52 -74.66 -48.43
N ILE P 106 -23.11 -74.96 -49.66
CA ILE P 106 -21.71 -75.08 -50.02
C ILE P 106 -21.44 -74.05 -51.06
N GLU P 107 -20.47 -73.18 -50.79
CA GLU P 107 -20.07 -72.16 -51.77
C GLU P 107 -18.76 -72.58 -52.44
N THR P 108 -18.83 -72.64 -53.76
CA THR P 108 -17.73 -72.86 -54.66
C THR P 108 -16.84 -71.62 -54.77
N SER P 109 -15.55 -71.85 -55.02
CA SER P 109 -14.63 -70.82 -55.48
C SER P 109 -15.23 -69.85 -56.51
N SER P 110 -16.01 -70.39 -57.45
CA SER P 110 -16.60 -69.57 -58.51
C SER P 110 -17.93 -68.92 -58.09
N GLY P 111 -18.22 -68.97 -56.80
CA GLY P 111 -19.43 -68.35 -56.23
C GLY P 111 -20.71 -69.15 -56.42
N LYS P 112 -20.59 -70.36 -56.99
CA LYS P 112 -21.76 -71.22 -57.12
C LYS P 112 -22.13 -71.90 -55.83
N THR P 113 -23.42 -72.06 -55.67
CA THR P 113 -23.99 -72.53 -54.44
C THR P 113 -24.55 -73.91 -54.64
N TYR P 114 -24.45 -74.73 -53.62
CA TYR P 114 -25.20 -75.96 -53.58
C TYR P 114 -25.68 -76.23 -52.13
N THR P 115 -26.89 -76.78 -52.06
CA THR P 115 -27.50 -77.18 -50.84
C THR P 115 -27.08 -78.61 -50.52
N GLY P 116 -27.31 -79.01 -49.27
CA GLY P 116 -26.98 -80.36 -48.84
C GLY P 116 -27.49 -80.52 -47.42
N THR P 117 -27.20 -81.67 -46.82
CA THR P 117 -27.60 -81.87 -45.45
C THR P 117 -26.54 -82.66 -44.64
N ILE P 118 -26.55 -82.50 -43.32
CA ILE P 118 -25.50 -83.06 -42.45
C ILE P 118 -26.03 -84.25 -41.63
N LEU P 119 -25.29 -85.37 -41.55
CA LEU P 119 -25.50 -86.35 -40.42
C LEU P 119 -24.21 -87.07 -40.11
N MSE P 120 -24.17 -87.77 -38.97
CA MSE P 120 -23.06 -88.64 -38.57
C MSE P 120 -23.08 -90.02 -39.22
O MSE P 120 -23.79 -90.23 -40.22
CB MSE P 120 -23.05 -88.83 -37.06
CG MSE P 120 -22.26 -87.79 -36.32
SE MSE P 120 -23.33 -86.21 -35.78
CE MSE P 120 -23.84 -86.84 -33.97
N ILE P 141 -19.81 -87.70 -39.52
CA ILE P 141 -19.53 -86.26 -39.64
C ILE P 141 -19.51 -85.76 -41.09
N GLU P 142 -20.64 -85.83 -41.81
CA GLU P 142 -20.63 -85.63 -43.29
C GLU P 142 -21.81 -84.84 -43.92
N VAL P 143 -21.65 -84.46 -45.19
CA VAL P 143 -22.69 -83.79 -45.98
C VAL P 143 -23.17 -84.63 -47.14
N ARG P 144 -24.47 -84.88 -47.18
CA ARG P 144 -25.14 -85.47 -48.33
C ARG P 144 -25.68 -84.34 -49.22
N ILE P 145 -25.05 -84.18 -50.41
CA ILE P 145 -25.28 -83.07 -51.36
C ILE P 145 -26.57 -83.30 -52.13
N ASP P 146 -27.32 -82.24 -52.38
CA ASP P 146 -28.59 -82.36 -53.11
C ASP P 146 -28.39 -82.30 -54.59
N GLU P 147 -27.42 -83.09 -55.03
CA GLU P 147 -27.08 -83.23 -56.42
C GLU P 147 -26.80 -84.71 -56.67
N ARG P 148 -27.17 -85.17 -57.86
CA ARG P 148 -26.99 -86.55 -58.29
C ARG P 148 -25.54 -86.87 -58.58
N VAL P 149 -24.71 -87.01 -57.56
CA VAL P 149 -23.27 -87.27 -57.76
C VAL P 149 -22.75 -88.43 -56.91
N PHE P 150 -22.19 -89.46 -57.54
CA PHE P 150 -21.84 -90.63 -56.76
C PHE P 150 -20.35 -90.90 -56.60
N SER P 151 -19.51 -89.90 -56.87
CA SER P 151 -18.07 -90.11 -56.81
C SER P 151 -17.30 -88.80 -56.59
N ALA P 152 -16.01 -88.94 -56.25
CA ALA P 152 -15.16 -87.75 -56.08
C ALA P 152 -15.08 -86.93 -57.38
N ASP P 153 -14.87 -87.57 -58.51
CA ASP P 153 -14.76 -86.83 -59.78
C ASP P 153 -16.02 -86.05 -60.08
N GLU P 154 -17.17 -86.71 -59.92
CA GLU P 154 -18.45 -86.10 -60.25
C GLU P 154 -18.72 -84.84 -59.41
N VAL P 155 -18.25 -84.88 -58.16
CA VAL P 155 -18.41 -83.79 -57.20
C VAL P 155 -17.44 -82.65 -57.52
N ARG P 156 -16.27 -82.99 -58.05
CA ARG P 156 -15.37 -81.91 -58.45
C ARG P 156 -15.90 -81.19 -59.70
N GLU P 157 -16.60 -81.91 -60.58
CA GLU P 157 -17.20 -81.32 -61.80
C GLU P 157 -18.26 -80.28 -61.40
N LEU P 158 -18.82 -80.46 -60.22
CA LEU P 158 -19.82 -79.53 -59.69
C LEU P 158 -19.24 -78.17 -59.33
N GLY P 159 -17.92 -78.13 -59.14
CA GLY P 159 -17.28 -76.93 -58.65
C GLY P 159 -16.86 -77.04 -57.18
N ILE P 160 -17.38 -78.05 -56.48
CA ILE P 160 -17.01 -78.29 -55.09
C ILE P 160 -15.58 -78.79 -55.05
N GLU P 161 -14.84 -78.31 -54.05
CA GLU P 161 -13.46 -78.65 -53.85
C GLU P 161 -13.16 -78.46 -52.33
N VAL P 162 -12.19 -79.18 -51.75
CA VAL P 162 -11.73 -78.94 -50.38
C VAL P 162 -11.38 -77.47 -50.22
N GLY P 163 -11.78 -76.87 -49.09
CA GLY P 163 -11.55 -75.45 -48.84
C GLY P 163 -12.83 -74.62 -48.92
N ASP P 164 -13.90 -75.21 -49.48
CA ASP P 164 -15.19 -74.54 -49.61
C ASP P 164 -15.91 -74.34 -48.26
N PHE P 165 -16.48 -73.16 -48.12
CA PHE P 165 -17.15 -72.85 -46.91
C PHE P 165 -18.55 -73.45 -46.92
N VAL P 166 -18.94 -73.97 -45.76
CA VAL P 166 -20.24 -74.58 -45.67
C VAL P 166 -20.96 -73.85 -44.60
N SER P 167 -22.21 -73.47 -44.86
CA SER P 167 -22.97 -72.71 -43.87
C SER P 167 -24.26 -73.44 -43.45
N PHE P 168 -24.76 -73.17 -42.26
CA PHE P 168 -25.91 -73.92 -41.76
C PHE P 168 -27.13 -73.09 -41.91
N ASP P 169 -28.18 -73.70 -42.46
CA ASP P 169 -29.40 -72.93 -42.74
C ASP P 169 -29.88 -72.49 -41.36
N PRO P 170 -30.01 -71.17 -41.13
CA PRO P 170 -30.25 -70.71 -39.77
C PRO P 170 -31.69 -70.86 -39.22
N ARG P 171 -32.66 -71.24 -40.05
CA ARG P 171 -34.07 -71.31 -39.64
C ARG P 171 -34.51 -70.17 -38.67
N VAL P 172 -34.16 -68.94 -39.01
CA VAL P 172 -34.53 -67.79 -38.20
C VAL P 172 -36.03 -67.64 -38.24
N GLN P 173 -36.62 -67.21 -37.12
CA GLN P 173 -38.07 -67.16 -37.00
C GLN P 173 -38.48 -66.14 -35.95
N ILE P 174 -39.31 -65.20 -36.36
CA ILE P 174 -39.82 -64.18 -35.43
C ILE P 174 -41.26 -64.52 -35.11
N THR P 175 -41.55 -64.76 -33.84
CA THR P 175 -42.90 -65.17 -33.48
C THR P 175 -43.73 -63.97 -33.09
N GLU P 176 -45.02 -64.07 -33.32
CA GLU P 176 -45.97 -63.03 -32.88
C GLU P 176 -45.77 -62.73 -31.40
N SER P 177 -45.67 -63.78 -30.60
CA SER P 177 -45.35 -63.61 -29.18
C SER P 177 -44.06 -62.81 -28.85
N GLY P 178 -43.28 -62.39 -29.84
CA GLY P 178 -42.08 -61.57 -29.56
C GLY P 178 -40.70 -62.23 -29.50
N TYR P 179 -40.60 -63.53 -29.78
CA TYR P 179 -39.28 -64.17 -29.74
C TYR P 179 -38.66 -64.11 -31.14
N ILE P 180 -37.32 -64.05 -31.21
CA ILE P 180 -36.56 -64.43 -32.41
C ILE P 180 -35.78 -65.69 -32.09
N LYS P 181 -36.03 -66.73 -32.87
CA LYS P 181 -35.24 -67.92 -32.70
C LYS P 181 -34.59 -68.40 -33.99
N SER P 182 -33.27 -68.36 -33.97
CA SER P 182 -32.42 -69.52 -34.18
C SER P 182 -31.14 -69.60 -34.99
N ARG P 183 -30.41 -70.56 -34.42
CA ARG P 183 -29.32 -71.36 -34.97
C ARG P 183 -28.14 -70.52 -35.30
N HIS P 184 -28.31 -69.22 -35.07
CA HIS P 184 -27.23 -68.32 -35.22
C HIS P 184 -27.34 -67.18 -34.25
N LEU P 185 -28.35 -66.33 -34.39
CA LEU P 185 -28.46 -65.12 -33.59
C LEU P 185 -27.07 -64.57 -33.35
N ASP P 186 -26.17 -65.03 -34.21
CA ASP P 186 -24.84 -65.40 -33.73
C ASP P 186 -24.28 -64.85 -32.47
N ASP P 187 -23.46 -63.80 -32.47
CA ASP P 187 -23.76 -62.36 -32.41
C ASP P 187 -24.49 -61.38 -33.36
N LYS P 188 -25.18 -61.81 -34.40
CA LYS P 188 -25.82 -60.77 -35.24
C LYS P 188 -26.91 -60.02 -34.50
N VAL P 189 -27.37 -60.54 -33.39
CA VAL P 189 -28.27 -59.72 -32.61
C VAL P 189 -27.57 -58.43 -32.19
N SER P 190 -26.34 -58.50 -31.71
CA SER P 190 -25.68 -57.30 -31.22
C SER P 190 -25.32 -56.42 -32.44
N VAL P 191 -24.95 -57.05 -33.54
CA VAL P 191 -24.61 -56.28 -34.70
C VAL P 191 -25.75 -55.32 -35.05
N ALA P 192 -26.97 -55.79 -35.01
CA ALA P 192 -28.09 -54.99 -35.43
C ALA P 192 -28.26 -53.89 -34.41
N ILE P 193 -28.09 -54.23 -33.12
CA ILE P 193 -28.15 -53.25 -32.04
C ILE P 193 -27.18 -52.10 -32.29
N LEU P 194 -25.89 -52.40 -32.43
CA LEU P 194 -24.93 -51.32 -32.69
C LEU P 194 -25.29 -50.46 -33.93
N LEU P 195 -25.78 -51.09 -34.99
CA LEU P 195 -26.14 -50.35 -36.17
C LEU P 195 -27.30 -49.43 -35.89
N LYS P 196 -28.24 -49.89 -35.09
CA LYS P 196 -29.41 -49.04 -34.86
C LYS P 196 -29.00 -47.90 -33.99
N LEU P 197 -28.19 -48.18 -32.98
CA LEU P 197 -27.69 -47.14 -32.12
C LEU P 197 -27.04 -46.02 -32.94
N ILE P 198 -26.20 -46.40 -33.89
CA ILE P 198 -25.50 -45.39 -34.67
C ILE P 198 -26.53 -44.49 -35.34
N LYS P 199 -27.50 -45.12 -36.01
CA LYS P 199 -28.53 -44.39 -36.73
C LYS P 199 -29.36 -43.50 -35.78
N ARG P 200 -29.50 -43.97 -34.54
CA ARG P 200 -30.30 -43.26 -33.58
C ARG P 200 -29.59 -41.94 -33.20
N LEU P 201 -28.29 -42.01 -32.91
CA LEU P 201 -27.45 -40.80 -32.70
C LEU P 201 -27.57 -39.78 -33.82
N GLN P 202 -27.72 -40.26 -35.04
CA GLN P 202 -27.77 -39.39 -36.17
C GLN P 202 -29.17 -38.83 -36.29
N ASP P 203 -30.21 -39.64 -36.11
CA ASP P 203 -31.55 -39.13 -36.31
C ASP P 203 -31.91 -38.16 -35.21
N GLU P 204 -31.53 -38.45 -33.99
CA GLU P 204 -31.85 -37.56 -32.90
C GLU P 204 -30.85 -36.43 -32.77
N ASN P 205 -29.86 -36.37 -33.67
CA ASN P 205 -28.89 -35.27 -33.68
C ASN P 205 -28.26 -35.02 -32.30
N VAL P 206 -27.74 -36.11 -31.76
CA VAL P 206 -27.22 -36.23 -30.42
C VAL P 206 -25.73 -36.01 -30.57
N THR P 207 -25.08 -35.36 -29.59
CA THR P 207 -23.62 -35.46 -29.63
C THR P 207 -23.06 -36.30 -28.48
N LEU P 208 -22.14 -37.18 -28.85
CA LEU P 208 -21.51 -38.12 -27.93
C LEU P 208 -20.48 -37.43 -27.07
N PRO P 209 -20.39 -37.78 -25.78
CA PRO P 209 -19.38 -37.04 -25.03
C PRO P 209 -17.94 -37.48 -25.41
N TYR P 210 -17.75 -38.69 -25.98
CA TYR P 210 -16.44 -39.13 -26.52
C TYR P 210 -16.50 -39.68 -27.94
N THR P 211 -15.35 -39.59 -28.64
CA THR P 211 -15.23 -40.26 -29.90
C THR P 211 -15.41 -41.70 -29.59
N THR P 212 -16.29 -42.34 -30.35
CA THR P 212 -16.67 -43.72 -30.10
C THR P 212 -16.59 -44.53 -31.36
N HIS P 213 -15.91 -45.68 -31.27
CA HIS P 213 -15.79 -46.58 -32.40
C HIS P 213 -16.71 -47.78 -32.28
N PHE P 214 -17.29 -48.20 -33.38
CA PHE P 214 -18.11 -49.38 -33.37
C PHE P 214 -17.42 -50.33 -34.33
N LEU P 215 -16.86 -51.38 -33.75
CA LEU P 215 -16.06 -52.28 -34.48
C LEU P 215 -16.93 -53.48 -34.84
N ILE P 216 -17.23 -53.62 -36.15
CA ILE P 216 -17.89 -54.84 -36.66
C ILE P 216 -16.89 -55.92 -37.03
N SER P 217 -16.63 -56.79 -36.08
CA SER P 217 -15.56 -57.75 -36.19
C SER P 217 -15.92 -58.93 -37.12
N ASN P 218 -14.94 -59.48 -37.82
CA ASN P 218 -15.22 -60.65 -38.66
C ASN P 218 -14.49 -61.93 -38.24
N ASN P 219 -13.84 -61.92 -37.07
CA ASN P 219 -13.05 -63.08 -36.66
C ASN P 219 -13.20 -63.55 -35.20
N GLU P 220 -14.12 -62.96 -34.43
CA GLU P 220 -14.42 -63.45 -33.06
C GLU P 220 -15.02 -64.84 -33.13
N ASN P 229 -6.54 -53.57 -35.31
CA ASN P 229 -5.94 -52.40 -34.68
C ASN P 229 -6.99 -51.42 -34.13
N ILE P 230 -7.00 -51.27 -32.81
CA ILE P 230 -7.85 -50.29 -32.20
C ILE P 230 -7.01 -49.10 -31.68
N PRO P 231 -7.58 -47.88 -31.82
CA PRO P 231 -6.84 -46.64 -31.73
C PRO P 231 -6.27 -46.37 -30.33
N GLU P 232 -5.12 -45.73 -30.30
CA GLU P 232 -4.36 -45.56 -29.05
C GLU P 232 -5.14 -44.81 -27.98
N GLU P 233 -6.11 -43.97 -28.36
CA GLU P 233 -6.74 -43.13 -27.34
C GLU P 233 -7.94 -43.74 -26.65
N THR P 234 -8.40 -44.89 -27.16
CA THR P 234 -9.42 -45.75 -26.55
C THR P 234 -9.07 -46.05 -25.10
N VAL P 235 -10.02 -45.79 -24.21
CA VAL P 235 -9.85 -45.96 -22.79
C VAL P 235 -10.78 -47.06 -22.32
N GLU P 236 -11.94 -47.20 -22.95
CA GLU P 236 -12.89 -48.23 -22.59
C GLU P 236 -13.35 -49.02 -23.78
N TYR P 237 -13.51 -50.31 -23.56
CA TYR P 237 -13.82 -51.27 -24.59
C TYR P 237 -14.95 -52.16 -24.12
N LEU P 238 -16.10 -52.01 -24.79
CA LEU P 238 -17.32 -52.80 -24.59
C LEU P 238 -17.62 -53.81 -25.73
N ALA P 239 -17.56 -55.09 -25.42
CA ALA P 239 -18.00 -56.12 -26.36
C ALA P 239 -19.48 -56.27 -26.15
N VAL P 240 -20.27 -56.28 -27.21
CA VAL P 240 -21.67 -56.58 -27.08
C VAL P 240 -21.87 -57.97 -27.70
N ASP P 241 -22.14 -58.94 -26.85
CA ASP P 241 -22.01 -60.36 -27.22
C ASP P 241 -22.71 -61.18 -26.15
N MSE P 242 -23.17 -62.37 -26.50
CA MSE P 242 -24.03 -63.17 -25.59
C MSE P 242 -23.44 -64.49 -25.26
O MSE P 242 -22.56 -64.97 -25.95
CB MSE P 242 -25.39 -63.41 -26.24
CG MSE P 242 -26.02 -62.13 -26.84
SE MSE P 242 -27.29 -62.49 -28.34
CE MSE P 242 -26.10 -62.22 -29.89
N GLY P 243 -23.92 -65.10 -24.17
CA GLY P 243 -23.42 -66.43 -23.73
C GLY P 243 -24.43 -67.24 -22.94
N ALA P 244 -24.25 -68.56 -22.96
CA ALA P 244 -25.05 -69.43 -22.08
C ALA P 244 -24.50 -69.31 -20.66
N LEU P 245 -25.40 -69.14 -19.69
CA LEU P 245 -25.03 -69.06 -18.28
C LEU P 245 -24.37 -70.33 -17.80
N GLY P 246 -24.19 -70.43 -16.49
CA GLY P 246 -23.57 -71.63 -15.94
C GLY P 246 -24.47 -72.85 -15.93
N ASP P 247 -25.08 -73.07 -14.76
CA ASP P 247 -25.69 -74.35 -14.32
C ASP P 247 -27.23 -74.26 -14.39
N GLY P 248 -27.73 -73.02 -14.31
CA GLY P 248 -29.14 -72.71 -14.50
C GLY P 248 -29.35 -72.00 -15.81
N ASP P 252 -31.79 -66.07 -18.93
CA ASP P 252 -32.91 -65.16 -18.93
C ASP P 252 -33.03 -64.31 -20.18
N GLU P 253 -34.18 -64.41 -20.83
CA GLU P 253 -34.31 -63.97 -22.19
C GLU P 253 -35.05 -62.66 -22.31
N TYR P 254 -35.14 -61.95 -21.19
CA TYR P 254 -35.95 -60.77 -21.12
C TYR P 254 -35.23 -59.61 -20.49
N THR P 255 -33.91 -59.67 -20.35
CA THR P 255 -33.19 -58.67 -19.59
C THR P 255 -31.87 -58.52 -20.25
N VAL P 256 -31.19 -57.40 -20.06
CA VAL P 256 -29.84 -57.27 -20.60
C VAL P 256 -29.00 -58.08 -19.68
N SER P 257 -28.00 -58.73 -20.24
CA SER P 257 -27.07 -59.45 -19.40
C SER P 257 -25.76 -58.68 -19.33
N ILE P 258 -25.28 -58.39 -18.12
CA ILE P 258 -24.01 -57.70 -17.90
C ILE P 258 -23.07 -58.74 -17.31
N CYS P 259 -21.91 -58.91 -17.93
CA CYS P 259 -21.03 -60.01 -17.56
C CYS P 259 -19.90 -59.59 -16.65
N ALA P 260 -19.78 -60.24 -15.49
CA ALA P 260 -18.76 -59.93 -14.50
C ALA P 260 -17.46 -60.73 -14.70
N LYS P 261 -17.56 -61.87 -15.40
CA LYS P 261 -16.42 -62.73 -15.56
C LYS P 261 -16.71 -63.81 -16.58
N ASP P 262 -15.73 -64.15 -17.41
CA ASP P 262 -15.84 -65.27 -18.33
C ASP P 262 -14.61 -66.18 -18.26
N SER P 263 -14.39 -67.03 -19.27
CA SER P 263 -13.21 -67.93 -19.27
C SER P 263 -11.90 -67.23 -19.14
N SER P 264 -11.83 -66.03 -19.68
CA SER P 264 -10.60 -65.31 -19.64
C SER P 264 -10.41 -64.73 -18.24
N GLY P 265 -11.49 -64.55 -17.49
CA GLY P 265 -11.33 -63.90 -16.19
C GLY P 265 -12.34 -62.80 -15.95
N PRO P 266 -12.21 -62.11 -14.82
CA PRO P 266 -13.27 -61.17 -14.49
C PRO P 266 -13.09 -59.88 -15.23
N TYR P 267 -14.20 -59.24 -15.56
CA TYR P 267 -14.22 -57.97 -16.24
C TYR P 267 -13.99 -56.84 -15.27
N HIS P 268 -13.47 -55.73 -15.80
CA HIS P 268 -13.15 -54.54 -15.03
C HIS P 268 -14.27 -54.21 -14.05
N TYR P 269 -13.93 -54.23 -12.79
CA TYR P 269 -14.86 -54.07 -11.69
C TYR P 269 -15.64 -52.75 -11.75
N ALA P 270 -14.91 -51.65 -11.66
CA ALA P 270 -15.51 -50.32 -11.68
C ALA P 270 -16.34 -50.10 -12.94
N LEU P 271 -15.91 -50.64 -14.08
CA LEU P 271 -16.69 -50.43 -15.31
C LEU P 271 -18.00 -51.23 -15.24
N ARG P 272 -17.94 -52.45 -14.73
CA ARG P 272 -19.18 -53.21 -14.59
C ARG P 272 -20.12 -52.53 -13.58
N LYS P 273 -19.62 -52.08 -12.44
CA LYS P 273 -20.52 -51.39 -11.50
C LYS P 273 -21.17 -50.17 -12.18
N HIS P 274 -20.38 -49.44 -12.94
CA HIS P 274 -20.93 -48.38 -13.74
C HIS P 274 -22.10 -48.89 -14.56
N LEU P 275 -21.92 -50.01 -15.28
CA LEU P 275 -22.96 -50.42 -16.23
C LEU P 275 -24.22 -50.72 -15.44
N VAL P 276 -24.02 -51.33 -14.29
CA VAL P 276 -25.11 -51.68 -13.41
C VAL P 276 -25.86 -50.41 -13.01
N GLU P 277 -25.14 -49.43 -12.51
CA GLU P 277 -25.74 -48.14 -12.10
C GLU P 277 -26.56 -47.47 -13.21
N LEU P 278 -26.05 -47.51 -14.43
CA LEU P 278 -26.78 -46.98 -15.59
C LEU P 278 -28.12 -47.68 -15.78
N ALA P 279 -28.13 -48.99 -15.58
CA ALA P 279 -29.30 -49.80 -15.76
C ALA P 279 -30.32 -49.43 -14.69
N LYS P 280 -29.95 -49.50 -13.41
CA LYS P 280 -30.77 -48.92 -12.32
C LYS P 280 -31.33 -47.53 -12.62
N THR P 281 -30.45 -46.57 -12.93
CA THR P 281 -30.86 -45.19 -13.19
C THR P 281 -31.93 -45.14 -14.30
N ASN P 282 -31.80 -46.04 -15.28
CA ASN P 282 -32.60 -45.92 -16.50
C ASN P 282 -33.74 -46.87 -16.54
N HIS P 283 -33.93 -47.54 -15.40
CA HIS P 283 -34.99 -48.50 -15.23
C HIS P 283 -34.86 -49.54 -16.30
N ILE P 284 -33.62 -49.99 -16.49
CA ILE P 284 -33.30 -51.06 -17.39
C ILE P 284 -33.09 -52.35 -16.60
N GLU P 285 -33.91 -53.33 -16.96
CA GLU P 285 -33.85 -54.70 -16.49
C GLU P 285 -32.58 -55.38 -16.87
N TYR P 286 -31.82 -55.85 -15.89
CA TYR P 286 -30.51 -56.42 -16.16
C TYR P 286 -30.29 -57.70 -15.29
N LYS P 287 -29.28 -58.51 -15.64
CA LYS P 287 -28.78 -59.60 -14.77
C LYS P 287 -27.29 -59.52 -14.80
N VAL P 288 -26.69 -59.69 -13.65
CA VAL P 288 -25.25 -59.84 -13.61
C VAL P 288 -24.91 -61.31 -13.71
N ASP P 289 -24.10 -61.66 -14.69
CA ASP P 289 -23.87 -63.03 -15.04
C ASP P 289 -22.41 -63.39 -15.11
N ILE P 290 -22.11 -64.68 -14.99
CA ILE P 290 -20.79 -65.19 -15.24
C ILE P 290 -20.91 -66.18 -16.38
N TYR P 291 -20.20 -65.95 -17.51
CA TYR P 291 -20.20 -66.96 -18.57
C TYR P 291 -18.99 -67.91 -18.49
N PRO P 292 -19.24 -69.20 -18.36
CA PRO P 292 -18.11 -70.16 -18.28
C PRO P 292 -17.26 -70.50 -19.55
N TYR P 293 -17.52 -69.90 -20.73
CA TYR P 293 -16.73 -70.22 -21.96
C TYR P 293 -16.05 -69.05 -22.74
N TYR P 294 -15.01 -69.39 -23.52
CA TYR P 294 -14.01 -68.43 -24.14
C TYR P 294 -14.29 -66.91 -24.05
N ARG P 303 -8.02 -58.71 -26.92
CA ARG P 303 -7.16 -57.73 -26.26
C ARG P 303 -6.76 -58.18 -24.83
N ALA P 304 -5.64 -58.90 -24.78
CA ALA P 304 -4.99 -59.30 -23.52
C ALA P 304 -4.42 -58.04 -22.90
N GLY P 305 -3.31 -57.58 -23.51
CA GLY P 305 -2.75 -56.25 -23.30
C GLY P 305 -2.87 -55.30 -24.50
N PHE P 306 -4.11 -54.84 -24.76
CA PHE P 306 -4.35 -53.49 -25.27
C PHE P 306 -4.73 -52.76 -23.97
N ASP P 307 -4.12 -51.60 -23.65
CA ASP P 307 -4.46 -50.91 -22.38
C ASP P 307 -5.87 -50.28 -22.33
N VAL P 308 -6.88 -51.05 -21.95
CA VAL P 308 -8.27 -50.55 -21.94
C VAL P 308 -9.02 -51.19 -20.81
N LYS P 309 -10.03 -50.51 -20.29
CA LYS P 309 -10.99 -51.13 -19.40
C LYS P 309 -12.01 -51.93 -20.20
N HIS P 310 -12.18 -53.19 -19.80
CA HIS P 310 -12.94 -54.16 -20.52
C HIS P 310 -14.26 -54.44 -19.90
N ALA P 311 -15.29 -54.53 -20.74
CA ALA P 311 -16.65 -54.84 -20.33
C ALA P 311 -17.33 -55.67 -21.41
N LEU P 312 -18.34 -56.43 -20.99
CA LEU P 312 -19.08 -57.32 -21.86
C LEU P 312 -20.55 -57.27 -21.42
N ILE P 313 -21.46 -56.99 -22.35
CA ILE P 313 -22.91 -57.12 -22.10
C ILE P 313 -23.53 -57.73 -23.36
N GLY P 314 -24.78 -58.23 -23.31
CA GLY P 314 -25.46 -58.76 -24.46
C GLY P 314 -26.91 -59.05 -24.14
N ALA P 315 -27.75 -59.14 -25.16
CA ALA P 315 -29.11 -59.65 -24.98
C ALA P 315 -29.02 -61.01 -24.29
N GLY P 316 -29.99 -61.36 -23.47
CA GLY P 316 -29.98 -62.70 -22.83
C GLY P 316 -30.31 -63.74 -23.90
N ILE P 317 -29.59 -64.85 -23.95
CA ILE P 317 -29.76 -65.82 -25.03
C ILE P 317 -29.90 -67.21 -24.49
N ASP P 318 -30.94 -67.91 -24.89
CA ASP P 318 -31.19 -69.27 -24.48
C ASP P 318 -30.45 -70.26 -25.35
N SER P 319 -29.84 -71.26 -24.69
CA SER P 319 -29.34 -72.51 -25.35
C SER P 319 -28.24 -72.20 -26.39
N SER P 320 -27.37 -71.30 -26.01
CA SER P 320 -26.27 -70.77 -26.84
C SER P 320 -25.62 -71.78 -27.84
N PHE P 323 -29.41 -73.98 -30.10
CA PHE P 323 -30.58 -73.56 -30.87
C PHE P 323 -31.12 -72.34 -30.21
N GLU P 324 -30.73 -71.21 -30.75
CA GLU P 324 -30.78 -70.01 -30.00
C GLU P 324 -32.14 -69.29 -29.95
N ARG P 325 -32.38 -68.60 -28.84
CA ARG P 325 -33.55 -67.78 -28.72
C ARG P 325 -33.33 -66.65 -27.72
N THR P 326 -34.00 -65.53 -27.99
CA THR P 326 -34.11 -64.43 -27.06
C THR P 326 -35.44 -63.71 -27.27
N HIS P 327 -35.78 -62.79 -26.37
CA HIS P 327 -37.07 -62.12 -26.51
C HIS P 327 -36.87 -60.65 -26.79
N GLU P 328 -37.69 -60.08 -27.68
CA GLU P 328 -37.63 -58.66 -27.98
C GLU P 328 -37.35 -57.75 -26.76
N SER P 329 -37.84 -58.14 -25.59
CA SER P 329 -37.64 -57.35 -24.37
C SER P 329 -36.16 -57.27 -24.02
N SER P 330 -35.43 -58.35 -24.25
CA SER P 330 -34.02 -58.40 -23.92
C SER P 330 -33.25 -57.46 -24.84
N ILE P 331 -33.61 -57.53 -26.11
CA ILE P 331 -33.08 -56.65 -27.14
C ILE P 331 -33.42 -55.20 -26.79
N ALA P 332 -34.68 -54.89 -26.48
CA ALA P 332 -35.05 -53.53 -26.06
C ALA P 332 -34.15 -52.98 -24.93
N HIS P 333 -34.02 -53.77 -23.86
CA HIS P 333 -33.22 -53.40 -22.69
C HIS P 333 -31.78 -53.27 -23.03
N THR P 334 -31.33 -54.11 -23.96
CA THR P 334 -29.94 -54.07 -24.37
C THR P 334 -29.69 -52.81 -25.17
N GLU P 335 -30.59 -52.47 -26.10
CA GLU P 335 -30.53 -51.18 -26.77
C GLU P 335 -30.52 -50.05 -25.75
N ALA P 336 -31.33 -50.14 -24.71
CA ALA P 336 -31.38 -49.00 -23.83
C ALA P 336 -30.05 -48.85 -23.12
N LEU P 337 -29.40 -49.96 -22.72
CA LEU P 337 -28.15 -49.81 -21.94
C LEU P 337 -26.97 -49.27 -22.77
N VAL P 338 -26.93 -49.67 -24.05
CA VAL P 338 -25.83 -49.28 -24.90
C VAL P 338 -25.91 -47.75 -25.13
N TYR P 339 -27.12 -47.24 -25.26
CA TYR P 339 -27.30 -45.82 -25.39
C TYR P 339 -26.81 -45.08 -24.16
N ALA P 340 -27.30 -45.51 -22.99
CA ALA P 340 -26.92 -44.86 -21.74
C ALA P 340 -25.42 -44.91 -21.55
N TYR P 341 -24.84 -46.06 -21.92
CA TYR P 341 -23.43 -46.27 -21.69
C TYR P 341 -22.72 -45.24 -22.52
N VAL P 342 -23.19 -45.10 -23.74
CA VAL P 342 -22.44 -44.37 -24.69
C VAL P 342 -22.65 -42.90 -24.46
N MSE P 343 -23.67 -42.53 -23.71
CA MSE P 343 -23.87 -41.13 -23.34
C MSE P 343 -23.28 -40.80 -21.97
O MSE P 343 -23.23 -39.66 -21.61
CB MSE P 343 -25.35 -40.77 -23.35
CG MSE P 343 -26.02 -40.84 -24.69
SE MSE P 343 -25.39 -39.36 -25.82
CE MSE P 343 -24.06 -40.31 -26.80
N SER P 344 -22.83 -41.79 -21.23
CA SER P 344 -22.38 -41.54 -19.87
C SER P 344 -20.95 -41.02 -19.90
N ASN P 345 -20.43 -40.58 -18.76
CA ASN P 345 -19.02 -40.15 -18.64
C ASN P 345 -18.11 -41.33 -18.48
N LEU P 346 -16.82 -41.13 -18.80
CA LEU P 346 -15.77 -42.04 -18.40
C LEU P 346 -15.73 -42.25 -16.89
N ILE P 347 -15.08 -43.35 -16.53
CA ILE P 347 -14.99 -43.83 -15.19
C ILE P 347 -13.77 -43.21 -14.44
N GLU P 348 -14.02 -42.81 -13.19
CA GLU P 348 -13.01 -42.13 -12.31
C GLU P 348 -12.68 -40.74 -12.84
S SO4 Q . -30.62 4.80 -39.60
O1 SO4 Q . -30.09 5.12 -40.92
O2 SO4 Q . -31.55 3.65 -39.60
O3 SO4 Q . -29.46 4.44 -38.77
O4 SO4 Q . -31.30 5.99 -39.12
S SO4 R . -39.91 -15.33 9.36
O1 SO4 R . -41.26 -15.77 9.75
O2 SO4 R . -39.41 -16.27 8.35
O3 SO4 R . -39.90 -13.94 8.90
O4 SO4 R . -39.12 -15.39 10.57
S SO4 S . 2.82 -31.79 -18.80
O1 SO4 S . 3.72 -30.96 -19.60
O2 SO4 S . 3.60 -32.96 -18.37
O3 SO4 S . 2.46 -31.07 -17.58
O4 SO4 S . 1.66 -32.15 -19.62
S SO4 T . 55.04 60.41 -8.92
O1 SO4 T . 54.28 59.17 -9.07
O2 SO4 T . 55.72 60.36 -7.62
O3 SO4 T . 55.98 60.45 -10.05
O4 SO4 T . 54.15 61.58 -9.07
S SO4 U . 20.92 51.02 -48.78
O1 SO4 U . 19.66 50.46 -49.28
O2 SO4 U . 20.91 52.47 -49.03
O3 SO4 U . 21.07 50.77 -47.36
O4 SO4 U . 22.05 50.42 -49.49
S SO4 V . 53.88 12.32 -32.23
O1 SO4 V . 52.73 12.02 -31.36
O2 SO4 V . 53.81 11.49 -33.42
O3 SO4 V . 53.80 13.75 -32.55
O4 SO4 V . 55.12 12.06 -31.47
S SO4 W . -39.33 48.05 38.64
O1 SO4 W . -39.06 46.65 38.36
O2 SO4 W . -39.63 48.21 40.06
O3 SO4 W . -38.16 48.88 38.28
O4 SO4 W . -40.49 48.49 37.85
S SO4 X . -34.65 67.48 -11.00
O1 SO4 X . -33.59 66.53 -11.32
O2 SO4 X . -35.95 67.02 -11.50
O3 SO4 X . -34.72 67.64 -9.54
O4 SO4 X . -34.24 68.73 -11.64
S SO4 Y . 0.10 82.10 27.18
O1 SO4 Y . 1.27 81.68 26.41
O2 SO4 Y . 0.01 83.56 27.10
O3 SO4 Y . -1.12 81.57 26.57
O4 SO4 Y . 0.16 81.61 28.57
S SO4 Z . 47.10 -12.91 31.98
O1 SO4 Z . 46.14 -13.53 31.08
O2 SO4 Z . 48.36 -12.70 31.26
O3 SO4 Z . 46.58 -11.62 32.43
O4 SO4 Z . 47.32 -13.75 33.15
S SO4 AA . 3.95 -1.44 60.66
O1 SO4 AA . 3.86 -0.98 59.28
O2 SO4 AA . 3.58 -2.86 60.73
O3 SO4 AA . 5.31 -1.19 61.13
O4 SO4 AA . 3.02 -0.65 61.48
S SO4 BA . 42.93 34.81 53.97
O1 SO4 BA . 43.75 35.27 52.83
O2 SO4 BA . 42.40 35.96 54.71
O3 SO4 BA . 41.78 34.06 53.51
O4 SO4 BA . 43.77 33.96 54.83
S SO4 CA . 27.96 -57.28 -16.76
O1 SO4 CA . 27.20 -58.50 -16.48
O2 SO4 CA . 29.33 -57.67 -17.09
O3 SO4 CA . 27.33 -56.57 -17.87
O4 SO4 CA . 27.96 -56.45 -15.57
S SO4 DA . -39.93 -82.33 36.54
O1 SO4 DA . -39.32 -81.02 36.37
O2 SO4 DA . -41.36 -82.08 36.48
O3 SO4 DA . -39.67 -83.27 35.46
O4 SO4 DA . -39.45 -82.83 37.83
S SO4 EA . -49.21 -110.79 -66.06
O1 SO4 EA . -47.77 -110.52 -66.08
O2 SO4 EA . -49.47 -111.72 -67.16
O3 SO4 EA . -49.60 -111.43 -64.79
O4 SO4 EA . -50.01 -109.56 -66.19
S SO4 FA . -22.77 -40.87 -15.78
O1 SO4 FA . -22.83 -42.27 -15.36
O2 SO4 FA . -22.86 -39.97 -14.62
O3 SO4 FA . -21.51 -40.69 -16.49
O4 SO4 FA . -23.92 -40.62 -16.67
#